data_5B0O
#
_entry.id   5B0O
#
_cell.length_a   133.662
_cell.length_b   147.305
_cell.length_c   164.233
_cell.angle_alpha   90.00
_cell.angle_beta   90.00
_cell.angle_gamma   90.00
#
_symmetry.space_group_name_H-M   'P 21 21 21'
#
loop_
_entity.id
_entity.type
_entity.pdbx_description
1 polymer 'Flagellum-specific ATP synthase'
2 polymer 'Flagellar assembly protein FliH'
3 non-polymer "ADENOSINE-5'-DIPHOSPHATE"
#
loop_
_entity_poly.entity_id
_entity_poly.type
_entity_poly.pdbx_seq_one_letter_code
_entity_poly.pdbx_strand_id
1 'polypeptide(L)'
;MTTRLTRWLTALDNFEAKMALLPAVRRYGRLTRATGLVLEATGLQLPLGATCIIERQDGPETKEVESEVVGFNGQRLFLM
PLEEVEGILPGARVYARNGHGDGLQSGKQLPLGPALLGRVLDGGGKPLDGLPAPDTLETGALITPPFNPLQRTPIEHVLD
TGVRAINALLTVGRGQRMGLFAGSGVGKSVLLGMMARYTRADVIVVGLIGERGREVKDFIENILGPDGRARSVVIAAPAD
VSPLLRMQGAAYATRIAEDFRDRGQHVLLIMDSLTRYAMAQREIALAIGEPPATKGYPPSVFAKLPALVERAGNGIHGGG
SITAFYTVLTEGDDQQDPIADSARAILDGHIVLSRRLAEAGHYPAIDIEASISRAMTALITEQHYARVRLFKQLLSSFQR
NRDLVSVGAYAKGSDPMLDKAITLWPQLEAFLQQGIFERADWEDSLQALDLIFPTV
;
A,B,C,D
2 'polypeptide(L)'
;GSHAPIHARMQQLVSEFQNTLDALDSVIASRLMQMALEAARQVIGQTPAVDNSALIKQIQQLLQQEPLFSGKPQLRVHPD
DLQRVEEMLGATLSLHGWRLRGDPTLHHGGCKVSADEGDLDASVATRWQELCRLAAPGVL
;
E,F,G,H,I,J,K,L
#
loop_
_chem_comp.id
_chem_comp.type
_chem_comp.name
_chem_comp.formula
ADP non-polymer ADENOSINE-5'-DIPHOSPHATE 'C10 H15 N5 O10 P2'
#
# COMPACT_ATOMS: atom_id res chain seq x y z
N THR A 2 -43.37 -19.90 -49.97
CA THR A 2 -41.93 -19.91 -50.06
C THR A 2 -41.33 -18.90 -49.07
N THR A 3 -42.17 -18.37 -48.20
CA THR A 3 -41.69 -17.56 -47.10
C THR A 3 -40.63 -18.37 -46.38
N ARG A 4 -41.01 -19.56 -45.95
CA ARG A 4 -40.09 -20.49 -45.33
C ARG A 4 -39.05 -20.99 -46.34
N LEU A 5 -39.51 -21.33 -47.54
CA LEU A 5 -38.59 -21.77 -48.60
C LEU A 5 -37.48 -20.76 -48.87
N THR A 6 -37.84 -19.48 -48.95
CA THR A 6 -36.86 -18.43 -49.18
C THR A 6 -35.85 -18.33 -48.03
N ARG A 7 -36.33 -18.55 -46.81
CA ARG A 7 -35.43 -18.57 -45.66
C ARG A 7 -34.34 -19.60 -45.89
N TRP A 8 -34.75 -20.79 -46.32
CA TRP A 8 -33.82 -21.88 -46.53
C TRP A 8 -32.80 -21.57 -47.61
N LEU A 9 -33.29 -21.12 -48.77
CA LEU A 9 -32.40 -20.81 -49.88
C LEU A 9 -31.43 -19.72 -49.48
N THR A 10 -31.95 -18.71 -48.81
CA THR A 10 -31.14 -17.62 -48.32
C THR A 10 -30.05 -18.16 -47.40
N ALA A 11 -30.46 -18.97 -46.43
CA ALA A 11 -29.53 -19.59 -45.52
C ALA A 11 -28.39 -20.26 -46.27
N LEU A 12 -28.74 -20.94 -47.35
CA LEU A 12 -27.78 -21.64 -48.19
C LEU A 12 -26.91 -20.68 -48.96
N ASP A 13 -27.55 -19.71 -49.61
CA ASP A 13 -26.82 -18.71 -50.38
C ASP A 13 -25.76 -18.01 -49.52
N ASN A 14 -26.14 -17.66 -48.29
CA ASN A 14 -25.21 -16.93 -47.41
C ASN A 14 -23.98 -17.75 -47.03
N PHE A 15 -24.13 -19.07 -47.00
CA PHE A 15 -23.03 -19.96 -46.69
C PHE A 15 -22.04 -20.04 -47.85
N GLU A 16 -22.55 -19.98 -49.07
CA GLU A 16 -21.69 -20.13 -50.22
C GLU A 16 -20.81 -18.90 -50.35
N ALA A 17 -21.29 -17.78 -49.82
CA ALA A 17 -20.50 -16.57 -49.84
C ALA A 17 -19.45 -16.59 -48.74
N LYS A 18 -19.70 -17.37 -47.71
CA LYS A 18 -18.74 -17.51 -46.62
C LYS A 18 -17.57 -18.40 -47.03
N MET A 19 -17.77 -19.20 -48.08
CA MET A 19 -16.70 -20.04 -48.58
C MET A 19 -15.50 -19.20 -49.04
N ALA A 20 -15.79 -18.11 -49.75
CA ALA A 20 -14.75 -17.24 -50.27
C ALA A 20 -13.73 -16.90 -49.19
N LEU A 21 -14.24 -16.79 -47.96
CA LEU A 21 -13.44 -16.37 -46.83
C LEU A 21 -12.40 -17.40 -46.41
N LEU A 22 -12.74 -18.68 -46.52
CA LEU A 22 -11.94 -19.71 -45.85
C LEU A 22 -10.47 -19.58 -46.22
N PRO A 23 -9.62 -19.70 -45.19
CA PRO A 23 -8.16 -19.54 -45.28
C PRO A 23 -7.53 -20.64 -46.11
N ALA A 24 -6.67 -20.25 -47.04
CA ALA A 24 -5.99 -21.19 -47.92
C ALA A 24 -4.98 -22.00 -47.12
N VAL A 25 -4.26 -21.30 -46.26
CA VAL A 25 -3.17 -21.90 -45.52
C VAL A 25 -3.30 -21.63 -44.04
N ARG A 26 -2.87 -22.59 -43.23
CA ARG A 26 -2.90 -22.46 -41.78
C ARG A 26 -1.48 -22.60 -41.21
N ARG A 27 -1.00 -21.58 -40.51
CA ARG A 27 0.35 -21.65 -39.94
C ARG A 27 0.38 -22.36 -38.59
N TYR A 28 1.37 -23.22 -38.40
CA TYR A 28 1.58 -23.88 -37.13
C TYR A 28 2.85 -23.42 -36.43
N GLY A 29 2.79 -23.35 -35.11
CA GLY A 29 3.96 -23.17 -34.28
C GLY A 29 4.32 -24.53 -33.70
N ARG A 30 5.07 -24.54 -32.61
CA ARG A 30 5.43 -25.78 -31.93
C ARG A 30 5.51 -25.57 -30.42
N LEU A 31 4.94 -26.49 -29.64
CA LEU A 31 4.92 -26.27 -28.20
C LEU A 31 6.26 -26.74 -27.70
N THR A 32 7.05 -25.80 -27.22
CA THR A 32 8.43 -26.07 -26.86
C THR A 32 8.58 -26.64 -25.46
N ARG A 33 7.84 -26.09 -24.51
CA ARG A 33 8.05 -26.42 -23.11
C ARG A 33 6.75 -26.51 -22.31
N ALA A 34 6.56 -27.63 -21.61
CA ALA A 34 5.58 -27.64 -20.51
C ALA A 34 6.26 -28.16 -19.27
N THR A 35 6.58 -27.25 -18.34
CA THR A 35 6.93 -27.60 -16.98
C THR A 35 5.93 -27.18 -15.91
N GLY A 36 4.91 -26.44 -16.32
CA GLY A 36 4.03 -25.81 -15.36
C GLY A 36 2.77 -25.32 -16.01
N LEU A 37 1.88 -24.71 -15.22
CA LEU A 37 0.60 -24.30 -15.75
C LEU A 37 0.75 -23.52 -17.06
N VAL A 38 1.72 -22.61 -17.09
CA VAL A 38 1.99 -21.80 -18.28
C VAL A 38 2.88 -22.52 -19.30
N LEU A 39 2.45 -22.54 -20.55
CA LEU A 39 3.15 -23.25 -21.60
C LEU A 39 3.90 -22.27 -22.50
N GLU A 40 5.01 -22.73 -23.07
CA GLU A 40 5.79 -21.93 -24.00
C GLU A 40 5.76 -22.53 -25.40
N ALA A 41 5.32 -21.74 -26.38
CA ALA A 41 5.29 -22.17 -27.76
C ALA A 41 6.11 -21.23 -28.62
N THR A 42 6.48 -21.67 -29.81
CA THR A 42 7.24 -20.83 -30.72
C THR A 42 6.86 -21.12 -32.16
N GLY A 43 7.16 -20.18 -33.05
CA GLY A 43 6.89 -20.36 -34.46
C GLY A 43 5.72 -19.54 -34.98
N LEU A 44 4.85 -19.12 -34.08
CA LEU A 44 3.79 -18.19 -34.48
C LEU A 44 3.71 -17.03 -33.50
N GLN A 45 3.50 -15.83 -34.02
CA GLN A 45 3.46 -14.64 -33.19
C GLN A 45 2.04 -14.09 -33.15
N LEU A 46 1.55 -13.83 -31.94
CA LEU A 46 0.16 -13.48 -31.72
C LEU A 46 -0.07 -12.37 -30.68
N PRO A 47 -1.23 -11.71 -30.75
CA PRO A 47 -1.60 -10.66 -29.81
C PRO A 47 -2.01 -11.27 -28.47
N LEU A 48 -1.99 -10.47 -27.42
CA LEU A 48 -2.49 -10.94 -26.13
C LEU A 48 -3.95 -11.32 -26.31
N GLY A 49 -4.41 -12.29 -25.54
CA GLY A 49 -5.80 -12.71 -25.59
C GLY A 49 -6.10 -13.65 -26.75
N ALA A 50 -5.12 -13.85 -27.62
CA ALA A 50 -5.29 -14.73 -28.76
C ALA A 50 -5.58 -16.15 -28.32
N THR A 51 -6.63 -16.76 -28.89
CA THR A 51 -6.92 -18.15 -28.57
C THR A 51 -6.08 -19.05 -29.46
N CYS A 52 -5.29 -19.89 -28.80
CA CYS A 52 -4.27 -20.70 -29.46
C CYS A 52 -4.65 -22.15 -29.26
N ILE A 53 -4.59 -22.94 -30.33
CA ILE A 53 -4.97 -24.35 -30.24
C ILE A 53 -3.75 -25.26 -30.25
N ILE A 54 -3.71 -26.21 -29.31
CA ILE A 54 -2.63 -27.16 -29.23
C ILE A 54 -3.13 -28.53 -29.67
N GLU A 55 -2.47 -29.16 -30.63
CA GLU A 55 -2.92 -30.44 -31.15
C GLU A 55 -2.39 -31.63 -30.35
N ARG A 56 -3.31 -32.45 -29.85
CA ARG A 56 -2.97 -33.65 -29.10
C ARG A 56 -3.42 -34.88 -29.90
N GLN A 57 -2.53 -35.84 -30.08
CA GLN A 57 -2.84 -37.02 -30.88
C GLN A 57 -3.54 -38.14 -30.07
N ASP A 58 -4.74 -38.47 -30.51
CA ASP A 58 -5.59 -39.51 -29.93
C ASP A 58 -5.43 -40.88 -30.61
N GLY A 59 -4.40 -41.03 -31.42
CA GLY A 59 -4.34 -42.12 -32.36
C GLY A 59 -5.01 -41.58 -33.61
N PRO A 60 -5.76 -42.42 -34.32
CA PRO A 60 -6.34 -41.94 -35.58
C PRO A 60 -6.97 -40.55 -35.44
N GLU A 61 -7.51 -40.24 -34.26
CA GLU A 61 -8.12 -38.93 -34.02
C GLU A 61 -7.11 -37.89 -33.54
N THR A 62 -7.16 -36.68 -34.11
CA THR A 62 -6.35 -35.59 -33.57
C THR A 62 -7.24 -34.60 -32.83
N LYS A 63 -7.20 -34.64 -31.50
CA LYS A 63 -8.01 -33.74 -30.68
C LYS A 63 -7.35 -32.38 -30.52
N GLU A 64 -8.17 -31.37 -30.23
CA GLU A 64 -7.66 -30.04 -29.99
C GLU A 64 -7.78 -29.62 -28.52
N VAL A 65 -6.67 -29.12 -27.98
CA VAL A 65 -6.68 -28.52 -26.66
C VAL A 65 -6.65 -27.01 -26.81
N GLU A 66 -7.69 -26.36 -26.30
CA GLU A 66 -7.81 -24.92 -26.34
C GLU A 66 -6.83 -24.29 -25.36
N SER A 67 -6.27 -23.15 -25.74
CA SER A 67 -5.23 -22.49 -24.96
C SER A 67 -5.26 -21.00 -25.31
N GLU A 68 -4.61 -20.17 -24.51
CA GLU A 68 -4.70 -18.73 -24.73
C GLU A 68 -3.37 -18.00 -24.51
N VAL A 69 -3.19 -16.87 -25.17
CA VAL A 69 -1.92 -16.17 -25.09
C VAL A 69 -1.98 -15.17 -23.95
N VAL A 70 -1.24 -15.47 -22.89
CA VAL A 70 -1.12 -14.57 -21.75
C VAL A 70 0.20 -13.77 -21.70
N GLY A 71 1.11 -14.03 -22.62
CA GLY A 71 2.39 -13.35 -22.58
C GLY A 71 3.39 -13.93 -23.54
N PHE A 72 4.57 -13.32 -23.57
CA PHE A 72 5.65 -13.80 -24.43
C PHE A 72 7.03 -13.28 -24.04
N ASN A 73 8.06 -13.98 -24.50
CA ASN A 73 9.39 -13.42 -24.69
C ASN A 73 9.48 -13.30 -26.20
N GLY A 74 10.08 -12.23 -26.72
CA GLY A 74 9.87 -11.86 -28.10
C GLY A 74 9.86 -13.04 -29.05
N GLN A 75 10.73 -14.03 -28.80
CA GLN A 75 10.71 -15.26 -29.57
C GLN A 75 9.67 -16.30 -29.13
N ARG A 76 9.38 -16.36 -27.83
CA ARG A 76 8.48 -17.37 -27.27
C ARG A 76 7.08 -16.84 -27.01
N LEU A 77 6.06 -17.70 -27.16
CA LEU A 77 4.68 -17.33 -26.85
C LEU A 77 4.22 -18.08 -25.60
N PHE A 78 3.77 -17.37 -24.58
CA PHE A 78 3.37 -18.03 -23.33
C PHE A 78 1.88 -18.31 -23.29
N LEU A 79 1.54 -19.60 -23.38
CA LEU A 79 0.14 -20.02 -23.49
C LEU A 79 -0.39 -20.48 -22.16
N MET A 80 -1.68 -20.26 -21.92
CA MET A 80 -2.33 -20.87 -20.78
C MET A 80 -3.52 -21.66 -21.29
N PRO A 81 -3.68 -22.88 -20.78
CA PRO A 81 -4.74 -23.83 -21.16
C PRO A 81 -6.09 -23.56 -20.50
N LEU A 82 -7.15 -23.91 -21.21
CA LEU A 82 -8.49 -23.85 -20.68
C LEU A 82 -8.94 -25.23 -20.21
N GLU A 83 -8.03 -26.21 -20.36
CA GLU A 83 -8.32 -27.59 -20.03
C GLU A 83 -7.03 -28.39 -19.87
N GLU A 84 -7.13 -29.67 -19.56
CA GLU A 84 -5.91 -30.41 -19.21
C GLU A 84 -5.05 -30.81 -20.41
N VAL A 85 -3.75 -30.62 -20.23
CA VAL A 85 -2.76 -30.80 -21.27
C VAL A 85 -2.23 -32.22 -21.27
N GLU A 86 -2.79 -33.07 -20.41
CA GLU A 86 -2.29 -34.43 -20.34
C GLU A 86 -2.42 -35.08 -21.72
N GLY A 87 -1.33 -35.67 -22.20
CA GLY A 87 -1.34 -36.33 -23.48
C GLY A 87 -0.75 -35.51 -24.62
N ILE A 88 -0.22 -34.33 -24.30
CA ILE A 88 0.43 -33.49 -25.30
C ILE A 88 1.90 -33.87 -25.44
N LEU A 89 2.37 -33.99 -26.67
CA LEU A 89 3.74 -34.39 -26.94
C LEU A 89 4.71 -33.22 -27.02
N PRO A 90 5.99 -33.48 -26.69
CA PRO A 90 7.06 -32.50 -26.86
C PRO A 90 7.03 -31.96 -28.27
N GLY A 91 7.12 -30.64 -28.41
CA GLY A 91 7.07 -30.02 -29.73
C GLY A 91 5.80 -30.35 -30.49
N ALA A 92 4.66 -30.17 -29.82
CA ALA A 92 3.37 -30.40 -30.43
C ALA A 92 2.98 -29.22 -31.30
N ARG A 93 2.13 -29.45 -32.30
CA ARG A 93 1.70 -28.39 -33.19
C ARG A 93 0.70 -27.45 -32.55
N VAL A 94 0.81 -26.17 -32.91
CA VAL A 94 0.01 -25.10 -32.34
C VAL A 94 -0.44 -24.18 -33.48
N TYR A 95 -1.65 -23.67 -33.42
CA TYR A 95 -2.12 -22.67 -34.40
C TYR A 95 -3.18 -21.76 -33.80
N ALA A 96 -3.45 -20.65 -34.47
CA ALA A 96 -4.42 -19.69 -33.99
C ALA A 96 -5.73 -19.89 -34.74
N ARG A 97 -6.85 -19.82 -34.04
CA ARG A 97 -8.14 -19.99 -34.70
C ARG A 97 -8.93 -18.67 -34.76
N GLY A 107 -11.77 -12.84 -35.36
CA GLY A 107 -12.48 -12.53 -34.12
C GLY A 107 -13.53 -13.56 -33.75
N LYS A 108 -13.31 -14.25 -32.62
CA LYS A 108 -14.21 -15.32 -32.17
C LYS A 108 -15.66 -14.81 -32.00
N GLN A 109 -16.60 -15.47 -32.69
CA GLN A 109 -17.99 -15.02 -32.67
C GLN A 109 -18.83 -15.69 -31.57
N LEU A 110 -19.66 -14.90 -30.91
CA LEU A 110 -20.53 -15.41 -29.84
C LEU A 110 -21.99 -15.02 -30.05
N PRO A 111 -22.91 -15.89 -29.64
CA PRO A 111 -24.35 -15.68 -29.86
C PRO A 111 -24.92 -14.50 -29.06
N LEU A 112 -25.68 -13.65 -29.74
CA LEU A 112 -26.30 -12.48 -29.13
C LEU A 112 -27.73 -12.38 -29.62
N GLY A 113 -28.66 -12.03 -28.74
CA GLY A 113 -29.99 -11.69 -29.18
C GLY A 113 -31.10 -12.12 -28.23
N PRO A 114 -32.36 -11.96 -28.67
CA PRO A 114 -33.52 -12.34 -27.85
C PRO A 114 -33.53 -13.85 -27.66
N ALA A 115 -32.74 -14.54 -28.47
CA ALA A 115 -32.58 -15.98 -28.35
C ALA A 115 -32.04 -16.37 -26.97
N LEU A 116 -31.19 -15.53 -26.42
CA LEU A 116 -30.52 -15.83 -25.15
C LEU A 116 -31.47 -15.81 -23.94
N LEU A 117 -32.54 -15.04 -24.03
CA LEU A 117 -33.50 -14.94 -22.93
C LEU A 117 -33.98 -16.30 -22.45
N GLY A 118 -34.02 -16.49 -21.14
CA GLY A 118 -34.44 -17.74 -20.54
C GLY A 118 -33.35 -18.81 -20.54
N ARG A 119 -32.14 -18.44 -20.96
CA ARG A 119 -31.09 -19.41 -21.17
C ARG A 119 -29.94 -19.27 -20.18
N VAL A 120 -29.19 -20.37 -20.00
CA VAL A 120 -28.01 -20.39 -19.13
C VAL A 120 -26.76 -20.83 -19.92
N LEU A 121 -25.80 -19.93 -20.03
CA LEU A 121 -24.65 -20.13 -20.91
C LEU A 121 -23.35 -19.92 -20.14
N ASP A 122 -22.24 -20.41 -20.67
CA ASP A 122 -20.93 -20.06 -20.09
C ASP A 122 -20.23 -18.93 -20.84
N GLY A 123 -18.98 -18.67 -20.48
CA GLY A 123 -18.19 -17.63 -21.12
C GLY A 123 -17.89 -17.91 -22.57
N GLY A 124 -17.92 -19.20 -22.93
CA GLY A 124 -17.73 -19.60 -24.32
C GLY A 124 -18.99 -19.37 -25.13
N GLY A 125 -20.13 -19.34 -24.46
CA GLY A 125 -21.41 -19.16 -25.13
C GLY A 125 -22.17 -20.47 -25.20
N LYS A 126 -21.58 -21.51 -24.61
CA LYS A 126 -22.17 -22.84 -24.62
C LYS A 126 -23.28 -23.03 -23.57
N PRO A 127 -24.34 -23.76 -23.95
CA PRO A 127 -25.52 -23.98 -23.10
C PRO A 127 -25.18 -24.74 -21.82
N LEU A 128 -25.62 -24.20 -20.68
CA LEU A 128 -25.53 -24.90 -19.41
C LEU A 128 -26.83 -25.52 -18.90
N ASP A 129 -27.93 -25.32 -19.63
CA ASP A 129 -29.22 -25.84 -19.16
C ASP A 129 -29.59 -27.19 -19.77
N GLY A 130 -28.69 -27.75 -20.57
CA GLY A 130 -28.96 -29.01 -21.23
C GLY A 130 -29.92 -28.86 -22.40
N LEU A 131 -29.80 -27.73 -23.09
CA LEU A 131 -30.58 -27.49 -24.29
C LEU A 131 -29.64 -27.16 -25.45
N PRO A 132 -30.15 -27.24 -26.69
CA PRO A 132 -29.28 -26.98 -27.84
C PRO A 132 -28.74 -25.56 -27.77
N ALA A 133 -27.66 -25.28 -28.50
CA ALA A 133 -27.18 -23.92 -28.60
C ALA A 133 -28.35 -23.06 -29.04
N PRO A 134 -28.36 -21.78 -28.62
CA PRO A 134 -29.46 -20.92 -29.09
C PRO A 134 -29.43 -20.85 -30.60
N ASP A 135 -30.53 -20.50 -31.25
CA ASP A 135 -30.46 -20.36 -32.70
C ASP A 135 -29.64 -19.11 -32.89
N THR A 136 -28.46 -19.25 -33.51
CA THR A 136 -27.60 -18.10 -33.58
C THR A 136 -27.77 -17.53 -34.98
N LEU A 137 -28.60 -16.49 -35.08
CA LEU A 137 -28.73 -15.72 -36.29
C LEU A 137 -27.65 -14.64 -36.31
N GLU A 138 -27.32 -14.15 -35.12
CA GLU A 138 -26.33 -13.11 -34.96
C GLU A 138 -25.24 -13.54 -33.99
N THR A 139 -24.02 -13.14 -34.29
CA THR A 139 -22.92 -13.30 -33.35
C THR A 139 -22.31 -11.94 -33.08
N GLY A 140 -21.28 -11.94 -32.25
CA GLY A 140 -20.53 -10.75 -31.96
C GLY A 140 -19.16 -11.14 -31.44
N ALA A 141 -18.38 -10.14 -31.06
CA ALA A 141 -17.07 -10.40 -30.49
C ALA A 141 -17.05 -9.93 -29.04
N LEU A 142 -16.39 -10.72 -28.19
CA LEU A 142 -16.22 -10.31 -26.80
C LEU A 142 -15.66 -8.90 -26.79
N ILE A 143 -14.60 -8.71 -27.55
CA ILE A 143 -13.96 -7.42 -27.67
C ILE A 143 -14.80 -6.52 -28.56
N THR A 144 -15.19 -5.38 -28.01
CA THR A 144 -15.96 -4.40 -28.75
C THR A 144 -15.34 -3.05 -28.43
N PRO A 145 -15.30 -2.15 -29.41
CA PRO A 145 -14.72 -0.84 -29.12
C PRO A 145 -15.53 -0.16 -28.02
N PRO A 146 -14.86 0.29 -26.96
CA PRO A 146 -15.53 0.91 -25.82
C PRO A 146 -16.47 2.01 -26.26
N PHE A 147 -17.70 1.99 -25.76
CA PHE A 147 -18.64 3.07 -26.01
C PHE A 147 -18.01 4.38 -25.52
N ASN A 148 -18.00 5.40 -26.37
CA ASN A 148 -17.49 6.71 -25.96
C ASN A 148 -18.52 7.49 -25.15
N PRO A 149 -18.20 7.78 -23.89
CA PRO A 149 -19.10 8.45 -22.94
C PRO A 149 -19.47 9.85 -23.44
N LEU A 150 -18.70 10.33 -24.41
CA LEU A 150 -18.96 11.61 -25.06
C LEU A 150 -20.35 11.59 -25.69
N GLN A 151 -20.66 10.49 -26.37
CA GLN A 151 -21.87 10.36 -27.17
C GLN A 151 -23.05 9.66 -26.45
N ARG A 152 -22.88 9.36 -25.16
CA ARG A 152 -23.94 8.80 -24.33
C ARG A 152 -24.78 9.90 -23.69
N THR A 153 -25.81 9.53 -22.92
CA THR A 153 -26.72 10.50 -22.29
C THR A 153 -26.76 10.40 -20.77
N PRO A 154 -26.93 11.54 -20.08
CA PRO A 154 -26.97 11.62 -18.61
C PRO A 154 -28.14 10.85 -18.00
N ILE A 155 -28.23 10.86 -16.67
CA ILE A 155 -29.27 10.11 -15.96
C ILE A 155 -30.39 11.01 -15.49
N GLU A 156 -31.53 10.97 -16.16
CA GLU A 156 -32.71 11.68 -15.70
C GLU A 156 -33.80 10.80 -15.06
N HIS A 157 -33.66 9.49 -15.15
CA HIS A 157 -34.79 8.62 -14.85
C HIS A 157 -34.55 7.69 -13.68
N VAL A 158 -35.51 7.65 -12.76
CA VAL A 158 -35.50 6.66 -11.71
C VAL A 158 -35.60 5.29 -12.35
N LEU A 159 -34.74 4.36 -11.94
CA LEU A 159 -34.93 2.97 -12.33
C LEU A 159 -35.61 2.24 -11.18
N ASP A 160 -36.80 1.71 -11.42
CA ASP A 160 -37.54 1.07 -10.35
C ASP A 160 -36.88 -0.27 -10.07
N THR A 161 -36.39 -0.44 -8.84
CA THR A 161 -35.68 -1.65 -8.45
C THR A 161 -36.60 -2.62 -7.74
N GLY A 162 -37.85 -2.22 -7.54
CA GLY A 162 -38.82 -3.08 -6.90
C GLY A 162 -38.49 -3.36 -5.44
N VAL A 163 -37.39 -2.78 -4.96
CA VAL A 163 -37.00 -2.89 -3.55
C VAL A 163 -37.21 -1.55 -2.84
N ARG A 164 -38.20 -1.50 -1.96
CA ARG A 164 -38.65 -0.26 -1.33
C ARG A 164 -37.55 0.55 -0.65
N ALA A 165 -36.76 -0.10 0.20
CA ALA A 165 -35.68 0.60 0.87
C ALA A 165 -34.77 1.31 -0.13
N ILE A 166 -34.35 0.59 -1.19
CA ILE A 166 -33.54 1.23 -2.21
C ILE A 166 -34.31 2.37 -2.90
N ASN A 167 -35.47 2.07 -3.49
CA ASN A 167 -36.19 3.08 -4.24
C ASN A 167 -36.37 4.38 -3.45
N ALA A 168 -36.93 4.27 -2.24
CA ALA A 168 -37.21 5.43 -1.39
C ALA A 168 -35.98 6.08 -0.75
N LEU A 169 -35.19 5.26 -0.07
CA LEU A 169 -33.99 5.73 0.63
C LEU A 169 -32.68 5.89 -0.16
N LEU A 170 -32.30 4.88 -0.95
CA LEU A 170 -31.15 5.06 -1.83
C LEU A 170 -31.57 4.90 -3.28
N THR A 171 -31.78 6.02 -3.98
CA THR A 171 -32.45 5.92 -5.26
C THR A 171 -31.46 5.76 -6.40
N VAL A 172 -31.79 4.85 -7.30
CA VAL A 172 -30.97 4.56 -8.46
C VAL A 172 -31.78 4.96 -9.68
N GLY A 173 -31.09 5.19 -10.79
CA GLY A 173 -31.77 5.54 -12.02
C GLY A 173 -31.02 4.97 -13.21
N ARG A 174 -31.73 4.81 -14.32
CA ARG A 174 -31.20 4.06 -15.45
C ARG A 174 -29.81 4.55 -15.88
N GLY A 175 -28.91 3.59 -16.09
CA GLY A 175 -27.55 3.90 -16.50
C GLY A 175 -26.60 4.05 -15.33
N GLN A 176 -27.14 4.19 -14.13
CA GLN A 176 -26.31 4.26 -12.94
C GLN A 176 -25.66 2.90 -12.67
N ARG A 177 -24.37 2.91 -12.36
CA ARG A 177 -23.66 1.68 -12.05
C ARG A 177 -23.30 1.59 -10.56
N MET A 178 -24.00 0.69 -9.86
CA MET A 178 -23.99 0.64 -8.39
C MET A 178 -23.29 -0.57 -7.82
N GLY A 179 -22.74 -0.41 -6.63
CA GLY A 179 -22.06 -1.50 -5.96
C GLY A 179 -22.97 -2.21 -4.99
N LEU A 180 -22.67 -3.46 -4.68
CA LEU A 180 -23.33 -4.16 -3.59
C LEU A 180 -22.27 -4.78 -2.71
N PHE A 181 -22.09 -4.25 -1.51
CA PHE A 181 -21.06 -4.76 -0.61
C PHE A 181 -21.73 -5.60 0.47
N ALA A 182 -21.21 -6.80 0.69
CA ALA A 182 -21.85 -7.74 1.59
C ALA A 182 -20.90 -8.86 1.99
N GLY A 183 -21.44 -9.85 2.67
CA GLY A 183 -20.68 -11.02 3.08
C GLY A 183 -21.56 -12.24 3.01
N SER A 184 -20.96 -13.41 3.23
CA SER A 184 -21.72 -14.65 3.20
C SER A 184 -22.84 -14.68 4.25
N GLY A 185 -24.04 -15.03 3.82
CA GLY A 185 -25.14 -15.27 4.71
C GLY A 185 -25.98 -14.07 5.14
N VAL A 186 -25.76 -12.93 4.50
CA VAL A 186 -26.54 -11.74 4.78
C VAL A 186 -27.70 -11.54 3.81
N GLY A 187 -27.91 -12.50 2.93
CA GLY A 187 -28.98 -12.42 1.96
C GLY A 187 -28.64 -11.56 0.75
N LYS A 188 -27.43 -11.74 0.22
CA LYS A 188 -27.01 -11.08 -1.01
C LYS A 188 -27.66 -11.71 -2.22
N SER A 189 -27.58 -13.04 -2.28
CA SER A 189 -28.09 -13.78 -3.43
C SER A 189 -29.57 -13.46 -3.63
N VAL A 190 -30.33 -13.50 -2.54
CA VAL A 190 -31.76 -13.22 -2.57
C VAL A 190 -32.08 -11.80 -3.01
N LEU A 191 -31.37 -10.83 -2.43
CA LEU A 191 -31.60 -9.44 -2.77
C LEU A 191 -31.50 -9.28 -4.28
N LEU A 192 -30.47 -9.88 -4.87
CA LEU A 192 -30.26 -9.85 -6.31
C LEU A 192 -31.43 -10.50 -7.04
N GLY A 193 -31.90 -11.62 -6.52
CA GLY A 193 -33.07 -12.26 -7.08
C GLY A 193 -34.24 -11.30 -7.09
N MET A 194 -34.57 -10.75 -5.92
CA MET A 194 -35.66 -9.81 -5.80
C MET A 194 -35.59 -8.72 -6.85
N MET A 195 -34.40 -8.19 -7.10
CA MET A 195 -34.25 -7.18 -8.13
C MET A 195 -34.46 -7.76 -9.52
N ALA A 196 -33.79 -8.87 -9.81
CA ALA A 196 -33.92 -9.52 -11.12
C ALA A 196 -35.39 -9.80 -11.44
N ARG A 197 -36.18 -10.11 -10.41
CA ARG A 197 -37.62 -10.32 -10.59
C ARG A 197 -38.44 -9.03 -10.66
N TYR A 198 -38.18 -8.12 -9.73
CA TYR A 198 -38.99 -6.91 -9.60
C TYR A 198 -38.46 -5.64 -10.29
N THR A 199 -37.20 -5.65 -10.72
CA THR A 199 -36.65 -4.45 -11.35
C THR A 199 -37.38 -4.23 -12.65
N ARG A 200 -37.78 -3.00 -12.94
CA ARG A 200 -38.49 -2.78 -14.19
C ARG A 200 -37.48 -2.40 -15.25
N ALA A 201 -37.23 -3.34 -16.16
CA ALA A 201 -36.25 -3.19 -17.22
C ALA A 201 -36.57 -4.19 -18.31
N ASP A 202 -36.08 -3.93 -19.51
CA ASP A 202 -36.40 -4.76 -20.67
C ASP A 202 -35.77 -6.14 -20.61
N VAL A 203 -34.51 -6.18 -20.16
CA VAL A 203 -33.78 -7.44 -20.08
C VAL A 203 -32.90 -7.47 -18.84
N ILE A 204 -32.78 -8.64 -18.22
CA ILE A 204 -31.91 -8.80 -17.07
C ILE A 204 -30.73 -9.73 -17.38
N VAL A 205 -29.52 -9.16 -17.45
CA VAL A 205 -28.32 -9.97 -17.59
C VAL A 205 -27.71 -10.27 -16.23
N VAL A 206 -27.56 -11.56 -15.89
CA VAL A 206 -26.89 -11.93 -14.65
C VAL A 206 -25.61 -12.69 -14.92
N GLY A 207 -24.48 -12.00 -14.80
CA GLY A 207 -23.19 -12.64 -14.75
C GLY A 207 -22.96 -13.27 -13.39
N LEU A 208 -22.69 -14.57 -13.36
CA LEU A 208 -22.29 -15.23 -12.13
C LEU A 208 -20.87 -15.67 -12.32
N ILE A 209 -19.95 -14.99 -11.64
CA ILE A 209 -18.53 -15.21 -11.87
C ILE A 209 -17.85 -15.70 -10.61
N GLY A 210 -17.34 -16.93 -10.64
CA GLY A 210 -16.63 -17.47 -9.50
C GLY A 210 -17.52 -18.01 -8.40
N GLU A 211 -18.83 -17.78 -8.52
CA GLU A 211 -19.78 -18.34 -7.55
C GLU A 211 -19.66 -19.85 -7.54
N ARG A 212 -19.91 -20.44 -6.39
CA ARG A 212 -19.80 -21.89 -6.28
C ARG A 212 -20.76 -22.57 -7.23
N GLY A 213 -20.33 -23.72 -7.74
CA GLY A 213 -21.13 -24.44 -8.72
C GLY A 213 -22.53 -24.71 -8.21
N ARG A 214 -22.62 -25.27 -7.01
CA ARG A 214 -23.90 -25.66 -6.46
C ARG A 214 -24.78 -24.45 -6.14
N GLU A 215 -24.16 -23.31 -5.87
CA GLU A 215 -24.93 -22.09 -5.56
C GLU A 215 -25.47 -21.45 -6.82
N VAL A 216 -24.77 -21.64 -7.93
CA VAL A 216 -25.23 -21.19 -9.23
C VAL A 216 -26.56 -21.87 -9.54
N LYS A 217 -26.60 -23.19 -9.36
CA LYS A 217 -27.84 -23.95 -9.51
C LYS A 217 -28.90 -23.49 -8.52
N ASP A 218 -28.51 -23.23 -7.28
CA ASP A 218 -29.46 -22.75 -6.30
C ASP A 218 -30.06 -21.43 -6.76
N PHE A 219 -29.21 -20.57 -7.31
CA PHE A 219 -29.68 -19.25 -7.71
C PHE A 219 -30.67 -19.32 -8.85
N ILE A 220 -30.40 -20.21 -9.80
CA ILE A 220 -31.22 -20.29 -11.01
C ILE A 220 -32.53 -21.03 -10.76
N GLU A 221 -32.45 -22.13 -10.02
CA GLU A 221 -33.64 -22.90 -9.69
C GLU A 221 -34.54 -22.20 -8.68
N ASN A 222 -33.98 -21.86 -7.52
CA ASN A 222 -34.76 -21.38 -6.40
C ASN A 222 -34.77 -19.88 -6.06
N ILE A 223 -34.00 -19.06 -6.77
CA ILE A 223 -33.93 -17.65 -6.43
C ILE A 223 -34.48 -16.77 -7.55
N LEU A 224 -33.82 -16.81 -8.69
CA LEU A 224 -34.30 -16.13 -9.88
C LEU A 224 -35.74 -16.54 -10.17
N GLY A 225 -36.01 -17.85 -10.06
CA GLY A 225 -37.34 -18.38 -10.31
C GLY A 225 -37.67 -18.40 -11.79
N PRO A 226 -38.80 -19.04 -12.15
CA PRO A 226 -39.27 -19.03 -13.52
C PRO A 226 -39.71 -17.63 -13.92
N ASP A 227 -40.20 -16.89 -12.93
CA ASP A 227 -40.59 -15.50 -13.10
C ASP A 227 -39.46 -14.75 -13.79
N GLY A 228 -38.34 -14.63 -13.08
CA GLY A 228 -37.20 -13.87 -13.55
C GLY A 228 -36.27 -14.65 -14.45
N ARG A 229 -36.36 -15.97 -14.40
CA ARG A 229 -35.53 -16.78 -15.28
C ARG A 229 -35.88 -16.47 -16.73
N ALA A 230 -37.15 -16.14 -16.96
CA ALA A 230 -37.68 -15.93 -18.31
C ALA A 230 -37.27 -14.60 -18.95
N ARG A 231 -37.07 -13.58 -18.12
CA ARG A 231 -36.61 -12.28 -18.60
C ARG A 231 -35.09 -12.12 -18.47
N SER A 232 -34.41 -13.18 -18.03
CA SER A 232 -32.98 -13.09 -17.75
C SER A 232 -32.11 -13.98 -18.63
N VAL A 233 -30.91 -13.49 -18.94
CA VAL A 233 -29.85 -14.27 -19.59
C VAL A 233 -28.71 -14.49 -18.60
N VAL A 234 -28.41 -15.75 -18.29
CA VAL A 234 -27.45 -16.04 -17.22
C VAL A 234 -26.11 -16.60 -17.71
N ILE A 235 -25.05 -15.80 -17.57
CA ILE A 235 -23.71 -16.25 -17.89
C ILE A 235 -23.01 -16.73 -16.61
N ALA A 236 -22.55 -17.98 -16.61
CA ALA A 236 -22.01 -18.58 -15.40
C ALA A 236 -20.62 -19.16 -15.60
N ALA A 237 -19.63 -18.57 -14.94
CA ALA A 237 -18.33 -19.21 -14.82
C ALA A 237 -18.02 -19.46 -13.36
N PRO A 238 -18.12 -20.72 -12.92
CA PRO A 238 -17.98 -21.09 -11.51
C PRO A 238 -16.53 -21.08 -11.03
N ALA A 239 -16.30 -21.53 -9.80
CA ALA A 239 -14.98 -21.44 -9.18
C ALA A 239 -14.01 -22.51 -9.64
N ASP A 240 -14.53 -23.57 -10.25
CA ASP A 240 -13.70 -24.69 -10.69
C ASP A 240 -12.94 -24.38 -11.98
N VAL A 241 -13.54 -23.57 -12.85
CA VAL A 241 -12.98 -23.33 -14.18
C VAL A 241 -11.73 -22.47 -14.12
N SER A 242 -11.11 -22.20 -15.26
CA SER A 242 -9.90 -21.39 -15.28
C SER A 242 -10.25 -19.91 -15.22
N PRO A 243 -9.39 -19.12 -14.55
CA PRO A 243 -9.65 -17.70 -14.33
C PRO A 243 -9.92 -16.99 -15.64
N LEU A 244 -9.35 -17.51 -16.72
CA LEU A 244 -9.62 -16.95 -18.04
C LEU A 244 -11.09 -17.08 -18.34
N LEU A 245 -11.68 -18.21 -17.94
CA LEU A 245 -13.06 -18.52 -18.24
C LEU A 245 -14.03 -17.73 -17.37
N ARG A 246 -13.63 -17.47 -16.12
CA ARG A 246 -14.37 -16.55 -15.27
C ARG A 246 -14.40 -15.16 -15.90
N MET A 247 -13.24 -14.58 -16.18
CA MET A 247 -13.22 -13.26 -16.78
C MET A 247 -14.08 -13.24 -18.05
N GLN A 248 -13.98 -14.29 -18.86
CA GLN A 248 -14.82 -14.36 -20.05
C GLN A 248 -16.28 -14.23 -19.68
N GLY A 249 -16.64 -14.83 -18.54
CA GLY A 249 -18.00 -14.79 -18.05
C GLY A 249 -18.52 -13.39 -17.84
N ALA A 250 -17.75 -12.59 -17.09
CA ALA A 250 -18.10 -11.18 -16.90
C ALA A 250 -18.02 -10.46 -18.24
N ALA A 251 -17.00 -10.80 -19.01
CA ALA A 251 -16.76 -10.21 -20.32
C ALA A 251 -17.95 -10.46 -21.24
N TYR A 252 -18.35 -11.72 -21.34
CA TYR A 252 -19.50 -12.11 -22.16
C TYR A 252 -20.80 -11.52 -21.61
N ALA A 253 -20.95 -11.47 -20.29
CA ALA A 253 -22.17 -10.92 -19.72
C ALA A 253 -22.33 -9.46 -20.11
N THR A 254 -21.26 -8.67 -19.97
CA THR A 254 -21.31 -7.26 -20.33
C THR A 254 -21.57 -7.09 -21.82
N ARG A 255 -20.83 -7.83 -22.64
CA ARG A 255 -21.02 -7.77 -24.09
C ARG A 255 -22.50 -7.95 -24.48
N ILE A 256 -23.15 -8.93 -23.88
CA ILE A 256 -24.54 -9.19 -24.18
C ILE A 256 -25.39 -7.96 -23.90
N ALA A 257 -25.35 -7.52 -22.64
CA ALA A 257 -26.08 -6.34 -22.19
C ALA A 257 -25.80 -5.16 -23.10
N GLU A 258 -24.54 -5.00 -23.49
CA GLU A 258 -24.17 -3.96 -24.42
C GLU A 258 -25.01 -4.08 -25.69
N ASP A 259 -25.02 -5.27 -26.30
CA ASP A 259 -25.77 -5.44 -27.55
C ASP A 259 -27.24 -5.09 -27.36
N PHE A 260 -27.85 -5.71 -26.36
CA PHE A 260 -29.24 -5.45 -26.01
C PHE A 260 -29.54 -3.95 -25.88
N ARG A 261 -28.59 -3.23 -25.28
CA ARG A 261 -28.63 -1.77 -25.23
C ARG A 261 -28.66 -1.14 -26.64
N ASP A 262 -27.92 -1.75 -27.56
CA ASP A 262 -27.82 -1.19 -28.90
C ASP A 262 -29.09 -1.41 -29.69
N ARG A 263 -29.98 -2.23 -29.13
CA ARG A 263 -31.27 -2.53 -29.74
C ARG A 263 -32.40 -1.68 -29.18
N GLY A 264 -32.06 -0.77 -28.26
CA GLY A 264 -33.03 0.12 -27.67
C GLY A 264 -33.58 -0.41 -26.36
N GLN A 265 -33.02 -1.54 -25.92
CA GLN A 265 -33.44 -2.16 -24.67
C GLN A 265 -32.77 -1.54 -23.44
N HIS A 266 -33.49 -1.53 -22.33
CA HIS A 266 -32.92 -1.13 -21.04
C HIS A 266 -32.64 -2.40 -20.24
N VAL A 267 -31.38 -2.64 -19.92
CA VAL A 267 -31.00 -3.87 -19.22
C VAL A 267 -30.54 -3.63 -17.79
N LEU A 268 -30.80 -4.60 -16.93
CA LEU A 268 -30.19 -4.65 -15.62
C LEU A 268 -29.05 -5.66 -15.70
N LEU A 269 -27.83 -5.20 -15.44
CA LEU A 269 -26.67 -6.08 -15.46
C LEU A 269 -26.16 -6.36 -14.05
N ILE A 270 -26.25 -7.61 -13.63
CA ILE A 270 -25.79 -8.01 -12.31
C ILE A 270 -24.49 -8.82 -12.42
N MET A 271 -23.40 -8.27 -11.89
CA MET A 271 -22.12 -8.98 -11.94
C MET A 271 -21.78 -9.55 -10.56
N ASP A 272 -21.92 -10.86 -10.41
CA ASP A 272 -21.61 -11.52 -9.15
C ASP A 272 -20.44 -12.50 -9.34
N SER A 273 -19.26 -12.15 -8.84
CA SER A 273 -19.00 -10.88 -8.18
C SER A 273 -17.82 -10.16 -8.83
N LEU A 274 -17.67 -8.89 -8.51
CA LEU A 274 -16.54 -8.09 -8.95
C LEU A 274 -15.28 -8.52 -8.20
N THR A 275 -15.49 -9.07 -7.01
CA THR A 275 -14.37 -9.60 -6.23
C THR A 275 -13.76 -10.75 -7.00
N ARG A 276 -14.61 -11.67 -7.45
CA ARG A 276 -14.16 -12.87 -8.15
C ARG A 276 -13.48 -12.57 -9.48
N TYR A 277 -14.08 -11.65 -10.24
CA TYR A 277 -13.44 -11.14 -11.44
C TYR A 277 -12.01 -10.77 -11.09
N ALA A 278 -11.86 -9.81 -10.17
CA ALA A 278 -10.55 -9.38 -9.71
C ALA A 278 -9.64 -10.55 -9.30
N MET A 279 -10.13 -11.39 -8.40
CA MET A 279 -9.38 -12.56 -7.94
C MET A 279 -8.95 -13.47 -9.10
N ALA A 280 -9.74 -13.48 -10.17
CA ALA A 280 -9.43 -14.30 -11.32
C ALA A 280 -8.27 -13.70 -12.12
N GLN A 281 -8.26 -12.38 -12.24
CA GLN A 281 -7.13 -11.69 -12.86
C GLN A 281 -5.85 -11.92 -12.05
N ARG A 282 -5.97 -11.96 -10.73
CA ARG A 282 -4.80 -12.13 -9.87
C ARG A 282 -4.06 -13.44 -10.10
N GLU A 283 -4.82 -14.52 -10.26
CA GLU A 283 -4.24 -15.84 -10.56
C GLU A 283 -3.40 -15.77 -11.81
N ILE A 284 -4.03 -15.28 -12.87
CA ILE A 284 -3.40 -15.14 -14.18
C ILE A 284 -2.19 -14.22 -14.13
N ALA A 285 -2.36 -13.05 -13.51
CA ALA A 285 -1.29 -12.08 -13.43
C ALA A 285 -0.08 -12.69 -12.73
N LEU A 286 -0.34 -13.39 -11.62
CA LEU A 286 0.73 -13.99 -10.84
C LEU A 286 1.43 -15.09 -11.62
N ALA A 287 0.66 -15.90 -12.32
CA ALA A 287 1.22 -16.99 -13.12
C ALA A 287 2.27 -16.48 -14.12
N ILE A 288 2.05 -15.28 -14.65
CA ILE A 288 2.96 -14.71 -15.64
C ILE A 288 4.03 -13.83 -15.03
N GLY A 289 4.12 -13.84 -13.70
CA GLY A 289 5.21 -13.17 -13.02
C GLY A 289 5.07 -11.65 -12.97
N GLU A 290 3.87 -11.21 -12.62
CA GLU A 290 3.62 -9.80 -12.41
C GLU A 290 3.50 -9.57 -10.91
N PRO A 291 4.52 -8.95 -10.31
CA PRO A 291 4.59 -8.74 -8.85
C PRO A 291 3.32 -8.09 -8.28
N PRO A 292 2.90 -8.53 -7.09
CA PRO A 292 1.71 -8.06 -6.36
C PRO A 292 1.96 -6.72 -5.65
N ALA A 293 1.85 -5.62 -6.39
CA ALA A 293 2.31 -4.32 -5.91
C ALA A 293 1.48 -3.70 -4.79
N THR A 294 0.15 -3.74 -4.90
CA THR A 294 -0.70 -2.99 -3.97
C THR A 294 -1.00 -3.72 -2.65
N LYS A 295 -1.91 -4.68 -2.67
CA LYS A 295 -2.17 -5.47 -1.47
C LYS A 295 -1.53 -6.84 -1.50
N GLY A 296 -0.83 -7.15 -2.58
CA GLY A 296 -0.55 -8.53 -2.89
C GLY A 296 -1.50 -8.87 -4.02
N TYR A 297 -2.19 -7.81 -4.43
CA TYR A 297 -2.94 -7.78 -5.67
C TYR A 297 -2.08 -7.05 -6.71
N PRO A 298 -1.75 -7.74 -7.80
CA PRO A 298 -0.97 -7.15 -8.90
C PRO A 298 -1.66 -5.92 -9.49
N PRO A 299 -0.87 -5.00 -10.06
CA PRO A 299 -1.33 -3.74 -10.66
C PRO A 299 -2.41 -3.91 -11.71
N SER A 300 -2.45 -5.05 -12.40
CA SER A 300 -3.44 -5.26 -13.48
C SER A 300 -4.87 -5.33 -12.95
N VAL A 301 -5.02 -5.93 -11.77
CA VAL A 301 -6.33 -6.07 -11.14
C VAL A 301 -7.07 -4.76 -11.12
N PHE A 302 -6.34 -3.68 -10.86
CA PHE A 302 -6.93 -2.35 -10.73
C PHE A 302 -7.01 -1.59 -12.04
N ALA A 303 -6.38 -2.12 -13.09
CA ALA A 303 -6.60 -1.63 -14.44
C ALA A 303 -7.86 -2.28 -15.00
N LYS A 304 -8.15 -3.47 -14.49
CA LYS A 304 -9.23 -4.31 -15.00
C LYS A 304 -10.62 -3.85 -14.56
N LEU A 305 -10.78 -3.61 -13.27
CA LEU A 305 -12.07 -3.28 -12.69
C LEU A 305 -12.69 -2.03 -13.29
N PRO A 306 -11.89 -0.96 -13.45
CA PRO A 306 -12.45 0.23 -14.09
C PRO A 306 -12.96 -0.12 -15.47
N ALA A 307 -12.13 -0.86 -16.21
CA ALA A 307 -12.43 -1.21 -17.59
C ALA A 307 -13.78 -1.89 -17.72
N LEU A 308 -13.98 -2.93 -16.90
CA LEU A 308 -15.20 -3.73 -16.94
C LEU A 308 -16.43 -2.95 -16.47
N VAL A 309 -16.23 -1.99 -15.57
CA VAL A 309 -17.35 -1.23 -15.03
C VAL A 309 -17.81 -0.09 -15.95
N GLU A 310 -16.87 0.51 -16.67
CA GLU A 310 -17.16 1.65 -17.54
C GLU A 310 -18.00 1.26 -18.75
N ARG A 311 -18.09 -0.05 -19.01
CA ARG A 311 -18.83 -0.53 -20.16
C ARG A 311 -20.34 -0.33 -19.96
N ALA A 312 -20.75 -0.34 -18.69
CA ALA A 312 -22.14 -0.08 -18.32
C ALA A 312 -22.46 1.40 -18.43
N GLY A 313 -23.75 1.72 -18.60
CA GLY A 313 -24.20 3.09 -18.62
C GLY A 313 -25.40 3.31 -19.52
N ASN A 314 -25.82 4.56 -19.67
CA ASN A 314 -26.89 4.91 -20.59
C ASN A 314 -26.32 5.04 -21.99
N GLY A 315 -27.11 4.68 -23.00
CA GLY A 315 -26.65 4.75 -24.37
C GLY A 315 -26.92 6.10 -25.01
N ILE A 316 -27.09 6.11 -26.33
CA ILE A 316 -27.45 7.31 -27.06
C ILE A 316 -28.79 7.83 -26.54
N HIS A 317 -29.05 9.13 -26.67
CA HIS A 317 -30.35 9.68 -26.25
C HIS A 317 -31.45 9.04 -27.09
N GLY A 318 -32.61 8.82 -26.48
CA GLY A 318 -33.67 8.05 -27.12
C GLY A 318 -33.19 6.64 -27.36
N GLY A 319 -32.18 6.27 -26.59
CA GLY A 319 -31.52 4.98 -26.71
C GLY A 319 -32.00 3.98 -25.69
N GLY A 320 -31.04 3.19 -25.20
CA GLY A 320 -31.30 2.16 -24.22
C GLY A 320 -30.07 2.17 -23.31
N SER A 321 -30.11 1.38 -22.24
CA SER A 321 -29.11 1.55 -21.20
C SER A 321 -28.77 0.26 -20.46
N ILE A 322 -27.60 0.29 -19.81
CA ILE A 322 -27.22 -0.77 -18.89
C ILE A 322 -27.09 -0.18 -17.50
N THR A 323 -27.98 -0.58 -16.60
CA THR A 323 -27.85 -0.24 -15.20
C THR A 323 -27.31 -1.48 -14.52
N ALA A 324 -26.21 -1.33 -13.79
CA ALA A 324 -25.53 -2.51 -13.25
C ALA A 324 -25.43 -2.54 -11.74
N PHE A 325 -25.18 -3.74 -11.22
CA PHE A 325 -24.83 -3.94 -9.82
C PHE A 325 -23.65 -4.88 -9.74
N TYR A 326 -22.52 -4.38 -9.25
CA TYR A 326 -21.34 -5.21 -9.15
C TYR A 326 -21.15 -5.58 -7.70
N THR A 327 -21.39 -6.85 -7.39
CA THR A 327 -21.25 -7.29 -6.02
C THR A 327 -19.78 -7.37 -5.61
N VAL A 328 -19.48 -6.79 -4.44
CA VAL A 328 -18.16 -6.95 -3.84
C VAL A 328 -18.33 -7.66 -2.51
N LEU A 329 -17.57 -8.72 -2.30
CA LEU A 329 -17.72 -9.47 -1.07
C LEU A 329 -16.77 -8.86 -0.07
N THR A 330 -17.33 -8.16 0.91
CA THR A 330 -16.55 -7.51 1.94
C THR A 330 -16.50 -8.54 3.04
N GLU A 331 -15.33 -9.15 3.20
CA GLU A 331 -15.22 -10.37 3.97
C GLU A 331 -14.69 -10.07 5.36
N GLY A 332 -15.55 -10.28 6.37
CA GLY A 332 -15.21 -9.94 7.74
C GLY A 332 -15.23 -8.44 7.90
N ASP A 333 -15.14 -7.96 9.14
CA ASP A 333 -15.05 -6.51 9.36
C ASP A 333 -13.74 -5.97 8.75
N ASP A 334 -13.90 -4.92 7.95
CA ASP A 334 -13.07 -4.68 6.78
C ASP A 334 -13.02 -3.22 6.33
N GLN A 335 -12.76 -3.03 5.03
CA GLN A 335 -12.32 -1.77 4.42
C GLN A 335 -10.80 -1.77 4.28
N GLN A 336 -10.18 -2.82 4.79
CA GLN A 336 -8.78 -3.13 4.48
C GLN A 336 -8.64 -3.54 3.01
N ASP A 337 -9.70 -4.16 2.46
CA ASP A 337 -9.72 -4.69 1.11
C ASP A 337 -9.70 -3.62 0.03
N PRO A 338 -8.67 -3.65 -0.83
CA PRO A 338 -8.39 -2.71 -1.92
C PRO A 338 -9.41 -2.78 -3.05
N ILE A 339 -9.95 -3.97 -3.29
CA ILE A 339 -10.98 -4.13 -4.31
C ILE A 339 -12.21 -3.34 -3.92
N ALA A 340 -12.61 -3.46 -2.66
CA ALA A 340 -13.74 -2.69 -2.16
C ALA A 340 -13.49 -1.20 -2.29
N ASP A 341 -12.23 -0.78 -2.16
CA ASP A 341 -11.88 0.62 -2.35
C ASP A 341 -11.93 1.01 -3.82
N SER A 342 -11.29 0.21 -4.67
CA SER A 342 -11.32 0.45 -6.10
C SER A 342 -12.78 0.49 -6.57
N ALA A 343 -13.60 -0.38 -5.99
CA ALA A 343 -15.01 -0.42 -6.31
C ALA A 343 -15.66 0.93 -5.97
N ARG A 344 -15.36 1.43 -4.78
CA ARG A 344 -15.93 2.68 -4.31
C ARG A 344 -15.52 3.81 -5.23
N ALA A 345 -14.27 3.76 -5.69
CA ALA A 345 -13.71 4.85 -6.47
C ALA A 345 -14.31 4.95 -7.87
N ILE A 346 -14.65 3.80 -8.45
CA ILE A 346 -15.10 3.73 -9.83
C ILE A 346 -16.62 3.66 -9.98
N LEU A 347 -17.33 3.71 -8.86
CA LEU A 347 -18.76 3.44 -8.84
C LEU A 347 -19.57 4.65 -8.43
N ASP A 348 -20.87 4.59 -8.74
CA ASP A 348 -21.84 5.65 -8.48
C ASP A 348 -22.47 5.53 -7.10
N GLY A 349 -21.86 4.74 -6.23
CA GLY A 349 -22.41 4.47 -4.91
C GLY A 349 -22.85 3.04 -4.75
N HIS A 350 -23.13 2.64 -3.52
CA HIS A 350 -23.17 1.21 -3.21
C HIS A 350 -24.21 0.86 -2.16
N ILE A 351 -24.81 -0.31 -2.31
CA ILE A 351 -25.74 -0.82 -1.32
C ILE A 351 -25.00 -1.73 -0.35
N VAL A 352 -24.97 -1.35 0.91
CA VAL A 352 -24.17 -2.07 1.90
C VAL A 352 -25.03 -2.96 2.77
N LEU A 353 -24.77 -4.26 2.72
CA LEU A 353 -25.51 -5.19 3.54
C LEU A 353 -24.87 -5.36 4.91
N SER A 354 -25.70 -5.26 5.96
CA SER A 354 -25.24 -5.39 7.34
C SER A 354 -25.36 -6.82 7.86
N ARG A 355 -24.26 -7.36 8.37
CA ARG A 355 -24.29 -8.66 9.02
C ARG A 355 -25.13 -8.64 10.30
N ARG A 356 -25.06 -7.54 11.03
CA ARG A 356 -25.80 -7.37 12.28
C ARG A 356 -27.30 -7.48 12.03
N LEU A 357 -27.74 -6.84 10.95
CA LEU A 357 -29.14 -6.86 10.58
C LEU A 357 -29.57 -8.25 10.14
N ALA A 358 -28.73 -8.90 9.35
CA ALA A 358 -29.07 -10.23 8.85
C ALA A 358 -29.21 -11.23 10.00
N GLU A 359 -28.27 -11.19 10.94
CA GLU A 359 -28.36 -12.06 12.11
C GLU A 359 -29.54 -11.67 13.01
N ALA A 360 -30.13 -10.51 12.74
CA ALA A 360 -31.30 -10.04 13.49
C ALA A 360 -32.60 -10.36 12.76
N GLY A 361 -32.49 -11.05 11.64
CA GLY A 361 -33.66 -11.39 10.86
C GLY A 361 -34.21 -10.21 10.09
N HIS A 362 -33.45 -9.12 10.05
CA HIS A 362 -33.91 -7.94 9.35
C HIS A 362 -33.43 -8.05 7.91
N TYR A 363 -34.35 -8.28 6.97
CA TYR A 363 -33.99 -8.47 5.56
C TYR A 363 -34.88 -7.64 4.64
N PRO A 364 -34.30 -7.12 3.55
CA PRO A 364 -32.88 -7.26 3.21
C PRO A 364 -32.04 -6.45 4.17
N ALA A 365 -30.87 -6.94 4.57
CA ALA A 365 -30.15 -6.21 5.60
C ALA A 365 -29.26 -5.20 4.92
N ILE A 366 -29.74 -3.95 4.90
CA ILE A 366 -29.13 -2.88 4.15
C ILE A 366 -28.79 -1.76 5.11
N ASP A 367 -27.54 -1.32 5.07
CA ASP A 367 -27.10 -0.28 5.99
C ASP A 367 -27.36 1.04 5.30
N ILE A 368 -28.37 1.75 5.77
CA ILE A 368 -28.76 2.99 5.14
C ILE A 368 -27.65 4.01 5.35
N GLU A 369 -26.90 3.86 6.44
CA GLU A 369 -25.75 4.70 6.73
C GLU A 369 -24.62 4.46 5.72
N ALA A 370 -24.21 3.20 5.63
CA ALA A 370 -23.04 2.82 4.85
C ALA A 370 -23.27 3.02 3.36
N SER A 371 -24.53 2.86 2.97
CA SER A 371 -24.89 2.92 1.56
C SER A 371 -24.96 4.36 1.10
N ILE A 372 -24.83 4.54 -0.21
CA ILE A 372 -25.05 5.84 -0.81
C ILE A 372 -25.44 5.67 -2.27
N SER A 373 -26.19 6.63 -2.80
CA SER A 373 -26.37 6.76 -4.24
C SER A 373 -26.20 8.22 -4.61
N ARG A 374 -25.17 8.52 -5.39
CA ARG A 374 -24.84 9.90 -5.71
C ARG A 374 -25.81 10.56 -6.69
N ALA A 375 -26.49 9.73 -7.47
CA ALA A 375 -27.44 10.21 -8.47
C ALA A 375 -28.80 10.48 -7.85
N MET A 376 -28.91 10.18 -6.56
CA MET A 376 -30.18 10.24 -5.85
C MET A 376 -30.79 11.65 -5.82
N THR A 377 -30.04 12.60 -5.28
CA THR A 377 -30.54 13.97 -5.15
C THR A 377 -30.94 14.55 -6.50
N ALA A 378 -30.31 14.06 -7.56
CA ALA A 378 -30.62 14.53 -8.91
C ALA A 378 -31.94 13.96 -9.38
N LEU A 379 -32.32 12.80 -8.83
CA LEU A 379 -33.51 12.08 -9.27
C LEU A 379 -34.80 12.35 -8.48
N ILE A 380 -34.70 13.03 -7.34
CA ILE A 380 -35.87 13.15 -6.46
C ILE A 380 -36.19 14.58 -6.05
N THR A 381 -37.38 14.78 -5.50
CA THR A 381 -37.82 16.11 -5.07
C THR A 381 -37.19 16.49 -3.75
N GLU A 382 -36.96 17.78 -3.54
CA GLU A 382 -36.41 18.23 -2.26
C GLU A 382 -37.33 17.87 -1.11
N GLN A 383 -38.64 17.85 -1.37
CA GLN A 383 -39.60 17.42 -0.37
C GLN A 383 -39.36 15.93 -0.05
N HIS A 384 -39.07 15.16 -1.08
CA HIS A 384 -38.72 13.76 -0.92
C HIS A 384 -37.36 13.63 -0.25
N TYR A 385 -36.40 14.42 -0.74
CA TYR A 385 -35.02 14.34 -0.27
C TYR A 385 -34.89 14.74 1.20
N ALA A 386 -35.71 15.71 1.61
CA ALA A 386 -35.85 16.05 3.01
C ALA A 386 -36.27 14.83 3.82
N ARG A 387 -37.36 14.21 3.40
CA ARG A 387 -37.87 13.01 4.05
C ARG A 387 -36.79 11.94 4.17
N VAL A 388 -35.93 11.87 3.16
CA VAL A 388 -34.87 10.86 3.11
C VAL A 388 -33.90 11.05 4.24
N ARG A 389 -33.35 12.25 4.31
CA ARG A 389 -32.38 12.60 5.34
C ARG A 389 -32.94 12.26 6.71
N LEU A 390 -34.14 12.77 7.00
CA LEU A 390 -34.79 12.51 8.27
C LEU A 390 -34.81 11.03 8.59
N PHE A 391 -35.26 10.23 7.64
CA PHE A 391 -35.32 8.78 7.83
C PHE A 391 -33.99 8.26 8.38
N LYS A 392 -32.89 8.70 7.79
CA LYS A 392 -31.57 8.26 8.22
C LYS A 392 -31.23 8.76 9.63
N GLN A 393 -31.46 10.04 9.88
CA GLN A 393 -31.18 10.66 11.18
C GLN A 393 -31.95 9.96 12.28
N LEU A 394 -33.23 9.68 12.03
CA LEU A 394 -34.05 8.96 13.00
C LEU A 394 -33.44 7.58 13.21
N LEU A 395 -33.09 6.95 12.11
CA LEU A 395 -32.47 5.64 12.15
C LEU A 395 -31.23 5.68 13.02
N SER A 396 -30.31 6.57 12.68
CA SER A 396 -29.05 6.67 13.39
C SER A 396 -29.27 6.91 14.89
N SER A 397 -30.21 7.80 15.21
CA SER A 397 -30.54 8.12 16.60
C SER A 397 -30.85 6.85 17.38
N PHE A 398 -31.61 5.97 16.74
CA PHE A 398 -32.12 4.78 17.41
C PHE A 398 -31.05 3.72 17.68
N GLN A 399 -30.22 3.43 16.68
CA GLN A 399 -29.29 2.30 16.79
C GLN A 399 -28.16 2.53 17.79
N ARG A 400 -27.78 3.78 17.98
CA ARG A 400 -26.78 4.13 18.98
C ARG A 400 -27.32 3.99 20.41
N ASN A 401 -28.55 4.47 20.61
CA ASN A 401 -29.17 4.49 21.94
C ASN A 401 -30.11 3.31 22.23
N ARG A 402 -30.21 2.34 21.32
CA ARG A 402 -31.20 1.26 21.44
C ARG A 402 -31.19 0.52 22.79
N ASP A 403 -30.04 0.51 23.46
CA ASP A 403 -29.91 -0.17 24.75
C ASP A 403 -30.71 0.46 25.90
N LEU A 404 -30.46 1.74 26.15
CA LEU A 404 -31.07 2.45 27.27
C LEU A 404 -32.59 2.34 27.31
N VAL A 405 -33.21 2.37 26.13
CA VAL A 405 -34.66 2.23 26.01
C VAL A 405 -35.15 0.96 26.70
N SER A 406 -34.34 -0.09 26.68
CA SER A 406 -34.71 -1.36 27.28
C SER A 406 -34.78 -1.27 28.80
N VAL A 407 -33.77 -0.65 29.40
CA VAL A 407 -33.73 -0.47 30.85
C VAL A 407 -34.83 0.50 31.33
N GLY A 408 -35.49 1.15 30.37
CA GLY A 408 -36.52 2.12 30.69
C GLY A 408 -35.88 3.46 30.97
N ALA A 409 -34.59 3.55 30.67
CA ALA A 409 -33.78 4.72 30.96
C ALA A 409 -34.30 6.00 30.31
N TYR A 410 -34.79 5.89 29.08
CA TYR A 410 -35.22 7.08 28.37
C TYR A 410 -36.65 7.55 28.69
N ALA A 411 -36.84 8.86 28.72
CA ALA A 411 -38.15 9.48 28.86
C ALA A 411 -38.22 10.69 27.94
N LYS A 412 -39.43 11.03 27.48
CA LYS A 412 -39.60 12.06 26.44
C LYS A 412 -39.17 13.46 26.89
N GLY A 413 -38.82 14.30 25.93
CA GLY A 413 -38.50 15.70 26.20
C GLY A 413 -37.01 16.03 26.20
N SER A 414 -36.17 15.03 26.44
CA SER A 414 -34.71 15.24 26.41
C SER A 414 -34.12 15.24 24.99
N ASP A 415 -34.45 14.22 24.20
CA ASP A 415 -33.97 14.10 22.82
C ASP A 415 -35.11 14.05 21.81
N PRO A 416 -35.21 15.07 20.93
CA PRO A 416 -36.29 15.14 19.94
C PRO A 416 -36.25 14.04 18.87
N MET A 417 -35.07 13.70 18.38
CA MET A 417 -34.93 12.65 17.38
C MET A 417 -35.25 11.26 17.92
N LEU A 418 -34.53 10.87 18.96
CA LEU A 418 -34.69 9.54 19.54
C LEU A 418 -36.12 9.34 20.00
N ASP A 419 -36.75 10.42 20.46
CA ASP A 419 -38.15 10.38 20.83
C ASP A 419 -39.02 10.10 19.62
N LYS A 420 -38.86 10.90 18.59
CA LYS A 420 -39.60 10.70 17.35
C LYS A 420 -39.26 9.33 16.79
N ALA A 421 -37.97 9.10 16.58
CA ALA A 421 -37.49 7.86 15.99
C ALA A 421 -38.08 6.62 16.67
N ILE A 422 -38.03 6.58 17.99
CA ILE A 422 -38.49 5.42 18.74
C ILE A 422 -40.01 5.27 18.67
N THR A 423 -40.69 6.36 18.38
CA THR A 423 -42.13 6.35 18.17
C THR A 423 -42.43 5.80 16.78
N LEU A 424 -41.57 6.13 15.83
CA LEU A 424 -41.73 5.67 14.45
C LEU A 424 -41.08 4.32 14.17
N TRP A 425 -40.25 3.85 15.10
CA TRP A 425 -39.43 2.65 14.90
C TRP A 425 -40.14 1.45 14.27
N PRO A 426 -41.29 1.05 14.82
CA PRO A 426 -41.96 -0.11 14.24
C PRO A 426 -42.32 0.11 12.78
N GLN A 427 -42.65 1.36 12.41
CA GLN A 427 -43.02 1.67 11.03
C GLN A 427 -41.79 1.75 10.13
N LEU A 428 -40.72 2.36 10.65
CA LEU A 428 -39.46 2.43 9.93
C LEU A 428 -38.96 1.02 9.68
N GLU A 429 -38.80 0.27 10.77
CA GLU A 429 -38.35 -1.11 10.71
C GLU A 429 -39.17 -1.89 9.69
N ALA A 430 -40.48 -1.73 9.75
CA ALA A 430 -41.38 -2.40 8.81
C ALA A 430 -41.17 -1.90 7.37
N PHE A 431 -40.86 -0.62 7.21
CA PHE A 431 -40.68 -0.01 5.89
C PHE A 431 -39.42 -0.51 5.19
N LEU A 432 -38.35 -0.66 5.96
CA LEU A 432 -37.08 -1.10 5.41
C LEU A 432 -37.16 -2.59 5.06
N GLN A 433 -37.79 -3.37 5.94
CA GLN A 433 -37.98 -4.78 5.68
C GLN A 433 -38.91 -5.02 4.50
N GLN A 434 -38.52 -5.95 3.65
CA GLN A 434 -39.35 -6.41 2.56
C GLN A 434 -39.22 -7.93 2.65
N GLY A 435 -39.78 -8.64 1.69
CA GLY A 435 -39.69 -10.09 1.74
C GLY A 435 -39.53 -10.63 0.36
N ILE A 436 -39.03 -11.86 0.28
CA ILE A 436 -38.54 -12.40 -0.97
C ILE A 436 -39.54 -12.22 -2.10
N PHE A 437 -40.81 -12.45 -1.79
CA PHE A 437 -41.86 -12.33 -2.79
C PHE A 437 -42.66 -11.04 -2.72
N GLU A 438 -42.27 -10.17 -1.80
CA GLU A 438 -42.94 -8.89 -1.66
C GLU A 438 -42.34 -7.87 -2.62
N ARG A 439 -43.17 -7.33 -3.51
CA ARG A 439 -42.69 -6.30 -4.44
C ARG A 439 -43.09 -4.91 -3.97
N ALA A 440 -42.15 -3.96 -4.11
CA ALA A 440 -42.45 -2.57 -3.86
C ALA A 440 -42.16 -1.77 -5.11
N ASP A 441 -43.20 -1.21 -5.70
CA ASP A 441 -43.07 -0.44 -6.92
C ASP A 441 -42.51 0.93 -6.57
N TRP A 442 -42.41 1.79 -7.57
CA TRP A 442 -41.99 3.16 -7.33
C TRP A 442 -43.00 3.87 -6.45
N GLU A 443 -44.27 3.84 -6.85
CA GLU A 443 -45.33 4.48 -6.08
C GLU A 443 -45.40 3.84 -4.70
N ASP A 444 -45.52 2.52 -4.66
CA ASP A 444 -45.65 1.80 -3.40
C ASP A 444 -44.62 2.31 -2.40
N SER A 445 -43.39 2.50 -2.87
CA SER A 445 -42.32 2.99 -2.01
C SER A 445 -42.56 4.42 -1.55
N LEU A 446 -42.83 5.31 -2.50
CA LEU A 446 -43.06 6.73 -2.20
C LEU A 446 -44.23 6.91 -1.24
N GLN A 447 -45.37 6.31 -1.58
CA GLN A 447 -46.57 6.40 -0.76
C GLN A 447 -46.34 5.81 0.62
N ALA A 448 -45.47 4.81 0.72
CA ALA A 448 -45.13 4.22 2.01
C ALA A 448 -44.46 5.27 2.87
N LEU A 449 -43.66 6.12 2.23
CA LEU A 449 -42.96 7.19 2.94
C LEU A 449 -43.98 8.14 3.59
N ASP A 450 -45.00 8.55 2.83
CA ASP A 450 -46.02 9.45 3.37
C ASP A 450 -46.77 8.91 4.59
N LEU A 451 -47.14 7.63 4.54
CA LEU A 451 -47.85 7.02 5.66
C LEU A 451 -47.07 7.26 6.94
N ILE A 452 -45.78 7.51 6.80
CA ILE A 452 -44.98 7.86 7.96
C ILE A 452 -44.94 9.36 8.21
N PHE A 453 -44.17 10.12 7.43
CA PHE A 453 -44.06 11.55 7.70
C PHE A 453 -45.22 12.50 7.30
N PRO A 454 -45.38 12.72 6.00
CA PRO A 454 -46.09 13.86 5.40
C PRO A 454 -47.56 13.55 5.14
N THR A 455 -48.30 14.43 4.48
CA THR A 455 -47.76 15.66 3.88
C THR A 455 -48.45 16.90 4.44
N THR B 2 -29.89 -63.32 -20.41
CA THR B 2 -28.63 -63.46 -21.13
C THR B 2 -27.83 -62.15 -21.13
N THR B 3 -27.83 -61.45 -20.00
CA THR B 3 -26.98 -60.28 -19.84
C THR B 3 -25.53 -60.74 -19.78
N ARG B 4 -25.33 -61.94 -19.25
CA ARG B 4 -23.99 -62.52 -19.16
C ARG B 4 -23.39 -62.70 -20.54
N LEU B 5 -24.25 -62.97 -21.51
CA LEU B 5 -23.84 -63.08 -22.89
C LEU B 5 -23.06 -61.83 -23.26
N THR B 6 -23.70 -60.67 -23.07
CA THR B 6 -23.10 -59.40 -23.47
C THR B 6 -21.72 -59.19 -22.85
N ARG B 7 -21.58 -59.50 -21.57
CA ARG B 7 -20.33 -59.28 -20.86
C ARG B 7 -19.15 -59.90 -21.61
N TRP B 8 -19.29 -61.17 -21.97
CA TRP B 8 -18.25 -61.88 -22.71
C TRP B 8 -18.04 -61.18 -24.04
N LEU B 9 -19.14 -60.83 -24.69
CA LEU B 9 -19.09 -60.13 -25.97
C LEU B 9 -18.46 -58.74 -25.83
N THR B 10 -18.89 -58.00 -24.82
CA THR B 10 -18.33 -56.67 -24.56
C THR B 10 -16.84 -56.77 -24.24
N ALA B 11 -16.49 -57.73 -23.40
CA ALA B 11 -15.10 -57.99 -23.02
C ALA B 11 -14.19 -58.12 -24.24
N LEU B 12 -14.64 -58.88 -25.23
CA LEU B 12 -13.91 -58.99 -26.47
C LEU B 12 -13.79 -57.64 -27.18
N ASP B 13 -14.87 -56.87 -27.16
CA ASP B 13 -14.90 -55.57 -27.83
C ASP B 13 -13.93 -54.61 -27.14
N ASN B 14 -14.08 -54.46 -25.84
CA ASN B 14 -13.20 -53.60 -25.07
C ASN B 14 -11.74 -53.90 -25.39
N PHE B 15 -11.43 -55.18 -25.56
CA PHE B 15 -10.07 -55.63 -25.87
C PHE B 15 -9.66 -55.45 -27.34
N GLU B 16 -10.55 -55.78 -28.26
CA GLU B 16 -10.24 -55.67 -29.69
C GLU B 16 -10.00 -54.21 -30.02
N ALA B 17 -10.58 -53.34 -29.19
CA ALA B 17 -10.41 -51.91 -29.32
C ALA B 17 -9.02 -51.49 -28.89
N LYS B 18 -8.54 -52.08 -27.80
CA LYS B 18 -7.23 -51.72 -27.26
C LYS B 18 -6.11 -52.12 -28.21
N MET B 19 -6.23 -53.30 -28.82
CA MET B 19 -5.21 -53.79 -29.74
C MET B 19 -5.15 -52.94 -31.00
N ALA B 20 -6.16 -52.09 -31.17
CA ALA B 20 -6.20 -51.15 -32.29
C ALA B 20 -5.29 -49.97 -32.00
N LEU B 21 -5.09 -49.71 -30.71
CA LEU B 21 -4.29 -48.57 -30.27
C LEU B 21 -2.85 -48.95 -29.99
N LEU B 22 -2.53 -50.23 -30.17
CA LEU B 22 -1.16 -50.69 -29.95
C LEU B 22 -0.20 -50.13 -31.00
N PRO B 23 1.04 -49.87 -30.60
CA PRO B 23 2.07 -49.22 -31.42
C PRO B 23 2.63 -50.15 -32.49
N ALA B 24 2.90 -49.62 -33.68
CA ALA B 24 3.49 -50.40 -34.75
C ALA B 24 4.96 -50.60 -34.45
N VAL B 25 5.56 -49.60 -33.81
CA VAL B 25 6.97 -49.66 -33.46
C VAL B 25 7.20 -49.29 -32.00
N ARG B 26 8.02 -50.09 -31.32
CA ARG B 26 8.39 -49.80 -29.94
C ARG B 26 9.63 -48.93 -29.88
N ARG B 27 9.49 -47.73 -29.31
CA ARG B 27 10.59 -46.78 -29.19
C ARG B 27 11.29 -46.91 -27.85
N TYR B 28 12.61 -46.77 -27.87
CA TYR B 28 13.43 -46.77 -26.65
C TYR B 28 14.19 -45.46 -26.54
N GLY B 29 14.60 -45.12 -25.31
CA GLY B 29 15.25 -43.85 -25.10
C GLY B 29 16.35 -43.91 -24.07
N ARG B 30 17.18 -42.88 -24.06
CA ARG B 30 18.33 -42.87 -23.17
C ARG B 30 18.02 -41.97 -21.99
N LEU B 31 18.35 -42.44 -20.79
CA LEU B 31 18.25 -41.61 -19.60
C LEU B 31 19.48 -40.71 -19.56
N THR B 32 19.27 -39.40 -19.62
CA THR B 32 20.38 -38.45 -19.47
C THR B 32 20.77 -38.20 -18.01
N ARG B 33 19.80 -37.90 -17.15
CA ARG B 33 20.06 -37.64 -15.73
C ARG B 33 19.45 -38.72 -14.84
N ALA B 34 20.30 -39.44 -14.12
CA ALA B 34 19.89 -40.56 -13.28
C ALA B 34 19.74 -40.23 -11.79
N THR B 35 19.93 -38.97 -11.43
CA THR B 35 20.14 -38.64 -10.02
C THR B 35 18.96 -38.05 -9.24
N GLY B 36 18.53 -36.85 -9.60
CA GLY B 36 17.73 -36.03 -8.70
C GLY B 36 16.30 -36.50 -8.47
N LEU B 37 15.46 -35.60 -7.95
CA LEU B 37 14.05 -35.93 -7.73
C LEU B 37 13.35 -36.21 -9.06
N VAL B 38 13.65 -35.38 -10.05
CA VAL B 38 13.11 -35.55 -11.40
C VAL B 38 14.24 -35.91 -12.34
N LEU B 39 14.10 -37.02 -13.05
CA LEU B 39 15.16 -37.49 -13.93
C LEU B 39 14.97 -36.91 -15.34
N GLU B 40 15.92 -37.19 -16.23
CA GLU B 40 15.82 -36.72 -17.60
C GLU B 40 16.05 -37.85 -18.59
N ALA B 41 15.29 -37.82 -19.68
CA ALA B 41 15.40 -38.81 -20.73
C ALA B 41 15.55 -38.09 -22.05
N THR B 42 15.96 -38.82 -23.09
CA THR B 42 16.04 -38.25 -24.43
C THR B 42 16.03 -39.36 -25.48
N GLY B 43 15.72 -38.97 -26.72
CA GLY B 43 15.71 -39.91 -27.83
C GLY B 43 14.31 -40.29 -28.26
N LEU B 44 13.35 -40.08 -27.37
CA LEU B 44 11.97 -40.42 -27.67
C LEU B 44 10.99 -39.31 -27.30
N GLN B 45 9.77 -39.41 -27.83
CA GLN B 45 8.73 -38.45 -27.55
C GLN B 45 7.60 -39.13 -26.78
N LEU B 46 7.44 -38.74 -25.51
CA LEU B 46 6.30 -39.22 -24.73
C LEU B 46 5.46 -38.06 -24.27
N PRO B 47 4.14 -38.28 -24.19
CA PRO B 47 3.20 -37.24 -23.78
C PRO B 47 3.35 -36.93 -22.29
N LEU B 48 2.79 -35.81 -21.85
CA LEU B 48 2.76 -35.49 -20.45
C LEU B 48 1.89 -36.50 -19.71
N GLY B 49 2.31 -36.85 -18.49
CA GLY B 49 1.53 -37.74 -17.63
C GLY B 49 1.48 -39.15 -18.16
N ALA B 50 2.28 -39.41 -19.18
CA ALA B 50 2.36 -40.73 -19.79
C ALA B 50 3.08 -41.71 -18.88
N THR B 51 2.52 -42.91 -18.73
CA THR B 51 3.19 -43.95 -17.98
C THR B 51 4.25 -44.64 -18.84
N CYS B 52 5.43 -44.79 -18.26
CA CYS B 52 6.57 -45.37 -18.97
C CYS B 52 7.36 -46.28 -18.05
N ILE B 53 8.52 -46.72 -18.52
CA ILE B 53 9.36 -47.62 -17.74
C ILE B 53 10.84 -47.30 -17.92
N ILE B 54 11.59 -47.38 -16.82
CA ILE B 54 13.04 -47.25 -16.86
C ILE B 54 13.63 -48.62 -16.56
N GLU B 55 14.54 -49.09 -17.42
CA GLU B 55 15.15 -50.41 -17.22
C GLU B 55 16.29 -50.39 -16.20
N ARG B 56 16.25 -51.32 -15.25
CA ARG B 56 17.27 -51.45 -14.22
C ARG B 56 17.79 -52.88 -14.21
N GLN B 57 19.12 -53.03 -14.09
CA GLN B 57 19.73 -54.35 -14.13
C GLN B 57 20.22 -54.82 -12.76
N ASP B 58 19.54 -55.83 -12.21
CA ASP B 58 19.93 -56.44 -10.95
C ASP B 58 20.88 -57.59 -11.20
N GLY B 59 21.03 -57.96 -12.47
CA GLY B 59 21.67 -59.19 -12.87
C GLY B 59 21.27 -59.46 -14.31
N PRO B 60 21.26 -60.73 -14.73
CA PRO B 60 20.77 -60.98 -16.08
C PRO B 60 19.25 -60.98 -16.11
N GLU B 61 18.68 -59.94 -15.49
CA GLU B 61 17.23 -59.73 -15.50
C GLU B 61 16.90 -58.25 -15.63
N THR B 62 16.13 -57.91 -16.66
CA THR B 62 15.64 -56.55 -16.78
C THR B 62 14.68 -56.28 -15.64
N LYS B 63 14.84 -55.13 -14.99
CA LYS B 63 13.87 -54.71 -14.00
C LYS B 63 13.14 -53.48 -14.51
N GLU B 64 11.82 -53.59 -14.59
CA GLU B 64 11.01 -52.48 -15.08
C GLU B 64 10.60 -51.57 -13.94
N VAL B 65 11.01 -50.31 -14.00
CA VAL B 65 10.63 -49.33 -12.99
C VAL B 65 9.51 -48.44 -13.52
N GLU B 66 8.31 -48.61 -12.97
CA GLU B 66 7.17 -47.81 -13.40
C GLU B 66 7.44 -46.33 -13.12
N SER B 67 7.19 -45.48 -14.11
CA SER B 67 7.45 -44.05 -13.99
C SER B 67 6.38 -43.22 -14.70
N GLU B 68 6.52 -41.89 -14.65
CA GLU B 68 5.64 -40.99 -15.38
C GLU B 68 6.41 -39.83 -15.97
N VAL B 69 5.87 -39.26 -17.04
CA VAL B 69 6.44 -38.05 -17.60
C VAL B 69 5.78 -36.84 -16.94
N VAL B 70 6.59 -36.07 -16.23
CA VAL B 70 6.10 -34.91 -15.50
C VAL B 70 6.20 -33.61 -16.30
N GLY B 71 6.92 -33.65 -17.41
CA GLY B 71 7.16 -32.45 -18.18
C GLY B 71 8.19 -32.59 -19.28
N PHE B 72 8.32 -31.54 -20.08
CA PHE B 72 9.31 -31.51 -21.14
C PHE B 72 9.77 -30.10 -21.50
N ASN B 73 11.03 -30.03 -21.94
CA ASN B 73 11.60 -28.80 -22.50
C ASN B 73 12.35 -29.16 -23.76
N GLY B 74 11.89 -28.70 -24.91
CA GLY B 74 12.58 -29.05 -26.14
C GLY B 74 12.76 -30.55 -26.24
N GLN B 75 14.00 -31.00 -26.42
CA GLN B 75 14.29 -32.42 -26.49
C GLN B 75 14.49 -33.03 -25.11
N ARG B 76 14.32 -32.23 -24.06
CA ARG B 76 14.47 -32.72 -22.68
C ARG B 76 13.16 -33.30 -22.15
N LEU B 77 13.19 -34.57 -21.82
CA LEU B 77 12.01 -35.26 -21.28
C LEU B 77 12.18 -35.57 -19.80
N PHE B 78 11.17 -35.24 -19.00
CA PHE B 78 11.25 -35.38 -17.54
C PHE B 78 10.40 -36.53 -16.99
N LEU B 79 11.03 -37.41 -16.23
CA LEU B 79 10.40 -38.61 -15.67
C LEU B 79 10.60 -38.67 -14.15
N MET B 80 9.71 -39.40 -13.47
CA MET B 80 9.94 -39.77 -12.08
C MET B 80 9.54 -41.22 -11.84
N PRO B 81 10.34 -41.95 -11.05
CA PRO B 81 9.99 -43.27 -10.55
C PRO B 81 8.89 -43.18 -9.50
N LEU B 82 7.90 -44.05 -9.58
CA LEU B 82 6.83 -44.06 -8.59
C LEU B 82 7.30 -44.65 -7.27
N GLU B 83 8.39 -45.40 -7.34
CA GLU B 83 8.88 -46.19 -6.22
C GLU B 83 10.31 -45.83 -5.84
N GLU B 84 10.69 -46.23 -4.63
CA GLU B 84 11.91 -45.76 -3.98
C GLU B 84 13.22 -46.15 -4.68
N VAL B 85 13.33 -47.42 -5.04
CA VAL B 85 14.62 -48.05 -5.33
C VAL B 85 15.48 -47.26 -6.31
N GLU B 86 16.78 -47.19 -6.00
CA GLU B 86 17.76 -46.63 -6.93
C GLU B 86 18.72 -47.75 -7.33
N GLY B 87 18.49 -48.31 -8.51
CA GLY B 87 19.48 -49.14 -9.18
C GLY B 87 19.87 -48.46 -10.47
N ILE B 88 19.39 -47.23 -10.63
CA ILE B 88 19.38 -46.56 -11.93
C ILE B 88 20.76 -46.05 -12.33
N LEU B 89 21.05 -46.18 -13.62
CA LEU B 89 22.30 -45.69 -14.18
C LEU B 89 22.01 -44.94 -15.45
N PRO B 90 22.76 -43.86 -15.70
CA PRO B 90 22.56 -43.11 -16.95
C PRO B 90 22.69 -44.06 -18.13
N GLY B 91 22.01 -43.72 -19.24
CA GLY B 91 22.01 -44.57 -20.41
C GLY B 91 20.92 -45.62 -20.37
N ALA B 92 20.37 -45.85 -19.18
CA ALA B 92 19.29 -46.81 -19.01
C ALA B 92 18.18 -46.51 -20.00
N ARG B 93 17.62 -47.56 -20.59
CA ARG B 93 16.60 -47.38 -21.62
C ARG B 93 15.22 -47.11 -21.03
N VAL B 94 14.51 -46.16 -21.63
CA VAL B 94 13.15 -45.85 -21.21
C VAL B 94 12.18 -46.14 -22.35
N TYR B 95 11.05 -46.75 -22.03
CA TYR B 95 10.04 -47.04 -23.04
C TYR B 95 8.62 -46.92 -22.48
N ALA B 96 7.67 -46.63 -23.36
CA ALA B 96 6.28 -46.48 -22.94
C ALA B 96 5.63 -47.82 -22.70
N ARG B 97 5.10 -48.01 -21.49
CA ARG B 97 4.36 -49.21 -21.16
C ARG B 97 2.91 -48.89 -20.86
N ASN B 98 2.01 -49.60 -21.53
CA ASN B 98 0.58 -49.44 -21.34
C ASN B 98 0.05 -50.17 -20.12
N GLY B 99 0.57 -51.38 -19.89
CA GLY B 99 0.03 -52.24 -18.85
C GLY B 99 -1.45 -52.43 -19.09
N HIS B 100 -2.26 -52.09 -18.10
CA HIS B 100 -3.70 -52.03 -18.28
C HIS B 100 -4.20 -50.61 -18.03
N GLY B 101 -4.62 -49.96 -19.11
CA GLY B 101 -4.94 -48.55 -19.09
C GLY B 101 -4.65 -47.97 -20.45
N ASP B 102 -4.72 -46.66 -20.58
CA ASP B 102 -4.48 -46.01 -21.87
C ASP B 102 -3.06 -45.49 -22.03
N GLY B 103 -2.21 -45.77 -21.05
CA GLY B 103 -0.81 -45.36 -21.14
C GLY B 103 -0.58 -43.98 -20.57
N LEU B 104 -1.63 -43.41 -20.00
CA LEU B 104 -1.53 -42.15 -19.30
C LEU B 104 -1.80 -42.40 -17.85
N GLN B 105 -1.31 -41.51 -17.00
CA GLN B 105 -1.52 -41.58 -15.56
C GLN B 105 -3.00 -41.65 -15.17
N SER B 106 -3.83 -40.83 -15.80
CA SER B 106 -5.23 -40.74 -15.44
C SER B 106 -5.97 -42.06 -15.62
N GLY B 107 -5.43 -42.91 -16.48
CA GLY B 107 -6.13 -44.11 -16.88
C GLY B 107 -5.66 -45.40 -16.26
N LYS B 108 -4.55 -45.36 -15.52
CA LYS B 108 -4.03 -46.58 -14.93
C LYS B 108 -5.12 -47.28 -14.12
N GLN B 109 -5.15 -48.61 -14.18
CA GLN B 109 -6.21 -49.37 -13.56
C GLN B 109 -5.87 -49.75 -12.12
N LEU B 110 -6.76 -49.41 -11.19
CA LEU B 110 -6.54 -49.72 -9.78
C LEU B 110 -7.73 -50.39 -9.14
N PRO B 111 -7.46 -51.22 -8.11
CA PRO B 111 -8.43 -52.01 -7.35
C PRO B 111 -9.59 -51.18 -6.79
N LEU B 112 -10.80 -51.65 -7.06
CA LEU B 112 -12.00 -51.01 -6.57
C LEU B 112 -12.95 -52.11 -6.13
N GLY B 113 -13.69 -51.85 -5.06
CA GLY B 113 -14.74 -52.77 -4.66
C GLY B 113 -14.94 -52.77 -3.16
N PRO B 114 -15.93 -53.53 -2.70
CA PRO B 114 -16.22 -53.70 -1.27
C PRO B 114 -15.08 -54.41 -0.55
N ALA B 115 -14.23 -55.10 -1.29
CA ALA B 115 -13.11 -55.82 -0.70
C ALA B 115 -12.09 -54.87 -0.07
N LEU B 116 -12.27 -53.58 -0.28
CA LEU B 116 -11.37 -52.58 0.24
C LEU B 116 -11.61 -52.22 1.73
N LEU B 117 -12.83 -52.39 2.22
CA LEU B 117 -13.17 -51.97 3.59
C LEU B 117 -12.27 -52.58 4.66
N GLY B 118 -12.04 -51.82 5.72
CA GLY B 118 -11.23 -52.28 6.82
C GLY B 118 -9.78 -52.49 6.45
N ARG B 119 -9.38 -51.95 5.31
CA ARG B 119 -8.02 -52.11 4.85
C ARG B 119 -7.26 -50.79 4.81
N VAL B 120 -5.94 -50.88 4.90
CA VAL B 120 -5.06 -49.73 4.73
C VAL B 120 -4.16 -50.02 3.52
N LEU B 121 -4.24 -49.16 2.51
CA LEU B 121 -3.55 -49.41 1.25
C LEU B 121 -2.74 -48.19 0.84
N ASP B 122 -1.66 -48.40 0.09
CA ASP B 122 -0.83 -47.30 -0.39
C ASP B 122 -1.45 -46.70 -1.65
N GLY B 123 -0.78 -45.71 -2.23
CA GLY B 123 -1.31 -45.01 -3.39
C GLY B 123 -1.66 -45.90 -4.56
N GLY B 124 -1.04 -47.07 -4.64
CA GLY B 124 -1.25 -47.97 -5.76
C GLY B 124 -2.18 -49.14 -5.49
N GLY B 125 -2.52 -49.34 -4.21
CA GLY B 125 -3.40 -50.44 -3.85
C GLY B 125 -2.66 -51.55 -3.12
N LYS B 126 -1.33 -51.49 -3.12
CA LYS B 126 -0.56 -52.45 -2.35
C LYS B 126 -0.93 -52.24 -0.89
N PRO B 127 -1.37 -53.31 -0.22
CA PRO B 127 -1.83 -53.22 1.18
C PRO B 127 -0.71 -52.87 2.14
N LEU B 128 -0.97 -51.89 3.01
CA LEU B 128 -0.01 -51.50 4.03
C LEU B 128 -0.32 -52.09 5.41
N ASP B 129 -1.44 -52.80 5.52
CA ASP B 129 -1.90 -53.30 6.80
C ASP B 129 -1.41 -54.72 7.12
N GLY B 130 -0.54 -55.23 6.26
CA GLY B 130 0.10 -56.51 6.53
C GLY B 130 -0.67 -57.74 6.10
N LEU B 131 -1.78 -57.53 5.40
CA LEU B 131 -2.58 -58.64 4.88
C LEU B 131 -2.31 -58.81 3.40
N PRO B 132 -2.94 -59.83 2.76
CA PRO B 132 -2.77 -60.00 1.32
C PRO B 132 -3.63 -59.02 0.55
N ALA B 133 -3.24 -58.68 -0.67
CA ALA B 133 -4.01 -57.71 -1.43
C ALA B 133 -5.46 -58.15 -1.38
N PRO B 134 -6.38 -57.18 -1.28
CA PRO B 134 -7.80 -57.53 -1.18
C PRO B 134 -8.19 -58.40 -2.37
N ASP B 135 -9.20 -59.24 -2.22
CA ASP B 135 -9.69 -59.98 -3.36
C ASP B 135 -10.81 -59.14 -3.93
N THR B 136 -10.55 -58.51 -5.06
CA THR B 136 -11.49 -57.57 -5.66
C THR B 136 -11.86 -58.07 -7.03
N LEU B 137 -13.14 -58.02 -7.35
CA LEU B 137 -13.62 -58.61 -8.59
C LEU B 137 -13.46 -57.63 -9.74
N GLU B 138 -12.88 -56.46 -9.46
CA GLU B 138 -12.87 -55.40 -10.45
C GLU B 138 -11.75 -54.37 -10.25
N THR B 139 -11.67 -53.43 -11.18
CA THR B 139 -10.69 -52.34 -11.14
C THR B 139 -11.23 -51.14 -11.92
N GLY B 140 -10.60 -49.99 -11.74
CA GLY B 140 -11.03 -48.79 -12.44
C GLY B 140 -9.88 -47.85 -12.72
N ALA B 141 -10.12 -46.88 -13.59
CA ALA B 141 -9.12 -45.86 -13.90
C ALA B 141 -9.00 -44.86 -12.76
N LEU B 142 -7.76 -44.49 -12.45
CA LEU B 142 -7.49 -43.58 -11.35
C LEU B 142 -8.36 -42.33 -11.42
N ILE B 143 -8.38 -41.68 -12.58
CA ILE B 143 -9.18 -40.48 -12.76
C ILE B 143 -10.33 -40.74 -13.71
N THR B 144 -11.50 -40.22 -13.37
CA THR B 144 -12.74 -40.52 -14.06
C THR B 144 -13.25 -39.26 -14.75
N PRO B 145 -13.85 -39.41 -15.94
CA PRO B 145 -14.41 -38.25 -16.63
C PRO B 145 -15.36 -37.49 -15.71
N PRO B 146 -15.38 -36.16 -15.81
CA PRO B 146 -16.13 -35.35 -14.85
C PRO B 146 -17.62 -35.65 -14.83
N PHE B 147 -18.16 -35.90 -13.64
CA PHE B 147 -19.58 -35.85 -13.41
C PHE B 147 -19.95 -34.42 -13.77
N ASN B 148 -21.14 -34.19 -14.32
CA ASN B 148 -21.49 -32.82 -14.68
C ASN B 148 -22.66 -32.36 -13.86
N PRO B 149 -22.62 -31.09 -13.45
CA PRO B 149 -23.49 -30.56 -12.39
C PRO B 149 -24.95 -30.59 -12.82
N LEU B 150 -25.18 -30.74 -14.11
CA LEU B 150 -26.54 -30.81 -14.64
C LEU B 150 -27.29 -31.98 -14.01
N GLN B 151 -26.57 -33.07 -13.77
CA GLN B 151 -27.13 -34.25 -13.11
C GLN B 151 -26.85 -34.40 -11.60
N ARG B 152 -26.19 -33.39 -11.02
CA ARG B 152 -25.98 -33.37 -9.56
C ARG B 152 -27.30 -33.16 -8.85
N THR B 153 -27.53 -33.92 -7.80
CA THR B 153 -28.70 -33.69 -6.96
C THR B 153 -28.35 -32.64 -5.93
N PRO B 154 -29.26 -31.65 -5.75
CA PRO B 154 -29.12 -30.60 -4.74
C PRO B 154 -28.94 -31.24 -3.38
N ILE B 155 -28.43 -30.48 -2.42
CA ILE B 155 -28.25 -31.06 -1.09
C ILE B 155 -29.49 -30.74 -0.26
N GLU B 156 -30.34 -31.74 -0.10
CA GLU B 156 -31.51 -31.62 0.77
C GLU B 156 -31.46 -32.40 2.10
N HIS B 157 -30.42 -33.20 2.31
CA HIS B 157 -30.44 -34.14 3.42
C HIS B 157 -29.29 -34.00 4.41
N VAL B 158 -29.62 -33.96 5.70
CA VAL B 158 -28.60 -33.84 6.73
C VAL B 158 -27.71 -35.05 6.78
N LEU B 159 -26.40 -34.82 6.79
CA LEU B 159 -25.44 -35.88 7.03
C LEU B 159 -25.02 -35.82 8.49
N ASP B 160 -25.29 -36.87 9.25
CA ASP B 160 -25.01 -36.83 10.68
C ASP B 160 -23.53 -37.04 10.94
N THR B 161 -22.89 -36.03 11.52
CA THR B 161 -21.46 -36.07 11.80
C THR B 161 -21.13 -36.75 13.11
N GLY B 162 -22.10 -36.82 14.00
CA GLY B 162 -21.85 -37.33 15.34
C GLY B 162 -21.23 -36.26 16.22
N VAL B 163 -20.94 -35.11 15.62
CA VAL B 163 -20.38 -33.97 16.36
C VAL B 163 -21.48 -32.93 16.64
N ARG B 164 -21.83 -32.75 17.91
CA ARG B 164 -22.93 -31.87 18.29
C ARG B 164 -22.85 -30.47 17.69
N ALA B 165 -21.75 -29.76 17.92
CA ALA B 165 -21.62 -28.38 17.47
C ALA B 165 -21.84 -28.24 15.97
N ILE B 166 -21.36 -29.22 15.21
CA ILE B 166 -21.58 -29.23 13.77
C ILE B 166 -23.04 -29.54 13.43
N ASN B 167 -23.56 -30.66 13.90
CA ASN B 167 -24.95 -30.99 13.58
C ASN B 167 -25.91 -29.84 13.90
N ALA B 168 -25.83 -29.34 15.13
CA ALA B 168 -26.75 -28.30 15.61
C ALA B 168 -26.47 -26.90 15.06
N LEU B 169 -25.24 -26.43 15.26
CA LEU B 169 -24.83 -25.09 14.85
C LEU B 169 -24.34 -24.88 13.42
N LEU B 170 -23.48 -25.76 12.92
CA LEU B 170 -23.08 -25.70 11.52
C LEU B 170 -23.52 -26.99 10.83
N THR B 171 -24.62 -26.95 10.08
CA THR B 171 -25.15 -28.21 9.56
C THR B 171 -24.54 -28.56 8.22
N VAL B 172 -23.97 -29.76 8.14
CA VAL B 172 -23.42 -30.26 6.89
C VAL B 172 -24.42 -31.18 6.18
N GLY B 173 -24.53 -31.03 4.86
CA GLY B 173 -25.45 -31.84 4.08
C GLY B 173 -24.81 -33.02 3.39
N ARG B 174 -25.63 -33.89 2.79
CA ARG B 174 -25.08 -35.02 2.05
C ARG B 174 -24.60 -34.58 0.68
N GLY B 175 -23.34 -34.90 0.38
CA GLY B 175 -22.71 -34.44 -0.85
C GLY B 175 -22.04 -33.09 -0.71
N GLN B 176 -21.95 -32.58 0.51
CA GLN B 176 -21.30 -31.30 0.78
C GLN B 176 -19.78 -31.43 0.84
N ARG B 177 -19.08 -30.39 0.41
CA ARG B 177 -17.62 -30.34 0.53
C ARG B 177 -17.22 -29.26 1.53
N MET B 178 -16.55 -29.67 2.60
CA MET B 178 -16.20 -28.78 3.70
C MET B 178 -14.71 -28.75 3.94
N GLY B 179 -14.18 -27.56 4.17
CA GLY B 179 -12.81 -27.44 4.59
C GLY B 179 -12.72 -27.63 6.10
N LEU B 180 -11.65 -28.25 6.57
CA LEU B 180 -11.34 -28.23 7.99
C LEU B 180 -10.00 -27.50 8.18
N PHE B 181 -10.05 -26.28 8.69
CA PHE B 181 -8.88 -25.41 8.74
C PHE B 181 -8.30 -25.41 10.14
N ALA B 182 -7.12 -26.00 10.28
CA ALA B 182 -6.56 -26.22 11.61
C ALA B 182 -5.06 -26.00 11.64
N GLY B 183 -4.58 -25.61 12.82
CA GLY B 183 -3.15 -25.48 13.04
C GLY B 183 -2.62 -26.76 13.64
N SER B 184 -1.49 -26.67 14.32
CA SER B 184 -0.90 -27.86 14.92
C SER B 184 -1.40 -28.10 16.35
N GLY B 185 -1.87 -29.32 16.61
CA GLY B 185 -2.27 -29.73 17.95
C GLY B 185 -3.52 -29.06 18.48
N VAL B 186 -4.41 -28.66 17.58
CA VAL B 186 -5.67 -28.02 17.95
C VAL B 186 -6.88 -28.99 18.00
N GLY B 187 -6.61 -30.29 17.84
CA GLY B 187 -7.64 -31.30 17.93
C GLY B 187 -8.10 -31.85 16.59
N LYS B 188 -7.38 -31.51 15.53
CA LYS B 188 -7.73 -31.94 14.17
C LYS B 188 -7.86 -33.46 14.07
N SER B 189 -6.76 -34.16 14.25
CA SER B 189 -6.72 -35.61 14.09
C SER B 189 -7.81 -36.30 14.90
N VAL B 190 -7.85 -36.00 16.20
CA VAL B 190 -8.85 -36.57 17.09
C VAL B 190 -10.27 -36.30 16.59
N LEU B 191 -10.51 -35.10 16.09
CA LEU B 191 -11.82 -34.73 15.57
C LEU B 191 -12.18 -35.52 14.32
N LEU B 192 -11.17 -35.79 13.49
CA LEU B 192 -11.38 -36.56 12.28
C LEU B 192 -11.76 -37.98 12.63
N GLY B 193 -11.11 -38.51 13.66
CA GLY B 193 -11.47 -39.80 14.19
C GLY B 193 -12.92 -39.81 14.63
N MET B 194 -13.31 -38.80 15.41
CA MET B 194 -14.68 -38.70 15.88
C MET B 194 -15.66 -38.82 14.72
N MET B 195 -15.45 -38.04 13.67
CA MET B 195 -16.30 -38.10 12.48
C MET B 195 -16.24 -39.48 11.84
N ALA B 196 -15.04 -40.06 11.82
CA ALA B 196 -14.80 -41.39 11.27
C ALA B 196 -15.63 -42.46 11.96
N ARG B 197 -15.72 -42.38 13.28
CA ARG B 197 -16.48 -43.33 14.06
C ARG B 197 -17.99 -43.11 14.10
N TYR B 198 -18.40 -41.87 14.37
CA TYR B 198 -19.81 -41.56 14.62
C TYR B 198 -20.59 -40.98 13.45
N THR B 199 -19.93 -40.69 12.33
CA THR B 199 -20.66 -40.18 11.18
C THR B 199 -21.54 -41.29 10.64
N ARG B 200 -22.79 -40.96 10.30
CA ARG B 200 -23.69 -41.99 9.81
C ARG B 200 -23.61 -41.99 8.29
N ALA B 201 -22.92 -42.98 7.76
CA ALA B 201 -22.66 -43.07 6.34
C ALA B 201 -22.36 -44.51 5.97
N ASP B 202 -22.59 -44.85 4.72
CA ASP B 202 -22.33 -46.21 4.25
C ASP B 202 -20.86 -46.56 4.39
N VAL B 203 -19.99 -45.68 3.90
CA VAL B 203 -18.55 -45.90 3.99
C VAL B 203 -17.79 -44.60 4.26
N ILE B 204 -16.65 -44.69 4.94
CA ILE B 204 -15.75 -43.55 5.07
C ILE B 204 -14.47 -43.84 4.29
N VAL B 205 -14.01 -42.90 3.47
CA VAL B 205 -12.68 -43.04 2.89
C VAL B 205 -11.73 -41.98 3.41
N VAL B 206 -10.56 -42.43 3.89
CA VAL B 206 -9.59 -41.53 4.50
C VAL B 206 -8.27 -41.51 3.72
N GLY B 207 -7.98 -40.38 3.08
CA GLY B 207 -6.66 -40.18 2.54
C GLY B 207 -5.76 -39.53 3.57
N LEU B 208 -4.54 -40.02 3.66
CA LEU B 208 -3.58 -39.50 4.62
C LEU B 208 -2.31 -39.23 3.84
N ILE B 209 -1.98 -37.95 3.69
CA ILE B 209 -1.00 -37.54 2.70
C ILE B 209 0.11 -36.71 3.30
N GLY B 210 1.35 -37.17 3.12
CA GLY B 210 2.52 -36.37 3.45
C GLY B 210 3.07 -36.46 4.85
N GLU B 211 2.24 -36.88 5.80
CA GLU B 211 2.68 -36.98 7.19
C GLU B 211 3.66 -38.13 7.36
N ARG B 212 4.45 -38.07 8.42
CA ARG B 212 5.45 -39.12 8.68
C ARG B 212 4.76 -40.46 8.89
N GLY B 213 5.48 -41.53 8.61
CA GLY B 213 4.95 -42.87 8.80
C GLY B 213 4.44 -43.07 10.22
N ARG B 214 5.27 -42.69 11.19
CA ARG B 214 4.95 -42.84 12.60
C ARG B 214 3.58 -42.27 12.93
N GLU B 215 3.38 -40.99 12.60
CA GLU B 215 2.15 -40.29 12.93
C GLU B 215 0.97 -40.89 12.20
N VAL B 216 1.17 -41.24 10.93
CA VAL B 216 0.12 -41.89 10.14
C VAL B 216 -0.21 -43.23 10.77
N LYS B 217 0.84 -43.99 11.11
CA LYS B 217 0.69 -45.25 11.79
C LYS B 217 -0.13 -45.02 13.05
N ASP B 218 0.34 -44.05 13.85
CA ASP B 218 -0.34 -43.67 15.08
C ASP B 218 -1.82 -43.39 14.84
N PHE B 219 -2.11 -42.45 13.95
CA PHE B 219 -3.50 -42.05 13.71
C PHE B 219 -4.41 -43.23 13.49
N ILE B 220 -4.04 -44.09 12.53
CA ILE B 220 -4.90 -45.20 12.15
C ILE B 220 -5.23 -46.13 13.31
N GLU B 221 -4.21 -46.51 14.08
CA GLU B 221 -4.39 -47.42 15.19
C GLU B 221 -5.08 -46.79 16.41
N ASN B 222 -4.55 -45.66 16.86
CA ASN B 222 -4.93 -45.08 18.15
C ASN B 222 -5.98 -43.96 18.12
N ILE B 223 -6.47 -43.62 16.93
CA ILE B 223 -7.51 -42.59 16.78
C ILE B 223 -8.73 -43.16 16.06
N LEU B 224 -8.53 -43.61 14.82
CA LEU B 224 -9.55 -44.40 14.14
C LEU B 224 -9.94 -45.58 15.03
N GLY B 225 -8.93 -46.23 15.59
CA GLY B 225 -9.16 -47.37 16.46
C GLY B 225 -9.71 -48.52 15.65
N PRO B 226 -9.90 -49.68 16.28
CA PRO B 226 -10.41 -50.84 15.55
C PRO B 226 -11.78 -50.57 14.94
N ASP B 227 -12.68 -49.97 15.71
CA ASP B 227 -14.06 -49.74 15.25
C ASP B 227 -14.14 -48.75 14.08
N GLY B 228 -13.50 -47.60 14.23
CA GLY B 228 -13.46 -46.60 13.16
C GLY B 228 -12.74 -47.17 11.95
N ARG B 229 -11.51 -47.61 12.17
CA ARG B 229 -10.68 -48.21 11.13
C ARG B 229 -11.40 -49.38 10.45
N ALA B 230 -12.44 -49.89 11.10
CA ALA B 230 -13.20 -51.01 10.57
C ALA B 230 -14.20 -50.63 9.47
N ARG B 231 -14.78 -49.44 9.57
CA ARG B 231 -15.78 -48.99 8.58
C ARG B 231 -15.22 -48.10 7.47
N SER B 232 -13.92 -47.91 7.43
CA SER B 232 -13.32 -47.05 6.43
C SER B 232 -12.26 -47.69 5.56
N VAL B 233 -12.16 -47.22 4.32
CA VAL B 233 -11.00 -47.52 3.47
C VAL B 233 -9.98 -46.42 3.71
N VAL B 234 -8.78 -46.83 4.10
CA VAL B 234 -7.72 -45.88 4.39
C VAL B 234 -6.62 -45.94 3.33
N ILE B 235 -6.52 -44.88 2.54
CA ILE B 235 -5.40 -44.74 1.62
C ILE B 235 -4.38 -43.82 2.28
N ALA B 236 -3.15 -44.29 2.41
CA ALA B 236 -2.11 -43.50 3.07
C ALA B 236 -0.82 -43.48 2.26
N ALA B 237 -0.38 -42.30 1.89
CA ALA B 237 0.93 -42.14 1.26
C ALA B 237 1.79 -41.28 2.16
N PRO B 238 2.74 -41.91 2.87
CA PRO B 238 3.58 -41.24 3.86
C PRO B 238 4.55 -40.21 3.29
N ALA B 239 5.34 -39.63 4.17
CA ALA B 239 6.34 -38.65 3.77
C ALA B 239 7.48 -39.28 2.94
N ASP B 240 7.75 -40.55 3.20
CA ASP B 240 8.86 -41.24 2.53
C ASP B 240 8.63 -41.44 1.03
N VAL B 241 7.38 -41.58 0.62
CA VAL B 241 7.09 -41.83 -0.78
C VAL B 241 7.21 -40.57 -1.64
N SER B 242 7.34 -40.78 -2.95
CA SER B 242 7.47 -39.69 -3.92
C SER B 242 6.26 -38.77 -3.94
N PRO B 243 6.47 -37.51 -4.33
CA PRO B 243 5.37 -36.55 -4.41
C PRO B 243 4.30 -37.12 -5.29
N LEU B 244 4.73 -37.70 -6.40
CA LEU B 244 3.83 -38.15 -7.45
C LEU B 244 2.89 -39.24 -6.95
N LEU B 245 3.43 -40.14 -6.14
CA LEU B 245 2.63 -41.21 -5.54
C LEU B 245 1.72 -40.65 -4.45
N ARG B 246 2.24 -39.66 -3.72
CA ARG B 246 1.45 -38.97 -2.72
C ARG B 246 0.19 -38.36 -3.34
N MET B 247 0.36 -37.58 -4.40
CA MET B 247 -0.80 -36.98 -5.05
C MET B 247 -1.73 -38.09 -5.54
N GLN B 248 -1.13 -39.22 -5.93
CA GLN B 248 -1.92 -40.35 -6.41
C GLN B 248 -2.82 -40.90 -5.31
N GLY B 249 -2.34 -40.84 -4.07
CA GLY B 249 -3.13 -41.26 -2.93
C GLY B 249 -4.39 -40.45 -2.76
N ALA B 250 -4.28 -39.14 -2.95
CA ALA B 250 -5.45 -38.28 -2.89
C ALA B 250 -6.43 -38.66 -3.98
N ALA B 251 -5.93 -38.86 -5.19
CA ALA B 251 -6.78 -39.25 -6.30
C ALA B 251 -7.37 -40.64 -6.08
N TYR B 252 -6.54 -41.56 -5.61
CA TYR B 252 -6.99 -42.92 -5.38
C TYR B 252 -8.15 -42.91 -4.41
N ALA B 253 -7.96 -42.31 -3.25
CA ALA B 253 -9.04 -42.14 -2.29
C ALA B 253 -10.28 -41.61 -3.00
N THR B 254 -10.11 -40.51 -3.73
CA THR B 254 -11.24 -39.85 -4.38
C THR B 254 -11.97 -40.80 -5.33
N ARG B 255 -11.20 -41.61 -6.06
CA ARG B 255 -11.76 -42.63 -6.95
C ARG B 255 -12.60 -43.64 -6.17
N ILE B 256 -12.01 -44.21 -5.13
CA ILE B 256 -12.69 -45.16 -4.28
C ILE B 256 -14.02 -44.61 -3.80
N ALA B 257 -14.01 -43.35 -3.36
CA ALA B 257 -15.24 -42.67 -2.96
C ALA B 257 -16.24 -42.60 -4.12
N GLU B 258 -15.75 -42.23 -5.30
CA GLU B 258 -16.58 -42.22 -6.51
C GLU B 258 -17.14 -43.62 -6.74
N ASP B 259 -16.26 -44.61 -6.68
CA ASP B 259 -16.64 -46.00 -6.88
C ASP B 259 -17.84 -46.41 -6.02
N PHE B 260 -17.73 -46.19 -4.71
CA PHE B 260 -18.81 -46.55 -3.79
C PHE B 260 -20.07 -45.75 -4.05
N ARG B 261 -19.94 -44.48 -4.40
CA ARG B 261 -21.09 -43.64 -4.62
C ARG B 261 -21.97 -44.20 -5.73
N ASP B 262 -21.33 -44.67 -6.80
CA ASP B 262 -22.08 -45.19 -7.94
C ASP B 262 -22.77 -46.50 -7.62
N ARG B 263 -22.43 -47.09 -6.48
CA ARG B 263 -23.12 -48.26 -5.97
C ARG B 263 -24.29 -47.83 -5.08
N GLY B 264 -24.54 -46.52 -5.02
CA GLY B 264 -25.65 -46.00 -4.25
C GLY B 264 -25.29 -45.79 -2.79
N GLN B 265 -23.99 -45.89 -2.51
CA GLN B 265 -23.47 -45.74 -1.16
C GLN B 265 -23.28 -44.28 -0.78
N HIS B 266 -23.56 -43.94 0.47
CA HIS B 266 -23.26 -42.61 0.99
C HIS B 266 -21.91 -42.62 1.67
N VAL B 267 -20.99 -41.80 1.14
CA VAL B 267 -19.60 -41.81 1.56
C VAL B 267 -19.20 -40.58 2.36
N LEU B 268 -18.32 -40.78 3.33
CA LEU B 268 -17.65 -39.66 3.97
C LEU B 268 -16.19 -39.69 3.58
N LEU B 269 -15.76 -38.73 2.75
CA LEU B 269 -14.39 -38.67 2.30
C LEU B 269 -13.60 -37.66 3.12
N ILE B 270 -12.64 -38.15 3.90
CA ILE B 270 -11.76 -37.29 4.67
C ILE B 270 -10.39 -37.17 4.02
N MET B 271 -10.13 -36.01 3.41
CA MET B 271 -8.87 -35.78 2.72
C MET B 271 -7.95 -35.00 3.62
N ASP B 272 -6.88 -35.65 4.06
CA ASP B 272 -5.88 -34.99 4.89
C ASP B 272 -4.49 -35.22 4.29
N SER B 273 -3.90 -34.14 3.78
CA SER B 273 -4.53 -32.83 3.72
C SER B 273 -4.31 -32.14 2.38
N LEU B 274 -5.18 -31.19 2.04
CA LEU B 274 -5.00 -30.39 0.85
C LEU B 274 -3.63 -29.72 0.86
N THR B 275 -3.23 -29.24 2.03
CA THR B 275 -1.90 -28.66 2.19
C THR B 275 -0.79 -29.60 1.71
N ARG B 276 -0.85 -30.87 2.11
CA ARG B 276 0.20 -31.80 1.74
C ARG B 276 0.13 -32.18 0.26
N TYR B 277 -1.08 -32.20 -0.27
CA TYR B 277 -1.28 -32.40 -1.69
C TYR B 277 -0.57 -31.29 -2.42
N ALA B 278 -0.93 -30.06 -2.06
CA ALA B 278 -0.36 -28.87 -2.67
C ALA B 278 1.15 -28.83 -2.56
N MET B 279 1.69 -29.30 -1.44
CA MET B 279 3.13 -29.32 -1.27
C MET B 279 3.78 -30.32 -2.22
N ALA B 280 3.17 -31.50 -2.38
CA ALA B 280 3.66 -32.49 -3.34
C ALA B 280 3.84 -31.88 -4.72
N GLN B 281 2.75 -31.40 -5.30
CA GLN B 281 2.80 -30.69 -6.59
C GLN B 281 3.85 -29.58 -6.59
N ARG B 282 3.91 -28.77 -5.53
CA ARG B 282 4.94 -27.74 -5.44
C ARG B 282 6.32 -28.35 -5.57
N GLU B 283 6.51 -29.46 -4.88
CA GLU B 283 7.80 -30.14 -4.81
C GLU B 283 8.29 -30.51 -6.22
N ILE B 284 7.42 -31.11 -7.01
CA ILE B 284 7.75 -31.49 -8.38
C ILE B 284 7.87 -30.26 -9.28
N ALA B 285 6.95 -29.32 -9.11
CA ALA B 285 6.94 -28.12 -9.93
C ALA B 285 8.29 -27.39 -9.89
N LEU B 286 8.78 -27.11 -8.69
CA LEU B 286 10.07 -26.47 -8.54
C LEU B 286 11.16 -27.21 -9.32
N ALA B 287 11.21 -28.53 -9.16
CA ALA B 287 12.26 -29.34 -9.78
C ALA B 287 12.34 -29.16 -11.30
N ILE B 288 11.20 -29.01 -11.95
CA ILE B 288 11.19 -28.79 -13.39
C ILE B 288 11.13 -27.32 -13.79
N GLY B 289 11.26 -26.42 -12.82
CA GLY B 289 11.59 -25.05 -13.13
C GLY B 289 10.44 -24.07 -13.14
N GLU B 290 9.32 -24.49 -12.58
CA GLU B 290 8.20 -23.57 -12.43
C GLU B 290 8.36 -22.79 -11.12
N PRO B 291 8.41 -21.47 -11.22
CA PRO B 291 8.57 -20.59 -10.05
C PRO B 291 7.30 -20.49 -9.20
N PRO B 292 7.46 -20.39 -7.87
CA PRO B 292 6.34 -20.30 -6.93
C PRO B 292 5.72 -18.92 -7.01
N ALA B 293 5.35 -18.53 -8.23
CA ALA B 293 4.90 -17.17 -8.49
C ALA B 293 3.76 -16.74 -7.54
N THR B 294 2.72 -17.56 -7.43
CA THR B 294 1.54 -17.09 -6.71
C THR B 294 1.83 -16.70 -5.25
N LYS B 295 1.78 -17.68 -4.35
CA LYS B 295 2.07 -17.48 -2.93
C LYS B 295 3.31 -18.13 -2.30
N GLY B 296 4.18 -18.72 -3.13
CA GLY B 296 5.20 -19.63 -2.64
C GLY B 296 4.87 -21.03 -3.08
N TYR B 297 3.77 -21.10 -3.83
CA TYR B 297 3.38 -22.29 -4.56
C TYR B 297 3.24 -21.88 -6.03
N PRO B 298 3.67 -22.76 -6.95
CA PRO B 298 3.54 -22.46 -8.37
C PRO B 298 2.10 -22.61 -8.83
N PRO B 299 1.73 -21.92 -9.91
CA PRO B 299 0.35 -21.87 -10.40
C PRO B 299 -0.25 -23.25 -10.62
N SER B 300 0.58 -24.25 -10.97
CA SER B 300 0.10 -25.61 -11.16
C SER B 300 -0.78 -26.03 -10.01
N VAL B 301 -0.28 -25.80 -8.80
CA VAL B 301 -0.93 -26.24 -7.58
C VAL B 301 -2.37 -25.78 -7.50
N PHE B 302 -2.63 -24.58 -8.01
CA PHE B 302 -3.94 -23.99 -7.88
C PHE B 302 -4.91 -24.44 -8.97
N ALA B 303 -4.35 -24.99 -10.05
CA ALA B 303 -5.16 -25.66 -11.07
C ALA B 303 -5.40 -27.11 -10.67
N LYS B 304 -4.55 -27.63 -9.78
CA LYS B 304 -4.65 -28.99 -9.28
C LYS B 304 -5.76 -29.13 -8.23
N LEU B 305 -5.84 -28.16 -7.33
CA LEU B 305 -6.77 -28.24 -6.21
C LEU B 305 -8.23 -28.38 -6.66
N PRO B 306 -8.73 -27.43 -7.45
CA PRO B 306 -10.12 -27.54 -7.93
C PRO B 306 -10.39 -28.91 -8.55
N ALA B 307 -9.49 -29.36 -9.40
CA ALA B 307 -9.67 -30.63 -10.10
C ALA B 307 -9.90 -31.77 -9.12
N LEU B 308 -9.17 -31.75 -8.01
CA LEU B 308 -9.28 -32.78 -6.96
C LEU B 308 -10.57 -32.65 -6.16
N VAL B 309 -10.85 -31.43 -5.74
CA VAL B 309 -11.98 -31.17 -4.85
C VAL B 309 -13.31 -31.35 -5.57
N GLU B 310 -13.34 -30.98 -6.85
CA GLU B 310 -14.59 -30.96 -7.58
C GLU B 310 -15.19 -32.35 -7.79
N ARG B 311 -14.43 -33.39 -7.49
CA ARG B 311 -14.85 -34.75 -7.78
C ARG B 311 -15.88 -35.30 -6.78
N ALA B 312 -15.85 -34.77 -5.56
CA ALA B 312 -16.79 -35.18 -4.51
C ALA B 312 -18.10 -34.43 -4.64
N GLY B 313 -19.20 -35.10 -4.28
CA GLY B 313 -20.52 -34.48 -4.27
C GLY B 313 -21.63 -35.48 -4.51
N ASN B 314 -22.85 -35.00 -4.56
CA ASN B 314 -24.01 -35.86 -4.79
C ASN B 314 -24.03 -36.47 -6.18
N GLY B 315 -24.65 -37.64 -6.28
CA GLY B 315 -24.83 -38.35 -7.55
C GLY B 315 -26.23 -38.17 -8.11
N ILE B 316 -26.75 -39.20 -8.77
CA ILE B 316 -28.06 -39.12 -9.42
C ILE B 316 -29.14 -39.03 -8.35
N HIS B 317 -30.40 -38.88 -8.75
CA HIS B 317 -31.45 -38.57 -7.78
C HIS B 317 -31.48 -39.61 -6.67
N GLY B 318 -31.99 -40.79 -6.95
CA GLY B 318 -31.76 -41.91 -6.07
C GLY B 318 -30.32 -42.26 -6.33
N GLY B 319 -29.49 -42.30 -5.29
CA GLY B 319 -28.10 -42.63 -5.49
C GLY B 319 -27.17 -42.28 -4.36
N GLY B 320 -25.94 -42.78 -4.46
CA GLY B 320 -24.92 -42.53 -3.46
C GLY B 320 -24.47 -41.10 -3.42
N SER B 321 -23.59 -40.79 -2.48
CA SER B 321 -23.09 -39.43 -2.31
C SER B 321 -21.71 -39.45 -1.70
N ILE B 322 -20.95 -38.40 -1.95
CA ILE B 322 -19.64 -38.22 -1.35
C ILE B 322 -19.65 -36.89 -0.59
N THR B 323 -19.54 -36.95 0.72
CA THR B 323 -19.45 -35.74 1.53
C THR B 323 -18.02 -35.65 2.04
N ALA B 324 -17.34 -34.57 1.71
CA ALA B 324 -15.90 -34.50 1.99
C ALA B 324 -15.52 -33.40 2.98
N PHE B 325 -14.56 -33.71 3.84
CA PHE B 325 -13.87 -32.70 4.62
C PHE B 325 -12.42 -32.65 4.15
N TYR B 326 -12.06 -31.57 3.48
CA TYR B 326 -10.69 -31.40 3.02
C TYR B 326 -9.93 -30.55 4.05
N THR B 327 -8.89 -31.13 4.66
CA THR B 327 -8.15 -30.41 5.69
C THR B 327 -7.03 -29.55 5.13
N VAL B 328 -7.09 -28.27 5.47
CA VAL B 328 -6.02 -27.33 5.18
C VAL B 328 -5.31 -27.07 6.50
N LEU B 329 -4.00 -27.19 6.51
CA LEU B 329 -3.26 -26.83 7.71
C LEU B 329 -2.96 -25.36 7.56
N THR B 330 -3.63 -24.54 8.36
CA THR B 330 -3.47 -23.10 8.22
C THR B 330 -2.24 -22.68 8.96
N GLU B 331 -1.38 -21.93 8.28
CA GLU B 331 -0.27 -21.31 8.95
C GLU B 331 -0.98 -20.54 10.04
N GLY B 332 -0.65 -20.84 11.30
CA GLY B 332 -1.40 -20.30 12.41
C GLY B 332 -1.29 -18.79 12.47
N ASP B 333 -0.13 -18.29 12.05
CA ASP B 333 0.12 -16.86 11.98
C ASP B 333 -0.76 -16.19 10.93
N ASP B 334 -0.76 -16.74 9.72
CA ASP B 334 -1.33 -16.05 8.56
C ASP B 334 -2.75 -16.43 8.13
N GLN B 335 -3.54 -15.38 7.92
CA GLN B 335 -4.88 -15.48 7.34
C GLN B 335 -4.72 -15.44 5.81
N GLN B 336 -3.48 -15.34 5.36
CA GLN B 336 -3.16 -15.19 3.94
C GLN B 336 -2.82 -16.51 3.24
N ASP B 337 -2.87 -17.62 3.97
CA ASP B 337 -2.50 -18.91 3.42
C ASP B 337 -3.22 -19.22 2.12
N PRO B 338 -2.46 -19.50 1.05
CA PRO B 338 -2.86 -19.77 -0.34
C PRO B 338 -3.81 -20.96 -0.47
N ILE B 339 -3.56 -22.00 0.32
CA ILE B 339 -4.38 -23.21 0.28
C ILE B 339 -5.74 -23.00 0.93
N ALA B 340 -5.79 -22.18 1.98
CA ALA B 340 -7.04 -21.81 2.62
C ALA B 340 -7.84 -20.84 1.74
N ASP B 341 -7.14 -19.93 1.08
CA ASP B 341 -7.78 -18.94 0.22
C ASP B 341 -8.39 -19.58 -1.02
N SER B 342 -7.77 -20.65 -1.49
CA SER B 342 -8.34 -21.40 -2.59
C SER B 342 -9.53 -22.21 -2.07
N ALA B 343 -9.36 -22.83 -0.91
CA ALA B 343 -10.38 -23.71 -0.36
C ALA B 343 -11.69 -22.97 -0.10
N ARG B 344 -11.63 -21.88 0.64
CA ARG B 344 -12.82 -21.07 0.86
C ARG B 344 -13.49 -20.81 -0.48
N ALA B 345 -12.70 -20.54 -1.50
CA ALA B 345 -13.25 -20.21 -2.81
C ALA B 345 -13.99 -21.38 -3.46
N ILE B 346 -13.40 -22.57 -3.39
CA ILE B 346 -13.94 -23.73 -4.08
C ILE B 346 -14.86 -24.62 -3.25
N LEU B 347 -14.90 -24.41 -1.94
CA LEU B 347 -15.64 -25.33 -1.08
C LEU B 347 -17.02 -24.84 -0.66
N ASP B 348 -17.72 -25.71 0.05
CA ASP B 348 -19.06 -25.44 0.55
C ASP B 348 -19.10 -24.98 2.00
N GLY B 349 -17.92 -24.73 2.56
CA GLY B 349 -17.80 -24.15 3.88
C GLY B 349 -16.54 -24.66 4.54
N HIS B 350 -16.34 -24.28 5.79
CA HIS B 350 -15.16 -24.74 6.50
C HIS B 350 -15.38 -24.78 8.00
N ILE B 351 -14.72 -25.72 8.66
CA ILE B 351 -14.69 -25.74 10.12
C ILE B 351 -13.33 -25.26 10.59
N VAL B 352 -13.32 -24.27 11.47
CA VAL B 352 -12.07 -23.69 11.94
C VAL B 352 -11.80 -24.03 13.39
N LEU B 353 -10.61 -24.58 13.65
CA LEU B 353 -10.20 -24.91 15.01
C LEU B 353 -9.32 -23.80 15.56
N SER B 354 -9.78 -23.15 16.64
CA SER B 354 -9.03 -22.07 17.26
C SER B 354 -7.97 -22.60 18.22
N ARG B 355 -6.76 -22.06 18.12
CA ARG B 355 -5.71 -22.41 19.07
C ARG B 355 -6.09 -21.86 20.45
N ARG B 356 -6.72 -20.69 20.46
CA ARG B 356 -7.20 -20.12 21.70
C ARG B 356 -8.08 -21.13 22.43
N LEU B 357 -9.10 -21.61 21.75
CA LEU B 357 -10.04 -22.57 22.33
C LEU B 357 -9.36 -23.84 22.82
N ALA B 358 -8.36 -24.30 22.09
CA ALA B 358 -7.69 -25.55 22.43
C ALA B 358 -6.92 -25.42 23.73
N GLU B 359 -6.41 -24.22 24.00
CA GLU B 359 -5.70 -23.94 25.23
C GLU B 359 -6.66 -23.95 26.43
N ALA B 360 -7.85 -23.40 26.22
CA ALA B 360 -8.87 -23.35 27.27
C ALA B 360 -9.40 -24.74 27.62
N GLY B 361 -8.93 -25.75 26.91
CA GLY B 361 -9.41 -27.09 27.11
C GLY B 361 -10.78 -27.23 26.48
N HIS B 362 -11.06 -26.36 25.52
CA HIS B 362 -12.35 -26.36 24.85
C HIS B 362 -12.23 -27.28 23.65
N TYR B 363 -12.90 -28.43 23.72
CA TYR B 363 -12.79 -29.44 22.67
C TYR B 363 -14.14 -30.12 22.36
N PRO B 364 -14.44 -30.35 21.08
CA PRO B 364 -13.63 -29.91 19.94
C PRO B 364 -13.46 -28.40 19.90
N ALA B 365 -12.41 -27.95 19.23
CA ALA B 365 -11.95 -26.57 19.30
C ALA B 365 -12.66 -25.67 18.31
N ILE B 366 -13.72 -26.18 17.70
CA ILE B 366 -14.43 -25.49 16.64
C ILE B 366 -14.73 -24.04 17.01
N ASP B 367 -14.40 -23.13 16.11
CA ASP B 367 -14.68 -21.71 16.27
C ASP B 367 -15.91 -21.38 15.45
N ILE B 368 -17.03 -21.11 16.13
CA ILE B 368 -18.30 -20.88 15.46
C ILE B 368 -18.34 -19.55 14.73
N GLU B 369 -17.60 -18.58 15.22
CA GLU B 369 -17.62 -17.25 14.63
C GLU B 369 -16.90 -17.28 13.29
N ALA B 370 -15.88 -18.13 13.22
CA ALA B 370 -15.06 -18.25 12.03
C ALA B 370 -15.44 -19.43 11.14
N SER B 371 -16.42 -20.22 11.56
CA SER B 371 -16.82 -21.40 10.80
C SER B 371 -18.15 -21.21 10.10
N ILE B 372 -18.30 -21.83 8.94
CA ILE B 372 -19.53 -21.68 8.18
C ILE B 372 -19.90 -22.91 7.35
N SER B 373 -21.19 -23.15 7.21
CA SER B 373 -21.69 -24.10 6.22
C SER B 373 -22.56 -23.34 5.24
N ARG B 374 -22.22 -23.41 3.96
CA ARG B 374 -22.90 -22.63 2.94
C ARG B 374 -24.18 -23.34 2.48
N ALA B 375 -24.35 -24.58 2.90
CA ALA B 375 -25.58 -25.33 2.65
C ALA B 375 -26.55 -25.40 3.84
N MET B 376 -26.17 -24.83 4.98
CA MET B 376 -26.96 -25.03 6.19
C MET B 376 -28.42 -24.65 6.04
N THR B 377 -28.67 -23.36 5.82
CA THR B 377 -30.03 -22.83 5.81
C THR B 377 -30.95 -23.70 4.98
N ALA B 378 -30.40 -24.31 3.94
CA ALA B 378 -31.16 -25.22 3.09
C ALA B 378 -31.56 -26.51 3.81
N LEU B 379 -30.75 -26.91 4.78
CA LEU B 379 -30.92 -28.18 5.47
C LEU B 379 -31.95 -28.20 6.62
N ILE B 380 -32.10 -27.07 7.30
CA ILE B 380 -32.83 -27.02 8.57
C ILE B 380 -34.06 -26.13 8.53
N THR B 381 -34.96 -26.31 9.50
CA THR B 381 -36.21 -25.57 9.57
C THR B 381 -36.04 -24.13 10.04
N GLU B 382 -37.01 -23.29 9.70
CA GLU B 382 -36.98 -21.87 10.05
C GLU B 382 -36.79 -21.61 11.55
N GLN B 383 -37.53 -22.35 12.37
CA GLN B 383 -37.43 -22.21 13.82
C GLN B 383 -36.12 -22.77 14.35
N HIS B 384 -35.69 -23.91 13.81
CA HIS B 384 -34.39 -24.49 14.15
C HIS B 384 -33.29 -23.47 13.87
N TYR B 385 -33.30 -22.92 12.66
CA TYR B 385 -32.33 -21.92 12.25
C TYR B 385 -32.23 -20.76 13.23
N ALA B 386 -33.38 -20.20 13.59
CA ALA B 386 -33.42 -19.07 14.51
C ALA B 386 -32.64 -19.38 15.80
N ARG B 387 -32.71 -20.63 16.24
CA ARG B 387 -32.02 -21.05 17.45
C ARG B 387 -30.52 -21.07 17.24
N VAL B 388 -30.10 -21.47 16.05
CA VAL B 388 -28.70 -21.37 15.68
C VAL B 388 -28.28 -19.91 15.71
N ARG B 389 -28.98 -19.10 14.92
CA ARG B 389 -28.67 -17.68 14.79
C ARG B 389 -28.64 -16.98 16.15
N LEU B 390 -29.57 -17.33 17.03
CA LEU B 390 -29.61 -16.77 18.37
C LEU B 390 -28.47 -17.31 19.23
N PHE B 391 -28.11 -18.57 19.00
CA PHE B 391 -26.97 -19.15 19.68
C PHE B 391 -25.73 -18.33 19.33
N LYS B 392 -25.63 -17.95 18.07
CA LYS B 392 -24.48 -17.19 17.60
C LYS B 392 -24.37 -15.84 18.31
N GLN B 393 -25.45 -15.08 18.29
CA GLN B 393 -25.46 -13.74 18.90
C GLN B 393 -24.89 -13.77 20.32
N LEU B 394 -25.30 -14.77 21.10
CA LEU B 394 -24.84 -14.89 22.48
C LEU B 394 -23.36 -15.28 22.54
N LEU B 395 -22.96 -16.17 21.65
CA LEU B 395 -21.55 -16.50 21.51
C LEU B 395 -20.80 -15.24 21.11
N SER B 396 -21.23 -14.62 20.02
CA SER B 396 -20.59 -13.40 19.52
C SER B 396 -20.49 -12.37 20.64
N SER B 397 -21.63 -12.08 21.26
CA SER B 397 -21.69 -11.09 22.32
C SER B 397 -20.76 -11.39 23.49
N PHE B 398 -20.92 -12.56 24.09
CA PHE B 398 -20.10 -12.96 25.24
C PHE B 398 -18.63 -13.09 24.86
N GLN B 399 -18.33 -13.97 23.91
CA GLN B 399 -16.96 -14.29 23.54
C GLN B 399 -16.16 -13.03 23.22
N ARG B 400 -16.85 -12.04 22.64
CA ARG B 400 -16.22 -10.79 22.25
C ARG B 400 -15.70 -10.04 23.46
N ASN B 401 -16.56 -9.84 24.45
CA ASN B 401 -16.15 -9.18 25.69
C ASN B 401 -16.02 -10.20 26.81
N ARG B 402 -14.79 -10.49 27.19
CA ARG B 402 -14.50 -11.48 28.21
C ARG B 402 -13.91 -10.79 29.42
N ASP B 403 -12.75 -10.17 29.23
CA ASP B 403 -12.09 -9.40 30.26
C ASP B 403 -13.04 -8.34 30.85
N LEU B 404 -14.09 -8.02 30.12
CA LEU B 404 -15.05 -7.01 30.57
C LEU B 404 -15.94 -7.53 31.70
N VAL B 405 -16.30 -8.80 31.63
CA VAL B 405 -16.95 -9.47 32.75
C VAL B 405 -15.87 -9.73 33.81
N SER B 406 -14.63 -9.81 33.35
CA SER B 406 -13.48 -10.11 34.21
C SER B 406 -13.14 -8.96 35.18
N VAL B 407 -13.06 -7.74 34.65
CA VAL B 407 -12.85 -6.55 35.48
C VAL B 407 -13.86 -6.60 36.61
N GLY B 408 -15.00 -7.20 36.33
CA GLY B 408 -16.07 -7.29 37.30
C GLY B 408 -17.02 -6.12 37.13
N ALA B 409 -16.65 -5.18 36.27
CA ALA B 409 -17.58 -4.12 35.93
C ALA B 409 -18.32 -4.66 34.71
N TYR B 410 -19.54 -5.08 35.00
CA TYR B 410 -20.49 -5.50 33.99
C TYR B 410 -21.74 -4.77 34.39
N ALA B 411 -22.16 -3.79 33.59
CA ALA B 411 -23.34 -3.07 34.00
C ALA B 411 -24.37 -4.17 33.98
N LYS B 412 -24.96 -4.43 35.13
CA LYS B 412 -25.80 -5.61 35.28
C LYS B 412 -27.23 -5.23 34.93
N GLY B 413 -27.86 -6.03 34.08
CA GLY B 413 -29.15 -5.67 33.53
C GLY B 413 -28.99 -4.71 32.37
N SER B 414 -27.80 -4.70 31.78
CA SER B 414 -27.52 -3.89 30.61
C SER B 414 -27.14 -4.77 29.43
N ASP B 415 -27.66 -4.46 28.24
CA ASP B 415 -27.38 -5.25 27.06
C ASP B 415 -27.79 -6.71 27.25
N PRO B 416 -29.10 -7.00 27.29
CA PRO B 416 -29.62 -8.34 27.55
C PRO B 416 -28.93 -9.40 26.70
N MET B 417 -28.44 -8.98 25.53
CA MET B 417 -27.60 -9.82 24.70
C MET B 417 -26.56 -10.42 25.62
N LEU B 418 -25.75 -9.54 26.21
CA LEU B 418 -24.74 -9.97 27.18
C LEU B 418 -25.38 -10.65 28.39
N ASP B 419 -26.57 -10.18 28.79
CA ASP B 419 -27.26 -10.74 29.95
C ASP B 419 -27.54 -12.23 29.77
N LYS B 420 -28.27 -12.58 28.72
CA LYS B 420 -28.58 -13.99 28.46
C LYS B 420 -27.30 -14.78 28.31
N ALA B 421 -26.36 -14.24 27.55
CA ALA B 421 -25.08 -14.90 27.31
C ALA B 421 -24.42 -15.26 28.63
N ILE B 422 -24.18 -14.25 29.46
CA ILE B 422 -23.46 -14.47 30.71
C ILE B 422 -24.14 -15.51 31.60
N THR B 423 -25.46 -15.52 31.59
CA THR B 423 -26.25 -16.47 32.38
C THR B 423 -26.29 -17.85 31.74
N LEU B 424 -26.58 -17.88 30.45
CA LEU B 424 -26.76 -19.14 29.73
C LEU B 424 -25.44 -19.78 29.31
N TRP B 425 -24.42 -18.97 29.08
CA TRP B 425 -23.13 -19.44 28.57
C TRP B 425 -22.64 -20.74 29.20
N PRO B 426 -22.58 -20.79 30.54
CA PRO B 426 -22.03 -21.98 31.19
C PRO B 426 -22.68 -23.26 30.71
N GLN B 427 -23.96 -23.20 30.36
CA GLN B 427 -24.69 -24.38 29.94
C GLN B 427 -24.39 -24.75 28.50
N LEU B 428 -24.21 -23.74 27.66
CA LEU B 428 -23.91 -23.97 26.25
C LEU B 428 -22.44 -24.32 26.03
N GLU B 429 -21.58 -23.85 26.91
CA GLU B 429 -20.18 -24.26 26.89
C GLU B 429 -20.18 -25.78 26.83
N ALA B 430 -21.12 -26.38 27.56
CA ALA B 430 -21.26 -27.83 27.62
C ALA B 430 -21.83 -28.41 26.33
N PHE B 431 -22.58 -27.59 25.60
CA PHE B 431 -23.17 -28.00 24.33
C PHE B 431 -22.11 -28.20 23.27
N LEU B 432 -21.22 -27.22 23.15
CA LEU B 432 -20.14 -27.27 22.17
C LEU B 432 -19.15 -28.38 22.49
N GLN B 433 -18.60 -28.35 23.71
CA GLN B 433 -17.58 -29.33 24.12
C GLN B 433 -18.13 -30.75 24.08
N GLN B 434 -17.32 -31.68 23.60
CA GLN B 434 -17.78 -33.05 23.40
C GLN B 434 -16.70 -34.06 23.73
N GLY B 435 -17.07 -35.12 24.44
CA GLY B 435 -16.15 -36.20 24.72
C GLY B 435 -15.73 -36.93 23.46
N ILE B 436 -14.46 -37.31 23.40
CA ILE B 436 -13.94 -38.08 22.30
C ILE B 436 -14.81 -39.31 21.99
N PHE B 437 -15.27 -39.98 23.03
CA PHE B 437 -16.14 -41.15 22.86
C PHE B 437 -17.62 -40.82 23.01
N GLU B 438 -17.93 -39.55 23.23
CA GLU B 438 -19.32 -39.10 23.30
C GLU B 438 -19.87 -38.87 21.89
N ARG B 439 -20.94 -39.58 21.56
CA ARG B 439 -21.54 -39.49 20.23
C ARG B 439 -22.85 -38.72 20.25
N ALA B 440 -22.91 -37.63 19.50
CA ALA B 440 -24.16 -36.88 19.40
C ALA B 440 -24.79 -37.07 18.04
N ASP B 441 -25.87 -37.85 17.98
CA ASP B 441 -26.56 -38.06 16.72
C ASP B 441 -27.35 -36.80 16.41
N TRP B 442 -28.02 -36.79 15.27
CA TRP B 442 -28.75 -35.61 14.85
C TRP B 442 -29.75 -35.20 15.91
N GLU B 443 -30.61 -36.13 16.31
CA GLU B 443 -31.70 -35.83 17.23
C GLU B 443 -31.20 -35.36 18.59
N ASP B 444 -30.28 -36.12 19.18
CA ASP B 444 -29.64 -35.72 20.43
C ASP B 444 -29.14 -34.28 20.35
N SER B 445 -28.40 -33.97 19.29
CA SER B 445 -27.81 -32.65 19.13
C SER B 445 -28.85 -31.55 19.26
N LEU B 446 -29.98 -31.74 18.59
CA LEU B 446 -31.05 -30.74 18.56
C LEU B 446 -31.82 -30.66 19.87
N GLN B 447 -32.20 -31.82 20.41
CA GLN B 447 -32.96 -31.88 21.65
C GLN B 447 -32.19 -31.18 22.74
N ALA B 448 -30.87 -31.34 22.73
CA ALA B 448 -30.01 -30.68 23.72
C ALA B 448 -29.96 -29.18 23.47
N LEU B 449 -30.19 -28.77 22.22
CA LEU B 449 -30.32 -27.36 21.88
C LEU B 449 -31.72 -26.84 22.19
N ASP B 450 -32.74 -27.66 21.94
CA ASP B 450 -34.12 -27.28 22.21
C ASP B 450 -34.40 -27.23 23.70
N LEU B 451 -33.55 -27.88 24.49
CA LEU B 451 -33.67 -27.85 25.95
C LEU B 451 -33.05 -26.58 26.50
N ILE B 452 -32.35 -25.84 25.65
CA ILE B 452 -31.64 -24.66 26.12
C ILE B 452 -32.49 -23.40 25.98
N PHE B 453 -32.57 -22.89 24.75
CA PHE B 453 -33.43 -21.75 24.44
C PHE B 453 -34.93 -22.05 24.31
N PRO B 454 -35.26 -22.99 23.43
CA PRO B 454 -36.58 -23.14 22.80
C PRO B 454 -37.72 -23.54 23.71
N THR B 455 -38.93 -23.38 23.17
CA THR B 455 -40.11 -24.04 23.69
C THR B 455 -40.13 -25.37 22.95
N VAL B 456 -39.90 -26.44 23.68
CA VAL B 456 -39.55 -27.73 23.09
C VAL B 456 -40.53 -28.20 22.01
N THR C 2 37.95 16.45 51.30
CA THR C 2 36.51 16.52 51.49
C THR C 2 35.78 15.98 50.26
N THR C 3 34.49 15.67 50.42
CA THR C 3 33.69 15.31 49.26
C THR C 3 33.81 16.48 48.29
N ARG C 4 33.45 17.67 48.75
CA ARG C 4 33.49 18.87 47.91
C ARG C 4 34.83 19.03 47.17
N LEU C 5 35.92 19.23 47.91
CA LEU C 5 37.24 19.38 47.28
C LEU C 5 37.59 18.19 46.38
N THR C 6 37.29 16.98 46.84
CA THR C 6 37.59 15.78 46.08
C THR C 6 36.63 15.61 44.90
N ARG C 7 35.38 16.05 45.09
CA ARG C 7 34.40 16.03 44.01
C ARG C 7 34.85 16.94 42.87
N TRP C 8 35.31 18.15 43.21
CA TRP C 8 35.88 19.05 42.21
C TRP C 8 37.12 18.42 41.57
N LEU C 9 38.07 18.03 42.43
CA LEU C 9 39.34 17.49 41.97
C LEU C 9 39.13 16.33 41.01
N THR C 10 38.35 15.34 41.43
CA THR C 10 38.13 14.14 40.62
C THR C 10 37.42 14.50 39.30
N ALA C 11 36.56 15.51 39.36
CA ALA C 11 35.86 15.99 38.18
C ALA C 11 36.85 16.45 37.11
N LEU C 12 37.91 17.13 37.56
CA LEU C 12 38.98 17.57 36.67
C LEU C 12 39.64 16.37 36.01
N ASP C 13 39.87 15.33 36.81
CA ASP C 13 40.53 14.12 36.32
C ASP C 13 39.73 13.43 35.22
N ASN C 14 38.41 13.55 35.28
CA ASN C 14 37.57 12.99 34.22
C ASN C 14 37.84 13.66 32.90
N PHE C 15 38.00 14.97 32.94
CA PHE C 15 38.27 15.75 31.75
C PHE C 15 39.58 15.31 31.11
N GLU C 16 40.66 15.34 31.88
CA GLU C 16 41.98 14.94 31.38
C GLU C 16 41.97 13.46 31.00
N ALA C 17 41.15 12.68 31.71
CA ALA C 17 40.95 11.28 31.39
C ALA C 17 40.50 11.12 29.94
N LYS C 18 39.58 12.00 29.53
CA LYS C 18 39.03 11.94 28.19
C LYS C 18 40.05 12.25 27.10
N MET C 19 40.93 13.20 27.37
CA MET C 19 41.75 13.83 26.33
C MET C 19 42.44 12.85 25.37
N ALA C 20 42.86 11.69 25.86
CA ALA C 20 43.54 10.71 25.00
C ALA C 20 42.59 10.13 23.95
N LEU C 21 41.29 10.27 24.19
CA LEU C 21 40.29 9.70 23.28
C LEU C 21 40.06 10.56 22.03
N LEU C 22 39.99 11.87 22.23
CA LEU C 22 39.59 12.79 21.15
C LEU C 22 40.41 12.61 19.88
N PRO C 23 39.75 12.73 18.72
CA PRO C 23 40.30 12.38 17.41
C PRO C 23 41.37 13.37 16.94
N ALA C 24 42.38 12.88 16.24
CA ALA C 24 43.38 13.76 15.63
C ALA C 24 43.06 14.02 14.16
N VAL C 25 42.01 13.37 13.67
CA VAL C 25 41.64 13.49 12.27
C VAL C 25 40.12 13.50 12.06
N ARG C 26 39.65 14.37 11.17
CA ARG C 26 38.24 14.45 10.85
C ARG C 26 38.02 14.19 9.37
N ARG C 27 37.04 13.38 9.04
CA ARG C 27 36.71 13.16 7.64
C ARG C 27 35.48 13.98 7.26
N TYR C 28 35.64 14.83 6.26
CA TYR C 28 34.54 15.62 5.74
C TYR C 28 33.96 14.97 4.51
N GLY C 29 32.63 14.97 4.44
CA GLY C 29 31.96 14.69 3.19
C GLY C 29 31.85 16.00 2.44
N ARG C 30 30.97 16.06 1.46
CA ARG C 30 30.66 17.30 0.76
C ARG C 30 29.19 17.32 0.39
N LEU C 31 28.59 18.51 0.46
CA LEU C 31 27.18 18.63 0.16
C LEU C 31 27.12 18.84 -1.34
N THR C 32 26.61 17.83 -2.03
CA THR C 32 26.55 17.84 -3.48
C THR C 32 25.32 18.54 -4.08
N ARG C 33 24.16 18.40 -3.44
CA ARG C 33 22.96 19.04 -3.96
C ARG C 33 22.01 19.58 -2.88
N ALA C 34 21.68 20.86 -2.96
CA ALA C 34 20.44 21.31 -2.35
C ALA C 34 19.54 21.89 -3.43
N THR C 35 18.60 21.07 -3.90
CA THR C 35 17.50 21.55 -4.72
C THR C 35 16.17 21.54 -3.99
N GLY C 36 16.15 21.03 -2.77
CA GLY C 36 14.92 20.86 -2.02
C GLY C 36 15.15 20.74 -0.52
N LEU C 37 14.09 20.43 0.21
CA LEU C 37 14.19 20.31 1.66
C LEU C 37 15.26 19.31 2.04
N VAL C 38 15.21 18.13 1.42
CA VAL C 38 16.24 17.14 1.65
C VAL C 38 17.47 17.49 0.81
N LEU C 39 18.65 17.17 1.33
CA LEU C 39 19.91 17.52 0.67
C LEU C 39 20.67 16.24 0.37
N GLU C 40 21.64 16.33 -0.53
CA GLU C 40 22.47 15.16 -0.87
C GLU C 40 23.95 15.43 -0.60
N ALA C 41 24.57 14.55 0.18
CA ALA C 41 25.98 14.67 0.54
C ALA C 41 26.79 13.42 0.18
N THR C 42 28.06 13.62 -0.15
CA THR C 42 28.93 12.56 -0.65
C THR C 42 30.22 12.51 0.15
N GLY C 43 30.98 11.42 -0.03
CA GLY C 43 32.32 11.36 0.53
C GLY C 43 32.38 10.89 1.97
N LEU C 44 31.23 10.56 2.54
CA LEU C 44 31.17 10.01 3.88
C LEU C 44 29.96 9.10 4.00
N GLN C 45 30.05 8.08 4.83
CA GLN C 45 28.97 7.10 4.96
C GLN C 45 28.54 6.90 6.41
N LEU C 46 27.25 6.99 6.65
CA LEU C 46 26.70 6.95 8.00
C LEU C 46 25.38 6.23 8.06
N PRO C 47 24.99 5.76 9.25
CA PRO C 47 23.71 5.06 9.44
C PRO C 47 22.54 6.04 9.31
N LEU C 48 21.37 5.54 8.90
CA LEU C 48 20.18 6.39 8.85
C LEU C 48 19.87 6.85 10.25
N GLY C 49 19.28 8.04 10.37
CA GLY C 49 19.00 8.62 11.67
C GLY C 49 20.23 9.20 12.34
N ALA C 50 21.39 9.08 11.71
CA ALA C 50 22.62 9.65 12.24
C ALA C 50 22.66 11.17 12.06
N THR C 51 23.50 11.83 12.86
CA THR C 51 23.62 13.29 12.82
C THR C 51 24.70 13.77 11.85
N CYS C 52 24.32 14.62 10.90
CA CYS C 52 25.27 15.11 9.90
C CYS C 52 25.37 16.64 9.88
N ILE C 53 26.55 17.16 10.24
CA ILE C 53 26.75 18.60 10.39
C ILE C 53 27.20 19.26 9.10
N ILE C 54 26.53 20.33 8.74
CA ILE C 54 26.83 21.07 7.52
C ILE C 54 27.50 22.39 7.86
N GLU C 55 28.79 22.51 7.55
CA GLU C 55 29.54 23.73 7.86
C GLU C 55 29.06 24.91 7.03
N ARG C 56 28.73 25.99 7.70
CA ARG C 56 28.25 27.22 7.06
C ARG C 56 29.04 28.42 7.56
N GLN C 57 29.29 29.38 6.67
CA GLN C 57 29.99 30.62 7.04
C GLN C 57 29.03 31.80 7.23
N ASP C 58 28.90 32.26 8.48
CA ASP C 58 28.05 33.41 8.83
C ASP C 58 28.84 34.71 8.78
N GLY C 59 30.10 34.61 8.36
CA GLY C 59 31.03 35.71 8.42
C GLY C 59 32.41 35.09 8.37
N PRO C 60 33.43 35.76 8.93
CA PRO C 60 34.72 35.08 8.96
C PRO C 60 34.80 34.17 10.19
N GLU C 61 33.74 33.39 10.40
CA GLU C 61 33.72 32.36 11.43
C GLU C 61 32.75 31.26 11.03
N THR C 62 33.07 30.01 11.37
CA THR C 62 32.36 28.85 10.83
C THR C 62 31.15 28.41 11.66
N LYS C 63 30.03 28.18 10.98
CA LYS C 63 28.78 27.84 11.64
C LYS C 63 28.34 26.44 11.27
N GLU C 64 27.46 25.88 12.08
CA GLU C 64 27.04 24.51 11.90
C GLU C 64 25.53 24.36 11.81
N VAL C 65 25.07 23.73 10.74
CA VAL C 65 23.66 23.40 10.61
C VAL C 65 23.50 21.90 10.79
N GLU C 66 22.77 21.51 11.83
CA GLU C 66 22.57 20.09 12.10
C GLU C 66 21.50 19.49 11.19
N SER C 67 21.84 18.38 10.56
CA SER C 67 20.91 17.64 9.72
C SER C 67 20.97 16.17 10.10
N GLU C 68 20.02 15.39 9.59
CA GLU C 68 19.93 13.98 9.93
C GLU C 68 19.87 13.13 8.68
N VAL C 69 20.37 11.89 8.77
CA VAL C 69 20.48 11.06 7.59
C VAL C 69 19.21 10.24 7.44
N VAL C 70 18.40 10.62 6.46
CA VAL C 70 17.13 9.95 6.24
C VAL C 70 17.16 8.91 5.12
N GLY C 71 18.31 8.76 4.48
CA GLY C 71 18.45 7.79 3.41
C GLY C 71 19.77 7.82 2.68
N PHE C 72 20.04 6.78 1.90
CA PHE C 72 21.27 6.67 1.12
C PHE C 72 21.11 5.72 -0.08
N ASN C 73 21.96 5.89 -1.08
CA ASN C 73 22.12 4.87 -2.13
C ASN C 73 23.28 3.95 -1.79
N GLY C 74 24.04 4.37 -0.78
CA GLY C 74 25.32 3.75 -0.48
C GLY C 74 26.40 4.49 -1.26
N GLN C 75 26.01 5.10 -2.38
CA GLN C 75 26.88 6.03 -3.09
C GLN C 75 26.57 7.50 -2.81
N ARG C 76 25.49 7.75 -2.07
CA ARG C 76 25.12 9.10 -1.70
C ARG C 76 24.29 9.11 -0.43
N LEU C 77 24.28 10.25 0.27
CA LEU C 77 23.55 10.37 1.53
C LEU C 77 22.47 11.44 1.46
N PHE C 78 21.25 11.08 1.87
CA PHE C 78 20.15 12.04 1.86
C PHE C 78 19.98 12.65 3.24
N LEU C 79 19.94 13.98 3.30
CA LEU C 79 20.01 14.71 4.57
C LEU C 79 18.81 15.62 4.84
N MET C 80 18.28 15.56 6.05
CA MET C 80 17.23 16.48 6.48
C MET C 80 17.78 17.41 7.55
N PRO C 81 17.74 18.72 7.29
CA PRO C 81 18.20 19.77 8.20
C PRO C 81 17.23 20.03 9.36
N LEU C 82 17.78 20.40 10.51
CA LEU C 82 16.98 20.85 11.65
C LEU C 82 16.98 22.39 11.70
N GLU C 83 17.60 22.99 10.69
CA GLU C 83 17.78 24.43 10.64
C GLU C 83 17.51 24.94 9.23
N GLU C 84 17.26 26.23 9.11
CA GLU C 84 17.20 26.90 7.82
C GLU C 84 18.62 26.83 7.25
N VAL C 85 18.73 26.41 5.99
CA VAL C 85 20.04 26.14 5.40
C VAL C 85 20.61 27.34 4.64
N GLU C 86 19.92 28.47 4.69
CA GLU C 86 20.38 29.66 4.00
C GLU C 86 21.83 29.98 4.37
N GLY C 87 22.65 30.26 3.36
CA GLY C 87 24.03 30.62 3.57
C GLY C 87 24.98 29.47 3.29
N ILE C 88 24.43 28.30 3.06
CA ILE C 88 25.22 27.10 2.77
C ILE C 88 25.76 27.14 1.34
N LEU C 89 27.08 26.96 1.22
CA LEU C 89 27.77 27.00 -0.06
C LEU C 89 27.66 25.67 -0.79
N PRO C 90 27.76 25.73 -2.13
CA PRO C 90 27.81 24.49 -2.91
C PRO C 90 29.02 23.67 -2.52
N GLY C 91 28.82 22.39 -2.19
CA GLY C 91 29.92 21.55 -1.80
C GLY C 91 30.39 21.92 -0.41
N ALA C 92 29.45 22.43 0.38
CA ALA C 92 29.73 22.73 1.77
C ALA C 92 30.29 21.50 2.44
N ARG C 93 31.32 21.68 3.27
CA ARG C 93 31.93 20.58 3.99
C ARG C 93 30.94 20.01 5.01
N VAL C 94 30.80 18.69 5.03
CA VAL C 94 29.88 18.02 5.95
C VAL C 94 30.58 16.88 6.69
N TYR C 95 30.41 16.83 8.01
CA TYR C 95 31.04 15.79 8.82
C TYR C 95 30.07 15.21 9.84
N ALA C 96 30.53 14.22 10.60
CA ALA C 96 29.71 13.63 11.66
C ALA C 96 30.40 13.74 13.01
N ARG C 97 29.61 13.82 14.07
CA ARG C 97 30.14 13.93 15.43
C ARG C 97 30.73 12.59 15.91
N LYS C 108 23.17 11.62 19.17
CA LYS C 108 24.25 12.57 19.40
C LYS C 108 24.32 12.95 20.88
N GLN C 109 25.51 13.33 21.33
CA GLN C 109 25.72 13.67 22.73
C GLN C 109 24.80 14.81 23.18
N LEU C 110 24.05 14.56 24.24
CA LEU C 110 23.18 15.56 24.85
C LEU C 110 23.36 15.56 26.37
N PRO C 111 23.24 16.73 27.00
CA PRO C 111 23.49 16.84 28.44
C PRO C 111 22.53 15.98 29.25
N LEU C 112 23.09 15.26 30.23
CA LEU C 112 22.28 14.45 31.12
C LEU C 112 22.76 14.64 32.55
N GLY C 113 21.83 14.54 33.49
CA GLY C 113 22.18 14.59 34.89
C GLY C 113 21.08 15.16 35.76
N PRO C 114 21.37 15.29 37.06
CA PRO C 114 20.49 15.89 38.06
C PRO C 114 20.39 17.41 37.89
N ALA C 115 21.35 17.98 37.17
CA ALA C 115 21.41 19.42 36.97
C ALA C 115 20.21 19.95 36.19
N LEU C 116 19.44 19.03 35.61
CA LEU C 116 18.31 19.42 34.75
C LEU C 116 17.08 19.90 35.52
N LEU C 117 16.91 19.47 36.77
CA LEU C 117 15.70 19.81 37.51
C LEU C 117 15.43 21.32 37.57
N GLY C 118 14.17 21.70 37.36
CA GLY C 118 13.77 23.09 37.38
C GLY C 118 14.23 23.85 36.14
N ARG C 119 14.52 23.11 35.07
CA ARG C 119 14.96 23.72 33.83
C ARG C 119 14.02 23.36 32.68
N VAL C 120 13.95 24.24 31.68
CA VAL C 120 13.12 24.03 30.50
C VAL C 120 13.97 24.07 29.24
N LEU C 121 14.09 22.93 28.56
CA LEU C 121 14.99 22.80 27.42
C LEU C 121 14.22 22.36 26.18
N ASP C 122 14.84 22.49 25.01
CA ASP C 122 14.24 21.94 23.79
C ASP C 122 14.78 20.55 23.49
N GLY C 123 14.40 20.00 22.35
CA GLY C 123 14.88 18.69 21.93
C GLY C 123 16.39 18.57 21.89
N GLY C 124 17.08 19.69 21.64
CA GLY C 124 18.53 19.69 21.59
C GLY C 124 19.15 19.89 22.96
N GLY C 125 18.32 20.19 23.95
CA GLY C 125 18.80 20.47 25.28
C GLY C 125 19.23 21.91 25.47
N LYS C 126 18.94 22.76 24.48
CA LYS C 126 19.23 24.19 24.61
C LYS C 126 18.14 24.88 25.44
N PRO C 127 18.56 25.76 26.36
CA PRO C 127 17.72 26.35 27.40
C PRO C 127 16.59 27.24 26.86
N LEU C 128 15.36 26.96 27.27
CA LEU C 128 14.24 27.81 26.90
C LEU C 128 13.84 28.76 28.02
N ASP C 129 14.51 28.63 29.15
CA ASP C 129 14.06 29.29 30.37
C ASP C 129 14.75 30.60 30.70
N GLY C 130 15.70 31.01 29.88
CA GLY C 130 16.44 32.23 30.16
C GLY C 130 17.71 31.98 30.95
N LEU C 131 17.74 30.86 31.67
CA LEU C 131 18.93 30.49 32.44
C LEU C 131 20.01 29.96 31.51
N PRO C 132 21.28 29.98 31.95
CA PRO C 132 22.38 29.55 31.09
C PRO C 132 22.27 28.06 30.74
N ALA C 133 22.85 27.68 29.60
CA ALA C 133 22.79 26.30 29.15
C ALA C 133 23.26 25.39 30.27
N PRO C 134 22.58 24.25 30.46
CA PRO C 134 22.96 23.41 31.60
C PRO C 134 24.40 22.95 31.42
N ASP C 135 25.22 23.14 32.45
CA ASP C 135 26.57 22.60 32.45
C ASP C 135 26.61 21.56 33.57
N THR C 136 26.60 20.30 33.18
CA THR C 136 26.73 19.18 34.11
C THR C 136 27.65 18.19 33.44
N LEU C 137 28.69 17.77 34.15
CA LEU C 137 29.75 17.02 33.53
C LEU C 137 29.24 15.86 32.67
N GLU C 138 28.31 15.09 33.22
CA GLU C 138 27.79 13.91 32.53
C GLU C 138 27.00 14.23 31.26
N THR C 139 27.39 13.59 30.16
CA THR C 139 26.70 13.75 28.89
C THR C 139 26.25 12.37 28.40
N GLY C 140 25.30 12.34 27.46
CA GLY C 140 24.76 11.07 27.00
C GLY C 140 24.17 11.15 25.61
N ALA C 141 23.61 10.03 25.14
CA ALA C 141 23.07 9.98 23.78
C ALA C 141 21.64 9.45 23.71
N LEU C 142 20.87 9.98 22.76
CA LEU C 142 19.46 9.64 22.61
C LEU C 142 19.21 8.19 22.24
N ILE C 143 20.23 7.53 21.69
CA ILE C 143 20.04 6.23 21.05
C ILE C 143 20.07 5.01 21.99
N THR C 144 20.17 5.26 23.30
CA THR C 144 20.40 4.20 24.27
C THR C 144 19.45 3.03 24.05
N PRO C 145 20.02 1.83 23.84
CA PRO C 145 19.32 0.59 23.45
C PRO C 145 18.34 0.10 24.51
N PRO C 146 17.32 -0.66 24.08
CA PRO C 146 16.22 -1.15 24.93
C PRO C 146 16.64 -1.88 26.21
N PHE C 147 15.96 -1.55 27.31
CA PHE C 147 16.18 -2.23 28.58
C PHE C 147 15.48 -3.57 28.55
N ASN C 148 16.16 -4.63 28.98
CA ASN C 148 15.58 -5.98 28.96
C ASN C 148 14.25 -6.05 29.69
N PRO C 149 13.22 -6.55 29.02
CA PRO C 149 11.95 -6.83 29.70
C PRO C 149 12.20 -7.95 30.70
N LEU C 150 13.31 -8.63 30.50
CA LEU C 150 13.74 -9.75 31.34
C LEU C 150 14.38 -9.26 32.63
N GLN C 151 15.27 -8.29 32.51
CA GLN C 151 16.00 -7.78 33.66
C GLN C 151 15.25 -6.62 34.32
N ARG C 152 14.06 -6.32 33.82
CA ARG C 152 13.19 -5.33 34.45
C ARG C 152 12.15 -6.04 35.31
N THR C 153 11.82 -5.44 36.45
CA THR C 153 11.04 -6.11 37.49
C THR C 153 9.52 -6.07 37.25
N PRO C 154 8.78 -6.97 37.93
CA PRO C 154 7.31 -6.97 37.95
C PRO C 154 6.74 -5.79 38.72
N ILE C 155 5.67 -5.19 38.22
CA ILE C 155 5.00 -4.10 38.93
C ILE C 155 4.43 -4.64 40.24
N GLU C 156 4.77 -3.96 41.34
CA GLU C 156 4.27 -4.36 42.65
C GLU C 156 3.65 -3.20 43.42
N HIS C 157 4.47 -2.20 43.73
CA HIS C 157 4.08 -1.12 44.62
C HIS C 157 3.14 -0.10 43.99
N VAL C 158 2.30 0.49 44.83
CA VAL C 158 1.39 1.54 44.40
C VAL C 158 2.16 2.84 44.20
N LEU C 159 1.74 3.64 43.22
CA LEU C 159 2.29 4.96 43.02
C LEU C 159 1.23 6.02 43.32
N ASP C 160 1.51 6.90 44.26
CA ASP C 160 0.53 7.89 44.66
C ASP C 160 0.49 9.02 43.64
N THR C 161 -0.65 9.16 42.97
CA THR C 161 -0.79 10.10 41.86
C THR C 161 -1.12 11.53 42.30
N GLY C 162 -1.65 11.67 43.51
CA GLY C 162 -1.99 12.98 44.02
C GLY C 162 -3.39 13.44 43.63
N VAL C 163 -4.13 12.58 42.95
CA VAL C 163 -5.51 12.88 42.59
C VAL C 163 -6.49 11.83 43.12
N ARG C 164 -7.47 12.26 43.90
CA ARG C 164 -8.34 11.34 44.62
C ARG C 164 -8.86 10.23 43.71
N ALA C 165 -9.41 10.63 42.56
CA ALA C 165 -10.06 9.69 41.66
C ALA C 165 -9.19 8.50 41.30
N ILE C 166 -8.01 8.78 40.76
CA ILE C 166 -7.15 7.76 40.18
C ILE C 166 -6.62 6.73 41.19
N ASN C 167 -5.94 7.20 42.23
CA ASN C 167 -5.33 6.27 43.18
C ASN C 167 -6.36 5.32 43.79
N ALA C 168 -7.49 5.88 44.23
CA ALA C 168 -8.52 5.07 44.88
C ALA C 168 -9.14 4.01 43.97
N LEU C 169 -9.76 4.45 42.87
CA LEU C 169 -10.41 3.56 41.90
C LEU C 169 -9.50 2.97 40.81
N LEU C 170 -8.64 3.82 40.26
CA LEU C 170 -7.81 3.51 39.10
C LEU C 170 -6.37 3.08 39.39
N THR C 171 -6.08 2.71 40.62
CA THR C 171 -4.74 2.80 41.17
C THR C 171 -3.67 2.40 40.17
N VAL C 172 -2.59 3.18 40.15
CA VAL C 172 -1.50 3.05 39.21
C VAL C 172 -0.27 2.71 40.03
N GLY C 173 0.72 2.09 39.40
CA GLY C 173 1.89 1.64 40.14
C GLY C 173 3.19 1.79 39.36
N ARG C 174 4.30 1.74 40.08
CA ARG C 174 5.58 2.07 39.47
C ARG C 174 5.92 1.16 38.31
N GLY C 175 6.32 1.77 37.20
CA GLY C 175 6.70 1.04 36.02
C GLY C 175 5.52 0.70 35.13
N GLN C 176 4.38 1.31 35.43
CA GLN C 176 3.16 1.05 34.69
C GLN C 176 2.90 2.16 33.69
N ARG C 177 2.60 1.80 32.45
CA ARG C 177 2.33 2.80 31.43
C ARG C 177 0.84 3.01 31.25
N MET C 178 0.42 4.26 31.42
CA MET C 178 -0.98 4.62 31.25
C MET C 178 -1.08 5.60 30.10
N GLY C 179 -2.29 6.09 29.86
CA GLY C 179 -2.48 7.11 28.84
C GLY C 179 -3.60 8.03 29.27
N LEU C 180 -3.59 9.25 28.74
CA LEU C 180 -4.64 10.19 29.02
C LEU C 180 -5.35 10.44 27.70
N PHE C 181 -6.54 9.89 27.56
CA PHE C 181 -7.33 10.06 26.35
C PHE C 181 -8.36 11.16 26.58
N ALA C 182 -8.18 12.30 25.91
CA ALA C 182 -9.07 13.44 26.07
C ALA C 182 -9.08 14.33 24.85
N GLY C 183 -10.23 14.94 24.58
CA GLY C 183 -10.32 15.95 23.54
C GLY C 183 -9.84 17.27 24.07
N SER C 184 -9.76 18.29 23.21
CA SER C 184 -9.31 19.61 23.66
C SER C 184 -10.43 20.36 24.39
N GLY C 185 -10.07 21.04 25.47
CA GLY C 185 -11.02 21.79 26.26
C GLY C 185 -11.52 21.04 27.49
N VAL C 186 -10.98 19.84 27.72
CA VAL C 186 -11.36 19.02 28.84
C VAL C 186 -10.44 19.22 30.04
N GLY C 187 -9.48 20.13 29.89
CA GLY C 187 -8.58 20.49 30.97
C GLY C 187 -7.66 19.38 31.46
N LYS C 188 -6.98 18.72 30.52
CA LYS C 188 -6.03 17.67 30.86
C LYS C 188 -4.68 18.27 31.27
N SER C 189 -4.34 19.41 30.67
CA SER C 189 -3.12 20.12 31.03
C SER C 189 -3.10 20.34 32.54
N VAL C 190 -4.25 20.69 33.09
CA VAL C 190 -4.39 20.90 34.53
C VAL C 190 -4.19 19.58 35.30
N LEU C 191 -4.87 18.53 34.87
CA LEU C 191 -4.68 17.21 35.47
C LEU C 191 -3.22 16.81 35.43
N LEU C 192 -2.61 16.87 34.25
CA LEU C 192 -1.19 16.57 34.13
C LEU C 192 -0.41 17.41 35.12
N GLY C 193 -0.92 18.62 35.36
CA GLY C 193 -0.29 19.51 36.32
C GLY C 193 -0.34 19.00 37.75
N MET C 194 -1.54 18.72 38.25
CA MET C 194 -1.70 18.22 39.62
C MET C 194 -0.81 17.01 39.82
N MET C 195 -0.76 16.14 38.82
CA MET C 195 0.06 14.94 38.88
C MET C 195 1.53 15.34 38.98
N ALA C 196 1.99 16.18 38.06
CA ALA C 196 3.36 16.65 38.09
C ALA C 196 3.73 17.30 39.43
N ARG C 197 2.82 18.11 39.96
CA ARG C 197 3.07 18.78 41.24
C ARG C 197 2.88 17.83 42.43
N TYR C 198 1.72 17.18 42.48
CA TYR C 198 1.33 16.38 43.65
C TYR C 198 1.88 14.95 43.69
N THR C 199 2.04 14.32 42.53
CA THR C 199 2.50 12.94 42.51
C THR C 199 3.76 12.78 43.34
N ARG C 200 3.83 11.73 44.14
CA ARG C 200 5.01 11.52 44.93
C ARG C 200 5.98 10.68 44.12
N ALA C 201 7.05 11.33 43.68
CA ALA C 201 8.09 10.68 42.92
C ALA C 201 9.35 11.52 43.02
N ASP C 202 10.49 10.87 42.79
CA ASP C 202 11.77 11.53 42.90
C ASP C 202 11.91 12.61 41.83
N VAL C 203 11.43 12.31 40.62
CA VAL C 203 11.60 13.20 39.47
C VAL C 203 10.37 13.26 38.56
N ILE C 204 10.08 14.45 38.03
CA ILE C 204 9.07 14.59 36.99
C ILE C 204 9.77 15.00 35.69
N VAL C 205 9.53 14.24 34.62
CA VAL C 205 10.07 14.61 33.31
C VAL C 205 8.91 14.77 32.35
N VAL C 206 8.78 15.97 31.78
CA VAL C 206 7.64 16.30 30.95
C VAL C 206 8.07 16.65 29.53
N GLY C 207 7.77 15.75 28.59
CA GLY C 207 7.81 16.08 27.18
C GLY C 207 6.61 16.89 26.75
N LEU C 208 6.81 18.06 26.18
CA LEU C 208 5.72 18.76 25.53
C LEU C 208 6.03 18.76 24.05
N ILE C 209 5.31 17.93 23.30
CA ILE C 209 5.66 17.65 21.91
C ILE C 209 4.60 18.10 20.91
N GLY C 210 4.92 19.13 20.14
CA GLY C 210 4.03 19.60 19.10
C GLY C 210 3.00 20.59 19.58
N GLU C 211 2.92 20.78 20.89
CA GLU C 211 1.95 21.71 21.46
C GLU C 211 2.27 23.14 21.03
N ARG C 212 1.25 23.92 20.73
CA ARG C 212 1.48 25.31 20.33
C ARG C 212 2.25 26.02 21.45
N GLY C 213 3.26 26.79 21.05
CA GLY C 213 4.16 27.41 22.01
C GLY C 213 3.46 28.16 23.13
N ARG C 214 2.54 29.06 22.77
CA ARG C 214 1.88 29.89 23.76
C ARG C 214 1.21 29.03 24.81
N GLU C 215 0.66 27.89 24.38
CA GLU C 215 0.04 26.93 25.29
C GLU C 215 1.11 26.16 26.08
N VAL C 216 2.27 26.00 25.45
CA VAL C 216 3.43 25.41 26.11
C VAL C 216 3.85 26.29 27.28
N LYS C 217 3.95 27.59 27.02
CA LYS C 217 4.34 28.54 28.06
C LYS C 217 3.31 28.59 29.18
N ASP C 218 2.04 28.77 28.80
CA ASP C 218 0.98 28.82 29.79
C ASP C 218 1.01 27.61 30.73
N PHE C 219 1.42 26.46 30.21
CA PHE C 219 1.53 25.26 31.03
C PHE C 219 2.76 25.32 31.93
N ILE C 220 3.82 25.96 31.44
CA ILE C 220 5.09 26.06 32.15
C ILE C 220 4.99 26.96 33.40
N GLU C 221 4.30 28.08 33.25
CA GLU C 221 4.11 29.01 34.37
C GLU C 221 2.77 28.82 35.08
N ASN C 222 1.67 29.04 34.37
CA ASN C 222 0.34 29.02 34.97
C ASN C 222 -0.24 27.67 35.42
N ILE C 223 0.46 26.58 35.15
CA ILE C 223 -0.04 25.26 35.55
C ILE C 223 0.91 24.48 36.45
N LEU C 224 2.08 24.12 35.92
CA LEU C 224 3.11 23.49 36.74
C LEU C 224 3.41 24.37 37.95
N GLY C 225 3.74 25.62 37.68
CA GLY C 225 4.09 26.57 38.72
C GLY C 225 5.45 26.22 39.29
N PRO C 226 6.02 27.14 40.07
CA PRO C 226 7.31 26.88 40.71
C PRO C 226 7.29 25.59 41.52
N ASP C 227 6.20 25.38 42.25
CA ASP C 227 6.00 24.14 43.01
C ASP C 227 6.11 22.95 42.07
N GLY C 228 5.50 23.08 40.90
CA GLY C 228 5.49 22.02 39.91
C GLY C 228 6.77 21.84 39.12
N ARG C 229 7.33 22.94 38.62
CA ARG C 229 8.46 22.86 37.70
C ARG C 229 9.83 22.78 38.38
N ALA C 230 9.84 22.90 39.70
CA ALA C 230 11.08 22.78 40.46
C ALA C 230 11.48 21.33 40.62
N ARG C 231 10.49 20.44 40.64
CA ARG C 231 10.75 19.01 40.71
C ARG C 231 10.74 18.34 39.33
N SER C 232 10.58 19.15 38.29
CA SER C 232 10.43 18.59 36.96
C SER C 232 11.44 19.09 35.95
N VAL C 233 11.91 18.17 35.10
CA VAL C 233 12.60 18.55 33.89
C VAL C 233 11.54 18.71 32.81
N VAL C 234 11.55 19.86 32.13
CA VAL C 234 10.57 20.12 31.09
C VAL C 234 11.22 20.22 29.70
N ILE C 235 10.97 19.22 28.86
CA ILE C 235 11.48 19.20 27.49
C ILE C 235 10.34 19.63 26.58
N ALA C 236 10.56 20.71 25.82
CA ALA C 236 9.48 21.28 25.02
C ALA C 236 9.86 21.57 23.57
N ALA C 237 9.29 20.80 22.65
CA ALA C 237 9.42 21.11 21.24
C ALA C 237 8.05 21.48 20.69
N PRO C 238 7.81 22.78 20.50
CA PRO C 238 6.52 23.36 20.12
C PRO C 238 6.03 22.92 18.74
N ALA C 239 4.87 23.42 18.34
CA ALA C 239 4.28 23.06 17.06
C ALA C 239 5.03 23.65 15.87
N ASP C 240 5.72 24.75 16.08
CA ASP C 240 6.36 25.46 14.97
C ASP C 240 7.67 24.85 14.49
N VAL C 241 8.35 24.12 15.38
CA VAL C 241 9.66 23.58 15.06
C VAL C 241 9.59 22.39 14.12
N SER C 242 10.70 22.08 13.46
CA SER C 242 10.76 20.94 12.55
C SER C 242 10.35 19.63 13.24
N PRO C 243 9.70 18.74 12.49
CA PRO C 243 9.26 17.47 13.05
C PRO C 243 10.43 16.65 13.59
N LEU C 244 11.61 16.84 13.00
CA LEU C 244 12.79 16.18 13.53
C LEU C 244 13.04 16.55 14.99
N LEU C 245 13.19 17.85 15.23
CA LEU C 245 13.41 18.35 16.59
C LEU C 245 12.26 17.93 17.48
N ARG C 246 11.07 17.89 16.89
CA ARG C 246 9.86 17.59 17.64
C ARG C 246 9.87 16.15 18.15
N MET C 247 10.38 15.24 17.32
CA MET C 247 10.54 13.85 17.73
C MET C 247 11.78 13.67 18.57
N GLN C 248 12.83 14.42 18.25
CA GLN C 248 14.04 14.45 19.06
C GLN C 248 13.63 14.75 20.50
N GLY C 249 12.79 15.77 20.65
CA GLY C 249 12.34 16.19 21.96
C GLY C 249 11.71 15.08 22.77
N ALA C 250 10.82 14.33 22.14
CA ALA C 250 10.12 13.25 22.83
C ALA C 250 11.09 12.11 23.16
N ALA C 251 12.17 12.05 22.38
CA ALA C 251 13.20 11.04 22.58
C ALA C 251 14.07 11.43 23.74
N TYR C 252 14.51 12.67 23.72
CA TYR C 252 15.36 13.22 24.77
C TYR C 252 14.65 13.07 26.12
N ALA C 253 13.40 13.52 26.18
CA ALA C 253 12.64 13.49 27.43
C ALA C 253 12.65 12.12 28.08
N THR C 254 12.47 11.08 27.27
CA THR C 254 12.58 9.71 27.76
C THR C 254 13.98 9.45 28.31
N ARG C 255 15.01 9.77 27.51
CA ARG C 255 16.39 9.49 27.89
C ARG C 255 16.78 10.09 29.22
N ILE C 256 16.35 11.32 29.43
CA ILE C 256 16.54 11.97 30.73
C ILE C 256 15.83 11.12 31.77
N ALA C 257 14.58 10.79 31.52
CA ALA C 257 13.81 9.95 32.44
C ALA C 257 14.50 8.61 32.67
N GLU C 258 15.18 8.09 31.65
CA GLU C 258 15.89 6.83 31.76
C GLU C 258 17.14 6.93 32.64
N ASP C 259 17.86 8.05 32.51
CA ASP C 259 19.09 8.26 33.25
C ASP C 259 18.85 8.25 34.77
N PHE C 260 17.63 8.56 35.19
CA PHE C 260 17.32 8.59 36.61
C PHE C 260 17.10 7.19 37.22
N ARG C 261 16.36 6.32 36.54
CA ARG C 261 16.20 4.96 37.05
C ARG C 261 17.55 4.26 37.18
N ASP C 262 18.50 4.65 36.31
CA ASP C 262 19.86 4.15 36.38
C ASP C 262 20.61 4.71 37.59
N ARG C 263 20.20 5.90 38.02
CA ARG C 263 20.64 6.44 39.31
C ARG C 263 19.68 5.94 40.38
N GLY C 264 18.73 5.11 39.96
CA GLY C 264 17.81 4.46 40.88
C GLY C 264 16.68 5.36 41.34
N GLN C 265 16.34 6.35 40.53
CA GLN C 265 15.25 7.24 40.87
C GLN C 265 13.93 6.67 40.36
N HIS C 266 12.85 7.37 40.69
CA HIS C 266 11.54 6.93 40.26
C HIS C 266 10.87 8.10 39.58
N VAL C 267 10.63 7.94 38.28
CA VAL C 267 10.18 9.05 37.45
C VAL C 267 8.71 8.90 37.08
N LEU C 268 8.01 10.04 37.01
CA LEU C 268 6.74 10.08 36.32
C LEU C 268 6.98 10.83 35.02
N LEU C 269 6.98 10.11 33.90
CA LEU C 269 7.24 10.72 32.62
C LEU C 269 5.94 11.08 31.94
N ILE C 270 5.69 12.37 31.79
CA ILE C 270 4.48 12.84 31.13
C ILE C 270 4.80 13.16 29.68
N MET C 271 4.16 12.45 28.76
CA MET C 271 4.40 12.65 27.34
C MET C 271 3.14 13.20 26.66
N ASP C 272 3.16 14.47 26.30
CA ASP C 272 2.06 15.08 25.58
C ASP C 272 2.58 15.70 24.28
N SER C 273 2.19 15.14 23.14
CA SER C 273 1.27 14.00 23.06
C SER C 273 1.74 12.95 22.05
N LEU C 274 1.28 11.72 22.19
CA LEU C 274 1.57 10.70 21.19
C LEU C 274 0.98 11.07 19.85
N THR C 275 -0.21 11.68 19.90
CA THR C 275 -0.90 12.13 18.70
C THR C 275 -0.02 13.08 17.89
N ARG C 276 0.57 14.05 18.56
CA ARG C 276 1.45 14.99 17.89
C ARG C 276 2.80 14.35 17.59
N TYR C 277 3.15 13.33 18.34
CA TYR C 277 4.37 12.58 18.08
C TYR C 277 4.22 11.88 16.74
N ALA C 278 3.19 11.06 16.64
CA ALA C 278 2.88 10.37 15.39
C ALA C 278 2.87 11.34 14.21
N MET C 279 2.22 12.48 14.40
CA MET C 279 2.09 13.47 13.35
C MET C 279 3.44 13.98 12.88
N ALA C 280 4.40 14.05 13.79
CA ALA C 280 5.74 14.52 13.45
C ALA C 280 6.43 13.50 12.54
N GLN C 281 6.29 12.22 12.87
CA GLN C 281 6.86 11.15 12.08
C GLN C 281 6.27 11.16 10.67
N ARG C 282 4.98 11.46 10.57
CA ARG C 282 4.29 11.50 9.29
C ARG C 282 4.79 12.65 8.40
N GLU C 283 4.99 13.83 8.99
CA GLU C 283 5.57 14.95 8.27
C GLU C 283 6.90 14.54 7.64
N ILE C 284 7.69 13.82 8.42
CA ILE C 284 9.02 13.38 8.03
C ILE C 284 8.95 12.36 6.91
N ALA C 285 8.09 11.36 7.10
CA ALA C 285 7.89 10.32 6.11
C ALA C 285 7.58 10.91 4.75
N LEU C 286 6.56 11.74 4.68
CA LEU C 286 6.14 12.33 3.41
C LEU C 286 7.28 13.09 2.72
N ALA C 287 8.18 13.67 3.52
CA ALA C 287 9.29 14.42 2.94
C ALA C 287 10.38 13.49 2.41
N ILE C 288 10.48 12.31 3.01
CA ILE C 288 11.51 11.34 2.63
C ILE C 288 11.04 10.26 1.66
N GLY C 289 9.76 10.29 1.29
CA GLY C 289 9.25 9.42 0.25
C GLY C 289 8.37 8.22 0.60
N GLU C 290 8.32 7.82 1.87
CA GLU C 290 7.50 6.69 2.28
C GLU C 290 6.00 6.93 2.10
N PRO C 291 5.36 6.14 1.23
CA PRO C 291 3.91 6.22 1.03
C PRO C 291 3.15 5.72 2.25
N PRO C 292 2.06 6.41 2.62
CA PRO C 292 1.23 6.11 3.79
C PRO C 292 0.29 4.91 3.57
N ALA C 293 0.81 3.70 3.77
CA ALA C 293 0.02 2.48 3.59
C ALA C 293 -1.24 2.42 4.48
N THR C 294 -1.06 2.52 5.79
CA THR C 294 -2.18 2.50 6.73
C THR C 294 -3.08 3.71 6.53
N LYS C 295 -4.34 3.63 6.99
CA LYS C 295 -5.35 4.61 6.57
C LYS C 295 -4.94 6.09 6.70
N GLY C 296 -4.90 6.62 7.92
CA GLY C 296 -4.38 7.96 8.12
C GLY C 296 -2.86 8.09 8.04
N TYR C 297 -2.19 7.42 8.96
CA TYR C 297 -0.74 7.49 9.08
C TYR C 297 -0.06 6.34 8.32
N PRO C 298 1.22 6.54 7.95
CA PRO C 298 1.98 5.46 7.31
C PRO C 298 2.44 4.38 8.28
N PRO C 299 3.07 3.31 7.77
CA PRO C 299 3.50 2.18 8.60
C PRO C 299 4.47 2.57 9.71
N SER C 300 5.46 3.38 9.39
CA SER C 300 6.49 3.77 10.35
C SER C 300 5.87 4.24 11.66
N VAL C 301 4.85 5.09 11.54
CA VAL C 301 4.24 5.69 12.71
C VAL C 301 3.93 4.65 13.78
N PHE C 302 3.33 3.54 13.38
CA PHE C 302 2.88 2.53 14.33
C PHE C 302 4.01 1.61 14.76
N ALA C 303 5.15 1.72 14.07
CA ALA C 303 6.37 1.11 14.53
C ALA C 303 6.94 1.99 15.64
N LYS C 304 6.93 3.29 15.38
CA LYS C 304 7.57 4.27 16.27
C LYS C 304 6.99 4.28 17.68
N LEU C 305 5.67 4.32 17.79
CA LEU C 305 5.00 4.50 19.09
C LEU C 305 5.38 3.44 20.12
N PRO C 306 5.19 2.16 19.79
CA PRO C 306 5.55 1.10 20.73
C PRO C 306 7.00 1.22 21.18
N ALA C 307 7.88 1.60 20.27
CA ALA C 307 9.29 1.78 20.59
C ALA C 307 9.45 2.84 21.67
N LEU C 308 8.77 3.97 21.49
CA LEU C 308 8.80 5.07 22.44
C LEU C 308 8.26 4.63 23.80
N VAL C 309 7.13 3.94 23.77
CA VAL C 309 6.46 3.56 25.01
C VAL C 309 7.27 2.54 25.79
N GLU C 310 7.71 1.48 25.12
CA GLU C 310 8.41 0.39 25.79
C GLU C 310 9.66 0.83 26.54
N ARG C 311 10.17 2.01 26.23
CA ARG C 311 11.32 2.55 26.97
C ARG C 311 10.95 2.86 28.41
N ALA C 312 9.65 3.06 28.65
CA ALA C 312 9.13 3.28 29.99
C ALA C 312 9.08 1.97 30.75
N GLY C 313 8.53 2.01 31.96
CA GLY C 313 8.34 0.81 32.74
C GLY C 313 9.33 0.65 33.87
N ASN C 314 9.34 -0.54 34.46
CA ASN C 314 10.12 -0.80 35.66
C ASN C 314 11.62 -0.96 35.45
N GLY C 315 12.31 -1.33 36.52
CA GLY C 315 13.76 -1.37 36.56
C GLY C 315 14.22 -2.44 37.51
N ILE C 316 15.52 -2.54 37.76
CA ILE C 316 16.06 -3.67 38.50
C ILE C 316 15.45 -3.75 39.91
N HIS C 317 15.49 -4.94 40.51
CA HIS C 317 14.75 -5.22 41.73
C HIS C 317 14.89 -4.12 42.78
N GLY C 318 16.12 -3.67 43.00
CA GLY C 318 16.37 -2.58 43.92
C GLY C 318 16.63 -1.27 43.19
N GLY C 319 16.17 -1.20 41.94
CA GLY C 319 16.45 -0.06 41.10
C GLY C 319 15.32 0.93 40.95
N GLY C 320 15.46 1.85 40.01
CA GLY C 320 14.47 2.88 39.78
C GLY C 320 13.34 2.43 38.87
N SER C 321 12.44 3.35 38.55
CA SER C 321 11.28 3.03 37.72
C SER C 321 10.81 4.23 36.91
N ILE C 322 10.31 3.97 35.71
CA ILE C 322 9.62 5.01 34.94
C ILE C 322 8.15 4.69 34.76
N THR C 323 7.31 5.41 35.50
CA THR C 323 5.88 5.30 35.34
C THR C 323 5.44 6.40 34.39
N ALA C 324 4.84 6.02 33.27
CA ALA C 324 4.58 7.01 32.23
C ALA C 324 3.10 7.28 32.02
N PHE C 325 2.81 8.48 31.56
CA PHE C 325 1.48 8.81 31.08
C PHE C 325 1.62 9.30 29.65
N TYR C 326 0.93 8.65 28.72
CA TYR C 326 0.99 9.07 27.32
C TYR C 326 -0.34 9.65 26.87
N THR C 327 -0.34 10.96 26.64
CA THR C 327 -1.56 11.66 26.27
C THR C 327 -1.89 11.51 24.80
N VAL C 328 -3.07 10.98 24.52
CA VAL C 328 -3.52 10.84 23.15
C VAL C 328 -4.77 11.68 22.94
N LEU C 329 -4.84 12.34 21.80
CA LEU C 329 -5.96 13.24 21.55
C LEU C 329 -7.11 12.55 20.84
N THR C 330 -8.24 12.47 21.54
CA THR C 330 -9.50 12.00 20.96
C THR C 330 -10.55 13.07 21.19
N GLU C 331 -11.01 13.71 20.11
CA GLU C 331 -11.97 14.79 20.22
C GLU C 331 -13.19 14.43 21.06
N GLY C 332 -14.03 13.54 20.55
CA GLY C 332 -15.16 13.02 21.30
C GLY C 332 -14.94 11.56 21.67
N ASP C 333 -13.70 11.12 21.55
CA ASP C 333 -13.37 9.70 21.65
C ASP C 333 -14.11 8.91 20.58
N ASP C 334 -14.06 9.41 19.35
CA ASP C 334 -14.53 8.66 18.19
C ASP C 334 -13.55 7.53 17.91
N GLN C 335 -14.05 6.30 17.90
CA GLN C 335 -13.21 5.11 17.83
C GLN C 335 -12.47 5.05 16.49
N GLN C 336 -12.77 6.00 15.62
CA GLN C 336 -12.14 6.13 14.31
C GLN C 336 -10.60 6.09 14.33
N ASP C 337 -10.00 6.74 15.32
CA ASP C 337 -8.55 7.00 15.34
C ASP C 337 -7.65 5.77 15.52
N PRO C 338 -6.64 5.64 14.64
CA PRO C 338 -5.58 4.62 14.66
C PRO C 338 -4.63 4.74 15.84
N ILE C 339 -4.25 5.97 16.18
CA ILE C 339 -3.34 6.22 17.28
C ILE C 339 -3.99 5.75 18.57
N ALA C 340 -5.27 6.09 18.73
CA ALA C 340 -6.05 5.65 19.87
C ALA C 340 -5.99 4.13 19.97
N ASP C 341 -6.35 3.45 18.88
CA ASP C 341 -6.32 2.00 18.84
C ASP C 341 -4.90 1.48 19.10
N SER C 342 -3.92 2.09 18.44
CA SER C 342 -2.53 1.65 18.57
C SER C 342 -2.01 1.91 19.98
N ALA C 343 -2.26 3.12 20.48
CA ALA C 343 -1.88 3.47 21.84
C ALA C 343 -2.59 2.54 22.82
N ARG C 344 -3.79 2.12 22.44
CA ARG C 344 -4.62 1.29 23.30
C ARG C 344 -4.02 -0.09 23.47
N ALA C 345 -3.59 -0.70 22.36
CA ALA C 345 -3.09 -2.06 22.39
C ALA C 345 -1.79 -2.17 23.17
N ILE C 346 -0.90 -1.21 22.97
CA ILE C 346 0.44 -1.28 23.53
C ILE C 346 0.52 -0.93 25.02
N LEU C 347 -0.42 -0.15 25.52
CA LEU C 347 -0.31 0.36 26.89
C LEU C 347 -0.81 -0.58 27.98
N ASP C 348 -0.60 -0.16 29.24
CA ASP C 348 -1.02 -0.92 30.42
C ASP C 348 -2.33 -0.45 31.04
N GLY C 349 -2.99 0.50 30.39
CA GLY C 349 -4.27 1.00 30.86
C GLY C 349 -4.46 2.45 30.46
N HIS C 350 -5.60 3.02 30.78
CA HIS C 350 -5.84 4.43 30.48
C HIS C 350 -6.95 5.06 31.30
N ILE C 351 -6.88 6.38 31.42
CA ILE C 351 -7.96 7.15 32.03
C ILE C 351 -8.50 8.08 30.95
N VAL C 352 -9.83 8.14 30.84
CA VAL C 352 -10.44 8.90 29.78
C VAL C 352 -11.16 10.13 30.34
N LEU C 353 -11.03 11.26 29.67
CA LEU C 353 -11.75 12.47 30.06
C LEU C 353 -12.79 12.82 29.01
N SER C 354 -14.05 12.89 29.42
CA SER C 354 -15.14 13.14 28.49
C SER C 354 -15.74 14.53 28.70
N ARG C 355 -16.10 15.17 27.60
CA ARG C 355 -16.37 16.60 27.59
C ARG C 355 -17.60 17.04 28.39
N ARG C 356 -18.63 16.20 28.46
CA ARG C 356 -19.83 16.55 29.24
C ARG C 356 -19.46 16.89 30.68
N LEU C 357 -18.67 16.02 31.32
CA LEU C 357 -18.16 16.31 32.67
C LEU C 357 -17.49 17.67 32.71
N ALA C 358 -16.43 17.82 31.94
CA ALA C 358 -15.76 19.12 31.80
C ALA C 358 -16.78 20.21 31.48
N GLU C 359 -17.75 19.88 30.63
CA GLU C 359 -18.77 20.81 30.20
C GLU C 359 -19.65 21.24 31.38
N ALA C 360 -19.83 20.32 32.33
CA ALA C 360 -20.61 20.59 33.53
C ALA C 360 -19.70 21.04 34.66
N GLY C 361 -18.42 21.21 34.34
CA GLY C 361 -17.45 21.61 35.34
C GLY C 361 -17.21 20.51 36.35
N HIS C 362 -17.04 19.30 35.84
CA HIS C 362 -16.69 18.18 36.68
C HIS C 362 -15.19 17.94 36.50
N TYR C 363 -14.41 18.28 37.51
CA TYR C 363 -12.96 18.19 37.40
C TYR C 363 -12.33 17.46 38.58
N PRO C 364 -11.38 16.56 38.31
CA PRO C 364 -11.05 16.11 36.94
C PRO C 364 -12.24 15.43 36.26
N ALA C 365 -12.21 15.40 34.93
CA ALA C 365 -13.31 14.90 34.11
C ALA C 365 -13.28 13.38 33.97
N ILE C 366 -12.37 12.73 34.69
CA ILE C 366 -12.23 11.28 34.64
C ILE C 366 -13.56 10.56 34.86
N ASP C 367 -13.87 9.60 33.99
CA ASP C 367 -15.04 8.74 34.16
C ASP C 367 -14.62 7.27 34.31
N ILE C 368 -14.84 6.71 35.50
CA ILE C 368 -14.37 5.37 35.81
C ILE C 368 -14.92 4.34 34.82
N GLU C 369 -16.14 4.58 34.37
CA GLU C 369 -16.82 3.71 33.42
C GLU C 369 -15.96 3.39 32.19
N ALA C 370 -15.38 4.41 31.58
CA ALA C 370 -14.58 4.24 30.37
C ALA C 370 -13.09 4.11 30.65
N SER C 371 -12.72 4.13 31.93
CA SER C 371 -11.32 4.13 32.32
C SER C 371 -10.95 2.84 33.03
N ILE C 372 -9.71 2.39 32.86
CA ILE C 372 -9.28 1.14 33.49
C ILE C 372 -7.77 1.05 33.72
N SER C 373 -7.39 0.27 34.73
CA SER C 373 -5.98 -0.01 35.00
C SER C 373 -5.77 -1.49 35.26
N ARG C 374 -4.93 -2.12 34.44
CA ARG C 374 -4.64 -3.54 34.58
C ARG C 374 -4.15 -3.85 35.99
N ALA C 375 -3.23 -3.02 36.48
CA ALA C 375 -2.54 -3.32 37.72
C ALA C 375 -3.39 -3.19 38.98
N MET C 376 -4.57 -2.55 38.87
CA MET C 376 -5.36 -2.25 40.06
C MET C 376 -5.50 -3.44 41.00
N THR C 377 -5.69 -4.63 40.45
CA THR C 377 -5.83 -5.83 41.25
C THR C 377 -4.52 -6.21 41.94
N ALA C 378 -3.43 -6.14 41.18
CA ALA C 378 -2.10 -6.49 41.70
C ALA C 378 -1.64 -5.52 42.78
N LEU C 379 -2.22 -4.32 42.79
CA LEU C 379 -1.77 -3.26 43.70
C LEU C 379 -2.54 -3.15 45.03
N ILE C 380 -3.67 -3.84 45.17
CA ILE C 380 -4.51 -3.60 46.35
C ILE C 380 -5.20 -4.81 46.96
N THR C 381 -5.51 -4.68 48.25
CA THR C 381 -6.26 -5.67 49.00
C THR C 381 -7.70 -5.74 48.50
N GLU C 382 -8.34 -6.88 48.69
CA GLU C 382 -9.71 -7.08 48.22
C GLU C 382 -10.68 -6.09 48.86
N GLN C 383 -10.36 -5.68 50.10
CA GLN C 383 -11.16 -4.71 50.81
C GLN C 383 -11.35 -3.49 49.93
N HIS C 384 -10.22 -2.93 49.48
CA HIS C 384 -10.23 -1.78 48.58
C HIS C 384 -10.92 -2.13 47.28
N TYR C 385 -10.55 -3.25 46.69
CA TYR C 385 -11.07 -3.65 45.38
C TYR C 385 -12.58 -3.78 45.35
N ALA C 386 -13.11 -4.62 46.24
CA ALA C 386 -14.55 -4.82 46.33
C ALA C 386 -15.27 -3.48 46.44
N ARG C 387 -14.78 -2.62 47.32
CA ARG C 387 -15.31 -1.27 47.47
C ARG C 387 -15.34 -0.57 46.11
N VAL C 388 -14.26 -0.73 45.35
CA VAL C 388 -14.19 -0.14 44.03
C VAL C 388 -15.33 -0.63 43.16
N ARG C 389 -15.47 -1.95 43.03
CA ARG C 389 -16.53 -2.53 42.21
C ARG C 389 -17.86 -1.89 42.56
N LEU C 390 -18.22 -1.96 43.83
CA LEU C 390 -19.48 -1.40 44.31
C LEU C 390 -19.59 0.10 43.98
N PHE C 391 -18.49 0.82 44.12
CA PHE C 391 -18.52 2.25 43.81
C PHE C 391 -18.98 2.46 42.38
N LYS C 392 -18.25 1.86 41.44
CA LYS C 392 -18.60 1.95 40.04
C LYS C 392 -19.98 1.33 39.79
N GLN C 393 -20.30 0.29 40.55
CA GLN C 393 -21.63 -0.32 40.47
C GLN C 393 -22.70 0.71 40.79
N LEU C 394 -22.56 1.41 41.91
CA LEU C 394 -23.48 2.48 42.27
C LEU C 394 -23.41 3.61 41.25
N LEU C 395 -22.18 3.96 40.89
CA LEU C 395 -21.91 5.02 39.94
C LEU C 395 -22.57 4.73 38.59
N SER C 396 -22.39 3.51 38.12
CA SER C 396 -22.95 3.08 36.83
C SER C 396 -24.45 3.33 36.72
N SER C 397 -25.20 2.82 37.69
CA SER C 397 -26.65 2.95 37.69
C SER C 397 -27.06 4.39 37.51
N PHE C 398 -26.33 5.30 38.14
CA PHE C 398 -26.61 6.72 38.05
C PHE C 398 -26.61 7.19 36.60
N GLN C 399 -25.67 6.66 35.80
CA GLN C 399 -25.59 6.97 34.38
C GLN C 399 -26.90 6.67 33.64
N ARG C 400 -27.39 5.43 33.78
CA ARG C 400 -28.55 4.96 33.04
C ARG C 400 -29.75 5.89 33.17
N ASN C 401 -30.10 6.20 34.41
CA ASN C 401 -31.41 6.75 34.74
C ASN C 401 -31.53 8.27 34.84
N ARG C 402 -30.49 9.00 34.46
CA ARG C 402 -30.47 10.46 34.61
C ARG C 402 -31.77 11.12 34.12
N ASP C 403 -32.22 10.76 32.92
CA ASP C 403 -33.50 11.26 32.40
C ASP C 403 -34.64 10.85 33.31
N LEU C 404 -34.55 9.63 33.83
CA LEU C 404 -35.58 9.08 34.71
C LEU C 404 -35.82 9.91 35.97
N VAL C 405 -34.83 9.96 36.86
CA VAL C 405 -34.98 10.64 38.14
C VAL C 405 -34.95 12.17 38.08
N SER C 406 -34.43 12.72 36.98
CA SER C 406 -34.39 14.17 36.81
C SER C 406 -35.77 14.77 36.57
N VAL C 407 -36.53 14.17 35.65
CA VAL C 407 -37.93 14.52 35.46
C VAL C 407 -38.86 13.54 36.22
N GLY C 408 -38.23 12.61 36.93
CA GLY C 408 -38.85 11.87 38.02
C GLY C 408 -39.25 10.39 37.93
N ALA C 409 -39.47 9.86 36.73
CA ALA C 409 -39.53 8.40 36.54
C ALA C 409 -40.26 7.55 37.59
N TYR C 410 -39.50 6.61 38.15
CA TYR C 410 -39.99 5.60 39.08
C TYR C 410 -39.81 5.98 40.55
N ALA C 411 -40.75 5.56 41.39
CA ALA C 411 -40.56 5.58 42.83
C ALA C 411 -39.67 4.40 43.21
N LYS C 412 -39.60 3.43 42.29
CA LYS C 412 -38.77 2.23 42.45
C LYS C 412 -38.87 1.62 43.85
N GLY C 413 -37.72 1.30 44.43
CA GLY C 413 -37.68 0.66 45.74
C GLY C 413 -37.47 -0.83 45.60
N SER C 414 -37.63 -1.32 44.37
CA SER C 414 -37.39 -2.72 44.08
C SER C 414 -35.94 -2.96 43.65
N ASP C 415 -35.21 -1.88 43.40
CA ASP C 415 -33.79 -1.97 43.04
C ASP C 415 -32.90 -1.30 44.09
N PRO C 416 -32.03 -2.10 44.73
CA PRO C 416 -31.13 -1.60 45.78
C PRO C 416 -30.10 -0.60 45.26
N MET C 417 -29.52 -0.89 44.10
CA MET C 417 -28.50 -0.03 43.51
C MET C 417 -29.04 1.38 43.29
N LEU C 418 -30.31 1.47 42.93
CA LEU C 418 -30.98 2.75 42.78
C LEU C 418 -31.01 3.45 44.13
N ASP C 419 -31.20 2.67 45.19
CA ASP C 419 -31.29 3.18 46.55
C ASP C 419 -30.01 3.89 46.98
N LYS C 420 -28.89 3.18 46.93
CA LYS C 420 -27.60 3.73 47.38
C LYS C 420 -27.09 4.86 46.50
N ALA C 421 -27.23 4.71 45.18
CA ALA C 421 -26.70 5.68 44.24
C ALA C 421 -27.26 7.10 44.43
N ILE C 422 -28.58 7.22 44.35
CA ILE C 422 -29.24 8.53 44.46
C ILE C 422 -29.11 9.12 45.86
N THR C 423 -29.18 8.24 46.87
CA THR C 423 -29.01 8.65 48.25
C THR C 423 -27.60 9.21 48.47
N LEU C 424 -26.61 8.47 47.97
CA LEU C 424 -25.20 8.80 48.21
C LEU C 424 -24.54 9.59 47.08
N TRP C 425 -25.29 9.94 46.04
CA TRP C 425 -24.67 10.58 44.87
C TRP C 425 -23.84 11.83 45.17
N PRO C 426 -24.41 12.79 45.92
CA PRO C 426 -23.67 14.03 46.16
C PRO C 426 -22.34 13.76 46.86
N GLN C 427 -22.30 12.68 47.65
CA GLN C 427 -21.08 12.25 48.34
C GLN C 427 -20.08 11.66 47.34
N LEU C 428 -20.55 10.70 46.55
CA LEU C 428 -19.71 10.02 45.57
C LEU C 428 -19.02 11.00 44.62
N GLU C 429 -19.79 11.87 43.99
CA GLU C 429 -19.27 12.76 42.96
C GLU C 429 -18.43 13.90 43.53
N ALA C 430 -18.93 14.58 44.56
CA ALA C 430 -18.19 15.67 45.17
C ALA C 430 -16.80 15.19 45.57
N PHE C 431 -16.69 13.88 45.81
CA PHE C 431 -15.42 13.24 46.11
C PHE C 431 -14.59 13.03 44.84
N LEU C 432 -15.26 12.61 43.77
CA LEU C 432 -14.60 12.41 42.48
C LEU C 432 -13.98 13.72 42.01
N GLN C 433 -14.74 14.80 42.11
CA GLN C 433 -14.21 16.12 41.77
C GLN C 433 -13.14 16.48 42.79
N GLN C 434 -12.14 17.22 42.34
CA GLN C 434 -11.02 17.60 43.21
C GLN C 434 -10.51 19.00 42.84
N GLY C 435 -10.23 19.79 43.86
CA GLY C 435 -9.75 21.14 43.63
C GLY C 435 -8.48 21.12 42.81
N ILE C 436 -8.24 22.21 42.07
CA ILE C 436 -7.03 22.32 41.28
C ILE C 436 -5.81 22.19 42.18
N PHE C 437 -5.86 22.82 43.36
CA PHE C 437 -4.78 22.71 44.34
C PHE C 437 -4.99 21.71 45.48
N GLU C 438 -6.13 21.01 45.48
CA GLU C 438 -6.39 19.98 46.46
C GLU C 438 -5.35 18.86 46.35
N ARG C 439 -4.92 18.32 47.49
CA ARG C 439 -3.90 17.27 47.52
C ARG C 439 -4.38 15.98 48.18
N ALA C 440 -4.31 14.88 47.44
CA ALA C 440 -4.76 13.60 47.96
C ALA C 440 -3.62 12.62 48.14
N ASP C 441 -3.23 12.37 49.39
CA ASP C 441 -2.22 11.37 49.69
C ASP C 441 -2.82 10.00 49.44
N TRP C 442 -1.98 8.98 49.30
CA TRP C 442 -2.46 7.61 49.12
C TRP C 442 -3.43 7.21 50.23
N GLU C 443 -3.05 7.48 51.47
CA GLU C 443 -3.92 7.16 52.60
C GLU C 443 -5.15 8.07 52.62
N ASP C 444 -4.92 9.38 52.62
CA ASP C 444 -6.01 10.35 52.66
C ASP C 444 -7.09 10.05 51.63
N SER C 445 -6.67 9.77 50.39
CA SER C 445 -7.61 9.37 49.34
C SER C 445 -8.24 8.01 49.64
N LEU C 446 -7.42 7.01 49.93
CA LEU C 446 -7.91 5.68 50.29
C LEU C 446 -8.69 5.72 51.61
N GLN C 447 -8.10 6.35 52.63
CA GLN C 447 -8.71 6.37 53.97
C GLN C 447 -9.97 7.24 54.08
N ALA C 448 -9.94 8.42 53.47
CA ALA C 448 -11.14 9.24 53.43
C ALA C 448 -12.27 8.44 52.80
N LEU C 449 -11.90 7.61 51.81
CA LEU C 449 -12.87 6.75 51.14
C LEU C 449 -13.33 5.58 52.02
N ASP C 450 -12.41 5.02 52.80
CA ASP C 450 -12.71 3.82 53.58
C ASP C 450 -13.94 4.00 54.47
N LEU C 451 -14.29 5.24 54.76
CA LEU C 451 -15.44 5.52 55.62
C LEU C 451 -16.76 5.58 54.84
N ILE C 452 -16.73 5.25 53.54
CA ILE C 452 -17.95 5.39 52.75
C ILE C 452 -19.12 4.66 53.44
N PHE C 453 -19.18 3.33 53.37
CA PHE C 453 -19.75 2.53 54.47
C PHE C 453 -18.98 1.21 54.72
N PRO C 454 -17.63 1.24 54.73
CA PRO C 454 -16.83 0.08 55.13
C PRO C 454 -16.25 0.05 56.56
N THR C 455 -15.43 -0.97 56.79
CA THR C 455 -14.69 -1.18 58.04
C THR C 455 -13.90 0.06 58.50
N VAL C 456 -13.91 0.32 59.81
CA VAL C 456 -13.15 1.45 60.38
C VAL C 456 -12.07 0.95 61.34
N THR D 2 22.50 62.85 24.51
CA THR D 2 23.36 61.79 25.02
C THR D 2 23.18 60.52 24.18
N THR D 3 21.92 60.17 23.89
CA THR D 3 21.62 59.21 22.85
C THR D 3 22.09 59.89 21.57
N ARG D 4 22.13 61.22 21.61
CA ARG D 4 22.50 62.06 20.46
C ARG D 4 23.96 61.93 20.04
N LEU D 5 24.87 61.83 21.00
CA LEU D 5 26.26 61.60 20.64
C LEU D 5 26.34 60.31 19.84
N THR D 6 25.54 59.33 20.23
CA THR D 6 25.46 58.08 19.50
C THR D 6 24.86 58.34 18.12
N ARG D 7 23.81 59.17 18.10
CA ARG D 7 23.10 59.52 16.87
C ARG D 7 24.02 60.19 15.85
N TRP D 8 24.96 61.00 16.32
CA TRP D 8 25.96 61.60 15.44
C TRP D 8 26.94 60.54 14.94
N LEU D 9 27.14 59.51 15.75
CA LEU D 9 28.13 58.49 15.44
C LEU D 9 27.55 57.31 14.67
N THR D 10 26.23 57.22 14.57
CA THR D 10 25.62 56.07 13.91
C THR D 10 26.13 55.86 12.49
N ALA D 11 26.09 56.93 11.68
CA ALA D 11 26.56 56.84 10.31
C ALA D 11 27.94 56.15 10.23
N LEU D 12 28.84 56.55 11.11
CA LEU D 12 30.16 55.93 11.21
C LEU D 12 30.08 54.55 11.84
N ASP D 13 29.10 54.33 12.70
CA ASP D 13 28.97 53.07 13.41
C ASP D 13 28.51 51.93 12.50
N ASN D 14 27.58 52.23 11.60
CA ASN D 14 27.11 51.23 10.66
C ASN D 14 28.20 50.87 9.66
N PHE D 15 28.78 51.91 9.05
CA PHE D 15 29.83 51.73 8.06
C PHE D 15 30.89 50.76 8.58
N GLU D 16 31.24 50.90 9.85
CA GLU D 16 32.19 50.01 10.50
C GLU D 16 31.72 48.56 10.44
N ALA D 17 30.42 48.37 10.66
CA ALA D 17 29.83 47.04 10.61
C ALA D 17 29.78 46.48 9.19
N LYS D 18 29.17 47.24 8.28
CA LYS D 18 29.10 46.85 6.87
C LYS D 18 30.49 46.59 6.30
N MET D 19 31.38 47.55 6.49
CA MET D 19 32.71 47.51 5.89
C MET D 19 33.44 46.21 6.17
N ALA D 20 33.24 45.66 7.36
CA ALA D 20 33.95 44.45 7.77
C ALA D 20 33.58 43.25 6.91
N LEU D 21 32.36 43.23 6.37
CA LEU D 21 31.89 42.10 5.59
C LEU D 21 32.10 42.26 4.09
N LEU D 22 32.72 43.36 3.69
CA LEU D 22 33.12 43.55 2.31
C LEU D 22 34.27 42.62 1.95
N PRO D 23 34.16 41.93 0.81
CA PRO D 23 35.15 40.97 0.31
C PRO D 23 36.35 41.65 -0.33
N ALA D 24 37.50 40.99 -0.33
CA ALA D 24 38.72 41.57 -0.88
C ALA D 24 38.74 41.55 -2.39
N VAL D 25 38.12 40.54 -2.98
CA VAL D 25 38.09 40.41 -4.43
C VAL D 25 36.64 40.21 -4.91
N ARG D 26 36.29 40.85 -6.03
CA ARG D 26 34.97 40.64 -6.61
C ARG D 26 35.01 39.54 -7.66
N ARG D 27 34.33 38.44 -7.39
CA ARG D 27 34.35 37.31 -8.30
C ARG D 27 33.20 37.35 -9.30
N TYR D 28 33.48 36.94 -10.53
CA TYR D 28 32.45 36.88 -11.55
C TYR D 28 32.25 35.45 -12.03
N GLY D 29 31.09 35.20 -12.64
CA GLY D 29 30.78 33.89 -13.16
C GLY D 29 29.96 34.06 -14.41
N ARG D 30 29.90 33.01 -15.22
CA ARG D 30 29.21 33.07 -16.49
C ARG D 30 27.90 32.35 -16.34
N LEU D 31 26.86 32.87 -16.98
CA LEU D 31 25.56 32.23 -16.97
C LEU D 31 25.60 31.07 -17.95
N THR D 32 24.91 29.99 -17.61
CA THR D 32 24.88 28.81 -18.48
C THR D 32 23.58 28.74 -19.28
N ARG D 33 22.46 28.64 -18.57
CA ARG D 33 21.15 28.59 -19.20
C ARG D 33 20.31 29.81 -18.84
N ALA D 34 20.09 30.69 -19.81
CA ALA D 34 19.31 31.91 -19.58
C ALA D 34 17.86 31.82 -20.01
N THR D 35 17.47 30.70 -20.63
CA THR D 35 16.15 30.60 -21.25
C THR D 35 15.02 30.02 -20.40
N GLY D 36 15.35 29.45 -19.23
CA GLY D 36 14.34 28.80 -18.41
C GLY D 36 13.56 29.70 -17.46
N LEU D 37 12.64 29.12 -16.70
CA LEU D 37 11.98 29.83 -15.62
C LEU D 37 13.00 30.10 -14.53
N VAL D 38 13.92 29.14 -14.39
CA VAL D 38 15.02 29.24 -13.44
C VAL D 38 16.33 29.13 -14.18
N LEU D 39 17.17 30.16 -14.05
CA LEU D 39 18.44 30.21 -14.76
C LEU D 39 19.48 29.30 -14.11
N GLU D 40 20.68 29.26 -14.69
CA GLU D 40 21.76 28.39 -14.24
C GLU D 40 23.10 29.04 -14.56
N ALA D 41 24.09 28.88 -13.68
CA ALA D 41 25.45 29.37 -13.97
C ALA D 41 26.51 28.60 -13.16
N THR D 42 27.78 28.91 -13.40
CA THR D 42 28.88 28.24 -12.73
C THR D 42 30.18 29.04 -12.80
N GLY D 43 31.23 28.49 -12.21
CA GLY D 43 32.50 29.19 -12.11
C GLY D 43 32.48 30.09 -10.88
N LEU D 44 31.40 30.00 -10.12
CA LEU D 44 31.19 30.84 -8.95
C LEU D 44 30.56 30.05 -7.81
N GLN D 45 31.06 30.25 -6.59
CA GLN D 45 30.45 29.59 -5.43
C GLN D 45 29.61 30.57 -4.59
N LEU D 46 28.30 30.37 -4.61
CA LEU D 46 27.39 31.24 -3.89
C LEU D 46 26.52 30.45 -2.92
N PRO D 47 26.24 31.03 -1.75
CA PRO D 47 25.43 30.38 -0.72
C PRO D 47 23.96 30.35 -1.10
N LEU D 48 23.21 29.45 -0.47
CA LEU D 48 21.77 29.37 -0.70
C LEU D 48 21.09 30.68 -0.32
N GLY D 49 20.28 31.20 -1.23
CA GLY D 49 19.63 32.48 -1.01
C GLY D 49 20.60 33.63 -1.08
N ALA D 50 21.74 33.42 -1.73
CA ALA D 50 22.69 34.50 -1.97
C ALA D 50 22.06 35.48 -2.97
N THR D 51 22.21 36.77 -2.71
CA THR D 51 21.72 37.77 -3.65
C THR D 51 22.83 38.14 -4.62
N CYS D 52 22.50 38.14 -5.91
CA CYS D 52 23.50 38.38 -6.96
C CYS D 52 22.92 39.16 -8.13
N ILE D 53 23.79 39.65 -8.99
CA ILE D 53 23.34 40.41 -10.14
C ILE D 53 23.67 39.70 -11.44
N ILE D 54 22.81 39.91 -12.44
CA ILE D 54 23.02 39.36 -13.77
C ILE D 54 23.00 40.53 -14.75
N GLU D 55 23.99 40.61 -15.63
CA GLU D 55 24.14 41.78 -16.49
C GLU D 55 23.48 41.61 -17.86
N ARG D 56 22.43 42.40 -18.10
CA ARG D 56 21.76 42.46 -19.40
C ARG D 56 22.56 43.36 -20.33
N GLN D 57 22.45 43.11 -21.63
CA GLN D 57 23.04 44.04 -22.60
C GLN D 57 21.96 44.70 -23.44
N ASP D 58 21.72 45.98 -23.14
CA ASP D 58 20.78 46.79 -23.91
C ASP D 58 21.57 47.88 -24.60
N GLY D 59 21.66 47.79 -25.92
CA GLY D 59 22.62 48.60 -26.64
C GLY D 59 23.98 48.26 -26.06
N PRO D 60 24.94 49.20 -26.09
CA PRO D 60 26.18 48.93 -25.37
C PRO D 60 26.06 49.40 -23.94
N GLU D 61 24.97 49.01 -23.29
CA GLU D 61 24.70 49.40 -21.91
C GLU D 61 24.51 48.15 -21.07
N THR D 62 25.33 47.99 -20.04
CA THR D 62 25.22 46.81 -19.18
C THR D 62 24.23 47.07 -18.05
N LYS D 63 23.13 46.32 -18.06
CA LYS D 63 22.04 46.52 -17.09
C LYS D 63 22.06 45.45 -16.01
N GLU D 64 22.37 45.85 -14.78
CA GLU D 64 22.34 44.90 -13.68
C GLU D 64 20.92 44.37 -13.48
N VAL D 65 20.79 43.08 -13.19
CA VAL D 65 19.51 42.51 -12.78
C VAL D 65 19.69 41.73 -11.49
N GLU D 66 19.05 42.22 -10.43
CA GLU D 66 19.23 41.65 -9.09
C GLU D 66 18.59 40.27 -9.04
N SER D 67 19.22 39.34 -8.34
CA SER D 67 18.75 37.96 -8.35
C SER D 67 19.23 37.17 -7.13
N GLU D 68 18.54 36.06 -6.83
CA GLU D 68 18.89 35.26 -5.67
C GLU D 68 19.13 33.83 -6.08
N VAL D 69 19.94 33.11 -5.30
CA VAL D 69 20.27 31.73 -5.65
C VAL D 69 19.22 30.82 -5.03
N VAL D 70 18.37 30.25 -5.89
CA VAL D 70 17.24 29.44 -5.44
C VAL D 70 17.64 28.04 -5.04
N GLY D 71 18.76 27.57 -5.59
CA GLY D 71 19.29 26.26 -5.29
C GLY D 71 20.57 26.00 -6.07
N PHE D 72 21.28 24.94 -5.71
CA PHE D 72 22.48 24.53 -6.45
C PHE D 72 22.55 23.01 -6.60
N ASN D 73 23.08 22.55 -7.73
CA ASN D 73 23.44 21.15 -7.90
C ASN D 73 24.96 21.06 -7.98
N GLY D 74 25.53 19.86 -8.09
CA GLY D 74 26.90 19.69 -7.64
C GLY D 74 27.85 20.76 -8.16
N GLN D 75 27.94 20.88 -9.47
CA GLN D 75 28.61 22.02 -10.08
C GLN D 75 27.66 23.20 -10.26
N ARG D 76 26.44 22.90 -10.70
CA ARG D 76 25.51 23.90 -11.19
C ARG D 76 24.90 24.82 -10.12
N LEU D 77 24.46 25.99 -10.57
CA LEU D 77 23.97 27.02 -9.65
C LEU D 77 22.70 27.67 -10.18
N PHE D 78 21.63 27.66 -9.40
CA PHE D 78 20.34 28.15 -9.85
C PHE D 78 20.00 29.53 -9.33
N LEU D 79 19.52 30.40 -10.22
CA LEU D 79 19.16 31.76 -9.88
C LEU D 79 17.79 32.09 -10.44
N MET D 80 17.14 33.11 -9.86
CA MET D 80 15.95 33.67 -10.46
C MET D 80 16.02 35.18 -10.36
N PRO D 81 15.61 35.89 -11.43
CA PRO D 81 15.50 37.35 -11.37
C PRO D 81 14.27 37.73 -10.58
N LEU D 82 14.36 38.79 -9.77
CA LEU D 82 13.19 39.29 -9.06
C LEU D 82 12.11 39.62 -10.06
N GLU D 83 12.48 40.39 -11.07
CA GLU D 83 11.59 40.68 -12.20
C GLU D 83 12.22 40.16 -13.48
N GLU D 84 11.39 39.60 -14.37
CA GLU D 84 11.90 39.07 -15.62
C GLU D 84 12.04 40.17 -16.68
N VAL D 85 13.17 40.17 -17.38
CA VAL D 85 13.44 41.16 -18.41
C VAL D 85 13.93 40.51 -19.71
N GLU D 86 13.84 41.25 -20.81
CA GLU D 86 14.30 40.78 -22.11
C GLU D 86 15.83 40.80 -22.20
N GLY D 87 16.39 40.02 -23.12
CA GLY D 87 17.80 40.10 -23.43
C GLY D 87 18.75 39.53 -22.38
N ILE D 88 18.45 38.33 -21.91
CA ILE D 88 19.38 37.61 -21.04
C ILE D 88 19.91 36.37 -21.77
N LEU D 89 21.22 36.36 -22.02
CA LEU D 89 21.85 35.32 -22.82
C LEU D 89 22.95 34.60 -22.03
N PRO D 90 23.34 33.40 -22.49
CA PRO D 90 24.31 32.55 -21.80
C PRO D 90 25.66 33.22 -21.52
N GLY D 91 26.08 34.13 -22.39
CA GLY D 91 27.37 34.77 -22.21
C GLY D 91 27.48 35.68 -21.01
N ALA D 92 26.35 36.07 -20.44
CA ALA D 92 26.33 37.10 -19.40
C ALA D 92 27.14 36.74 -18.15
N ARG D 93 27.74 37.76 -17.56
CA ARG D 93 28.46 37.61 -16.29
C ARG D 93 27.49 37.72 -15.12
N VAL D 94 27.80 37.01 -14.03
CA VAL D 94 27.05 37.14 -12.79
C VAL D 94 28.01 37.25 -11.60
N TYR D 95 27.72 38.18 -10.69
CA TYR D 95 28.57 38.39 -9.52
C TYR D 95 27.72 38.61 -8.26
N ALA D 96 28.34 38.44 -7.09
CA ALA D 96 27.66 38.67 -5.82
C ALA D 96 27.71 40.14 -5.42
N ARG D 97 26.57 40.70 -5.01
CA ARG D 97 26.50 42.08 -4.54
C ARG D 97 25.80 42.21 -3.19
N ASN D 98 26.54 42.67 -2.18
CA ASN D 98 25.95 42.86 -0.85
C ASN D 98 24.94 43.99 -0.80
N GLY D 99 25.24 45.09 -1.49
CA GLY D 99 24.41 46.28 -1.39
C GLY D 99 24.42 46.74 0.06
N HIS D 100 23.29 47.26 0.52
CA HIS D 100 23.20 47.72 1.90
C HIS D 100 22.82 46.59 2.86
N GLY D 101 22.60 45.40 2.31
CA GLY D 101 22.32 44.22 3.11
C GLY D 101 23.56 43.41 3.46
N ASP D 102 23.34 42.17 3.88
CA ASP D 102 24.42 41.24 4.20
C ASP D 102 24.74 40.26 3.06
N GLY D 103 24.10 40.45 1.91
CA GLY D 103 24.35 39.59 0.77
C GLY D 103 23.53 38.30 0.74
N LEU D 104 22.56 38.22 1.64
CA LEU D 104 21.61 37.10 1.65
C LEU D 104 20.20 37.67 1.57
N GLN D 105 19.21 36.83 1.23
CA GLN D 105 17.85 37.30 1.09
C GLN D 105 17.31 37.85 2.40
N SER D 106 17.63 37.14 3.49
CA SER D 106 17.11 37.48 4.82
C SER D 106 17.58 38.85 5.31
N GLY D 107 18.79 39.23 4.93
CA GLY D 107 19.37 40.49 5.37
C GLY D 107 19.09 41.60 4.39
N LYS D 108 18.18 41.35 3.47
CA LYS D 108 17.80 42.34 2.48
C LYS D 108 17.30 43.59 3.20
N GLN D 109 17.84 44.73 2.83
CA GLN D 109 17.54 45.96 3.58
C GLN D 109 16.38 46.69 2.94
N LEU D 110 15.22 46.70 3.60
CA LEU D 110 14.01 47.28 3.03
C LEU D 110 13.46 48.45 3.85
N PRO D 111 12.74 49.36 3.21
CA PRO D 111 12.17 50.56 3.84
C PRO D 111 11.19 50.20 4.94
N LEU D 112 11.20 50.98 6.03
CA LEU D 112 10.28 50.77 7.14
C LEU D 112 9.88 52.13 7.71
N GLY D 113 8.85 52.16 8.55
CA GLY D 113 8.41 53.39 9.19
C GLY D 113 7.10 53.97 8.69
N PRO D 114 6.56 54.96 9.41
CA PRO D 114 5.25 55.58 9.22
C PRO D 114 5.05 56.17 7.83
N ALA D 115 6.14 56.45 7.12
CA ALA D 115 6.05 56.98 5.77
C ALA D 115 5.28 56.02 4.88
N LEU D 116 5.19 54.77 5.32
CA LEU D 116 4.51 53.72 4.56
C LEU D 116 2.99 53.82 4.70
N LEU D 117 2.52 54.22 5.87
CA LEU D 117 1.10 54.15 6.19
C LEU D 117 0.26 54.85 5.13
N GLY D 118 -0.71 54.13 4.59
CA GLY D 118 -1.62 54.69 3.61
C GLY D 118 -1.11 54.60 2.19
N ARG D 119 -0.11 53.76 1.99
CA ARG D 119 0.47 53.59 0.65
C ARG D 119 0.34 52.14 0.23
N VAL D 120 0.48 51.88 -1.06
CA VAL D 120 0.45 50.52 -1.59
C VAL D 120 1.78 50.20 -2.23
N LEU D 121 2.40 49.11 -1.81
CA LEU D 121 3.77 48.82 -2.21
C LEU D 121 3.90 47.40 -2.74
N ASP D 122 4.97 47.14 -3.48
CA ASP D 122 5.28 45.79 -3.95
C ASP D 122 6.21 45.13 -2.95
N GLY D 123 6.62 43.90 -3.22
CA GLY D 123 7.47 43.17 -2.30
C GLY D 123 8.80 43.82 -2.03
N GLY D 124 9.19 44.77 -2.87
CA GLY D 124 10.49 45.42 -2.73
C GLY D 124 10.43 46.80 -2.12
N GLY D 125 9.22 47.24 -1.78
CA GLY D 125 9.05 48.57 -1.21
C GLY D 125 8.76 49.61 -2.28
N LYS D 126 8.96 49.23 -3.53
CA LYS D 126 8.67 50.11 -4.65
C LYS D 126 7.20 50.47 -4.66
N PRO D 127 6.89 51.78 -4.78
CA PRO D 127 5.50 52.25 -4.79
C PRO D 127 4.73 51.68 -5.96
N LEU D 128 3.57 51.09 -5.69
CA LEU D 128 2.63 50.69 -6.75
C LEU D 128 1.45 51.66 -6.92
N ASP D 129 1.35 52.66 -6.06
CA ASP D 129 0.13 53.47 -6.00
C ASP D 129 0.18 54.71 -6.88
N GLY D 130 1.35 54.98 -7.46
CA GLY D 130 1.50 56.12 -8.34
C GLY D 130 2.00 57.38 -7.66
N LEU D 131 2.51 57.24 -6.44
CA LEU D 131 3.12 58.37 -5.74
C LEU D 131 4.60 58.07 -5.55
N PRO D 132 5.43 59.12 -5.43
CA PRO D 132 6.87 58.87 -5.26
C PRO D 132 7.11 58.00 -4.04
N ALA D 133 8.24 57.31 -4.00
CA ALA D 133 8.52 56.39 -2.92
C ALA D 133 8.31 57.06 -1.57
N PRO D 134 7.75 56.30 -0.62
CA PRO D 134 7.61 56.82 0.75
C PRO D 134 8.97 57.35 1.19
N ASP D 135 8.98 58.43 1.95
CA ASP D 135 10.25 59.03 2.33
C ASP D 135 10.66 58.37 3.63
N THR D 136 11.70 57.53 3.54
CA THR D 136 12.04 56.65 4.65
C THR D 136 13.40 56.97 5.24
N LEU D 137 13.40 57.48 6.46
CA LEU D 137 14.63 57.69 7.20
C LEU D 137 15.25 56.34 7.52
N GLU D 138 14.42 55.30 7.49
CA GLU D 138 14.77 54.03 8.10
C GLU D 138 14.72 52.83 7.14
N THR D 139 15.45 51.77 7.50
CA THR D 139 15.41 50.51 6.76
C THR D 139 15.76 49.33 7.67
N GLY D 140 15.35 48.13 7.29
CA GLY D 140 15.64 46.95 8.08
C GLY D 140 15.69 45.69 7.25
N ALA D 141 16.38 44.68 7.76
CA ALA D 141 16.49 43.39 7.09
C ALA D 141 15.10 42.86 6.77
N LEU D 142 14.95 42.23 5.61
CA LEU D 142 13.69 41.61 5.26
C LEU D 142 13.26 40.64 6.36
N ILE D 143 14.20 39.82 6.81
CA ILE D 143 13.91 38.92 7.92
C ILE D 143 14.81 39.22 9.11
N THR D 144 14.24 39.09 10.31
CA THR D 144 14.97 39.37 11.54
C THR D 144 15.04 38.11 12.39
N PRO D 145 16.07 38.02 13.23
CA PRO D 145 16.26 36.85 14.10
C PRO D 145 15.03 36.62 14.98
N PRO D 146 14.80 35.38 15.39
CA PRO D 146 13.60 34.94 16.12
C PRO D 146 13.48 35.46 17.56
N PHE D 147 12.25 35.82 17.95
CA PHE D 147 11.90 36.11 19.33
C PHE D 147 11.94 34.81 20.14
N ASN D 148 12.02 34.91 21.47
CA ASN D 148 11.95 33.74 22.32
C ASN D 148 10.49 33.36 22.62
N PRO D 149 10.11 32.10 22.36
CA PRO D 149 8.72 31.61 22.44
C PRO D 149 8.08 31.81 23.81
N LEU D 150 8.80 31.51 24.88
CA LEU D 150 8.27 31.74 26.22
C LEU D 150 8.46 33.19 26.67
N GLN D 151 9.22 33.96 25.89
CA GLN D 151 9.46 35.37 26.22
C GLN D 151 8.32 36.29 25.84
N ARG D 152 7.51 35.86 24.87
CA ARG D 152 6.41 36.69 24.37
C ARG D 152 5.38 37.05 25.45
N THR D 153 4.77 38.21 25.31
CA THR D 153 3.67 38.61 26.17
C THR D 153 2.48 37.71 25.90
N PRO D 154 1.89 37.13 26.95
CA PRO D 154 0.73 36.27 26.77
C PRO D 154 -0.43 37.10 26.24
N ILE D 155 -1.48 36.46 25.74
CA ILE D 155 -2.61 37.23 25.26
C ILE D 155 -3.56 37.35 26.43
N GLU D 156 -3.61 38.53 27.03
CA GLU D 156 -4.60 38.86 28.05
C GLU D 156 -5.69 39.78 27.53
N HIS D 157 -5.52 40.28 26.31
CA HIS D 157 -6.33 41.41 25.85
C HIS D 157 -7.16 41.11 24.62
N VAL D 158 -8.32 41.77 24.52
CA VAL D 158 -9.22 41.53 23.41
C VAL D 158 -8.91 42.47 22.25
N LEU D 159 -8.98 41.95 21.04
CA LEU D 159 -8.89 42.80 19.85
C LEU D 159 -10.26 42.96 19.26
N ASP D 160 -10.70 44.21 19.13
CA ASP D 160 -12.01 44.45 18.56
C ASP D 160 -11.84 44.38 17.06
N THR D 161 -12.47 43.37 16.47
CA THR D 161 -12.34 43.16 15.04
C THR D 161 -13.29 44.05 14.25
N GLY D 162 -14.45 44.34 14.81
CA GLY D 162 -15.49 45.05 14.09
C GLY D 162 -16.56 44.08 13.62
N VAL D 163 -16.26 42.79 13.67
CA VAL D 163 -17.19 41.74 13.29
C VAL D 163 -17.88 41.10 14.50
N ARG D 164 -19.20 41.25 14.58
CA ARG D 164 -19.96 40.81 15.73
C ARG D 164 -19.79 39.32 16.04
N ALA D 165 -20.00 38.47 15.04
CA ALA D 165 -19.87 37.03 15.24
C ALA D 165 -18.50 36.65 15.81
N ILE D 166 -17.47 37.35 15.36
CA ILE D 166 -16.14 37.12 15.91
C ILE D 166 -16.02 37.68 17.33
N ASN D 167 -16.28 38.96 17.50
CA ASN D 167 -16.15 39.55 18.83
C ASN D 167 -16.91 38.74 19.89
N ALA D 168 -18.19 38.50 19.65
CA ALA D 168 -19.02 37.83 20.66
C ALA D 168 -18.86 36.31 20.78
N LEU D 169 -18.95 35.61 19.65
CA LEU D 169 -18.91 34.14 19.61
C LEU D 169 -17.55 33.43 19.55
N LEU D 170 -16.64 33.94 18.71
CA LEU D 170 -15.29 33.42 18.69
C LEU D 170 -14.36 34.58 18.93
N THR D 171 -13.85 34.70 20.14
CA THR D 171 -13.23 35.98 20.49
C THR D 171 -11.73 36.03 20.33
N VAL D 172 -11.31 36.98 19.52
CA VAL D 172 -9.91 37.11 19.17
C VAL D 172 -9.33 38.20 20.03
N GLY D 173 -8.04 38.08 20.34
CA GLY D 173 -7.42 39.03 21.23
C GLY D 173 -6.01 39.33 20.79
N ARG D 174 -5.48 40.43 21.30
CA ARG D 174 -4.21 40.97 20.83
C ARG D 174 -3.08 39.96 20.89
N GLY D 175 -2.40 39.78 19.76
CA GLY D 175 -1.28 38.85 19.69
C GLY D 175 -1.62 37.56 18.97
N GLN D 176 -2.92 37.28 18.85
CA GLN D 176 -3.37 35.99 18.32
C GLN D 176 -3.11 35.79 16.82
N ARG D 177 -3.00 34.53 16.42
CA ARG D 177 -2.83 34.21 15.01
C ARG D 177 -3.93 33.24 14.57
N MET D 178 -4.80 33.73 13.70
CA MET D 178 -5.98 32.98 13.31
C MET D 178 -5.98 32.65 11.84
N GLY D 179 -6.45 31.47 11.51
CA GLY D 179 -6.62 31.13 10.11
C GLY D 179 -8.00 31.55 9.66
N LEU D 180 -8.13 31.94 8.40
CA LEU D 180 -9.44 32.11 7.80
C LEU D 180 -9.59 31.11 6.67
N PHE D 181 -10.35 30.05 6.91
CA PHE D 181 -10.48 28.97 5.92
C PHE D 181 -11.74 29.13 5.11
N ALA D 182 -11.58 29.38 3.83
CA ALA D 182 -12.69 29.75 2.98
C ALA D 182 -12.44 29.30 1.55
N GLY D 183 -13.52 28.91 0.87
CA GLY D 183 -13.45 28.58 -0.54
C GLY D 183 -13.46 29.83 -1.41
N SER D 184 -13.86 29.68 -2.67
CA SER D 184 -13.82 30.79 -3.61
C SER D 184 -15.20 31.44 -3.74
N GLY D 185 -15.27 32.73 -3.45
CA GLY D 185 -16.52 33.47 -3.57
C GLY D 185 -17.50 33.25 -2.44
N VAL D 186 -16.99 32.90 -1.26
CA VAL D 186 -17.83 32.69 -0.09
C VAL D 186 -17.91 33.91 0.81
N GLY D 187 -17.26 34.99 0.41
CA GLY D 187 -17.27 36.21 1.20
C GLY D 187 -16.01 36.52 1.99
N LYS D 188 -14.92 35.82 1.65
CA LYS D 188 -13.62 36.06 2.29
C LYS D 188 -13.10 37.49 2.10
N SER D 189 -13.10 37.98 0.87
CA SER D 189 -12.54 39.31 0.62
C SER D 189 -13.25 40.37 1.45
N VAL D 190 -14.57 40.36 1.44
CA VAL D 190 -15.33 41.35 2.17
C VAL D 190 -15.00 41.31 3.67
N LEU D 191 -14.96 40.12 4.24
CA LEU D 191 -14.70 39.95 5.67
C LEU D 191 -13.39 40.59 6.10
N LEU D 192 -12.31 40.27 5.41
CA LEU D 192 -11.03 40.92 5.67
C LEU D 192 -11.23 42.41 5.52
N GLY D 193 -11.95 42.80 4.47
CA GLY D 193 -12.30 44.19 4.22
C GLY D 193 -13.00 44.85 5.40
N MET D 194 -13.99 44.18 5.98
CA MET D 194 -14.65 44.71 7.16
C MET D 194 -13.61 44.83 8.28
N MET D 195 -12.97 43.73 8.64
CA MET D 195 -12.02 43.76 9.73
C MET D 195 -11.04 44.93 9.55
N ALA D 196 -10.45 45.05 8.36
CA ALA D 196 -9.47 46.09 8.10
C ALA D 196 -10.02 47.49 8.39
N ARG D 197 -11.27 47.73 8.00
CA ARG D 197 -11.88 49.03 8.23
C ARG D 197 -12.30 49.23 9.69
N TYR D 198 -12.91 48.21 10.28
CA TYR D 198 -13.55 48.36 11.59
C TYR D 198 -12.75 47.90 12.81
N THR D 199 -11.56 47.35 12.59
CA THR D 199 -10.72 46.87 13.70
C THR D 199 -10.14 48.03 14.49
N ARG D 200 -10.05 47.90 15.81
CA ARG D 200 -9.42 48.97 16.56
C ARG D 200 -7.99 48.55 16.77
N ALA D 201 -7.11 49.10 15.95
CA ALA D 201 -5.72 48.76 15.98
C ALA D 201 -4.98 49.95 15.42
N ASP D 202 -3.79 50.22 15.93
CA ASP D 202 -3.03 51.38 15.45
C ASP D 202 -2.79 51.29 13.95
N VAL D 203 -2.36 50.13 13.47
CA VAL D 203 -2.09 49.97 12.05
C VAL D 203 -2.55 48.62 11.49
N ILE D 204 -3.02 48.63 10.24
CA ILE D 204 -3.35 47.41 9.53
C ILE D 204 -2.30 47.16 8.48
N VAL D 205 -1.83 45.92 8.38
CA VAL D 205 -0.88 45.56 7.32
C VAL D 205 -1.43 44.44 6.44
N VAL D 206 -1.73 44.77 5.19
CA VAL D 206 -2.27 43.80 4.26
C VAL D 206 -1.23 43.43 3.21
N GLY D 207 -0.76 42.18 3.28
CA GLY D 207 -0.08 41.59 2.16
C GLY D 207 -1.10 40.93 1.26
N LEU D 208 -0.90 41.04 -0.05
CA LEU D 208 -1.77 40.41 -1.03
C LEU D 208 -0.88 39.56 -1.93
N ILE D 209 -1.04 38.24 -1.85
CA ILE D 209 -0.10 37.36 -2.51
C ILE D 209 -0.73 36.46 -3.57
N GLY D 210 -0.23 36.55 -4.79
CA GLY D 210 -0.59 35.63 -5.86
C GLY D 210 -1.92 35.88 -6.55
N GLU D 211 -2.59 36.97 -6.18
CA GLU D 211 -3.87 37.32 -6.79
C GLU D 211 -3.74 38.05 -8.13
N ARG D 212 -4.79 37.98 -8.96
CA ARG D 212 -4.85 38.73 -10.20
C ARG D 212 -4.89 40.22 -9.91
N GLY D 213 -4.16 41.00 -10.70
CA GLY D 213 -4.19 42.45 -10.56
C GLY D 213 -5.62 42.95 -10.49
N ARG D 214 -6.47 42.38 -11.34
CA ARG D 214 -7.89 42.71 -11.30
C ARG D 214 -8.38 42.59 -9.87
N GLU D 215 -8.18 41.41 -9.30
CA GLU D 215 -8.65 41.10 -7.95
C GLU D 215 -7.99 42.00 -6.92
N VAL D 216 -6.70 42.27 -7.10
CA VAL D 216 -5.95 43.15 -6.21
C VAL D 216 -6.57 44.54 -6.18
N LYS D 217 -6.91 45.05 -7.36
CA LYS D 217 -7.44 46.40 -7.50
C LYS D 217 -8.82 46.56 -6.84
N ASP D 218 -9.68 45.57 -7.02
CA ASP D 218 -11.03 45.65 -6.45
C ASP D 218 -10.96 45.67 -4.94
N PHE D 219 -10.11 44.82 -4.37
CA PHE D 219 -9.95 44.80 -2.92
C PHE D 219 -9.44 46.15 -2.42
N ILE D 220 -8.28 46.56 -2.93
CA ILE D 220 -7.65 47.80 -2.52
C ILE D 220 -8.56 49.02 -2.66
N GLU D 221 -9.18 49.15 -3.83
CA GLU D 221 -10.00 50.32 -4.12
C GLU D 221 -11.42 50.19 -3.59
N ASN D 222 -12.17 49.24 -4.11
CA ASN D 222 -13.59 49.09 -3.81
C ASN D 222 -13.92 48.51 -2.43
N ILE D 223 -13.19 47.49 -2.01
CA ILE D 223 -13.40 46.85 -0.71
C ILE D 223 -12.74 47.61 0.45
N LEU D 224 -11.42 47.65 0.44
CA LEU D 224 -10.68 48.35 1.47
C LEU D 224 -11.14 49.81 1.54
N GLY D 225 -11.03 50.52 0.44
CA GLY D 225 -11.57 51.86 0.33
C GLY D 225 -10.69 52.93 0.94
N PRO D 226 -10.94 54.18 0.56
CA PRO D 226 -10.17 55.38 0.95
C PRO D 226 -9.93 55.47 2.45
N ASP D 227 -10.94 55.16 3.25
CA ASP D 227 -10.81 55.22 4.70
C ASP D 227 -10.01 54.04 5.23
N GLY D 228 -10.28 52.85 4.68
CA GLY D 228 -9.53 51.66 5.01
C GLY D 228 -8.11 51.66 4.46
N ARG D 229 -7.87 52.43 3.42
CA ARG D 229 -6.54 52.50 2.82
C ARG D 229 -5.58 53.38 3.62
N ALA D 230 -6.12 54.35 4.35
CA ALA D 230 -5.30 55.30 5.09
C ALA D 230 -4.82 54.77 6.43
N ARG D 231 -5.46 53.70 6.91
CA ARG D 231 -5.11 53.13 8.20
C ARG D 231 -4.15 51.97 8.04
N SER D 232 -3.81 51.64 6.79
CA SER D 232 -3.06 50.43 6.56
C SER D 232 -1.94 50.59 5.55
N VAL D 233 -0.98 49.66 5.61
CA VAL D 233 0.04 49.52 4.59
C VAL D 233 -0.34 48.30 3.78
N VAL D 234 -0.41 48.44 2.46
CA VAL D 234 -0.75 47.31 1.62
C VAL D 234 0.43 46.84 0.79
N ILE D 235 0.91 45.63 1.07
CA ILE D 235 1.88 44.99 0.20
C ILE D 235 1.18 44.04 -0.77
N ALA D 236 1.34 44.29 -2.06
CA ALA D 236 0.73 43.46 -3.07
C ALA D 236 1.77 42.91 -4.04
N ALA D 237 1.92 41.59 -4.07
CA ALA D 237 2.65 40.93 -5.14
C ALA D 237 1.65 40.07 -5.91
N PRO D 238 1.25 40.53 -7.10
CA PRO D 238 0.18 39.88 -7.87
C PRO D 238 0.66 38.61 -8.54
N ALA D 239 -0.25 37.94 -9.26
CA ALA D 239 0.08 36.66 -9.89
C ALA D 239 1.02 36.80 -11.08
N ASP D 240 1.15 38.02 -11.61
CA ASP D 240 2.08 38.27 -12.71
C ASP D 240 3.53 38.17 -12.27
N VAL D 241 3.84 38.75 -11.11
CA VAL D 241 5.22 38.92 -10.69
C VAL D 241 5.87 37.58 -10.33
N SER D 242 7.15 37.61 -9.96
CA SER D 242 7.94 36.42 -9.73
C SER D 242 7.51 35.64 -8.49
N PRO D 243 7.63 34.31 -8.54
CA PRO D 243 7.43 33.44 -7.38
C PRO D 243 8.28 33.89 -6.18
N LEU D 244 9.47 34.42 -6.45
CA LEU D 244 10.31 34.95 -5.36
C LEU D 244 9.71 36.21 -4.75
N LEU D 245 9.31 37.17 -5.57
CA LEU D 245 8.75 38.42 -5.07
C LEU D 245 7.45 38.20 -4.29
N ARG D 246 6.64 37.28 -4.78
CA ARG D 246 5.39 36.94 -4.11
C ARG D 246 5.68 36.52 -2.68
N MET D 247 6.58 35.55 -2.53
CA MET D 247 7.01 35.13 -1.20
C MET D 247 7.58 36.32 -0.43
N GLN D 248 8.50 37.04 -1.03
CA GLN D 248 9.10 38.21 -0.39
C GLN D 248 8.07 39.24 0.07
N GLY D 249 6.98 39.34 -0.67
CA GLY D 249 5.94 40.29 -0.33
C GLY D 249 5.24 39.92 0.96
N ALA D 250 5.18 38.62 1.23
CA ALA D 250 4.59 38.09 2.46
C ALA D 250 5.50 38.37 3.65
N ALA D 251 6.81 38.23 3.44
CA ALA D 251 7.77 38.44 4.51
C ALA D 251 7.97 39.92 4.77
N TYR D 252 7.74 40.75 3.76
CA TYR D 252 7.89 42.20 3.88
C TYR D 252 6.70 42.76 4.63
N ALA D 253 5.52 42.23 4.36
CA ALA D 253 4.33 42.66 5.07
C ALA D 253 4.49 42.32 6.53
N THR D 254 5.13 41.18 6.79
CA THR D 254 5.38 40.74 8.16
C THR D 254 6.44 41.65 8.79
N ARG D 255 7.52 41.89 8.07
CA ARG D 255 8.56 42.80 8.53
C ARG D 255 7.94 44.11 8.98
N ILE D 256 7.10 44.68 8.12
CA ILE D 256 6.47 45.96 8.38
C ILE D 256 5.65 45.90 9.67
N ALA D 257 4.78 44.89 9.75
CA ALA D 257 4.04 44.61 10.97
C ALA D 257 4.99 44.55 12.16
N GLU D 258 6.08 43.80 12.00
CA GLU D 258 7.08 43.67 13.05
C GLU D 258 7.67 45.02 13.45
N ASP D 259 8.00 45.84 12.45
CA ASP D 259 8.49 47.18 12.66
C ASP D 259 7.55 47.94 13.59
N PHE D 260 6.29 48.04 13.17
CA PHE D 260 5.30 48.83 13.89
C PHE D 260 5.04 48.32 15.31
N ARG D 261 5.20 47.02 15.52
CA ARG D 261 5.00 46.48 16.86
C ARG D 261 6.07 47.03 17.80
N ASP D 262 7.30 47.09 17.30
CA ASP D 262 8.44 47.59 18.06
C ASP D 262 8.23 49.02 18.54
N ARG D 263 7.40 49.76 17.81
CA ARG D 263 7.08 51.14 18.12
C ARG D 263 5.93 51.24 19.12
N GLY D 264 5.47 50.09 19.59
CA GLY D 264 4.46 50.06 20.63
C GLY D 264 3.06 49.96 20.07
N GLN D 265 2.95 50.00 18.75
CA GLN D 265 1.64 49.97 18.10
C GLN D 265 1.04 48.57 17.97
N HIS D 266 -0.29 48.50 17.91
CA HIS D 266 -0.98 47.23 17.76
C HIS D 266 -1.34 47.05 16.31
N VAL D 267 -0.85 45.97 15.72
CA VAL D 267 -1.03 45.76 14.30
C VAL D 267 -1.95 44.59 14.00
N LEU D 268 -2.83 44.78 13.03
CA LEU D 268 -3.57 43.66 12.47
C LEU D 268 -2.92 43.30 11.17
N LEU D 269 -2.36 42.10 11.10
CA LEU D 269 -1.73 41.59 9.90
C LEU D 269 -2.70 40.69 9.18
N ILE D 270 -2.99 41.04 7.93
CA ILE D 270 -3.81 40.20 7.07
C ILE D 270 -2.91 39.65 5.98
N MET D 271 -2.64 38.36 6.02
CA MET D 271 -1.79 37.72 5.03
C MET D 271 -2.67 36.91 4.12
N ASP D 272 -2.85 37.40 2.90
CA ASP D 272 -3.68 36.70 1.91
C ASP D 272 -2.89 36.49 0.63
N SER D 273 -2.54 35.24 0.37
CA SER D 273 -2.90 34.15 1.26
C SER D 273 -1.71 33.24 1.51
N LEU D 274 -1.79 32.47 2.59
CA LEU D 274 -0.84 31.38 2.82
C LEU D 274 -0.79 30.45 1.61
N THR D 275 -1.96 30.14 1.06
CA THR D 275 -2.06 29.19 -0.04
C THR D 275 -1.17 29.61 -1.21
N ARG D 276 -1.39 30.81 -1.73
CA ARG D 276 -0.56 31.33 -2.81
C ARG D 276 0.92 31.37 -2.42
N TYR D 277 1.22 31.89 -1.24
CA TYR D 277 2.58 31.81 -0.71
C TYR D 277 3.10 30.38 -0.74
N ALA D 278 2.28 29.42 -0.35
CA ALA D 278 2.68 28.02 -0.43
C ALA D 278 2.95 27.66 -1.87
N MET D 279 2.04 28.07 -2.76
CA MET D 279 2.14 27.80 -4.19
C MET D 279 3.36 28.45 -4.79
N ALA D 280 3.56 29.73 -4.49
CA ALA D 280 4.72 30.42 -5.02
C ALA D 280 5.93 29.56 -4.79
N GLN D 281 6.12 29.11 -3.55
CA GLN D 281 7.27 28.26 -3.21
C GLN D 281 7.32 26.99 -4.04
N ARG D 282 6.15 26.39 -4.28
CA ARG D 282 6.03 25.20 -5.11
C ARG D 282 6.67 25.38 -6.50
N GLU D 283 6.34 26.48 -7.17
CA GLU D 283 6.95 26.77 -8.46
C GLU D 283 8.45 26.55 -8.38
N ILE D 284 9.13 27.38 -7.59
CA ILE D 284 10.58 27.28 -7.43
C ILE D 284 11.02 25.85 -7.14
N ALA D 285 10.39 25.20 -6.17
CA ALA D 285 10.81 23.86 -5.78
C ALA D 285 10.61 22.87 -6.91
N LEU D 286 9.49 22.99 -7.62
CA LEU D 286 9.26 22.18 -8.82
C LEU D 286 10.30 22.53 -9.91
N ALA D 287 10.36 23.80 -10.32
CA ALA D 287 11.22 24.22 -11.42
C ALA D 287 12.68 23.82 -11.25
N ILE D 288 13.11 23.69 -10.00
CA ILE D 288 14.45 23.18 -9.72
C ILE D 288 14.46 21.70 -9.35
N GLY D 289 13.30 21.05 -9.45
CA GLY D 289 13.25 19.59 -9.41
C GLY D 289 13.05 18.88 -8.08
N GLU D 290 12.41 19.53 -7.11
CA GLU D 290 12.04 18.87 -5.88
C GLU D 290 10.78 18.02 -6.07
N PRO D 291 10.83 16.75 -5.63
CA PRO D 291 9.67 15.86 -5.79
C PRO D 291 8.54 16.23 -4.82
N PRO D 292 7.30 16.34 -5.34
CA PRO D 292 6.11 16.68 -4.53
C PRO D 292 5.66 15.54 -3.62
N ALA D 293 5.28 15.88 -2.39
CA ALA D 293 4.69 14.91 -1.46
C ALA D 293 3.16 15.01 -1.40
N THR D 294 2.60 16.01 -2.08
CA THR D 294 1.19 16.34 -1.93
C THR D 294 0.66 17.09 -3.15
N LYS D 295 -0.50 17.74 -3.02
CA LYS D 295 -1.27 18.18 -4.18
C LYS D 295 -0.38 18.73 -5.29
N GLY D 296 0.24 19.88 -5.05
CA GLY D 296 1.37 20.29 -5.85
C GLY D 296 2.65 20.29 -5.06
N TYR D 297 2.53 19.98 -3.76
CA TYR D 297 3.47 20.48 -2.76
C TYR D 297 4.69 19.63 -2.37
N PRO D 298 5.89 20.12 -2.68
CA PRO D 298 7.12 19.52 -2.18
C PRO D 298 7.23 19.74 -0.68
N PRO D 299 8.03 18.92 0.01
CA PRO D 299 8.23 18.99 1.47
C PRO D 299 8.74 20.33 1.96
N SER D 300 9.36 21.09 1.06
CA SER D 300 9.94 22.39 1.39
C SER D 300 8.86 23.40 1.77
N VAL D 301 7.72 23.31 1.12
CA VAL D 301 6.57 24.16 1.41
C VAL D 301 6.19 24.07 2.89
N PHE D 302 6.03 22.84 3.38
CA PHE D 302 5.63 22.61 4.76
C PHE D 302 6.71 22.97 5.77
N ALA D 303 7.91 23.26 5.28
CA ALA D 303 8.96 23.81 6.13
C ALA D 303 8.82 25.32 6.25
N LYS D 304 8.57 25.99 5.14
CA LYS D 304 8.54 27.44 5.08
C LYS D 304 7.38 28.01 5.90
N LEU D 305 6.19 27.43 5.74
CA LEU D 305 4.98 27.98 6.33
C LEU D 305 5.17 28.38 7.80
N PRO D 306 5.60 27.43 8.64
CA PRO D 306 5.75 27.76 10.07
C PRO D 306 6.54 29.04 10.29
N ALA D 307 7.66 29.17 9.58
CA ALA D 307 8.54 30.32 9.74
C ALA D 307 7.82 31.64 9.51
N LEU D 308 7.11 31.75 8.40
CA LEU D 308 6.37 32.98 8.09
C LEU D 308 5.32 33.25 9.15
N VAL D 309 4.54 32.24 9.45
CA VAL D 309 3.44 32.40 10.39
C VAL D 309 3.96 32.70 11.78
N GLU D 310 5.08 32.07 12.14
CA GLU D 310 5.61 32.21 13.48
C GLU D 310 6.15 33.61 13.80
N ARG D 311 6.51 34.37 12.76
CA ARG D 311 7.08 35.70 12.97
C ARG D 311 6.09 36.72 13.58
N ALA D 312 4.80 36.56 13.28
CA ALA D 312 3.79 37.41 13.88
C ALA D 312 3.49 36.93 15.28
N GLY D 313 2.99 37.83 16.12
CA GLY D 313 2.66 37.47 17.49
C GLY D 313 2.91 38.64 18.41
N ASN D 314 2.84 38.40 19.71
CA ASN D 314 2.96 39.48 20.67
C ASN D 314 4.38 39.99 20.88
N GLY D 315 4.49 41.25 21.29
CA GLY D 315 5.77 41.88 21.56
C GLY D 315 6.00 42.09 23.05
N ILE D 316 6.82 43.07 23.40
CA ILE D 316 7.17 43.34 24.80
C ILE D 316 6.00 43.99 25.57
N HIS D 317 5.88 43.64 26.85
CA HIS D 317 4.82 44.19 27.70
C HIS D 317 4.79 45.71 27.64
N GLY D 318 5.97 46.31 27.46
CA GLY D 318 6.10 47.75 27.34
C GLY D 318 5.95 48.18 25.89
N GLY D 319 5.25 47.36 25.11
CA GLY D 319 5.18 47.56 23.67
C GLY D 319 3.91 47.00 23.07
N GLY D 320 3.85 47.03 21.75
CA GLY D 320 2.63 46.69 21.02
C GLY D 320 2.47 45.22 20.72
N SER D 321 1.78 44.93 19.62
CA SER D 321 1.39 43.57 19.28
C SER D 321 1.12 43.40 17.79
N ILE D 322 1.17 42.16 17.33
CA ILE D 322 0.70 41.79 16.00
C ILE D 322 -0.34 40.67 16.11
N THR D 323 -1.56 40.98 15.68
CA THR D 323 -2.65 40.02 15.71
C THR D 323 -2.90 39.66 14.27
N ALA D 324 -2.63 38.42 13.88
CA ALA D 324 -2.66 38.09 12.45
C ALA D 324 -3.78 37.13 12.01
N PHE D 325 -4.27 37.35 10.80
CA PHE D 325 -5.23 36.45 10.16
C PHE D 325 -4.62 35.87 8.90
N TYR D 326 -4.41 34.57 8.89
CA TYR D 326 -3.81 33.90 7.73
C TYR D 326 -4.89 33.23 6.89
N THR D 327 -4.98 33.62 5.62
CA THR D 327 -6.04 33.12 4.74
C THR D 327 -5.57 31.87 4.02
N VAL D 328 -6.14 30.74 4.39
CA VAL D 328 -5.85 29.50 3.70
C VAL D 328 -7.03 29.16 2.81
N LEU D 329 -6.82 29.09 1.50
CA LEU D 329 -7.94 28.84 0.64
C LEU D 329 -8.09 27.35 0.46
N THR D 330 -9.12 26.82 1.09
CA THR D 330 -9.54 25.44 0.87
C THR D 330 -10.70 25.61 -0.07
N GLU D 331 -10.66 24.89 -1.20
CA GLU D 331 -11.72 25.02 -2.19
C GLU D 331 -12.75 23.99 -1.77
N GLY D 332 -13.87 24.48 -1.24
CA GLY D 332 -14.76 23.67 -0.42
C GLY D 332 -14.10 23.46 0.94
N ASP D 333 -14.87 23.01 1.94
CA ASP D 333 -14.23 22.67 3.23
C ASP D 333 -13.97 21.19 3.45
N ASP D 334 -14.20 20.36 2.43
CA ASP D 334 -13.83 18.97 2.58
C ASP D 334 -12.34 19.15 2.63
N GLN D 335 -11.74 18.84 3.77
CA GLN D 335 -10.38 19.28 3.95
C GLN D 335 -9.37 18.17 4.09
N GLN D 336 -8.71 17.86 2.98
CA GLN D 336 -7.43 17.17 2.99
C GLN D 336 -6.29 18.14 2.69
N ASP D 337 -6.64 19.42 2.55
CA ASP D 337 -5.69 20.45 2.20
C ASP D 337 -4.63 20.55 3.29
N PRO D 338 -3.38 20.22 2.92
CA PRO D 338 -2.22 20.17 3.82
C PRO D 338 -1.79 21.57 4.20
N ILE D 339 -2.13 22.55 3.38
CA ILE D 339 -1.91 23.95 3.72
C ILE D 339 -2.72 24.28 4.96
N ALA D 340 -3.98 23.85 4.99
CA ALA D 340 -4.82 23.97 6.18
C ALA D 340 -4.36 23.04 7.31
N ASP D 341 -4.21 21.76 7.02
CA ASP D 341 -3.74 20.82 8.03
C ASP D 341 -2.44 21.33 8.65
N SER D 342 -1.67 22.10 7.88
CA SER D 342 -0.43 22.66 8.41
C SER D 342 -0.70 23.91 9.26
N ALA D 343 -1.74 24.65 8.88
CA ALA D 343 -2.11 25.87 9.59
C ALA D 343 -2.78 25.55 10.92
N ARG D 344 -3.75 24.63 10.90
CA ARG D 344 -4.40 24.19 12.11
C ARG D 344 -3.39 23.84 13.19
N ALA D 345 -2.34 23.13 12.78
CA ALA D 345 -1.34 22.66 13.73
C ALA D 345 -0.67 23.79 14.51
N ILE D 346 -0.22 24.83 13.81
CA ILE D 346 0.53 25.91 14.45
C ILE D 346 -0.28 27.14 14.87
N LEU D 347 -1.51 27.25 14.40
CA LEU D 347 -2.25 28.50 14.62
C LEU D 347 -3.10 28.48 15.89
N ASP D 348 -3.68 29.64 16.17
CA ASP D 348 -4.44 29.84 17.40
C ASP D 348 -5.94 29.67 17.20
N GLY D 349 -6.32 29.24 16.01
CA GLY D 349 -7.71 28.98 15.72
C GLY D 349 -7.98 29.27 14.27
N HIS D 350 -9.23 29.14 13.87
CA HIS D 350 -9.61 29.41 12.50
C HIS D 350 -11.05 29.89 12.39
N ILE D 351 -11.28 30.81 11.47
CA ILE D 351 -12.62 31.18 11.10
C ILE D 351 -12.93 30.46 9.81
N VAL D 352 -13.89 29.54 9.85
CA VAL D 352 -14.27 28.77 8.68
C VAL D 352 -15.50 29.36 8.01
N LEU D 353 -15.34 29.84 6.78
CA LEU D 353 -16.47 30.28 5.98
C LEU D 353 -17.14 29.08 5.29
N SER D 354 -18.46 29.00 5.34
CA SER D 354 -19.19 27.89 4.70
C SER D 354 -19.95 28.30 3.43
N ARG D 355 -19.68 27.61 2.33
CA ARG D 355 -20.38 27.89 1.08
C ARG D 355 -21.90 27.81 1.26
N ARG D 356 -22.36 26.78 1.96
CA ARG D 356 -23.79 26.60 2.20
C ARG D 356 -24.48 27.84 2.76
N LEU D 357 -23.76 28.59 3.60
CA LEU D 357 -24.32 29.81 4.16
C LEU D 357 -24.25 30.96 3.16
N ALA D 358 -23.20 30.98 2.34
CA ALA D 358 -23.04 32.02 1.34
C ALA D 358 -24.12 31.86 0.26
N GLU D 359 -24.32 30.62 -0.17
CA GLU D 359 -25.39 30.30 -1.11
C GLU D 359 -26.76 30.63 -0.51
N ALA D 360 -26.84 30.57 0.81
CA ALA D 360 -28.09 30.83 1.54
C ALA D 360 -28.29 32.30 1.79
N GLY D 361 -27.37 33.13 1.31
CA GLY D 361 -27.43 34.57 1.50
C GLY D 361 -27.04 35.02 2.90
N HIS D 362 -26.34 34.17 3.63
CA HIS D 362 -25.96 34.41 5.03
C HIS D 362 -24.55 35.02 5.10
N TYR D 363 -24.45 36.30 5.46
CA TYR D 363 -23.14 36.99 5.46
C TYR D 363 -22.85 37.82 6.70
N PRO D 364 -21.58 37.80 7.15
CA PRO D 364 -20.53 36.92 6.62
C PRO D 364 -20.92 35.50 6.97
N ALA D 365 -20.51 34.50 6.19
CA ALA D 365 -20.96 33.17 6.52
C ALA D 365 -19.87 32.46 7.30
N ILE D 366 -20.09 32.40 8.60
CA ILE D 366 -19.09 31.92 9.52
C ILE D 366 -19.65 30.69 10.19
N ASP D 367 -19.00 29.56 9.96
CA ASP D 367 -19.48 28.33 10.53
C ASP D 367 -19.04 28.33 11.99
N ILE D 368 -20.01 28.29 12.89
CA ILE D 368 -19.74 28.44 14.30
C ILE D 368 -19.25 27.14 14.93
N GLU D 369 -19.70 26.02 14.39
CA GLU D 369 -19.25 24.73 14.89
C GLU D 369 -17.87 24.43 14.36
N ALA D 370 -17.58 24.96 13.17
CA ALA D 370 -16.32 24.68 12.50
C ALA D 370 -15.18 25.51 13.07
N SER D 371 -15.50 26.76 13.43
CA SER D 371 -14.48 27.71 13.84
C SER D 371 -14.05 27.51 15.28
N ILE D 372 -12.85 27.97 15.62
CA ILE D 372 -12.44 28.01 17.02
C ILE D 372 -11.44 29.14 17.29
N SER D 373 -11.51 29.69 18.50
CA SER D 373 -10.48 30.60 18.99
C SER D 373 -9.92 30.07 20.30
N ARG D 374 -8.68 29.61 20.28
CA ARG D 374 -8.14 28.89 21.43
C ARG D 374 -7.84 29.84 22.59
N ALA D 375 -7.78 31.13 22.32
CA ALA D 375 -7.55 32.10 23.38
C ALA D 375 -8.83 32.76 23.90
N MET D 376 -9.98 32.42 23.34
CA MET D 376 -11.23 33.04 23.75
C MET D 376 -11.50 32.95 25.24
N THR D 377 -11.64 31.72 25.72
CA THR D 377 -12.00 31.48 27.12
C THR D 377 -11.08 32.23 28.08
N ALA D 378 -9.84 32.45 27.65
CA ALA D 378 -8.91 33.20 28.47
C ALA D 378 -9.09 34.70 28.31
N LEU D 379 -9.81 35.13 27.29
CA LEU D 379 -10.07 36.56 27.12
C LEU D 379 -11.42 37.07 27.64
N ILE D 380 -12.36 36.18 27.92
CA ILE D 380 -13.71 36.64 28.27
C ILE D 380 -14.24 36.09 29.59
N THR D 381 -15.30 36.73 30.07
CA THR D 381 -15.91 36.43 31.35
C THR D 381 -16.52 35.04 31.37
N GLU D 382 -16.73 34.49 32.55
CA GLU D 382 -17.43 33.21 32.65
C GLU D 382 -18.88 33.37 32.21
N GLN D 383 -19.45 34.54 32.46
CA GLN D 383 -20.86 34.77 32.10
C GLN D 383 -21.05 35.08 30.63
N HIS D 384 -20.02 35.64 30.00
CA HIS D 384 -20.01 35.81 28.56
C HIS D 384 -19.87 34.45 27.90
N TYR D 385 -18.90 33.67 28.37
CA TYR D 385 -18.67 32.32 27.87
C TYR D 385 -19.91 31.47 28.01
N ALA D 386 -20.52 31.53 29.18
CA ALA D 386 -21.74 30.78 29.43
C ALA D 386 -22.76 31.07 28.33
N ARG D 387 -22.76 32.31 27.85
CA ARG D 387 -23.66 32.75 26.78
C ARG D 387 -23.19 32.30 25.40
N VAL D 388 -21.88 32.12 25.26
CA VAL D 388 -21.29 31.60 24.04
C VAL D 388 -21.65 30.13 23.88
N ARG D 389 -21.47 29.36 24.95
CA ARG D 389 -21.82 27.94 24.97
C ARG D 389 -23.27 27.72 24.55
N LEU D 390 -24.18 28.41 25.24
CA LEU D 390 -25.61 28.31 24.97
C LEU D 390 -25.98 28.77 23.56
N PHE D 391 -25.48 29.93 23.13
CA PHE D 391 -25.77 30.41 21.79
C PHE D 391 -25.50 29.29 20.79
N LYS D 392 -24.37 28.60 20.97
CA LYS D 392 -23.98 27.54 20.05
C LYS D 392 -24.87 26.31 20.12
N GLN D 393 -25.22 25.88 21.33
CA GLN D 393 -26.11 24.74 21.50
C GLN D 393 -27.41 24.93 20.72
N LEU D 394 -28.05 26.09 20.93
CA LEU D 394 -29.30 26.39 20.23
C LEU D 394 -29.12 26.29 18.73
N LEU D 395 -28.02 26.85 18.25
CA LEU D 395 -27.71 26.81 16.82
C LEU D 395 -27.42 25.37 16.40
N SER D 396 -26.58 24.67 17.16
CA SER D 396 -26.29 23.28 16.85
C SER D 396 -27.57 22.49 16.77
N SER D 397 -28.48 22.79 17.69
CA SER D 397 -29.75 22.09 17.80
C SER D 397 -30.66 22.44 16.63
N PHE D 398 -30.77 23.73 16.34
CA PHE D 398 -31.71 24.22 15.35
C PHE D 398 -31.40 23.70 13.96
N GLN D 399 -30.13 23.75 13.58
CA GLN D 399 -29.69 23.21 12.31
C GLN D 399 -29.97 21.71 12.28
N ARG D 400 -29.40 20.99 13.23
CA ARG D 400 -29.47 19.54 13.29
C ARG D 400 -30.89 19.00 13.16
N ASN D 401 -31.79 19.53 13.99
CA ASN D 401 -33.17 19.06 14.07
C ASN D 401 -34.08 19.78 13.10
N ARG D 402 -33.51 20.58 12.20
CA ARG D 402 -34.32 21.21 11.17
C ARG D 402 -35.16 20.18 10.43
N ASP D 403 -34.50 19.27 9.72
CA ASP D 403 -35.19 18.26 8.92
C ASP D 403 -36.33 17.60 9.67
N LEU D 404 -36.11 17.31 10.96
CA LEU D 404 -37.21 16.84 11.81
C LEU D 404 -38.32 17.88 11.75
N VAL D 405 -38.05 19.05 12.33
CA VAL D 405 -38.99 20.16 12.33
C VAL D 405 -39.46 20.57 10.94
N SER D 406 -38.50 20.75 10.04
CA SER D 406 -38.73 21.30 8.70
C SER D 406 -39.84 20.58 7.96
N VAL D 407 -39.74 19.26 7.92
CA VAL D 407 -40.69 18.48 7.15
C VAL D 407 -42.07 18.67 7.75
N GLY D 408 -42.09 18.98 9.03
CA GLY D 408 -43.33 19.18 9.76
C GLY D 408 -43.55 18.04 10.73
N ALA D 409 -42.73 17.01 10.62
CA ALA D 409 -42.84 15.85 11.50
C ALA D 409 -42.95 16.28 12.97
N TYR D 410 -42.04 17.14 13.40
CA TYR D 410 -41.93 17.57 14.80
C TYR D 410 -43.17 18.23 15.38
N ALA D 411 -43.44 17.93 16.64
CA ALA D 411 -44.59 18.51 17.35
C ALA D 411 -44.11 19.45 18.46
N LYS D 412 -44.38 20.74 18.28
CA LYS D 412 -43.87 21.75 19.22
C LYS D 412 -44.24 21.44 20.67
N GLY D 413 -43.34 21.78 21.58
CA GLY D 413 -43.56 21.56 22.99
C GLY D 413 -42.79 20.38 23.53
N SER D 414 -42.43 19.48 22.62
CA SER D 414 -41.71 18.27 23.00
C SER D 414 -40.36 18.59 23.65
N ASP D 415 -39.53 19.36 22.94
CA ASP D 415 -38.19 19.69 23.41
C ASP D 415 -38.05 21.16 23.81
N PRO D 416 -37.61 21.41 25.05
CA PRO D 416 -37.40 22.77 25.57
C PRO D 416 -36.35 23.53 24.79
N MET D 417 -35.21 22.88 24.57
CA MET D 417 -34.09 23.48 23.87
C MET D 417 -34.48 23.90 22.45
N LEU D 418 -34.97 22.94 21.68
CA LEU D 418 -35.35 23.20 20.29
C LEU D 418 -36.33 24.36 20.18
N ASP D 419 -37.39 24.29 20.98
CA ASP D 419 -38.37 25.37 21.04
C ASP D 419 -37.66 26.69 21.26
N LYS D 420 -36.78 26.74 22.27
CA LYS D 420 -36.02 27.94 22.55
C LYS D 420 -35.19 28.29 21.32
N ALA D 421 -34.55 27.27 20.75
CA ALA D 421 -33.77 27.46 19.54
C ALA D 421 -34.65 28.01 18.42
N ILE D 422 -35.90 27.56 18.38
CA ILE D 422 -36.82 27.93 17.30
C ILE D 422 -37.39 29.33 17.47
N THR D 423 -37.71 29.71 18.70
CA THR D 423 -38.25 31.04 18.93
C THR D 423 -37.15 32.09 18.82
N LEU D 424 -35.95 31.73 19.27
CA LEU D 424 -34.80 32.63 19.25
C LEU D 424 -34.08 32.69 17.90
N TRP D 425 -34.45 31.78 17.00
CA TRP D 425 -33.73 31.65 15.73
C TRP D 425 -33.51 32.97 14.99
N PRO D 426 -34.59 33.69 14.67
CA PRO D 426 -34.40 34.95 13.93
C PRO D 426 -33.44 35.88 14.66
N GLN D 427 -33.43 35.82 15.98
CA GLN D 427 -32.53 36.65 16.77
C GLN D 427 -31.09 36.20 16.54
N LEU D 428 -30.88 34.89 16.63
CA LEU D 428 -29.60 34.27 16.33
C LEU D 428 -29.21 34.56 14.89
N GLU D 429 -30.17 34.43 13.99
CA GLU D 429 -29.98 34.68 12.58
C GLU D 429 -29.50 36.11 12.34
N ALA D 430 -30.19 37.08 12.95
CA ALA D 430 -29.88 38.48 12.70
C ALA D 430 -28.51 38.85 13.26
N PHE D 431 -28.12 38.13 14.30
CA PHE D 431 -26.94 38.42 15.08
C PHE D 431 -25.71 38.00 14.33
N LEU D 432 -25.80 36.88 13.63
CA LEU D 432 -24.68 36.33 12.91
C LEU D 432 -24.44 37.12 11.65
N GLN D 433 -25.53 37.58 11.03
CA GLN D 433 -25.43 38.35 9.80
C GLN D 433 -25.00 39.79 10.06
N GLN D 434 -24.17 40.32 9.17
CA GLN D 434 -23.69 41.68 9.31
C GLN D 434 -23.50 42.33 7.95
N GLY D 435 -23.86 43.61 7.86
CA GLY D 435 -23.74 44.36 6.62
C GLY D 435 -22.33 44.80 6.32
N ILE D 436 -21.97 44.80 5.05
CA ILE D 436 -20.63 45.15 4.63
C ILE D 436 -20.20 46.47 5.27
N PHE D 437 -21.12 47.42 5.30
CA PHE D 437 -20.85 48.73 5.91
C PHE D 437 -21.37 48.90 7.33
N GLU D 438 -21.91 47.84 7.92
CA GLU D 438 -22.28 47.84 9.33
C GLU D 438 -21.12 47.34 10.19
N ARG D 439 -20.80 48.08 11.24
CA ARG D 439 -19.70 47.72 12.15
C ARG D 439 -20.20 47.30 13.52
N ALA D 440 -19.55 46.31 14.12
CA ALA D 440 -19.93 45.87 15.46
C ALA D 440 -18.84 46.07 16.52
N ASP D 441 -19.06 47.03 17.41
CA ASP D 441 -18.14 47.32 18.49
C ASP D 441 -18.02 46.12 19.39
N TRP D 442 -16.93 46.04 20.14
CA TRP D 442 -16.87 45.07 21.20
C TRP D 442 -18.10 45.26 22.07
N GLU D 443 -18.40 46.52 22.36
CA GLU D 443 -19.56 46.86 23.19
C GLU D 443 -20.87 46.49 22.51
N ASP D 444 -21.02 46.88 21.24
CA ASP D 444 -22.23 46.59 20.47
C ASP D 444 -22.53 45.10 20.44
N SER D 445 -21.59 44.33 19.91
CA SER D 445 -21.76 42.90 19.76
C SER D 445 -22.00 42.24 21.10
N LEU D 446 -21.31 42.70 22.13
CA LEU D 446 -21.48 42.11 23.44
C LEU D 446 -22.89 42.39 23.98
N GLN D 447 -23.28 43.66 23.99
CA GLN D 447 -24.63 44.03 24.38
C GLN D 447 -25.66 43.31 23.52
N ALA D 448 -25.36 43.18 22.24
CA ALA D 448 -26.25 42.48 21.30
C ALA D 448 -26.53 41.07 21.81
N LEU D 449 -25.46 40.39 22.23
CA LEU D 449 -25.57 39.05 22.78
C LEU D 449 -26.42 39.06 24.04
N ASP D 450 -26.02 39.89 25.01
CA ASP D 450 -26.73 40.00 26.28
C ASP D 450 -28.25 40.20 26.10
N LEU D 451 -28.64 41.00 25.11
CA LEU D 451 -30.05 41.27 24.85
C LEU D 451 -30.84 39.99 24.53
N ILE D 452 -30.25 39.11 23.75
CA ILE D 452 -30.89 37.84 23.43
C ILE D 452 -31.03 37.04 24.72
N PHE D 453 -30.38 37.55 25.76
CA PHE D 453 -30.29 36.87 27.05
C PHE D 453 -30.72 37.81 28.19
N PRO D 454 -30.45 37.48 29.46
CA PRO D 454 -29.58 36.54 30.15
C PRO D 454 -30.19 35.19 30.44
N THR D 455 -29.42 34.37 31.14
CA THR D 455 -29.90 33.12 31.70
C THR D 455 -30.84 33.52 32.84
N PRO E 5 -60.24 -19.88 -22.05
CA PRO E 5 -59.99 -21.23 -21.54
C PRO E 5 -59.47 -22.13 -22.64
N ILE E 6 -60.38 -22.64 -23.47
CA ILE E 6 -60.02 -23.34 -24.69
C ILE E 6 -59.09 -22.43 -25.50
N HIS E 7 -59.56 -21.22 -25.77
CA HIS E 7 -58.80 -20.26 -26.55
C HIS E 7 -57.48 -19.91 -25.86
N ALA E 8 -57.45 -20.02 -24.54
CA ALA E 8 -56.24 -19.71 -23.78
C ALA E 8 -55.08 -20.66 -24.11
N ARG E 9 -55.27 -21.95 -23.88
CA ARG E 9 -54.21 -22.92 -24.18
C ARG E 9 -54.36 -23.67 -25.51
N MET E 10 -55.43 -23.40 -26.25
CA MET E 10 -55.51 -23.95 -27.60
C MET E 10 -54.68 -23.08 -28.54
N GLN E 11 -54.44 -21.84 -28.12
CA GLN E 11 -53.49 -20.97 -28.81
C GLN E 11 -52.07 -21.27 -28.39
N GLN E 12 -51.91 -21.76 -27.16
CA GLN E 12 -50.61 -22.16 -26.67
C GLN E 12 -49.99 -23.10 -27.69
N LEU E 13 -50.71 -24.17 -28.02
CA LEU E 13 -50.20 -25.16 -28.97
C LEU E 13 -49.97 -24.55 -30.35
N VAL E 14 -50.86 -23.64 -30.76
CA VAL E 14 -50.72 -22.96 -32.04
C VAL E 14 -49.38 -22.26 -32.18
N SER E 15 -49.04 -21.44 -31.18
CA SER E 15 -47.78 -20.72 -31.20
C SER E 15 -46.60 -21.61 -30.81
N GLU E 16 -46.86 -22.63 -29.99
CA GLU E 16 -45.84 -23.63 -29.70
C GLU E 16 -45.49 -24.38 -30.97
N PHE E 17 -46.52 -24.67 -31.77
CA PHE E 17 -46.36 -25.35 -33.05
C PHE E 17 -45.65 -24.44 -34.06
N GLN E 18 -45.94 -23.14 -34.00
CA GLN E 18 -45.28 -22.16 -34.85
C GLN E 18 -43.79 -22.09 -34.52
N ASN E 19 -43.49 -21.98 -33.24
CA ASN E 19 -42.10 -21.90 -32.80
C ASN E 19 -41.30 -23.13 -33.20
N THR E 20 -41.89 -24.30 -33.05
CA THR E 20 -41.19 -25.54 -33.36
C THR E 20 -40.74 -25.60 -34.82
N LEU E 21 -41.60 -25.16 -35.73
CA LEU E 21 -41.24 -25.16 -37.15
C LEU E 21 -40.12 -24.18 -37.42
N ASP E 22 -40.25 -22.96 -36.89
CA ASP E 22 -39.23 -21.95 -37.03
C ASP E 22 -37.88 -22.47 -36.52
N ALA E 23 -37.93 -23.32 -35.51
CA ALA E 23 -36.73 -23.91 -34.95
C ALA E 23 -36.00 -24.77 -35.97
N LEU E 24 -36.75 -25.43 -36.84
CA LEU E 24 -36.17 -26.33 -37.82
C LEU E 24 -35.55 -25.61 -39.02
N ASP E 25 -35.94 -24.36 -39.24
CA ASP E 25 -35.48 -23.65 -40.43
C ASP E 25 -33.96 -23.65 -40.56
N SER E 26 -33.26 -23.44 -39.45
CA SER E 26 -31.81 -23.46 -39.44
C SER E 26 -31.26 -24.89 -39.44
N VAL E 27 -32.00 -25.80 -38.84
CA VAL E 27 -31.60 -27.20 -38.78
C VAL E 27 -31.75 -27.83 -40.15
N ILE E 28 -32.89 -27.57 -40.79
CA ILE E 28 -33.20 -28.11 -42.11
C ILE E 28 -32.30 -27.55 -43.21
N ALA E 29 -32.06 -26.25 -43.17
CA ALA E 29 -31.12 -25.64 -44.11
C ALA E 29 -29.76 -26.26 -43.94
N SER E 30 -29.34 -26.41 -42.69
CA SER E 30 -28.03 -26.98 -42.38
C SER E 30 -27.94 -28.41 -42.90
N ARG E 31 -28.95 -29.21 -42.58
CA ARG E 31 -29.05 -30.56 -43.11
C ARG E 31 -28.85 -30.57 -44.64
N LEU E 32 -29.38 -29.56 -45.32
CA LEU E 32 -29.28 -29.51 -46.77
C LEU E 32 -27.84 -29.22 -47.22
N MET E 33 -27.17 -28.32 -46.50
CA MET E 33 -25.75 -28.06 -46.68
C MET E 33 -24.92 -29.33 -46.53
N GLN E 34 -25.26 -30.14 -45.52
CA GLN E 34 -24.52 -31.35 -45.27
C GLN E 34 -24.56 -32.25 -46.49
N MET E 35 -25.70 -32.26 -47.18
CA MET E 35 -25.86 -33.11 -48.35
C MET E 35 -24.91 -32.66 -49.44
N ALA E 36 -24.92 -31.37 -49.76
CA ALA E 36 -23.99 -30.82 -50.75
C ALA E 36 -22.52 -31.03 -50.33
N LEU E 37 -22.24 -30.92 -49.04
CA LEU E 37 -20.87 -31.09 -48.56
C LEU E 37 -20.37 -32.52 -48.78
N GLU E 38 -21.20 -33.50 -48.45
CA GLU E 38 -20.85 -34.89 -48.66
C GLU E 38 -20.56 -35.16 -50.13
N ALA E 39 -21.37 -34.57 -50.99
CA ALA E 39 -21.15 -34.67 -52.43
C ALA E 39 -19.80 -34.04 -52.77
N ALA E 40 -19.61 -32.80 -52.34
CA ALA E 40 -18.32 -32.14 -52.47
C ALA E 40 -17.23 -33.07 -51.96
N ARG E 41 -17.41 -33.60 -50.75
CA ARG E 41 -16.42 -34.51 -50.19
C ARG E 41 -16.12 -35.63 -51.18
N GLN E 42 -17.17 -36.14 -51.80
CA GLN E 42 -17.04 -37.26 -52.74
C GLN E 42 -16.23 -36.88 -53.97
N VAL E 43 -16.53 -35.74 -54.57
CA VAL E 43 -15.85 -35.32 -55.79
C VAL E 43 -14.38 -35.08 -55.52
N ILE E 44 -14.08 -34.51 -54.36
CA ILE E 44 -12.70 -34.28 -53.99
C ILE E 44 -11.95 -35.61 -53.97
N GLY E 45 -12.43 -36.54 -53.15
CA GLY E 45 -11.80 -37.85 -53.06
C GLY E 45 -11.86 -38.57 -54.39
N GLN E 46 -13.01 -38.46 -55.06
CA GLN E 46 -13.24 -39.17 -56.32
C GLN E 46 -12.14 -39.00 -57.35
N THR E 47 -11.61 -37.79 -57.47
CA THR E 47 -10.83 -37.46 -58.65
C THR E 47 -9.42 -36.95 -58.35
N PRO E 48 -8.44 -37.39 -59.15
CA PRO E 48 -7.21 -36.61 -59.29
C PRO E 48 -7.36 -35.71 -60.51
N ALA E 49 -6.39 -34.85 -60.76
CA ALA E 49 -6.44 -33.96 -61.91
C ALA E 49 -5.04 -33.48 -62.26
N VAL E 50 -4.87 -33.07 -63.50
CA VAL E 50 -3.52 -32.78 -63.98
C VAL E 50 -3.13 -31.30 -63.85
N ASP E 51 -4.00 -30.49 -63.28
CA ASP E 51 -3.64 -29.09 -63.10
C ASP E 51 -3.11 -28.77 -61.72
N ASN E 52 -1.82 -28.46 -61.66
CA ASN E 52 -1.20 -27.93 -60.47
C ASN E 52 -1.29 -26.41 -60.49
N SER E 53 -2.00 -25.87 -61.47
CA SER E 53 -2.04 -24.44 -61.71
C SER E 53 -2.24 -23.67 -60.39
N ALA E 54 -3.20 -24.11 -59.59
CA ALA E 54 -3.48 -23.50 -58.29
C ALA E 54 -2.45 -23.92 -57.24
N LEU E 55 -2.10 -25.22 -57.24
CA LEU E 55 -1.08 -25.74 -56.33
C LEU E 55 0.26 -25.05 -56.57
N ILE E 56 0.65 -24.95 -57.83
CA ILE E 56 1.89 -24.28 -58.19
C ILE E 56 1.90 -22.81 -57.77
N LYS E 57 0.73 -22.19 -57.70
CA LYS E 57 0.67 -20.80 -57.28
C LYS E 57 0.83 -20.69 -55.78
N GLN E 58 0.24 -21.63 -55.05
CA GLN E 58 0.31 -21.63 -53.60
C GLN E 58 1.75 -21.79 -53.11
N ILE E 59 2.47 -22.73 -53.74
CA ILE E 59 3.85 -22.99 -53.40
C ILE E 59 4.69 -21.74 -53.63
N GLN E 60 4.44 -21.07 -54.75
CA GLN E 60 5.05 -19.77 -55.02
C GLN E 60 4.78 -18.82 -53.86
N GLN E 61 3.52 -18.75 -53.45
CA GLN E 61 3.16 -17.90 -52.32
C GLN E 61 3.89 -18.33 -51.06
N LEU E 62 3.97 -19.63 -50.82
CA LEU E 62 4.60 -20.13 -49.61
C LEU E 62 6.08 -19.75 -49.57
N LEU E 63 6.77 -19.94 -50.68
CA LEU E 63 8.19 -19.64 -50.74
C LEU E 63 8.48 -18.21 -50.27
N GLN E 64 7.58 -17.30 -50.59
CA GLN E 64 7.78 -15.89 -50.28
C GLN E 64 7.11 -15.45 -48.97
N GLN E 65 6.46 -16.38 -48.28
CA GLN E 65 5.81 -16.06 -47.01
C GLN E 65 6.82 -15.86 -45.89
N GLU E 66 6.65 -14.78 -45.13
CA GLU E 66 7.54 -14.48 -44.00
C GLU E 66 6.73 -14.65 -42.71
N PRO E 67 7.41 -14.97 -41.60
CA PRO E 67 8.85 -15.22 -41.49
C PRO E 67 9.30 -16.51 -42.18
N LEU E 68 10.56 -16.54 -42.62
CA LEU E 68 11.13 -17.67 -43.35
C LEU E 68 11.62 -18.78 -42.43
N PHE E 69 11.38 -20.04 -42.81
CA PHE E 69 11.87 -21.18 -42.02
C PHE E 69 13.36 -21.42 -42.26
N SER E 70 14.13 -21.53 -41.18
CA SER E 70 15.52 -21.98 -41.27
C SER E 70 15.66 -23.45 -40.88
N GLY E 71 14.54 -24.06 -40.51
CA GLY E 71 14.51 -25.34 -39.81
C GLY E 71 14.72 -26.58 -40.67
N LYS E 72 15.45 -26.43 -41.77
CA LYS E 72 15.58 -27.48 -42.77
C LYS E 72 14.21 -27.75 -43.38
N PRO E 73 13.63 -26.71 -43.99
CA PRO E 73 12.28 -26.75 -44.54
C PRO E 73 12.14 -27.85 -45.58
N GLN E 74 11.00 -28.55 -45.56
CA GLN E 74 10.70 -29.55 -46.58
C GLN E 74 9.25 -29.41 -47.05
N LEU E 75 9.06 -29.27 -48.36
CA LEU E 75 7.74 -29.22 -48.97
C LEU E 75 7.30 -30.63 -49.32
N ARG E 76 6.05 -30.96 -49.02
CA ARG E 76 5.51 -32.28 -49.28
C ARG E 76 4.26 -32.16 -50.12
N VAL E 77 4.18 -32.99 -51.16
CA VAL E 77 2.97 -33.08 -51.96
C VAL E 77 2.71 -34.55 -52.26
N HIS E 78 1.50 -34.86 -52.72
CA HIS E 78 1.17 -36.21 -53.13
C HIS E 78 2.08 -36.62 -54.28
N PRO E 79 2.61 -37.86 -54.22
CA PRO E 79 3.52 -38.33 -55.27
C PRO E 79 3.02 -38.04 -56.67
N ASP E 80 1.70 -37.95 -56.83
CA ASP E 80 1.09 -37.65 -58.13
C ASP E 80 1.28 -36.20 -58.61
N ASP E 81 1.32 -35.25 -57.67
CA ASP E 81 1.66 -33.86 -58.01
C ASP E 81 3.18 -33.69 -58.02
N LEU E 82 3.87 -34.65 -57.43
CA LEU E 82 5.31 -34.50 -57.13
C LEU E 82 6.20 -34.22 -58.33
N GLN E 83 6.18 -35.13 -59.31
CA GLN E 83 7.07 -35.02 -60.47
C GLN E 83 6.89 -33.70 -61.19
N ARG E 84 5.63 -33.30 -61.36
CA ARG E 84 5.30 -32.09 -62.10
C ARG E 84 5.75 -30.83 -61.35
N VAL E 85 5.49 -30.80 -60.05
CA VAL E 85 5.93 -29.67 -59.21
C VAL E 85 7.45 -29.64 -59.19
N GLU E 86 8.04 -30.81 -59.05
CA GLU E 86 9.49 -30.95 -59.08
C GLU E 86 10.06 -30.24 -60.30
N GLU E 87 9.45 -30.46 -61.46
CA GLU E 87 9.94 -29.81 -62.67
C GLU E 87 9.73 -28.28 -62.64
N MET E 88 8.49 -27.84 -62.50
CA MET E 88 8.18 -26.42 -62.57
C MET E 88 8.93 -25.61 -61.52
N LEU E 89 8.76 -25.96 -60.25
CA LEU E 89 9.35 -25.21 -59.14
C LEU E 89 10.62 -25.81 -58.51
N GLY E 90 11.05 -26.97 -58.99
CA GLY E 90 12.16 -27.68 -58.39
C GLY E 90 13.48 -26.93 -58.40
N ALA E 91 13.64 -26.03 -59.34
CA ALA E 91 14.81 -25.16 -59.34
C ALA E 91 14.66 -24.12 -58.24
N THR E 92 13.48 -23.49 -58.18
CA THR E 92 13.24 -22.45 -57.23
C THR E 92 13.35 -22.98 -55.80
N LEU E 93 12.84 -24.18 -55.56
CA LEU E 93 12.94 -24.78 -54.23
C LEU E 93 14.38 -24.78 -53.73
N SER E 94 15.27 -25.32 -54.54
CA SER E 94 16.68 -25.42 -54.20
C SER E 94 17.29 -24.06 -53.90
N LEU E 95 16.91 -23.06 -54.70
CA LEU E 95 17.33 -21.69 -54.44
C LEU E 95 16.92 -21.19 -53.06
N HIS E 96 15.75 -21.63 -52.58
CA HIS E 96 15.26 -21.23 -51.27
C HIS E 96 15.81 -22.16 -50.20
N GLY E 97 16.46 -23.23 -50.63
CA GLY E 97 17.03 -24.20 -49.72
C GLY E 97 16.04 -25.25 -49.22
N TRP E 98 14.83 -25.25 -49.78
CA TRP E 98 13.83 -26.25 -49.40
C TRP E 98 14.14 -27.57 -50.08
N ARG E 99 13.66 -28.67 -49.50
CA ARG E 99 13.73 -29.96 -50.16
C ARG E 99 12.34 -30.53 -50.34
N LEU E 100 12.20 -31.49 -51.26
CA LEU E 100 10.88 -32.02 -51.60
C LEU E 100 10.79 -33.52 -51.39
N ARG E 101 9.62 -33.94 -50.92
CA ARG E 101 9.31 -35.34 -50.69
C ARG E 101 7.91 -35.59 -51.20
N GLY E 102 7.61 -36.85 -51.50
CA GLY E 102 6.22 -37.22 -51.68
C GLY E 102 5.63 -37.56 -50.32
N ASP E 103 4.40 -37.11 -50.08
CA ASP E 103 3.63 -37.56 -48.93
C ASP E 103 2.35 -38.20 -49.42
N PRO E 104 2.17 -39.50 -49.15
CA PRO E 104 1.03 -40.23 -49.69
C PRO E 104 -0.31 -39.73 -49.15
N THR E 105 -0.28 -39.05 -48.01
CA THR E 105 -1.53 -38.69 -47.34
C THR E 105 -2.03 -37.29 -47.67
N LEU E 106 -1.32 -36.58 -48.54
CA LEU E 106 -1.82 -35.30 -48.98
C LEU E 106 -2.68 -35.50 -50.21
N HIS E 107 -3.80 -34.81 -50.27
CA HIS E 107 -4.64 -34.88 -51.46
C HIS E 107 -4.08 -33.97 -52.55
N HIS E 108 -4.39 -34.30 -53.79
CA HIS E 108 -3.93 -33.54 -54.94
C HIS E 108 -4.33 -32.07 -54.81
N GLY E 109 -3.43 -31.16 -55.20
CA GLY E 109 -3.75 -29.74 -55.24
C GLY E 109 -3.50 -29.04 -53.93
N GLY E 110 -2.76 -29.71 -53.04
CA GLY E 110 -2.48 -29.19 -51.71
C GLY E 110 -1.13 -29.67 -51.20
N CYS E 111 -0.58 -28.96 -50.23
CA CYS E 111 0.78 -29.21 -49.78
C CYS E 111 1.01 -28.76 -48.34
N LYS E 112 2.12 -29.20 -47.77
CA LYS E 112 2.56 -28.70 -46.48
C LYS E 112 4.06 -28.45 -46.50
N VAL E 113 4.48 -27.37 -45.86
CA VAL E 113 5.89 -27.08 -45.67
C VAL E 113 6.24 -27.30 -44.21
N SER E 114 7.23 -28.13 -43.94
CA SER E 114 7.57 -28.46 -42.57
C SER E 114 9.00 -28.06 -42.22
N ALA E 115 9.16 -27.39 -41.09
CA ALA E 115 10.49 -27.09 -40.56
C ALA E 115 10.47 -27.27 -39.05
N ASP E 116 11.63 -27.11 -38.41
CA ASP E 116 11.73 -27.29 -36.97
C ASP E 116 10.81 -26.29 -36.26
N GLU E 117 10.78 -25.06 -36.76
CA GLU E 117 10.00 -23.98 -36.13
C GLU E 117 8.51 -24.24 -36.18
N GLY E 118 8.04 -24.81 -37.28
CA GLY E 118 6.61 -24.98 -37.51
C GLY E 118 6.28 -25.26 -38.95
N ASP E 119 4.99 -25.21 -39.30
CA ASP E 119 4.53 -25.63 -40.63
C ASP E 119 3.62 -24.62 -41.31
N LEU E 120 3.68 -24.56 -42.63
CA LEU E 120 2.67 -23.88 -43.42
C LEU E 120 1.79 -24.92 -44.07
N ASP E 121 0.53 -25.00 -43.64
CA ASP E 121 -0.31 -26.11 -44.07
C ASP E 121 -1.27 -25.67 -45.17
N ALA E 122 -0.94 -26.05 -46.39
CA ALA E 122 -1.77 -25.80 -47.58
C ALA E 122 -2.60 -27.02 -48.01
N SER E 123 -2.62 -28.06 -47.19
CA SER E 123 -3.40 -29.26 -47.47
C SER E 123 -4.90 -28.98 -47.67
N VAL E 124 -5.52 -29.67 -48.62
CA VAL E 124 -6.96 -29.55 -48.82
C VAL E 124 -7.72 -30.23 -47.69
N ALA E 125 -6.99 -31.06 -46.94
CA ALA E 125 -7.56 -31.77 -45.80
C ALA E 125 -7.95 -30.77 -44.71
N THR E 126 -7.06 -29.83 -44.44
CA THR E 126 -7.29 -28.83 -43.42
C THR E 126 -8.25 -27.76 -43.94
N ARG E 127 -8.20 -27.46 -45.23
CA ARG E 127 -9.16 -26.51 -45.81
C ARG E 127 -10.60 -27.02 -45.74
N TRP E 128 -10.78 -28.34 -45.70
CA TRP E 128 -12.09 -28.96 -45.56
C TRP E 128 -12.61 -28.72 -44.15
N GLN E 129 -11.74 -28.98 -43.17
CA GLN E 129 -12.09 -28.72 -41.79
C GLN E 129 -12.52 -27.26 -41.63
N GLU E 130 -11.69 -26.34 -42.10
CA GLU E 130 -12.02 -24.93 -42.08
C GLU E 130 -13.41 -24.66 -42.63
N LEU E 131 -13.71 -25.29 -43.77
CA LEU E 131 -15.00 -25.20 -44.44
C LEU E 131 -16.16 -25.65 -43.56
N CYS E 132 -16.04 -26.86 -43.03
CA CYS E 132 -17.12 -27.44 -42.24
C CYS E 132 -17.45 -26.54 -41.06
N ARG E 133 -16.42 -25.96 -40.45
CA ARG E 133 -16.64 -24.99 -39.39
C ARG E 133 -17.46 -23.80 -39.85
N LEU E 134 -17.11 -23.25 -41.00
CA LEU E 134 -17.88 -22.13 -41.53
C LEU E 134 -19.36 -22.51 -41.57
N ALA E 135 -19.62 -23.76 -41.91
CA ALA E 135 -20.98 -24.28 -42.00
C ALA E 135 -21.59 -24.63 -40.65
N ALA E 136 -20.76 -25.09 -39.72
CA ALA E 136 -21.21 -25.42 -38.38
C ALA E 136 -20.31 -24.85 -37.29
N PRO E 137 -20.56 -23.61 -36.88
CA PRO E 137 -19.82 -22.97 -35.79
C PRO E 137 -19.92 -23.76 -34.47
N GLY E 138 -20.80 -24.76 -34.44
CA GLY E 138 -20.84 -25.68 -33.32
C GLY E 138 -19.55 -26.49 -33.18
N VAL E 139 -19.18 -27.23 -34.21
CA VAL E 139 -17.92 -27.98 -34.22
C VAL E 139 -16.77 -27.10 -33.75
N LEU F 13 -22.83 -70.23 -0.17
CA LEU F 13 -23.34 -71.07 -1.24
C LEU F 13 -24.58 -70.44 -1.86
N VAL F 14 -25.33 -69.72 -1.03
CA VAL F 14 -26.48 -68.99 -1.52
C VAL F 14 -26.03 -67.95 -2.54
N SER F 15 -25.11 -67.08 -2.14
CA SER F 15 -24.52 -66.08 -3.03
C SER F 15 -23.22 -66.59 -3.67
N GLU F 16 -22.73 -67.73 -3.21
CA GLU F 16 -21.44 -68.26 -3.65
C GLU F 16 -21.47 -68.75 -5.09
N PHE F 17 -22.44 -69.60 -5.41
CA PHE F 17 -22.57 -70.12 -6.77
C PHE F 17 -22.62 -68.96 -7.76
N GLN F 18 -23.41 -67.95 -7.42
CA GLN F 18 -23.48 -66.71 -8.20
C GLN F 18 -22.08 -66.10 -8.37
N ASN F 19 -21.34 -66.01 -7.28
CA ASN F 19 -19.97 -65.51 -7.33
C ASN F 19 -19.06 -66.40 -8.17
N THR F 20 -19.24 -67.71 -8.04
CA THR F 20 -18.40 -68.68 -8.75
C THR F 20 -18.59 -68.61 -10.26
N LEU F 21 -19.84 -68.51 -10.70
CA LEU F 21 -20.14 -68.27 -12.10
C LEU F 21 -19.44 -67.01 -12.61
N ASP F 22 -19.85 -65.86 -12.06
CA ASP F 22 -19.35 -64.58 -12.54
C ASP F 22 -17.82 -64.56 -12.62
N ALA F 23 -17.16 -65.35 -11.78
CA ALA F 23 -15.71 -65.44 -11.80
C ALA F 23 -15.21 -65.88 -13.17
N LEU F 24 -16.04 -66.65 -13.88
CA LEU F 24 -15.64 -67.26 -15.13
C LEU F 24 -15.60 -66.28 -16.30
N ASP F 25 -16.49 -65.30 -16.28
CA ASP F 25 -16.62 -64.36 -17.39
C ASP F 25 -15.24 -63.82 -17.77
N SER F 26 -14.53 -63.31 -16.77
CA SER F 26 -13.18 -62.83 -16.98
C SER F 26 -12.38 -63.93 -17.63
N VAL F 27 -12.52 -65.14 -17.10
CA VAL F 27 -11.74 -66.28 -17.56
C VAL F 27 -12.15 -66.73 -18.96
N ILE F 28 -13.44 -67.02 -19.14
CA ILE F 28 -13.90 -67.53 -20.42
C ILE F 28 -13.61 -66.50 -21.51
N ALA F 29 -13.70 -65.23 -21.16
CA ALA F 29 -13.41 -64.16 -22.11
C ALA F 29 -11.97 -64.23 -22.58
N SER F 30 -11.04 -64.28 -21.63
CA SER F 30 -9.64 -64.47 -21.96
C SER F 30 -9.46 -65.77 -22.76
N ARG F 31 -10.28 -66.77 -22.46
CA ARG F 31 -10.21 -68.06 -23.13
C ARG F 31 -10.57 -67.97 -24.61
N LEU F 32 -11.66 -67.26 -24.89
CA LEU F 32 -12.05 -66.97 -26.28
C LEU F 32 -10.93 -66.22 -27.01
N MET F 33 -10.39 -65.19 -26.37
CA MET F 33 -9.29 -64.40 -26.95
C MET F 33 -8.11 -65.30 -27.28
N GLN F 34 -7.84 -66.22 -26.36
CA GLN F 34 -6.73 -67.15 -26.48
C GLN F 34 -6.81 -67.92 -27.79
N MET F 35 -8.02 -68.35 -28.15
CA MET F 35 -8.25 -69.08 -29.38
C MET F 35 -7.96 -68.22 -30.60
N ALA F 36 -8.30 -66.94 -30.51
CA ALA F 36 -8.13 -66.01 -31.62
C ALA F 36 -6.67 -65.68 -31.85
N LEU F 37 -5.91 -65.57 -30.77
CA LEU F 37 -4.49 -65.30 -30.86
C LEU F 37 -3.75 -66.48 -31.49
N GLU F 38 -4.06 -67.69 -31.01
CA GLU F 38 -3.43 -68.89 -31.53
C GLU F 38 -3.79 -69.10 -32.99
N ALA F 39 -5.05 -68.87 -33.33
CA ALA F 39 -5.47 -68.90 -34.71
C ALA F 39 -4.66 -67.88 -35.49
N ALA F 40 -4.36 -66.76 -34.83
CA ALA F 40 -3.65 -65.65 -35.45
C ALA F 40 -2.15 -65.92 -35.62
N ARG F 41 -1.49 -66.42 -34.58
CA ARG F 41 -0.06 -66.69 -34.68
C ARG F 41 0.23 -67.64 -35.84
N GLN F 42 -0.75 -68.47 -36.18
CA GLN F 42 -0.64 -69.41 -37.28
C GLN F 42 -0.76 -68.69 -38.63
N VAL F 43 -1.71 -67.77 -38.71
CA VAL F 43 -1.94 -66.99 -39.93
C VAL F 43 -0.67 -66.28 -40.39
N ILE F 44 0.03 -65.68 -39.43
CA ILE F 44 1.32 -65.04 -39.65
C ILE F 44 2.38 -66.05 -40.12
N GLY F 45 2.46 -67.18 -39.41
CA GLY F 45 3.43 -68.20 -39.75
C GLY F 45 3.24 -68.78 -41.14
N GLN F 46 1.98 -68.89 -41.56
CA GLN F 46 1.66 -69.55 -42.82
C GLN F 46 1.84 -68.67 -44.06
N THR F 47 2.05 -67.38 -43.85
CA THR F 47 2.06 -66.47 -44.99
C THR F 47 3.44 -65.98 -45.45
N PRO F 48 3.92 -66.51 -46.59
CA PRO F 48 4.92 -65.75 -47.35
C PRO F 48 4.16 -64.71 -48.17
N ALA F 49 4.80 -63.58 -48.50
CA ALA F 49 4.16 -62.52 -49.27
C ALA F 49 5.17 -61.86 -50.21
N VAL F 50 4.72 -61.53 -51.41
CA VAL F 50 5.60 -60.93 -52.40
C VAL F 50 5.74 -59.42 -52.19
N ASP F 51 4.98 -58.89 -51.23
CA ASP F 51 5.02 -57.48 -50.88
C ASP F 51 5.94 -57.19 -49.69
N ASN F 52 7.05 -56.51 -49.95
CA ASN F 52 7.92 -56.01 -48.90
C ASN F 52 7.58 -54.56 -48.60
N SER F 53 6.58 -54.04 -49.32
CA SER F 53 6.15 -52.65 -49.21
C SER F 53 5.91 -52.22 -47.77
N ALA F 54 5.13 -53.03 -47.05
CA ALA F 54 4.79 -52.72 -45.66
C ALA F 54 6.04 -52.45 -44.85
N LEU F 55 6.97 -53.40 -44.86
CA LEU F 55 8.24 -53.22 -44.17
C LEU F 55 8.94 -51.95 -44.64
N ILE F 56 8.86 -51.70 -45.94
CA ILE F 56 9.43 -50.48 -46.52
C ILE F 56 8.80 -49.22 -45.93
N LYS F 57 7.46 -49.15 -45.97
CA LYS F 57 6.73 -48.03 -45.39
C LYS F 57 7.15 -47.85 -43.93
N GLN F 58 7.31 -48.97 -43.24
CA GLN F 58 7.85 -48.98 -41.88
C GLN F 58 9.23 -48.35 -41.89
N ILE F 59 10.08 -48.77 -42.82
CA ILE F 59 11.41 -48.18 -42.97
C ILE F 59 11.32 -46.71 -43.36
N GLN F 60 10.44 -46.40 -44.31
CA GLN F 60 10.36 -45.05 -44.86
C GLN F 60 9.78 -44.04 -43.86
N GLN F 61 8.60 -44.33 -43.32
CA GLN F 61 7.92 -43.40 -42.42
C GLN F 61 8.67 -43.26 -41.10
N LEU F 62 9.37 -44.31 -40.71
CA LEU F 62 10.09 -44.34 -39.44
C LEU F 62 11.33 -43.43 -39.46
N LEU F 63 11.97 -43.36 -40.62
CA LEU F 63 13.16 -42.52 -40.79
C LEU F 63 12.83 -41.03 -40.74
N GLN F 64 11.67 -40.69 -41.29
CA GLN F 64 11.21 -39.30 -41.35
C GLN F 64 10.78 -38.77 -39.98
N GLN F 65 10.09 -39.60 -39.20
CA GLN F 65 9.44 -39.15 -37.98
C GLN F 65 10.38 -38.39 -37.04
N GLU F 66 9.85 -37.32 -36.45
CA GLU F 66 10.57 -36.49 -35.49
C GLU F 66 10.49 -37.12 -34.10
N PRO F 67 11.53 -36.93 -33.26
CA PRO F 67 12.79 -36.22 -33.57
C PRO F 67 13.75 -37.07 -34.40
N LEU F 68 14.66 -36.44 -35.13
CA LEU F 68 15.61 -37.16 -35.99
C LEU F 68 16.68 -37.90 -35.17
N PHE F 69 17.28 -38.91 -35.77
CA PHE F 69 18.23 -39.78 -35.08
C PHE F 69 19.66 -39.22 -35.06
N SER F 70 20.56 -39.95 -34.40
CA SER F 70 21.97 -39.59 -34.37
C SER F 70 22.65 -39.98 -35.67
N GLY F 71 23.97 -39.89 -35.71
CA GLY F 71 24.72 -40.13 -36.93
C GLY F 71 25.06 -41.56 -37.26
N LYS F 72 25.10 -42.43 -36.25
CA LYS F 72 25.53 -43.81 -36.45
C LYS F 72 24.48 -44.86 -36.06
N PRO F 73 23.46 -45.04 -36.92
CA PRO F 73 22.47 -46.10 -36.74
C PRO F 73 22.85 -47.36 -37.51
N GLN F 74 22.05 -48.41 -37.36
CA GLN F 74 22.16 -49.63 -38.17
C GLN F 74 20.77 -50.26 -38.26
N LEU F 75 20.40 -50.79 -39.42
CA LEU F 75 19.07 -51.35 -39.59
C LEU F 75 19.06 -52.86 -39.79
N ARG F 76 18.37 -53.57 -38.89
CA ARG F 76 18.31 -55.02 -38.94
C ARG F 76 17.05 -55.54 -39.65
N VAL F 77 17.22 -56.61 -40.43
CA VAL F 77 16.12 -57.31 -41.09
C VAL F 77 16.48 -58.80 -41.25
N HIS F 78 15.48 -59.67 -41.37
CA HIS F 78 15.75 -61.09 -41.63
C HIS F 78 16.62 -61.20 -42.89
N PRO F 79 17.54 -62.18 -42.91
CA PRO F 79 18.50 -62.30 -44.02
C PRO F 79 17.85 -62.26 -45.40
N ASP F 80 16.56 -62.58 -45.46
CA ASP F 80 15.86 -62.65 -46.74
C ASP F 80 15.59 -61.29 -47.37
N ASP F 81 15.32 -60.28 -46.56
CA ASP F 81 14.95 -58.96 -47.08
C ASP F 81 16.09 -57.95 -47.27
N LEU F 82 17.28 -58.25 -46.76
CA LEU F 82 18.39 -57.30 -46.89
C LEU F 82 18.61 -56.97 -48.36
N GLN F 83 18.67 -58.01 -49.18
CA GLN F 83 18.78 -57.84 -50.62
C GLN F 83 17.60 -57.00 -51.10
N ARG F 84 16.39 -57.43 -50.73
CA ARG F 84 15.17 -56.79 -51.18
C ARG F 84 15.10 -55.31 -50.78
N VAL F 85 15.38 -55.01 -49.53
CA VAL F 85 15.18 -53.67 -49.00
C VAL F 85 16.15 -52.61 -49.55
N GLU F 86 17.45 -52.90 -49.49
CA GLU F 86 18.46 -51.96 -49.97
C GLU F 86 18.29 -51.70 -51.46
N GLU F 87 17.58 -52.59 -52.14
CA GLU F 87 17.28 -52.44 -53.55
C GLU F 87 16.61 -51.09 -53.82
N MET F 88 15.84 -50.61 -52.85
CA MET F 88 15.18 -49.31 -52.96
C MET F 88 15.73 -48.30 -51.96
N LEU F 89 15.38 -48.48 -50.70
CA LEU F 89 15.61 -47.49 -49.66
C LEU F 89 17.08 -47.30 -49.28
N GLY F 90 17.91 -48.29 -49.58
CA GLY F 90 19.34 -48.17 -49.35
C GLY F 90 19.88 -46.93 -50.01
N ALA F 91 19.28 -46.56 -51.14
CA ALA F 91 19.69 -45.36 -51.87
C ALA F 91 19.62 -44.11 -50.99
N THR F 92 18.50 -43.94 -50.28
CA THR F 92 18.31 -42.79 -49.40
C THR F 92 19.09 -42.94 -48.10
N LEU F 93 19.36 -44.19 -47.73
CA LEU F 93 20.08 -44.50 -46.48
C LEU F 93 21.47 -43.88 -46.48
N SER F 94 22.18 -43.99 -47.59
CA SER F 94 23.50 -43.37 -47.71
C SER F 94 23.42 -41.89 -47.35
N LEU F 95 22.39 -41.21 -47.87
CA LEU F 95 22.17 -39.80 -47.58
C LEU F 95 21.75 -39.58 -46.12
N HIS F 96 20.72 -40.31 -45.70
CA HIS F 96 20.22 -40.22 -44.33
C HIS F 96 21.19 -40.88 -43.34
N GLY F 97 22.15 -41.63 -43.86
CA GLY F 97 23.28 -42.07 -43.07
C GLY F 97 23.18 -43.39 -42.30
N TRP F 98 22.30 -44.28 -42.74
CA TRP F 98 22.15 -45.56 -42.06
C TRP F 98 22.72 -46.72 -42.88
N ARG F 99 23.84 -47.28 -42.44
CA ARG F 99 24.28 -48.54 -43.02
C ARG F 99 23.52 -49.67 -42.35
N LEU F 100 23.38 -50.79 -43.04
CA LEU F 100 22.50 -51.85 -42.57
C LEU F 100 23.13 -53.23 -42.59
N ARG F 101 22.41 -54.16 -41.96
CA ARG F 101 22.81 -55.55 -41.85
C ARG F 101 21.52 -56.36 -41.90
N GLY F 102 21.61 -57.64 -41.54
CA GLY F 102 20.41 -58.44 -41.41
C GLY F 102 20.60 -59.48 -40.32
N ASP F 103 19.48 -59.95 -39.77
CA ASP F 103 19.52 -60.92 -38.69
C ASP F 103 18.45 -61.98 -38.91
N PRO F 104 18.79 -63.25 -38.62
CA PRO F 104 17.83 -64.33 -38.79
C PRO F 104 16.71 -64.24 -37.76
N THR F 105 17.03 -63.62 -36.63
CA THR F 105 16.13 -63.57 -35.48
C THR F 105 14.79 -62.87 -35.71
N LEU F 106 14.73 -62.00 -36.71
CA LEU F 106 13.53 -61.22 -36.99
C LEU F 106 12.46 -61.96 -37.79
N HIS F 107 11.21 -61.56 -37.60
CA HIS F 107 10.11 -62.05 -38.43
C HIS F 107 9.81 -61.07 -39.56
N HIS F 108 9.46 -61.60 -40.72
CA HIS F 108 9.28 -60.81 -41.94
C HIS F 108 8.33 -59.62 -41.77
N GLY F 109 8.73 -58.47 -42.28
CA GLY F 109 8.05 -57.22 -42.02
C GLY F 109 8.69 -56.60 -40.79
N GLY F 110 9.42 -57.43 -40.06
CA GLY F 110 10.12 -57.00 -38.87
C GLY F 110 11.43 -56.31 -39.16
N CYS F 111 11.75 -55.33 -38.32
CA CYS F 111 13.00 -54.60 -38.41
C CYS F 111 13.31 -53.95 -37.07
N LYS F 112 14.57 -53.56 -36.89
CA LYS F 112 14.99 -52.87 -35.69
C LYS F 112 16.05 -51.84 -36.04
N VAL F 113 16.19 -50.81 -35.22
CA VAL F 113 17.25 -49.82 -35.40
C VAL F 113 17.97 -49.56 -34.08
N SER F 114 19.25 -49.90 -34.03
CA SER F 114 20.06 -49.62 -32.85
C SER F 114 20.93 -48.41 -33.13
N ALA F 115 20.77 -47.38 -32.31
CA ALA F 115 21.51 -46.13 -32.49
C ALA F 115 22.12 -45.65 -31.19
N ASP F 116 22.99 -44.65 -31.29
CA ASP F 116 23.69 -44.12 -30.14
C ASP F 116 22.73 -43.64 -29.06
N GLU F 117 21.82 -42.76 -29.42
CA GLU F 117 20.94 -42.13 -28.43
C GLU F 117 19.57 -42.79 -28.28
N GLY F 118 19.32 -43.87 -29.00
CA GLY F 118 18.03 -44.53 -28.91
C GLY F 118 17.89 -45.85 -29.66
N ASP F 119 16.73 -46.49 -29.49
CA ASP F 119 16.43 -47.75 -30.15
C ASP F 119 15.01 -47.76 -30.73
N LEU F 120 14.87 -48.19 -31.98
CA LEU F 120 13.57 -48.43 -32.58
C LEU F 120 13.38 -49.93 -32.76
N ASP F 121 12.25 -50.45 -32.32
CA ASP F 121 11.93 -51.86 -32.55
C ASP F 121 10.63 -51.97 -33.35
N ALA F 122 10.74 -52.29 -34.63
CA ALA F 122 9.57 -52.56 -35.47
C ALA F 122 9.32 -54.05 -35.67
N SER F 123 10.14 -54.89 -35.05
CA SER F 123 10.08 -56.32 -35.30
C SER F 123 8.68 -56.89 -35.06
N VAL F 124 8.29 -57.85 -35.90
CA VAL F 124 7.00 -58.49 -35.79
C VAL F 124 6.89 -59.23 -34.45
N ALA F 125 8.02 -59.75 -33.99
CA ALA F 125 8.08 -60.48 -32.73
C ALA F 125 7.61 -59.62 -31.57
N THR F 126 8.18 -58.43 -31.46
CA THR F 126 7.86 -57.53 -30.35
C THR F 126 6.39 -57.11 -30.35
N ARG F 127 5.86 -56.76 -31.52
CA ARG F 127 4.45 -56.39 -31.61
C ARG F 127 3.58 -57.47 -31.00
N TRP F 128 3.97 -58.73 -31.19
CA TRP F 128 3.18 -59.87 -30.73
C TRP F 128 3.12 -59.98 -29.20
N GLN F 129 4.27 -59.84 -28.55
CA GLN F 129 4.30 -59.91 -27.09
C GLN F 129 3.29 -58.95 -26.49
N GLU F 130 3.07 -57.81 -27.17
CA GLU F 130 2.15 -56.78 -26.70
C GLU F 130 0.74 -57.30 -26.57
N LEU F 131 0.30 -58.02 -27.60
CA LEU F 131 -1.02 -58.63 -27.61
C LEU F 131 -1.17 -59.57 -26.41
N CYS F 132 -0.25 -60.53 -26.31
CA CYS F 132 -0.23 -61.46 -25.19
C CYS F 132 -0.02 -60.70 -23.88
N ARG F 133 0.72 -59.60 -23.97
CA ARG F 133 0.92 -58.70 -22.84
C ARG F 133 -0.39 -57.96 -22.54
N LEU F 134 -1.04 -57.48 -23.59
CA LEU F 134 -2.29 -56.73 -23.43
C LEU F 134 -3.46 -57.64 -23.10
N ALA F 135 -3.58 -58.76 -23.82
CA ALA F 135 -4.68 -59.70 -23.67
C ALA F 135 -4.79 -60.24 -22.26
N ALA F 136 -3.64 -60.42 -21.62
CA ALA F 136 -3.54 -60.89 -20.26
C ALA F 136 -3.26 -59.74 -19.32
N PRO F 137 -4.03 -59.65 -18.22
CA PRO F 137 -3.83 -58.62 -17.21
C PRO F 137 -2.55 -58.83 -16.42
N GLY F 138 -2.05 -60.07 -16.41
CA GLY F 138 -0.79 -60.41 -15.77
C GLY F 138 0.25 -60.90 -16.76
N PRO G 5 7.07 26.97 60.21
CA PRO G 5 6.25 27.93 59.46
C PRO G 5 7.07 29.11 58.95
N ILE G 6 7.17 30.14 59.79
CA ILE G 6 8.10 31.24 59.54
C ILE G 6 9.38 30.92 60.31
N HIS G 7 9.35 29.79 61.02
CA HIS G 7 10.49 29.28 61.75
C HIS G 7 11.24 28.20 60.95
N ALA G 8 10.54 27.11 60.64
CA ALA G 8 11.15 26.00 59.92
C ALA G 8 11.72 26.45 58.58
N ARG G 9 11.40 27.69 58.19
CA ARG G 9 12.04 28.33 57.03
C ARG G 9 13.55 28.15 57.15
N MET G 10 14.07 28.29 58.36
CA MET G 10 15.49 28.08 58.64
C MET G 10 15.94 26.72 58.11
N GLN G 11 15.07 25.72 58.25
CA GLN G 11 15.39 24.37 57.78
C GLN G 11 15.49 24.31 56.26
N GLN G 12 14.55 24.96 55.58
CA GLN G 12 14.63 25.04 54.13
C GLN G 12 15.82 25.91 53.73
N LEU G 13 16.05 26.97 54.50
CA LEU G 13 17.17 27.87 54.25
C LEU G 13 18.46 27.07 54.10
N VAL G 14 18.71 26.16 55.03
CA VAL G 14 19.92 25.34 55.00
C VAL G 14 19.83 24.23 53.97
N SER G 15 18.61 23.79 53.67
CA SER G 15 18.41 22.77 52.65
C SER G 15 18.60 23.40 51.26
N GLU G 16 18.19 24.65 51.11
CA GLU G 16 18.47 25.39 49.87
C GLU G 16 19.90 25.92 49.86
N PHE G 17 20.49 26.06 51.05
CA PHE G 17 21.89 26.48 51.17
C PHE G 17 22.80 25.33 50.77
N GLN G 18 22.54 24.16 51.34
CA GLN G 18 23.25 22.95 50.94
C GLN G 18 22.97 22.68 49.47
N ASN G 19 21.82 23.16 48.98
CA ASN G 19 21.51 23.08 47.56
C ASN G 19 22.48 23.89 46.69
N THR G 20 22.59 25.19 46.98
CA THR G 20 23.36 26.12 46.15
C THR G 20 24.83 25.76 46.08
N LEU G 21 25.42 25.45 47.24
CA LEU G 21 26.82 25.06 47.30
C LEU G 21 27.09 23.88 46.38
N ASP G 22 26.09 23.03 46.21
CA ASP G 22 26.21 21.84 45.38
C ASP G 22 26.05 22.14 43.89
N ALA G 23 25.28 23.17 43.56
CA ALA G 23 25.11 23.59 42.18
C ALA G 23 26.45 23.99 41.59
N LEU G 24 27.21 24.75 42.34
CA LEU G 24 28.51 25.28 41.92
C LEU G 24 29.53 24.20 41.58
N ASP G 25 29.45 23.07 42.29
CA ASP G 25 30.51 22.08 42.26
C ASP G 25 30.96 21.73 40.84
N SER G 26 30.03 21.35 39.98
CA SER G 26 30.38 21.09 38.59
C SER G 26 30.86 22.38 37.96
N VAL G 27 30.12 23.46 38.21
CA VAL G 27 30.42 24.77 37.62
C VAL G 27 31.82 25.26 37.98
N ILE G 28 32.14 25.27 39.27
CA ILE G 28 33.49 25.59 39.71
C ILE G 28 34.52 24.69 39.03
N ALA G 29 34.26 23.39 38.96
CA ALA G 29 35.17 22.51 38.25
C ALA G 29 35.30 22.95 36.80
N SER G 30 34.18 23.34 36.19
CA SER G 30 34.22 23.86 34.84
C SER G 30 35.08 25.12 34.79
N ARG G 31 34.93 25.97 35.80
CA ARG G 31 35.72 27.20 35.88
C ARG G 31 37.21 26.89 35.77
N LEU G 32 37.67 25.95 36.59
CA LEU G 32 39.07 25.54 36.60
C LEU G 32 39.55 25.05 35.24
N MET G 33 38.81 24.13 34.64
CA MET G 33 39.17 23.62 33.32
C MET G 33 39.43 24.76 32.33
N GLN G 34 38.60 25.79 32.37
CA GLN G 34 38.76 26.93 31.48
C GLN G 34 40.15 27.53 31.63
N MET G 35 40.54 27.82 32.86
CA MET G 35 41.88 28.34 33.12
C MET G 35 42.92 27.42 32.49
N ALA G 36 42.83 26.13 32.79
CA ALA G 36 43.76 25.16 32.24
C ALA G 36 43.83 25.27 30.72
N LEU G 37 42.67 25.26 30.08
CA LEU G 37 42.59 25.30 28.62
C LEU G 37 43.07 26.63 28.06
N GLU G 38 42.83 27.70 28.80
CA GLU G 38 43.34 29.02 28.42
C GLU G 38 44.86 28.98 28.44
N ALA G 39 45.42 28.55 29.56
CA ALA G 39 46.87 28.44 29.66
C ALA G 39 47.38 27.46 28.60
N ALA G 40 46.66 26.35 28.45
CA ALA G 40 46.98 25.37 27.43
C ALA G 40 46.95 25.99 26.03
N ARG G 41 46.01 26.89 25.81
CA ARG G 41 45.91 27.57 24.53
C ARG G 41 47.11 28.49 24.35
N GLN G 42 47.54 29.10 25.45
CA GLN G 42 48.69 29.99 25.44
C GLN G 42 49.90 29.26 24.87
N VAL G 43 50.19 28.10 25.43
CA VAL G 43 51.34 27.31 25.01
C VAL G 43 51.42 27.18 23.50
N ILE G 44 50.31 26.78 22.88
CA ILE G 44 50.27 26.50 21.44
C ILE G 44 50.65 27.72 20.61
N GLY G 45 50.21 28.89 21.03
CA GLY G 45 50.51 30.10 20.30
C GLY G 45 51.95 30.57 20.49
N GLN G 46 52.48 30.35 21.68
CA GLN G 46 53.80 30.85 22.01
C GLN G 46 54.89 30.00 21.41
N THR G 47 54.55 28.77 21.02
CA THR G 47 55.56 27.74 20.80
C THR G 47 56.03 27.49 19.36
N PRO G 48 57.28 27.87 19.07
CA PRO G 48 58.02 27.25 17.98
C PRO G 48 58.56 25.88 18.43
N ALA G 49 58.56 24.89 17.54
CA ALA G 49 59.09 23.56 17.86
C ALA G 49 59.89 22.98 16.70
N VAL G 50 61.00 22.31 17.03
CA VAL G 50 61.94 21.84 16.03
C VAL G 50 61.64 20.42 15.52
N ASP G 51 60.55 19.82 15.97
CA ASP G 51 60.20 18.49 15.50
C ASP G 51 58.99 18.41 14.57
N ASN G 52 59.20 17.75 13.43
CA ASN G 52 58.13 17.37 12.52
C ASN G 52 57.64 15.99 12.95
N SER G 53 58.17 15.54 14.08
CA SER G 53 57.92 14.20 14.62
C SER G 53 56.44 13.82 14.56
N ALA G 54 55.61 14.55 15.30
CA ALA G 54 54.17 14.29 15.31
C ALA G 54 53.49 14.43 13.95
N LEU G 55 53.74 15.56 13.30
CA LEU G 55 53.18 15.84 11.98
C LEU G 55 53.51 14.74 10.97
N ILE G 56 54.80 14.61 10.66
CA ILE G 56 55.25 13.61 9.70
C ILE G 56 54.64 12.24 10.01
N LYS G 57 54.57 11.91 11.30
CA LYS G 57 54.00 10.64 11.75
C LYS G 57 52.50 10.57 11.45
N GLN G 58 51.86 11.74 11.49
CA GLN G 58 50.43 11.83 11.17
C GLN G 58 50.18 11.51 9.70
N ILE G 59 51.04 12.00 8.82
CA ILE G 59 50.88 11.79 7.39
C ILE G 59 50.90 10.32 7.00
N GLN G 60 51.86 9.57 7.53
CA GLN G 60 52.05 8.17 7.16
C GLN G 60 50.75 7.35 7.22
N GLN G 61 50.02 7.45 8.32
CA GLN G 61 48.77 6.70 8.45
C GLN G 61 47.70 7.23 7.49
N LEU G 62 47.70 8.55 7.26
CA LEU G 62 46.74 9.16 6.35
C LEU G 62 46.84 8.57 4.94
N LEU G 63 48.06 8.43 4.44
CA LEU G 63 48.30 7.82 3.14
C LEU G 63 48.11 6.32 3.26
N GLN G 64 48.43 5.80 4.44
CA GLN G 64 48.18 4.40 4.76
C GLN G 64 46.68 4.19 4.92
N GLN G 65 45.93 5.29 4.89
CA GLN G 65 44.49 5.22 5.15
C GLN G 65 43.62 5.17 3.91
N GLU G 66 42.75 4.17 3.89
CA GLU G 66 41.58 4.16 3.03
C GLU G 66 40.45 4.84 3.83
N PRO G 67 39.68 5.73 3.19
CA PRO G 67 39.68 5.96 1.74
C PRO G 67 41.03 6.37 1.17
N LEU G 68 41.45 5.71 0.10
CA LEU G 68 42.54 6.21 -0.69
C LEU G 68 41.90 7.18 -1.68
N PHE G 69 42.28 8.44 -1.59
CA PHE G 69 41.57 9.51 -2.28
C PHE G 69 41.61 9.34 -3.80
N SER G 70 40.60 9.86 -4.51
CA SER G 70 40.61 9.72 -5.97
C SER G 70 41.23 10.92 -6.68
N GLY G 71 40.50 12.03 -6.81
CA GLY G 71 41.08 13.15 -7.52
C GLY G 71 42.19 13.90 -6.79
N LYS G 72 43.40 13.85 -7.34
CA LYS G 72 44.49 14.81 -7.05
C LYS G 72 44.49 15.53 -5.68
N PRO G 73 44.49 14.77 -4.59
CA PRO G 73 44.37 15.38 -3.26
C PRO G 73 45.50 16.38 -2.96
N GLN G 74 45.15 17.47 -2.28
CA GLN G 74 46.11 18.52 -1.93
C GLN G 74 46.29 18.62 -0.41
N LEU G 75 47.53 18.55 0.05
CA LEU G 75 47.82 18.63 1.48
C LEU G 75 48.24 20.04 1.88
N ARG G 76 47.36 20.72 2.62
CA ARG G 76 47.64 22.08 3.07
C ARG G 76 48.39 22.08 4.41
N VAL G 77 49.41 22.93 4.52
CA VAL G 77 50.19 23.05 5.75
C VAL G 77 50.81 24.44 5.89
N HIS G 78 51.51 24.68 6.98
CA HIS G 78 52.15 25.97 7.23
C HIS G 78 53.46 26.15 6.47
N PRO G 79 53.67 27.34 5.88
CA PRO G 79 54.88 27.62 5.09
C PRO G 79 56.18 27.27 5.80
N ASP G 80 56.29 27.63 7.08
CA ASP G 80 57.50 27.34 7.83
C ASP G 80 57.68 25.83 8.01
N ASP G 81 56.58 25.10 7.89
CA ASP G 81 56.62 23.64 7.95
C ASP G 81 56.83 23.04 6.56
N LEU G 82 56.77 23.89 5.53
CA LEU G 82 56.94 23.46 4.16
C LEU G 82 58.38 22.99 3.88
N GLN G 83 59.31 23.43 4.71
CA GLN G 83 60.71 23.04 4.55
C GLN G 83 60.91 21.52 4.59
N ARG G 84 60.65 20.93 5.75
CA ARG G 84 60.90 19.51 5.95
C ARG G 84 59.96 18.62 5.15
N VAL G 85 58.88 19.20 4.66
CA VAL G 85 57.82 18.41 4.04
C VAL G 85 58.26 17.68 2.76
N GLU G 86 58.73 18.43 1.77
CA GLU G 86 59.13 17.84 0.48
C GLU G 86 60.45 17.11 0.61
N GLU G 87 61.37 17.71 1.34
CA GLU G 87 62.67 17.10 1.57
C GLU G 87 62.49 15.72 2.20
N MET G 88 61.99 15.68 3.42
CA MET G 88 61.82 14.41 4.12
C MET G 88 60.78 13.48 3.49
N LEU G 89 59.53 13.94 3.39
CA LEU G 89 58.46 13.09 2.85
C LEU G 89 58.04 13.31 1.38
N GLY G 90 58.72 14.21 0.67
CA GLY G 90 58.34 14.54 -0.69
C GLY G 90 58.23 13.36 -1.64
N ALA G 91 58.95 12.29 -1.34
CA ALA G 91 58.96 11.10 -2.18
C ALA G 91 57.57 10.52 -2.40
N THR G 92 56.86 10.28 -1.30
CA THR G 92 55.58 9.58 -1.35
C THR G 92 54.49 10.34 -2.12
N LEU G 93 54.41 11.64 -1.89
CA LEU G 93 53.36 12.46 -2.51
C LEU G 93 53.34 12.35 -4.04
N SER G 94 54.46 12.63 -4.68
CA SER G 94 54.57 12.57 -6.13
C SER G 94 54.07 11.23 -6.66
N LEU G 95 54.56 10.16 -6.02
CA LEU G 95 54.14 8.82 -6.39
C LEU G 95 52.69 8.55 -5.99
N HIS G 96 52.25 9.11 -4.86
CA HIS G 96 50.91 8.86 -4.36
C HIS G 96 49.86 9.79 -4.99
N GLY G 97 50.30 10.65 -5.90
CA GLY G 97 49.39 11.49 -6.65
C GLY G 97 48.83 12.65 -5.84
N TRP G 98 49.58 13.11 -4.86
CA TRP G 98 49.16 14.23 -4.02
C TRP G 98 50.00 15.48 -4.28
N ARG G 99 49.39 16.51 -4.85
CA ARG G 99 50.01 17.82 -4.93
C ARG G 99 50.09 18.42 -3.53
N LEU G 100 50.95 19.42 -3.34
CA LEU G 100 51.13 20.00 -2.01
C LEU G 100 51.14 21.54 -1.99
N ARG G 101 50.67 22.10 -0.88
CA ARG G 101 50.57 23.54 -0.72
C ARG G 101 50.86 23.99 0.71
N GLY G 102 51.64 25.05 0.86
CA GLY G 102 51.80 25.69 2.15
C GLY G 102 50.61 26.60 2.39
N ASP G 103 50.12 26.64 3.64
CA ASP G 103 49.00 27.51 3.98
C ASP G 103 49.27 28.21 5.30
N PRO G 104 48.94 29.51 5.38
CA PRO G 104 49.25 30.32 6.57
C PRO G 104 48.44 29.95 7.81
N THR G 105 47.15 29.68 7.62
CA THR G 105 46.20 29.60 8.73
C THR G 105 46.38 28.39 9.63
N LEU G 106 46.85 27.27 9.08
CA LEU G 106 47.03 26.07 9.88
C LEU G 106 48.06 26.29 10.98
N HIS G 107 47.66 26.01 12.21
CA HIS G 107 48.60 26.05 13.32
C HIS G 107 49.60 24.92 13.16
N HIS G 108 50.79 25.10 13.73
CA HIS G 108 51.89 24.15 13.55
C HIS G 108 51.59 22.77 14.14
N GLY G 109 51.93 21.73 13.39
CA GLY G 109 51.82 20.36 13.87
C GLY G 109 50.63 19.59 13.35
N GLY G 110 49.94 20.16 12.36
CA GLY G 110 48.76 19.54 11.80
C GLY G 110 48.58 19.87 10.33
N CYS G 111 47.69 19.15 9.67
CA CYS G 111 47.51 19.30 8.24
C CYS G 111 46.06 19.14 7.79
N LYS G 112 45.78 19.55 6.56
CA LYS G 112 44.48 19.34 5.95
C LYS G 112 44.65 18.71 4.56
N VAL G 113 44.09 17.52 4.37
CA VAL G 113 44.14 16.87 3.08
C VAL G 113 42.81 17.08 2.37
N SER G 114 42.84 17.89 1.31
CA SER G 114 41.63 18.32 0.63
C SER G 114 41.55 17.77 -0.79
N ALA G 115 40.48 17.05 -1.08
CA ALA G 115 40.27 16.52 -2.42
C ALA G 115 38.80 16.60 -2.83
N ASP G 116 38.50 16.07 -4.02
CA ASP G 116 37.15 16.15 -4.58
C ASP G 116 36.13 15.37 -3.76
N GLU G 117 36.46 14.12 -3.46
CA GLU G 117 35.58 13.22 -2.71
C GLU G 117 35.17 13.78 -1.34
N GLY G 118 36.15 14.35 -0.62
CA GLY G 118 35.93 14.87 0.71
C GLY G 118 37.20 15.48 1.26
N ASP G 119 37.27 15.64 2.58
CA ASP G 119 38.47 16.20 3.21
C ASP G 119 38.92 15.39 4.42
N LEU G 120 40.14 15.66 4.88
CA LEU G 120 40.65 15.10 6.13
C LEU G 120 41.26 16.21 6.96
N ASP G 121 40.75 16.41 8.17
CA ASP G 121 41.21 17.51 9.00
C ASP G 121 42.09 17.00 10.13
N ALA G 122 43.39 17.20 9.98
CA ALA G 122 44.35 16.95 11.05
C ALA G 122 44.73 18.27 11.70
N SER G 123 44.11 19.34 11.23
CA SER G 123 44.49 20.68 11.68
C SER G 123 44.41 20.78 13.20
N VAL G 124 45.29 21.62 13.76
CA VAL G 124 45.35 21.83 15.20
C VAL G 124 44.08 22.47 15.71
N ALA G 125 43.63 23.50 15.02
CA ALA G 125 42.44 24.25 15.42
C ALA G 125 41.24 23.34 15.59
N THR G 126 41.07 22.39 14.67
CA THR G 126 39.97 21.44 14.73
C THR G 126 40.01 20.62 16.01
N ARG G 127 41.19 20.13 16.37
CA ARG G 127 41.30 19.30 17.57
C ARG G 127 40.89 20.08 18.80
N TRP G 128 41.17 21.38 18.79
CA TRP G 128 40.79 22.26 19.88
C TRP G 128 39.28 22.24 20.07
N GLN G 129 38.54 22.19 18.98
CA GLN G 129 37.09 22.02 19.07
C GLN G 129 36.83 20.83 19.98
N GLU G 130 37.24 19.65 19.51
CA GLU G 130 37.00 18.41 20.25
C GLU G 130 37.42 18.58 21.70
N LEU G 131 38.65 19.03 21.93
CA LEU G 131 39.12 19.22 23.30
C LEU G 131 38.11 20.04 24.08
N CYS G 132 37.72 21.20 23.55
CA CYS G 132 36.73 22.04 24.21
C CYS G 132 35.34 21.43 24.16
N ARG G 133 34.89 21.07 22.95
CA ARG G 133 33.57 20.49 22.76
C ARG G 133 33.39 19.29 23.67
N LEU G 134 34.51 18.64 23.97
CA LEU G 134 34.54 17.51 24.89
C LEU G 134 34.51 18.01 26.32
N ALA G 135 35.23 19.10 26.58
CA ALA G 135 35.32 19.65 27.92
C ALA G 135 33.94 20.05 28.39
N ALA G 136 33.31 20.95 27.66
CA ALA G 136 31.96 21.38 27.93
C ALA G 136 31.01 21.10 26.78
N PRO G 137 30.05 20.19 26.97
CA PRO G 137 28.96 20.03 26.02
C PRO G 137 28.17 21.33 25.86
N GLY G 138 28.43 22.28 26.78
CA GLY G 138 27.83 23.60 26.75
C GLY G 138 27.99 24.34 25.43
N VAL G 139 29.15 24.18 24.80
CA VAL G 139 29.35 24.65 23.44
C VAL G 139 28.47 23.83 22.51
N LEU G 140 28.61 22.50 22.60
CA LEU G 140 27.84 21.54 21.80
C LEU G 140 26.33 21.81 21.89
N PRO H 5 -0.89 84.01 21.78
CA PRO H 5 -0.28 85.32 21.51
C PRO H 5 1.22 85.29 21.84
N ILE H 6 1.72 86.34 22.51
CA ILE H 6 3.09 86.34 22.99
C ILE H 6 3.27 85.21 23.99
N HIS H 7 2.21 84.93 24.73
CA HIS H 7 2.18 83.81 25.66
C HIS H 7 2.24 82.51 24.87
N ALA H 8 1.41 82.40 23.83
CA ALA H 8 1.34 81.18 23.03
C ALA H 8 2.43 81.01 21.96
N ARG H 9 2.88 82.11 21.36
CA ARG H 9 3.86 82.03 20.26
C ARG H 9 5.15 81.30 20.65
N MET H 10 5.69 81.63 21.81
CA MET H 10 6.90 81.01 22.32
C MET H 10 6.65 79.55 22.71
N GLN H 11 5.38 79.20 22.92
CA GLN H 11 5.00 77.86 23.38
C GLN H 11 5.39 76.76 22.38
N GLN H 12 5.06 76.97 21.11
CA GLN H 12 5.42 76.02 20.07
C GLN H 12 6.72 76.43 19.36
N LEU H 13 7.27 77.56 19.80
CA LEU H 13 8.56 78.02 19.32
C LEU H 13 9.64 77.12 19.90
N VAL H 14 9.47 76.76 21.17
CA VAL H 14 10.38 75.84 21.86
C VAL H 14 10.38 74.47 21.22
N SER H 15 9.19 73.86 21.12
CA SER H 15 9.05 72.52 20.58
C SER H 15 9.73 72.38 19.22
N GLU H 16 9.40 73.28 18.29
CA GLU H 16 9.93 73.18 16.93
C GLU H 16 11.46 73.20 16.90
N PHE H 17 12.08 73.88 17.87
CA PHE H 17 13.53 73.95 17.94
C PHE H 17 14.11 72.55 17.88
N GLN H 18 13.56 71.63 18.66
CA GLN H 18 14.04 70.25 18.66
C GLN H 18 14.13 69.70 17.24
N ASN H 19 13.01 69.75 16.53
CA ASN H 19 12.96 69.31 15.14
C ASN H 19 14.13 69.87 14.31
N THR H 20 14.15 71.20 14.19
CA THR H 20 15.21 71.89 13.45
C THR H 20 16.59 71.70 14.08
N LEU H 21 16.62 71.38 15.37
CA LEU H 21 17.87 71.06 16.07
C LEU H 21 18.29 69.61 15.85
N ASP H 22 17.32 68.70 15.90
CA ASP H 22 17.58 67.27 15.80
C ASP H 22 17.72 66.85 14.34
N ALA H 23 17.55 67.80 13.44
CA ALA H 23 17.70 67.55 12.01
C ALA H 23 19.13 67.12 11.67
N LEU H 24 20.06 67.55 12.51
CA LEU H 24 21.49 67.39 12.27
C LEU H 24 22.06 66.01 12.65
N ASP H 25 21.34 65.28 13.49
CA ASP H 25 21.81 63.95 13.89
C ASP H 25 22.17 63.12 12.68
N SER H 26 21.26 63.08 11.71
CA SER H 26 21.49 62.30 10.50
C SER H 26 22.55 62.97 9.61
N VAL H 27 22.45 64.28 9.46
CA VAL H 27 23.40 65.06 8.66
C VAL H 27 24.83 65.03 9.21
N ILE H 28 25.01 65.54 10.43
CA ILE H 28 26.31 65.55 11.08
C ILE H 28 26.92 64.15 11.04
N ALA H 29 26.09 63.15 11.31
CA ALA H 29 26.52 61.77 11.24
C ALA H 29 27.18 61.52 9.89
N SER H 30 26.52 62.01 8.84
CA SER H 30 26.99 61.78 7.48
C SER H 30 28.22 62.60 7.14
N ARG H 31 28.17 63.89 7.46
CA ARG H 31 29.34 64.75 7.30
C ARG H 31 30.57 64.08 7.91
N LEU H 32 30.42 63.57 9.13
CA LEU H 32 31.51 62.87 9.80
C LEU H 32 31.96 61.68 8.95
N MET H 33 30.97 60.99 8.39
CA MET H 33 31.22 59.83 7.55
C MET H 33 32.13 60.18 6.38
N GLN H 34 31.86 61.31 5.73
CA GLN H 34 32.64 61.77 4.60
C GLN H 34 34.11 62.01 4.96
N MET H 35 34.33 62.80 6.03
CA MET H 35 35.68 63.09 6.48
C MET H 35 36.45 61.79 6.59
N ALA H 36 35.86 60.82 7.29
CA ALA H 36 36.48 59.52 7.45
C ALA H 36 36.98 59.02 6.10
N LEU H 37 36.11 59.12 5.09
CA LEU H 37 36.42 58.67 3.74
C LEU H 37 37.42 59.56 3.05
N GLU H 38 37.30 60.88 3.24
CA GLU H 38 38.25 61.80 2.64
C GLU H 38 39.63 61.60 3.25
N ALA H 39 39.68 61.48 4.58
CA ALA H 39 40.93 61.16 5.24
C ALA H 39 41.46 59.85 4.70
N ALA H 40 40.60 58.84 4.70
CA ALA H 40 40.95 57.56 4.11
C ALA H 40 41.45 57.76 2.68
N ARG H 41 40.71 58.56 1.89
CA ARG H 41 41.07 58.82 0.50
C ARG H 41 42.48 59.42 0.40
N GLN H 42 42.86 60.22 1.39
CA GLN H 42 44.20 60.80 1.41
C GLN H 42 45.21 59.68 1.69
N VAL H 43 44.86 58.74 2.56
CA VAL H 43 45.75 57.63 2.86
C VAL H 43 46.06 56.85 1.59
N ILE H 44 45.05 56.35 0.89
CA ILE H 44 45.29 55.56 -0.31
C ILE H 44 45.82 56.40 -1.46
N GLY H 45 45.15 57.52 -1.73
CA GLY H 45 45.54 58.42 -2.80
C GLY H 45 46.80 59.23 -2.53
N GLN H 46 46.83 59.94 -1.40
CA GLN H 46 47.98 60.78 -1.05
C GLN H 46 49.25 60.01 -0.66
N THR H 47 49.09 58.93 0.08
CA THR H 47 50.23 58.10 0.43
C THR H 47 50.77 57.41 -0.81
N PRO H 48 52.02 57.73 -1.21
CA PRO H 48 52.60 56.93 -2.27
C PRO H 48 52.80 55.54 -1.68
N ALA H 49 53.42 54.62 -2.42
CA ALA H 49 54.02 53.44 -1.79
C ALA H 49 54.71 52.52 -2.77
N VAL H 50 55.68 51.81 -2.23
CA VAL H 50 56.40 50.79 -2.95
C VAL H 50 55.91 49.40 -2.61
N ASP H 51 54.85 49.30 -1.82
CA ASP H 51 54.50 48.00 -1.27
C ASP H 51 53.60 47.26 -2.26
N ASN H 52 54.24 46.31 -2.93
CA ASN H 52 53.60 45.39 -3.84
C ASN H 52 53.44 44.08 -3.08
N SER H 53 53.87 44.13 -1.82
CA SER H 53 53.88 42.97 -0.92
C SER H 53 52.48 42.38 -0.74
N ALA H 54 51.46 43.23 -0.75
CA ALA H 54 50.09 42.75 -0.59
C ALA H 54 49.54 42.11 -1.87
N LEU H 55 49.83 42.70 -3.03
CA LEU H 55 49.38 42.11 -4.30
C LEU H 55 49.91 40.70 -4.48
N ILE H 56 51.01 40.39 -3.80
CA ILE H 56 51.59 39.07 -3.88
C ILE H 56 50.66 38.12 -3.14
N LYS H 57 50.50 38.39 -1.84
CA LYS H 57 49.62 37.61 -0.97
C LYS H 57 48.27 37.30 -1.63
N GLN H 58 47.48 38.33 -1.90
CA GLN H 58 46.16 38.11 -2.49
C GLN H 58 46.22 37.42 -3.85
N ILE H 59 47.24 37.74 -4.65
CA ILE H 59 47.41 37.11 -5.96
C ILE H 59 47.83 35.65 -5.83
N GLN H 60 48.83 35.39 -5.00
CA GLN H 60 49.26 34.02 -4.76
C GLN H 60 48.17 33.25 -4.01
N GLN H 61 47.24 34.01 -3.42
CA GLN H 61 46.08 33.43 -2.75
C GLN H 61 45.01 33.05 -3.78
N LEU H 62 45.02 33.73 -4.92
CA LEU H 62 44.05 33.48 -5.98
C LEU H 62 43.95 31.98 -6.28
N LEU H 63 45.12 31.36 -6.43
CA LEU H 63 45.21 29.95 -6.78
C LEU H 63 44.43 29.06 -5.81
N GLN H 64 44.47 29.42 -4.53
CA GLN H 64 43.80 28.65 -3.50
C GLN H 64 42.32 28.40 -3.82
N GLN H 65 41.63 29.45 -4.27
CA GLN H 65 40.20 29.37 -4.52
C GLN H 65 39.80 28.20 -5.42
N GLU H 66 38.81 27.44 -4.96
CA GLU H 66 38.20 26.36 -5.74
C GLU H 66 36.82 26.88 -6.15
N PRO H 67 36.50 26.87 -7.47
CA PRO H 67 37.18 26.37 -8.67
C PRO H 67 38.31 27.25 -9.24
N LEU H 68 39.33 26.58 -9.78
CA LEU H 68 40.42 27.21 -10.55
C LEU H 68 40.02 27.57 -11.99
N PHE H 69 40.83 28.43 -12.62
CA PHE H 69 40.62 28.81 -14.03
C PHE H 69 41.55 28.08 -15.00
N SER H 70 40.95 27.30 -15.91
CA SER H 70 41.67 26.68 -17.02
C SER H 70 41.55 27.51 -18.30
N GLY H 71 41.01 28.72 -18.15
CA GLY H 71 40.40 29.45 -19.26
C GLY H 71 41.31 30.32 -20.10
N LYS H 72 42.56 29.90 -20.26
CA LYS H 72 43.57 30.76 -20.86
C LYS H 72 43.50 32.09 -20.13
N PRO H 73 43.73 32.03 -18.80
CA PRO H 73 43.58 33.17 -17.89
C PRO H 73 44.52 34.31 -18.20
N GLN H 74 44.04 35.54 -18.02
CA GLN H 74 44.89 36.71 -18.24
C GLN H 74 44.77 37.71 -17.07
N LEU H 75 45.92 38.13 -16.54
CA LEU H 75 45.96 39.07 -15.42
C LEU H 75 46.30 40.48 -15.90
N ARG H 76 45.32 41.38 -15.89
CA ARG H 76 45.52 42.74 -16.40
C ARG H 76 46.04 43.68 -15.32
N VAL H 77 46.95 44.57 -15.71
CA VAL H 77 47.45 45.61 -14.82
C VAL H 77 47.81 46.86 -15.61
N HIS H 78 47.56 48.03 -15.02
CA HIS H 78 47.98 49.30 -15.61
C HIS H 78 49.49 49.30 -15.78
N PRO H 79 49.96 49.68 -16.97
CA PRO H 79 51.39 49.64 -17.32
C PRO H 79 52.27 50.30 -16.26
N ASP H 80 51.80 51.41 -15.69
CA ASP H 80 52.58 52.10 -14.66
C ASP H 80 53.02 51.12 -13.56
N ASP H 81 52.09 50.27 -13.12
CA ASP H 81 52.36 49.26 -12.10
C ASP H 81 52.95 48.00 -12.74
N LEU H 82 53.01 47.97 -14.05
CA LEU H 82 53.50 46.81 -14.78
C LEU H 82 54.87 46.37 -14.29
N GLN H 83 55.83 47.28 -14.32
CA GLN H 83 57.25 46.92 -14.13
C GLN H 83 57.57 46.01 -12.94
N ARG H 84 56.95 46.26 -11.80
CA ARG H 84 57.19 45.44 -10.61
C ARG H 84 56.80 43.99 -10.89
N VAL H 85 56.11 43.78 -12.00
CA VAL H 85 55.77 42.45 -12.48
C VAL H 85 57.01 41.56 -12.54
N GLU H 86 58.14 42.16 -12.87
CA GLU H 86 59.33 41.42 -13.24
C GLU H 86 59.78 40.32 -12.29
N GLU H 87 59.46 40.43 -11.01
CA GLU H 87 60.10 39.55 -10.04
C GLU H 87 59.45 38.17 -9.99
N MET H 88 58.31 38.04 -9.31
CA MET H 88 57.55 36.80 -9.39
C MET H 88 56.32 36.86 -10.29
N LEU H 89 55.99 38.05 -10.77
CA LEU H 89 54.90 38.20 -11.72
C LEU H 89 55.39 37.90 -13.13
N GLY H 90 56.67 38.17 -13.36
CA GLY H 90 57.30 37.84 -14.64
C GLY H 90 58.07 36.54 -14.64
N ALA H 91 58.45 36.07 -13.44
CA ALA H 91 59.19 34.81 -13.31
C ALA H 91 58.30 33.58 -13.37
N THR H 92 57.21 33.59 -12.60
CA THR H 92 56.26 32.50 -12.61
C THR H 92 55.21 32.80 -13.69
N LEU H 93 55.48 33.86 -14.46
CA LEU H 93 54.62 34.30 -15.54
C LEU H 93 54.17 33.14 -16.41
N SER H 94 55.12 32.28 -16.79
CA SER H 94 54.84 31.07 -17.55
C SER H 94 54.41 29.93 -16.63
N LEU H 95 55.31 29.59 -15.71
CA LEU H 95 55.09 28.51 -14.75
C LEU H 95 53.68 28.55 -14.16
N HIS H 96 53.34 29.66 -13.52
CA HIS H 96 52.01 29.87 -12.97
C HIS H 96 50.97 29.43 -14.02
N GLY H 97 51.23 29.78 -15.27
CA GLY H 97 50.34 29.41 -16.36
C GLY H 97 49.43 30.50 -16.89
N TRP H 98 49.70 31.75 -16.54
CA TRP H 98 48.89 32.88 -16.98
C TRP H 98 49.73 33.89 -17.78
N ARG H 99 49.09 35.00 -18.17
CA ARG H 99 49.80 36.08 -18.85
C ARG H 99 49.48 37.40 -18.16
N LEU H 100 50.31 38.42 -18.38
CA LEU H 100 50.08 39.71 -17.75
C LEU H 100 49.94 40.83 -18.78
N ARG H 101 49.14 41.84 -18.48
CA ARG H 101 48.80 42.85 -19.49
C ARG H 101 49.00 44.29 -19.00
N GLY H 102 48.78 45.23 -19.92
CA GLY H 102 48.97 46.65 -19.70
C GLY H 102 47.68 47.47 -19.59
N ASP H 103 46.57 46.84 -19.23
CA ASP H 103 45.28 47.54 -19.23
C ASP H 103 45.39 48.85 -18.45
N PRO H 104 45.09 49.98 -19.12
CA PRO H 104 45.32 51.34 -18.60
C PRO H 104 44.52 51.61 -17.34
N THR H 105 43.55 50.75 -17.07
CA THR H 105 42.56 50.99 -16.03
C THR H 105 43.15 51.00 -14.61
N LEU H 106 43.82 49.92 -14.24
CA LEU H 106 44.06 49.62 -12.82
C LEU H 106 44.92 50.62 -12.03
N HIS H 107 44.72 50.60 -10.71
CA HIS H 107 45.56 51.36 -9.79
C HIS H 107 46.25 50.38 -8.83
N HIS H 108 47.33 50.83 -8.22
CA HIS H 108 48.24 49.95 -7.48
C HIS H 108 47.61 49.32 -6.23
N GLY H 109 48.04 48.11 -5.91
CA GLY H 109 47.57 47.41 -4.73
C GLY H 109 46.62 46.27 -5.06
N GLY H 110 46.14 46.27 -6.31
CA GLY H 110 45.22 45.25 -6.78
C GLY H 110 45.35 44.95 -8.25
N CYS H 111 44.74 43.84 -8.68
CA CYS H 111 44.85 43.36 -10.05
C CYS H 111 43.47 43.06 -10.66
N LYS H 112 43.48 42.50 -11.86
CA LYS H 112 42.27 41.95 -12.49
C LYS H 112 42.61 40.62 -13.16
N VAL H 113 41.60 39.81 -13.42
CA VAL H 113 41.79 38.52 -14.05
C VAL H 113 40.65 38.26 -15.04
N SER H 114 40.99 37.80 -16.24
CA SER H 114 39.99 37.48 -17.24
C SER H 114 40.09 36.02 -17.62
N ALA H 115 38.98 35.42 -17.99
CA ALA H 115 38.96 34.02 -18.39
C ALA H 115 37.63 33.65 -19.02
N ASP H 116 37.51 32.40 -19.43
CA ASP H 116 36.30 31.91 -20.07
C ASP H 116 35.25 31.61 -19.00
N GLU H 117 35.69 30.99 -17.91
CA GLU H 117 34.79 30.60 -16.82
C GLU H 117 34.25 31.81 -16.08
N GLY H 118 35.11 32.81 -15.91
CA GLY H 118 34.75 33.99 -15.14
C GLY H 118 35.94 34.87 -14.87
N ASP H 119 35.68 36.00 -14.23
CA ASP H 119 36.70 37.02 -14.05
C ASP H 119 36.85 37.32 -12.56
N LEU H 120 37.97 37.95 -12.18
CA LEU H 120 38.17 38.41 -10.81
C LEU H 120 38.52 39.89 -10.79
N ASP H 121 37.85 40.67 -9.95
CA ASP H 121 38.18 42.08 -9.83
C ASP H 121 38.79 42.33 -8.45
N ALA H 122 40.11 42.51 -8.43
CA ALA H 122 40.83 42.97 -7.25
C ALA H 122 41.16 44.44 -7.39
N SER H 123 40.70 45.05 -8.49
CA SER H 123 41.02 46.44 -8.76
C SER H 123 40.71 47.27 -7.54
N VAL H 124 41.67 48.10 -7.13
CA VAL H 124 41.51 48.90 -5.92
C VAL H 124 40.25 49.75 -6.00
N ALA H 125 40.11 50.50 -7.09
CA ALA H 125 38.98 51.40 -7.27
C ALA H 125 37.65 50.67 -7.19
N THR H 126 37.63 49.41 -7.60
CA THR H 126 36.44 48.60 -7.49
C THR H 126 36.06 48.46 -6.02
N ARG H 127 37.07 48.37 -5.16
CA ARG H 127 36.85 48.29 -3.72
C ARG H 127 36.36 49.61 -3.17
N TRP H 128 36.93 50.71 -3.66
CA TRP H 128 36.61 52.02 -3.12
C TRP H 128 35.22 52.47 -3.53
N GLN H 129 34.76 52.01 -4.68
CA GLN H 129 33.40 52.30 -5.11
C GLN H 129 32.42 51.53 -4.23
N GLU H 130 32.84 50.37 -3.74
CA GLU H 130 32.05 49.55 -2.84
C GLU H 130 31.81 50.28 -1.51
N LEU H 131 32.88 50.78 -0.91
CA LEU H 131 32.77 51.52 0.33
C LEU H 131 31.81 52.68 0.12
N CYS H 132 32.14 53.55 -0.83
CA CYS H 132 31.30 54.70 -1.10
C CYS H 132 29.84 54.27 -1.25
N ARG H 133 29.59 53.24 -2.06
CA ARG H 133 28.23 52.75 -2.22
C ARG H 133 27.56 52.58 -0.85
N LEU H 134 28.33 52.10 0.12
CA LEU H 134 27.79 51.82 1.45
C LEU H 134 27.41 53.06 2.25
N ALA H 135 28.26 54.09 2.17
CA ALA H 135 28.10 55.27 3.03
C ALA H 135 26.82 56.05 2.75
N ALA H 136 26.31 55.98 1.52
CA ALA H 136 25.02 56.60 1.19
C ALA H 136 23.98 55.57 0.76
N PRO H 137 22.92 55.42 1.56
CA PRO H 137 21.78 54.54 1.25
C PRO H 137 20.96 55.06 0.07
N GLY H 138 20.87 56.38 -0.07
CA GLY H 138 20.06 57.00 -1.11
C GLY H 138 20.38 56.59 -2.53
N VAL H 139 21.67 56.44 -2.82
CA VAL H 139 22.11 56.01 -4.15
C VAL H 139 23.10 54.87 -4.01
N LEU H 140 23.26 54.06 -5.07
CA LEU H 140 24.23 52.98 -5.07
C LEU H 140 25.26 53.12 -6.19
N PRO I 5 -60.05 -17.75 -37.26
CA PRO I 5 -59.69 -18.44 -36.02
C PRO I 5 -58.24 -18.94 -36.04
N ILE I 6 -57.85 -19.72 -35.04
CA ILE I 6 -56.54 -20.33 -35.01
C ILE I 6 -56.44 -21.40 -36.09
N HIS I 7 -57.60 -21.91 -36.49
CA HIS I 7 -57.69 -23.02 -37.42
C HIS I 7 -56.83 -22.74 -38.66
N ALA I 8 -57.11 -21.63 -39.33
CA ALA I 8 -56.37 -21.28 -40.54
C ALA I 8 -54.88 -21.29 -40.27
N ARG I 9 -54.48 -20.70 -39.14
CA ARG I 9 -53.07 -20.56 -38.81
C ARG I 9 -52.37 -21.91 -38.73
N MET I 10 -52.84 -22.79 -37.85
CA MET I 10 -52.20 -24.09 -37.70
C MET I 10 -52.30 -24.93 -38.98
N GLN I 11 -53.42 -24.82 -39.67
CA GLN I 11 -53.58 -25.55 -40.92
C GLN I 11 -52.65 -24.98 -42.00
N GLN I 12 -52.47 -23.66 -42.00
CA GLN I 12 -51.56 -23.00 -42.94
C GLN I 12 -50.09 -23.28 -42.60
N LEU I 13 -49.81 -23.46 -41.31
CA LEU I 13 -48.51 -23.95 -40.90
C LEU I 13 -48.21 -25.30 -41.56
N VAL I 14 -49.01 -26.31 -41.20
CA VAL I 14 -48.87 -27.63 -41.79
C VAL I 14 -48.92 -27.56 -43.30
N SER I 15 -49.88 -26.82 -43.82
CA SER I 15 -49.99 -26.59 -45.25
C SER I 15 -48.65 -26.06 -45.79
N GLU I 16 -48.31 -24.84 -45.40
CA GLU I 16 -47.11 -24.17 -45.87
C GLU I 16 -45.86 -25.01 -45.65
N PHE I 17 -45.63 -25.46 -44.43
CA PHE I 17 -44.46 -26.26 -44.14
C PHE I 17 -44.33 -27.44 -45.10
N GLN I 18 -45.26 -28.38 -45.03
CA GLN I 18 -45.22 -29.55 -45.90
C GLN I 18 -44.96 -29.14 -47.34
N ASN I 19 -45.73 -28.16 -47.81
CA ASN I 19 -45.61 -27.64 -49.17
C ASN I 19 -44.19 -27.24 -49.51
N THR I 20 -43.54 -26.56 -48.57
CA THR I 20 -42.14 -26.17 -48.73
C THR I 20 -41.25 -27.42 -48.86
N LEU I 21 -41.44 -28.38 -47.97
CA LEU I 21 -40.72 -29.65 -48.05
C LEU I 21 -40.88 -30.30 -49.43
N ASP I 22 -42.10 -30.25 -49.97
CA ASP I 22 -42.38 -30.78 -51.31
C ASP I 22 -41.62 -30.03 -52.40
N ALA I 23 -41.65 -28.71 -52.37
CA ALA I 23 -40.95 -27.91 -53.36
C ALA I 23 -39.47 -28.27 -53.45
N LEU I 24 -38.90 -28.72 -52.34
CA LEU I 24 -37.51 -29.13 -52.32
C LEU I 24 -37.17 -30.08 -53.46
N ASP I 25 -38.00 -31.09 -53.65
CA ASP I 25 -37.64 -32.17 -54.57
C ASP I 25 -37.38 -31.67 -55.99
N SER I 26 -38.22 -30.78 -56.47
CA SER I 26 -38.06 -30.24 -57.82
C SER I 26 -36.90 -29.26 -57.95
N VAL I 27 -36.77 -28.37 -56.98
CA VAL I 27 -35.82 -27.27 -57.07
C VAL I 27 -34.48 -27.41 -56.32
N ILE I 28 -34.32 -28.44 -55.49
CA ILE I 28 -33.17 -28.46 -54.58
C ILE I 28 -31.93 -29.25 -55.02
N ALA I 29 -32.04 -30.04 -56.07
CA ALA I 29 -30.92 -30.87 -56.50
C ALA I 29 -29.83 -30.03 -57.13
N SER I 30 -30.20 -29.21 -58.11
CA SER I 30 -29.25 -28.37 -58.82
C SER I 30 -28.61 -27.35 -57.88
N ARG I 31 -29.37 -26.94 -56.86
CA ARG I 31 -28.91 -25.94 -55.92
C ARG I 31 -27.78 -26.50 -55.08
N LEU I 32 -27.97 -27.74 -54.64
CA LEU I 32 -26.99 -28.42 -53.81
C LEU I 32 -25.75 -28.78 -54.60
N MET I 33 -25.92 -29.02 -55.90
CA MET I 33 -24.79 -29.25 -56.79
C MET I 33 -23.89 -28.03 -56.89
N GLN I 34 -24.50 -26.89 -57.21
CA GLN I 34 -23.76 -25.65 -57.36
C GLN I 34 -22.95 -25.39 -56.10
N MET I 35 -23.51 -25.78 -54.96
CA MET I 35 -22.81 -25.62 -53.69
C MET I 35 -21.69 -26.65 -53.58
N ALA I 36 -22.02 -27.90 -53.87
CA ALA I 36 -21.01 -28.97 -53.82
C ALA I 36 -19.79 -28.59 -54.67
N LEU I 37 -20.03 -27.94 -55.80
CA LEU I 37 -18.96 -27.55 -56.71
C LEU I 37 -18.15 -26.39 -56.15
N GLU I 38 -18.82 -25.41 -55.57
CA GLU I 38 -18.13 -24.31 -54.91
C GLU I 38 -17.23 -24.82 -53.79
N ALA I 39 -17.79 -25.63 -52.91
CA ALA I 39 -17.01 -26.22 -51.83
C ALA I 39 -15.76 -26.88 -52.41
N ALA I 40 -15.95 -27.81 -53.34
CA ALA I 40 -14.83 -28.51 -53.94
C ALA I 40 -13.80 -27.50 -54.43
N ARG I 41 -14.25 -26.59 -55.28
CA ARG I 41 -13.40 -25.55 -55.85
C ARG I 41 -12.58 -24.78 -54.83
N GLN I 42 -13.25 -24.22 -53.82
CA GLN I 42 -12.57 -23.41 -52.82
C GLN I 42 -11.54 -24.23 -52.06
N VAL I 43 -11.79 -25.52 -51.91
CA VAL I 43 -10.88 -26.37 -51.16
C VAL I 43 -9.66 -26.76 -52.00
N ILE I 44 -9.92 -27.18 -53.24
CA ILE I 44 -8.87 -27.63 -54.15
C ILE I 44 -8.12 -26.47 -54.81
N GLY I 45 -8.79 -25.33 -54.95
CA GLY I 45 -8.14 -24.14 -55.47
C GLY I 45 -8.40 -23.93 -56.93
N GLN I 46 -9.11 -24.87 -57.54
CA GLN I 46 -9.52 -24.74 -58.93
C GLN I 46 -10.77 -25.55 -59.20
N THR I 47 -11.51 -25.17 -60.25
CA THR I 47 -12.71 -25.88 -60.65
C THR I 47 -12.33 -27.28 -61.13
N PRO I 48 -12.88 -28.31 -60.48
CA PRO I 48 -12.51 -29.66 -60.89
C PRO I 48 -13.33 -30.06 -62.10
N ALA I 49 -13.02 -31.20 -62.68
CA ALA I 49 -13.77 -31.69 -63.81
C ALA I 49 -14.55 -32.89 -63.34
N VAL I 50 -15.87 -32.74 -63.30
CA VAL I 50 -16.75 -33.72 -62.69
C VAL I 50 -17.93 -33.97 -63.63
N ASP I 51 -18.44 -35.20 -63.61
CA ASP I 51 -19.61 -35.56 -64.39
C ASP I 51 -20.85 -35.04 -63.68
N ASN I 52 -21.57 -34.15 -64.34
CA ASN I 52 -22.73 -33.49 -63.74
C ASN I 52 -23.94 -34.40 -63.58
N SER I 53 -24.16 -35.27 -64.56
CA SER I 53 -25.26 -36.20 -64.49
C SER I 53 -25.02 -37.19 -63.37
N ALA I 54 -23.79 -37.64 -63.25
CA ALA I 54 -23.44 -38.57 -62.19
C ALA I 54 -23.64 -37.91 -60.84
N LEU I 55 -23.07 -36.72 -60.69
CA LEU I 55 -23.10 -35.96 -59.44
C LEU I 55 -24.50 -35.60 -58.99
N ILE I 56 -25.33 -35.14 -59.92
CA ILE I 56 -26.69 -34.74 -59.59
C ILE I 56 -27.53 -35.94 -59.16
N LYS I 57 -27.10 -37.13 -59.56
CA LYS I 57 -27.78 -38.34 -59.14
C LYS I 57 -27.40 -38.69 -57.70
N GLN I 58 -26.15 -38.42 -57.36
CA GLN I 58 -25.61 -38.66 -56.02
C GLN I 58 -26.33 -37.83 -54.96
N ILE I 59 -26.75 -36.63 -55.34
CA ILE I 59 -27.47 -35.74 -54.44
C ILE I 59 -28.90 -36.22 -54.21
N GLN I 60 -29.60 -36.60 -55.28
CA GLN I 60 -30.95 -37.11 -55.14
C GLN I 60 -30.97 -38.28 -54.16
N GLN I 61 -29.95 -39.13 -54.22
CA GLN I 61 -29.84 -40.24 -53.29
C GLN I 61 -29.64 -39.74 -51.87
N LEU I 62 -28.77 -38.75 -51.72
CA LEU I 62 -28.52 -38.13 -50.42
C LEU I 62 -29.80 -37.57 -49.83
N LEU I 63 -30.61 -36.98 -50.71
CA LEU I 63 -31.88 -36.42 -50.33
C LEU I 63 -32.86 -37.50 -49.91
N GLN I 64 -32.90 -38.59 -50.67
CA GLN I 64 -33.81 -39.68 -50.37
C GLN I 64 -33.46 -40.31 -49.03
N GLN I 65 -32.28 -39.95 -48.51
CA GLN I 65 -31.78 -40.51 -47.27
C GLN I 65 -32.25 -39.74 -46.03
N GLU I 66 -32.90 -38.61 -46.25
CA GLU I 66 -33.48 -37.85 -45.15
C GLU I 66 -34.98 -38.08 -45.11
N PRO I 67 -35.44 -38.82 -44.09
CA PRO I 67 -36.85 -39.18 -43.93
C PRO I 67 -37.76 -37.96 -44.02
N LEU I 68 -37.31 -36.82 -43.52
CA LEU I 68 -38.14 -35.62 -43.52
C LEU I 68 -38.51 -35.23 -44.95
N PHE I 69 -37.56 -35.37 -45.85
CA PHE I 69 -37.79 -35.12 -47.27
C PHE I 69 -38.43 -36.32 -47.98
N SER I 70 -37.96 -37.52 -47.65
CA SER I 70 -38.43 -38.74 -48.31
C SER I 70 -39.79 -39.20 -47.76
N GLY I 71 -39.94 -39.11 -46.45
CA GLY I 71 -41.19 -39.46 -45.79
C GLY I 71 -42.02 -38.24 -45.45
N LYS I 72 -42.74 -38.33 -44.34
CA LYS I 72 -43.55 -37.22 -43.86
C LYS I 72 -43.18 -36.82 -42.43
N PRO I 73 -43.49 -35.58 -42.05
CA PRO I 73 -43.24 -35.06 -40.71
C PRO I 73 -44.11 -35.76 -39.66
N GLN I 74 -43.58 -35.93 -38.46
CA GLN I 74 -44.37 -36.48 -37.35
C GLN I 74 -44.60 -35.43 -36.27
N LEU I 75 -45.85 -35.00 -36.13
CA LEU I 75 -46.18 -34.04 -35.08
C LEU I 75 -46.59 -34.81 -33.85
N ARG I 76 -45.77 -34.75 -32.81
CA ARG I 76 -46.13 -35.38 -31.56
C ARG I 76 -46.29 -34.35 -30.46
N VAL I 77 -47.38 -34.47 -29.72
CA VAL I 77 -47.79 -33.47 -28.74
C VAL I 77 -47.96 -34.16 -27.38
N HIS I 78 -48.42 -33.40 -26.39
CA HIS I 78 -48.68 -33.95 -25.05
C HIS I 78 -50.00 -34.73 -25.05
N PRO I 79 -50.01 -35.91 -24.42
CA PRO I 79 -51.23 -36.74 -24.40
C PRO I 79 -52.46 -35.96 -23.96
N ASP I 80 -52.29 -35.04 -23.04
CA ASP I 80 -53.42 -34.27 -22.51
C ASP I 80 -54.08 -33.43 -23.61
N ASP I 81 -53.28 -32.74 -24.42
CA ASP I 81 -53.81 -31.94 -25.53
C ASP I 81 -53.89 -32.76 -26.82
N LEU I 82 -53.58 -34.04 -26.71
CA LEU I 82 -53.61 -34.93 -27.87
C LEU I 82 -54.96 -34.92 -28.58
N GLN I 83 -56.03 -35.22 -27.86
CA GLN I 83 -57.35 -35.26 -28.46
C GLN I 83 -57.72 -33.91 -29.07
N ARG I 84 -57.37 -32.84 -28.37
CA ARG I 84 -57.69 -31.48 -28.78
C ARG I 84 -57.11 -31.13 -30.16
N VAL I 85 -55.84 -31.46 -30.36
CA VAL I 85 -55.14 -31.21 -31.61
C VAL I 85 -55.75 -31.98 -32.77
N GLU I 86 -55.91 -33.29 -32.59
CA GLU I 86 -56.39 -34.16 -33.65
C GLU I 86 -57.77 -33.76 -34.12
N GLU I 87 -58.56 -33.20 -33.22
CA GLU I 87 -59.87 -32.67 -33.58
C GLU I 87 -59.70 -31.45 -34.49
N MET I 88 -58.75 -30.59 -34.15
CA MET I 88 -58.46 -29.41 -34.96
C MET I 88 -57.72 -29.69 -36.28
N LEU I 89 -56.56 -30.34 -36.17
CA LEU I 89 -55.71 -30.56 -37.33
C LEU I 89 -55.82 -31.95 -37.97
N GLY I 90 -56.65 -32.81 -37.40
CA GLY I 90 -56.76 -34.18 -37.87
C GLY I 90 -56.98 -34.29 -39.37
N ALA I 91 -57.96 -33.56 -39.89
CA ALA I 91 -58.29 -33.61 -41.30
C ALA I 91 -57.17 -33.06 -42.16
N THR I 92 -56.64 -31.90 -41.78
CA THR I 92 -55.59 -31.26 -42.55
C THR I 92 -54.31 -32.08 -42.51
N LEU I 93 -54.01 -32.66 -41.35
CA LEU I 93 -52.79 -33.44 -41.18
C LEU I 93 -52.81 -34.72 -42.02
N SER I 94 -53.91 -35.47 -41.91
CA SER I 94 -54.06 -36.70 -42.66
C SER I 94 -53.82 -36.47 -44.15
N LEU I 95 -54.43 -35.41 -44.69
CA LEU I 95 -54.29 -35.08 -46.11
C LEU I 95 -52.82 -35.02 -46.52
N HIS I 96 -52.01 -34.41 -45.66
CA HIS I 96 -50.58 -34.23 -45.93
C HIS I 96 -49.76 -35.42 -45.45
N GLY I 97 -50.44 -36.42 -44.89
CA GLY I 97 -49.80 -37.67 -44.52
C GLY I 97 -48.99 -37.64 -43.23
N TRP I 98 -49.28 -36.69 -42.36
CA TRP I 98 -48.56 -36.57 -41.11
C TRP I 98 -49.11 -37.50 -40.03
N ARG I 99 -48.22 -38.29 -39.45
CA ARG I 99 -48.58 -39.07 -38.27
C ARG I 99 -48.67 -38.10 -37.09
N LEU I 100 -49.34 -38.53 -36.02
CA LEU I 100 -49.45 -37.72 -34.82
C LEU I 100 -49.40 -38.61 -33.58
N ARG I 101 -48.75 -38.13 -32.53
CA ARG I 101 -48.52 -38.93 -31.33
C ARG I 101 -48.47 -38.05 -30.09
N GLY I 102 -48.77 -38.62 -28.92
CA GLY I 102 -48.50 -37.95 -27.67
C GLY I 102 -47.08 -38.22 -27.22
N ASP I 103 -46.42 -37.21 -26.66
CA ASP I 103 -45.10 -37.39 -26.07
C ASP I 103 -45.17 -37.07 -24.58
N PRO I 104 -45.03 -38.11 -23.74
CA PRO I 104 -45.07 -37.99 -22.28
C PRO I 104 -44.11 -36.92 -21.73
N THR I 105 -42.97 -36.75 -22.39
CA THR I 105 -41.95 -35.81 -21.93
C THR I 105 -42.38 -34.34 -22.13
N LEU I 106 -42.98 -34.06 -23.28
CA LEU I 106 -43.41 -32.71 -23.62
C LEU I 106 -44.32 -32.11 -22.55
N HIS I 107 -44.17 -30.81 -22.31
CA HIS I 107 -44.99 -30.12 -21.32
C HIS I 107 -46.42 -29.86 -21.81
N HIS I 108 -47.35 -29.73 -20.88
CA HIS I 108 -48.74 -29.47 -21.23
C HIS I 108 -48.79 -28.26 -22.15
N GLY I 109 -49.62 -28.34 -23.19
CA GLY I 109 -49.74 -27.25 -24.14
C GLY I 109 -48.43 -26.97 -24.85
N GLY I 110 -47.84 -28.02 -25.42
CA GLY I 110 -46.57 -27.89 -26.11
C GLY I 110 -46.49 -28.87 -27.26
N CYS I 111 -45.55 -28.64 -28.18
CA CYS I 111 -45.50 -29.42 -29.41
C CYS I 111 -44.08 -29.63 -29.92
N LYS I 112 -43.84 -30.77 -30.54
CA LYS I 112 -42.53 -31.11 -31.09
C LYS I 112 -42.68 -31.79 -32.44
N VAL I 113 -41.82 -31.44 -33.39
CA VAL I 113 -41.88 -32.00 -34.74
C VAL I 113 -40.62 -32.76 -35.13
N SER I 114 -40.79 -34.04 -35.47
CA SER I 114 -39.68 -34.90 -35.89
C SER I 114 -40.05 -35.53 -37.22
N ALA I 115 -39.05 -36.11 -37.89
CA ALA I 115 -39.30 -36.83 -39.13
C ALA I 115 -39.47 -38.32 -38.84
N ASP I 116 -40.67 -38.83 -39.07
CA ASP I 116 -41.01 -40.22 -38.74
C ASP I 116 -40.33 -41.22 -39.67
N GLU I 117 -39.81 -42.30 -39.11
CA GLU I 117 -39.14 -43.32 -39.91
C GLU I 117 -40.07 -44.48 -40.29
N GLY I 118 -41.33 -44.35 -39.93
CA GLY I 118 -42.35 -45.29 -40.37
C GLY I 118 -42.27 -46.65 -39.73
N ASP I 119 -42.42 -47.69 -40.54
CA ASP I 119 -42.37 -49.06 -40.04
C ASP I 119 -41.21 -49.83 -40.63
N LEU I 120 -40.63 -50.74 -39.84
CA LEU I 120 -39.46 -51.48 -40.30
C LEU I 120 -39.79 -52.28 -41.55
N ASP I 121 -40.93 -52.95 -41.53
CA ASP I 121 -41.37 -53.76 -42.67
C ASP I 121 -41.44 -52.97 -43.97
N ALA I 122 -41.84 -51.71 -43.86
CA ALA I 122 -41.97 -50.83 -45.02
C ALA I 122 -40.60 -50.43 -45.54
N SER I 123 -39.73 -50.01 -44.64
CA SER I 123 -38.40 -49.60 -45.00
C SER I 123 -37.66 -50.74 -45.70
N VAL I 124 -37.81 -51.94 -45.15
CA VAL I 124 -37.20 -53.12 -45.75
C VAL I 124 -37.76 -53.39 -47.14
N ALA I 125 -39.08 -53.53 -47.24
CA ALA I 125 -39.72 -53.85 -48.51
C ALA I 125 -39.25 -52.94 -49.62
N THR I 126 -39.00 -51.68 -49.27
CA THR I 126 -38.53 -50.68 -50.23
C THR I 126 -37.10 -50.93 -50.69
N ARG I 127 -36.24 -51.33 -49.78
CA ARG I 127 -34.82 -51.52 -50.10
C ARG I 127 -34.61 -52.63 -51.11
N TRP I 128 -35.46 -53.64 -51.07
CA TRP I 128 -35.31 -54.79 -51.96
C TRP I 128 -35.34 -54.39 -53.43
N GLN I 129 -36.30 -53.55 -53.79
CA GLN I 129 -36.43 -53.08 -55.16
C GLN I 129 -35.19 -52.27 -55.59
N GLU I 130 -34.58 -51.56 -54.65
CA GLU I 130 -33.38 -50.78 -54.92
C GLU I 130 -32.13 -51.64 -54.95
N LEU I 131 -32.08 -52.64 -54.06
CA LEU I 131 -30.93 -53.52 -53.91
C LEU I 131 -30.95 -54.62 -54.96
N CYS I 132 -32.12 -54.83 -55.54
CA CYS I 132 -32.33 -55.88 -56.52
C CYS I 132 -31.40 -55.77 -57.72
N ARG I 133 -31.09 -54.54 -58.13
CA ARG I 133 -30.32 -54.30 -59.36
C ARG I 133 -28.93 -53.74 -59.07
N LEU I 134 -27.98 -54.01 -59.97
CA LEU I 134 -26.63 -53.47 -59.85
C LEU I 134 -26.11 -52.90 -61.17
N ALA I 135 -25.55 -51.69 -61.12
CA ALA I 135 -25.06 -51.02 -62.32
C ALA I 135 -23.71 -51.58 -62.75
N ALA I 136 -23.18 -51.07 -63.86
CA ALA I 136 -21.92 -51.54 -64.41
C ALA I 136 -20.90 -50.42 -64.50
N PRO I 137 -19.61 -50.75 -64.32
CA PRO I 137 -18.51 -49.77 -64.39
C PRO I 137 -18.10 -49.46 -65.82
N PRO J 5 -38.82 -71.34 -2.01
CA PRO J 5 -37.65 -72.20 -2.15
C PRO J 5 -36.53 -71.53 -2.95
N ILE J 6 -35.29 -71.76 -2.53
CA ILE J 6 -34.12 -71.22 -3.21
C ILE J 6 -33.97 -71.79 -4.62
N HIS J 7 -34.57 -72.96 -4.84
CA HIS J 7 -34.36 -73.75 -6.05
C HIS J 7 -34.53 -72.97 -7.35
N ALA J 8 -35.60 -72.18 -7.44
CA ALA J 8 -35.90 -71.43 -8.66
C ALA J 8 -34.66 -70.70 -9.17
N ARG J 9 -33.98 -70.01 -8.26
CA ARG J 9 -32.79 -69.26 -8.62
C ARG J 9 -31.63 -70.17 -9.02
N MET J 10 -31.42 -71.22 -8.23
CA MET J 10 -30.35 -72.19 -8.51
C MET J 10 -30.50 -72.80 -9.91
N GLN J 11 -31.67 -73.36 -10.18
CA GLN J 11 -31.95 -73.98 -11.48
C GLN J 11 -31.76 -72.99 -12.63
N GLN J 12 -32.29 -71.79 -12.45
CA GLN J 12 -32.22 -70.77 -13.51
C GLN J 12 -30.83 -70.20 -13.69
N LEU J 13 -30.05 -70.17 -12.61
CA LEU J 13 -28.63 -69.83 -12.73
C LEU J 13 -27.99 -70.85 -13.66
N VAL J 14 -28.30 -72.13 -13.45
CA VAL J 14 -27.83 -73.21 -14.32
C VAL J 14 -28.37 -73.04 -15.72
N SER J 15 -29.65 -72.68 -15.80
CA SER J 15 -30.29 -72.42 -17.09
C SER J 15 -29.51 -71.35 -17.85
N GLU J 16 -29.37 -70.18 -17.23
CA GLU J 16 -28.72 -69.03 -17.88
C GLU J 16 -27.32 -69.37 -18.35
N PHE J 17 -26.52 -69.91 -17.45
CA PHE J 17 -25.13 -70.23 -17.77
C PHE J 17 -25.07 -71.18 -18.96
N GLN J 18 -25.95 -72.19 -18.95
CA GLN J 18 -26.02 -73.15 -20.04
C GLN J 18 -26.63 -72.51 -21.30
N ASN J 19 -27.67 -71.69 -21.09
CA ASN J 19 -28.23 -70.90 -22.17
C ASN J 19 -27.14 -70.06 -22.83
N THR J 20 -26.38 -69.36 -21.99
CA THR J 20 -25.31 -68.48 -22.47
C THR J 20 -24.23 -69.27 -23.20
N LEU J 21 -23.74 -70.34 -22.58
CA LEU J 21 -22.72 -71.16 -23.22
C LEU J 21 -23.20 -71.64 -24.58
N ASP J 22 -24.48 -72.00 -24.64
CA ASP J 22 -25.09 -72.49 -25.87
C ASP J 22 -25.30 -71.35 -26.86
N ALA J 23 -25.66 -70.18 -26.35
CA ALA J 23 -25.79 -69.00 -27.20
C ALA J 23 -24.44 -68.72 -27.86
N LEU J 24 -23.39 -68.75 -27.04
CA LEU J 24 -22.03 -68.54 -27.50
C LEU J 24 -21.73 -69.42 -28.70
N ASP J 25 -22.13 -70.68 -28.61
CA ASP J 25 -21.89 -71.65 -29.66
C ASP J 25 -22.23 -71.05 -31.02
N SER J 26 -23.50 -70.69 -31.18
CA SER J 26 -24.01 -70.17 -32.44
C SER J 26 -23.27 -68.93 -32.95
N VAL J 27 -23.21 -67.89 -32.11
CA VAL J 27 -22.70 -66.60 -32.52
C VAL J 27 -21.17 -66.47 -32.59
N ILE J 28 -20.47 -67.17 -31.70
CA ILE J 28 -19.05 -66.90 -31.43
C ILE J 28 -18.06 -67.07 -32.57
N ALA J 29 -18.05 -68.25 -33.20
CA ALA J 29 -17.01 -68.60 -34.16
C ALA J 29 -16.80 -67.48 -35.17
N SER J 30 -17.90 -66.94 -35.68
CA SER J 30 -17.85 -65.83 -36.61
C SER J 30 -17.06 -64.67 -36.02
N ARG J 31 -17.48 -64.25 -34.83
CA ARG J 31 -16.85 -63.14 -34.12
C ARG J 31 -15.34 -63.30 -33.91
N LEU J 32 -14.93 -64.48 -33.49
CA LEU J 32 -13.53 -64.74 -33.19
C LEU J 32 -12.61 -64.55 -34.39
N MET J 33 -13.05 -65.00 -35.57
CA MET J 33 -12.22 -64.91 -36.77
C MET J 33 -11.86 -63.47 -37.10
N GLN J 34 -12.83 -62.57 -36.98
CA GLN J 34 -12.62 -61.18 -37.38
C GLN J 34 -11.88 -60.39 -36.32
N MET J 35 -11.90 -60.89 -35.08
CA MET J 35 -10.99 -60.40 -34.05
C MET J 35 -9.60 -60.97 -34.31
N ALA J 36 -9.55 -62.24 -34.72
CA ALA J 36 -8.28 -62.89 -34.99
C ALA J 36 -7.54 -62.23 -36.15
N LEU J 37 -8.28 -61.83 -37.18
CA LEU J 37 -7.68 -61.15 -38.32
C LEU J 37 -7.10 -59.80 -37.91
N GLU J 38 -7.74 -59.16 -36.93
CA GLU J 38 -7.26 -57.88 -36.41
C GLU J 38 -5.85 -57.99 -35.87
N ALA J 39 -5.66 -58.91 -34.93
CA ALA J 39 -4.34 -59.15 -34.35
C ALA J 39 -3.26 -59.35 -35.43
N ALA J 40 -3.52 -60.23 -36.38
CA ALA J 40 -2.52 -60.51 -37.42
C ALA J 40 -2.18 -59.27 -38.25
N ARG J 41 -3.20 -58.53 -38.65
CA ARG J 41 -2.99 -57.31 -39.43
C ARG J 41 -2.18 -56.29 -38.62
N GLN J 42 -2.48 -56.22 -37.33
CA GLN J 42 -1.75 -55.37 -36.40
C GLN J 42 -0.29 -55.81 -36.25
N VAL J 43 -0.09 -57.10 -36.01
CA VAL J 43 1.25 -57.66 -35.83
C VAL J 43 2.07 -57.51 -37.10
N ILE J 44 1.51 -57.96 -38.21
CA ILE J 44 2.21 -57.90 -39.49
C ILE J 44 2.32 -56.48 -40.03
N GLY J 45 1.28 -55.69 -39.83
CA GLY J 45 1.28 -54.29 -40.25
C GLY J 45 0.53 -54.07 -41.54
N GLN J 46 -0.04 -55.14 -42.08
CA GLN J 46 -0.80 -55.07 -43.32
C GLN J 46 -1.93 -56.10 -43.29
N THR J 47 -2.91 -55.92 -44.18
CA THR J 47 -4.01 -56.88 -44.28
C THR J 47 -3.56 -58.12 -45.07
N PRO J 48 -3.66 -59.30 -44.44
CA PRO J 48 -3.14 -60.56 -44.99
C PRO J 48 -4.02 -61.13 -46.09
N ALA J 49 -3.43 -61.95 -46.96
CA ALA J 49 -4.16 -62.59 -48.04
C ALA J 49 -4.63 -64.01 -47.72
N VAL J 50 -4.35 -64.48 -46.51
CA VAL J 50 -4.73 -65.83 -46.11
C VAL J 50 -6.26 -66.03 -46.15
N ASP J 51 -6.68 -67.25 -46.47
CA ASP J 51 -8.09 -67.56 -46.76
C ASP J 51 -9.03 -67.51 -45.55
N ASN J 52 -10.11 -66.73 -45.71
CA ASN J 52 -11.13 -66.57 -44.67
C ASN J 52 -11.87 -67.86 -44.36
N SER J 53 -12.24 -68.57 -45.43
CA SER J 53 -13.05 -69.77 -45.31
C SER J 53 -12.38 -70.86 -44.47
N ALA J 54 -11.10 -71.12 -44.74
CA ALA J 54 -10.37 -72.15 -44.03
C ALA J 54 -10.18 -71.77 -42.55
N LEU J 55 -9.91 -70.49 -42.31
CA LEU J 55 -9.68 -70.00 -40.95
C LEU J 55 -10.83 -70.34 -40.01
N ILE J 56 -12.04 -69.96 -40.40
CA ILE J 56 -13.22 -70.14 -39.56
C ILE J 56 -13.37 -71.59 -39.08
N LYS J 57 -13.02 -72.54 -39.94
CA LYS J 57 -13.05 -73.96 -39.57
C LYS J 57 -11.96 -74.26 -38.55
N GLN J 58 -10.82 -73.58 -38.69
CA GLN J 58 -9.73 -73.67 -37.72
C GLN J 58 -10.21 -73.12 -36.38
N ILE J 59 -10.71 -71.88 -36.38
CA ILE J 59 -11.30 -71.29 -35.19
C ILE J 59 -12.25 -72.31 -34.58
N GLN J 60 -13.13 -72.84 -35.43
CA GLN J 60 -14.18 -73.76 -35.01
C GLN J 60 -13.65 -74.90 -34.16
N GLN J 61 -12.68 -75.64 -34.70
CA GLN J 61 -12.17 -76.83 -34.03
C GLN J 61 -11.46 -76.51 -32.71
N LEU J 62 -11.00 -75.27 -32.60
CA LEU J 62 -10.34 -74.82 -31.38
C LEU J 62 -11.35 -74.62 -30.26
N LEU J 63 -12.62 -74.53 -30.66
CA LEU J 63 -13.72 -74.35 -29.73
C LEU J 63 -14.13 -75.66 -29.06
N GLN J 64 -14.12 -76.74 -29.84
CA GLN J 64 -14.51 -78.05 -29.32
C GLN J 64 -13.34 -78.74 -28.65
N GLN J 65 -12.20 -78.06 -28.63
CA GLN J 65 -11.03 -78.52 -27.89
C GLN J 65 -11.04 -77.97 -26.47
N GLU J 66 -12.16 -77.35 -26.10
CA GLU J 66 -12.37 -76.93 -24.73
C GLU J 66 -13.65 -77.58 -24.21
N PRO J 67 -13.62 -78.06 -22.97
CA PRO J 67 -14.66 -78.80 -22.26
C PRO J 67 -15.99 -78.06 -22.03
N LEU J 68 -15.95 -76.75 -21.85
CA LEU J 68 -17.19 -76.01 -21.62
C LEU J 68 -18.05 -75.98 -22.87
N PHE J 69 -17.42 -75.66 -23.99
CA PHE J 69 -18.09 -75.49 -25.26
C PHE J 69 -18.36 -76.82 -25.97
N SER J 70 -17.37 -77.71 -25.93
CA SER J 70 -17.48 -79.02 -26.56
C SER J 70 -18.45 -79.94 -25.81
N GLY J 71 -18.55 -79.74 -24.50
CA GLY J 71 -19.36 -80.60 -23.65
C GLY J 71 -19.98 -79.84 -22.49
N LYS J 72 -20.83 -80.53 -21.73
CA LYS J 72 -21.55 -79.91 -20.63
C LYS J 72 -20.64 -79.52 -19.46
N PRO J 73 -20.95 -78.40 -18.81
CA PRO J 73 -20.23 -77.89 -17.64
C PRO J 73 -20.23 -78.90 -16.50
N GLN J 74 -19.08 -79.20 -15.94
CA GLN J 74 -18.99 -80.14 -14.83
C GLN J 74 -18.95 -79.39 -13.50
N LEU J 75 -19.76 -79.84 -12.54
CA LEU J 75 -19.85 -79.17 -11.24
C LEU J 75 -19.14 -79.96 -10.16
N ARG J 76 -18.55 -79.25 -9.20
CA ARG J 76 -17.79 -79.89 -8.13
C ARG J 76 -18.08 -79.22 -6.78
N VAL J 77 -18.32 -80.04 -5.75
CA VAL J 77 -18.66 -79.55 -4.41
C VAL J 77 -17.92 -80.35 -3.34
N HIS J 78 -18.25 -80.09 -2.08
CA HIS J 78 -17.62 -80.76 -0.94
C HIS J 78 -18.72 -81.54 -0.22
N PRO J 79 -18.38 -82.73 0.28
CA PRO J 79 -19.33 -83.71 0.84
C PRO J 79 -20.32 -83.17 1.86
N ASP J 80 -19.95 -82.11 2.59
CA ASP J 80 -20.81 -81.57 3.64
C ASP J 80 -22.23 -81.24 3.17
N ASP J 81 -22.34 -80.48 2.08
CA ASP J 81 -23.64 -80.09 1.54
C ASP J 81 -24.11 -80.97 0.37
N LEU J 82 -23.35 -82.01 0.06
CA LEU J 82 -23.54 -82.76 -1.18
C LEU J 82 -24.98 -83.21 -1.49
N GLN J 83 -25.64 -83.91 -0.58
CA GLN J 83 -27.00 -84.38 -0.85
C GLN J 83 -28.00 -83.23 -0.96
N ARG J 84 -27.85 -82.23 -0.10
CA ARG J 84 -28.73 -81.07 -0.10
C ARG J 84 -28.73 -80.43 -1.48
N VAL J 85 -27.63 -80.60 -2.21
CA VAL J 85 -27.49 -80.06 -3.55
C VAL J 85 -28.33 -80.79 -4.59
N GLU J 86 -28.18 -82.11 -4.68
CA GLU J 86 -28.83 -82.89 -5.74
C GLU J 86 -30.35 -82.76 -5.67
N GLU J 87 -30.88 -82.73 -4.45
CA GLU J 87 -32.32 -82.56 -4.26
C GLU J 87 -32.85 -81.36 -5.05
N MET J 88 -32.03 -80.33 -5.18
CA MET J 88 -32.37 -79.14 -5.98
C MET J 88 -32.19 -79.31 -7.50
N LEU J 89 -31.05 -79.88 -7.89
CA LEU J 89 -30.64 -79.91 -9.31
C LEU J 89 -31.08 -81.15 -10.09
N GLY J 90 -31.62 -82.14 -9.39
CA GLY J 90 -31.78 -83.46 -9.96
C GLY J 90 -32.41 -83.49 -11.34
N ALA J 91 -33.59 -82.88 -11.45
CA ALA J 91 -34.30 -82.86 -12.72
C ALA J 91 -33.62 -81.96 -13.73
N THR J 92 -33.31 -80.73 -13.31
CA THR J 92 -32.69 -79.74 -14.19
C THR J 92 -31.30 -80.16 -14.62
N LEU J 93 -30.44 -80.46 -13.63
CA LEU J 93 -29.06 -80.82 -13.93
C LEU J 93 -28.96 -82.04 -14.84
N SER J 94 -29.63 -83.13 -14.48
CA SER J 94 -29.64 -84.30 -15.35
C SER J 94 -30.15 -83.93 -16.73
N LEU J 95 -31.20 -83.10 -16.77
CA LEU J 95 -31.76 -82.61 -18.01
C LEU J 95 -30.72 -81.80 -18.78
N HIS J 96 -30.11 -80.85 -18.08
CA HIS J 96 -29.02 -80.07 -18.65
C HIS J 96 -27.78 -80.94 -18.82
N GLY J 97 -27.74 -82.04 -18.07
CA GLY J 97 -26.70 -83.04 -18.23
C GLY J 97 -25.32 -82.62 -17.73
N TRP J 98 -25.29 -81.73 -16.74
CA TRP J 98 -24.03 -81.36 -16.11
C TRP J 98 -23.52 -82.50 -15.26
N ARG J 99 -22.29 -82.94 -15.50
CA ARG J 99 -21.68 -83.91 -14.62
C ARG J 99 -21.50 -83.27 -13.25
N LEU J 100 -22.06 -83.90 -12.21
CA LEU J 100 -21.90 -83.40 -10.86
C LEU J 100 -21.07 -84.38 -10.03
N ARG J 101 -20.20 -83.82 -9.21
CA ARG J 101 -19.28 -84.62 -8.39
C ARG J 101 -18.93 -83.83 -7.14
N GLY J 102 -17.92 -84.27 -6.42
CA GLY J 102 -17.48 -83.54 -5.24
C GLY J 102 -15.99 -83.63 -4.96
N ASP J 103 -15.51 -82.63 -4.22
CA ASP J 103 -14.11 -82.50 -3.85
C ASP J 103 -14.04 -81.98 -2.42
N PRO J 104 -13.06 -82.45 -1.64
CA PRO J 104 -12.97 -82.05 -0.22
C PRO J 104 -12.59 -80.59 -0.02
N THR J 105 -11.78 -80.06 -0.92
CA THR J 105 -11.10 -78.79 -0.66
C THR J 105 -11.99 -77.55 -0.56
N LEU J 106 -13.13 -77.57 -1.26
CA LEU J 106 -13.99 -76.39 -1.33
C LEU J 106 -14.41 -75.86 0.05
N HIS J 107 -14.24 -74.56 0.24
CA HIS J 107 -14.62 -73.90 1.48
C HIS J 107 -16.08 -74.19 1.77
N HIS J 108 -16.43 -74.38 3.04
CA HIS J 108 -17.79 -74.75 3.43
C HIS J 108 -18.83 -73.81 2.82
N GLY J 109 -19.85 -74.39 2.19
CA GLY J 109 -20.87 -73.63 1.52
C GLY J 109 -20.32 -72.89 0.32
N GLY J 110 -19.53 -73.60 -0.48
CA GLY J 110 -18.88 -73.02 -1.64
C GLY J 110 -18.62 -74.05 -2.72
N CYS J 111 -18.49 -73.61 -3.95
CA CYS J 111 -18.39 -74.52 -5.08
C CYS J 111 -17.70 -73.88 -6.27
N LYS J 112 -17.22 -74.72 -7.18
CA LYS J 112 -16.63 -74.27 -8.42
C LYS J 112 -17.32 -74.96 -9.59
N VAL J 113 -17.32 -74.31 -10.75
CA VAL J 113 -17.83 -74.94 -11.95
C VAL J 113 -16.66 -75.11 -12.94
N SER J 114 -16.61 -76.26 -13.60
CA SER J 114 -15.48 -76.57 -14.44
C SER J 114 -15.75 -77.78 -15.34
N ALA J 115 -14.72 -78.23 -16.03
CA ALA J 115 -14.67 -79.58 -16.56
C ALA J 115 -13.27 -80.09 -16.24
N ASP J 116 -12.94 -81.30 -16.65
CA ASP J 116 -11.65 -81.89 -16.29
C ASP J 116 -11.50 -81.98 -14.77
N GLU J 117 -10.41 -81.42 -14.25
CA GLU J 117 -10.15 -81.41 -12.82
C GLU J 117 -9.45 -80.10 -12.42
N GLY J 118 -9.15 -79.95 -11.14
CA GLY J 118 -8.55 -78.72 -10.64
C GLY J 118 -9.39 -77.53 -11.04
N ASP J 119 -8.76 -76.54 -11.67
CA ASP J 119 -9.50 -75.42 -12.24
C ASP J 119 -8.96 -75.06 -13.63
N LEU J 120 -9.86 -74.86 -14.59
CA LEU J 120 -9.47 -74.51 -15.94
C LEU J 120 -8.78 -73.15 -15.96
N ASP J 121 -9.08 -72.33 -14.97
CA ASP J 121 -8.53 -70.98 -14.87
C ASP J 121 -7.00 -70.98 -14.88
N ALA J 122 -6.40 -71.87 -14.09
CA ALA J 122 -4.96 -72.02 -14.07
C ALA J 122 -4.47 -72.45 -15.45
N SER J 123 -5.25 -73.30 -16.11
CA SER J 123 -4.93 -73.77 -17.46
C SER J 123 -4.99 -72.64 -18.49
N VAL J 124 -5.90 -71.69 -18.29
CA VAL J 124 -5.99 -70.53 -19.17
C VAL J 124 -4.70 -69.70 -19.07
N ALA J 125 -4.36 -69.30 -17.85
CA ALA J 125 -3.12 -68.57 -17.61
C ALA J 125 -1.90 -69.42 -17.94
N THR J 126 -2.02 -70.73 -17.71
CA THR J 126 -0.96 -71.67 -18.06
C THR J 126 -0.76 -71.73 -19.57
N ARG J 127 -1.82 -71.42 -20.31
CA ARG J 127 -1.76 -71.41 -21.77
C ARG J 127 -1.11 -70.13 -22.31
N TRP J 128 -1.30 -69.02 -21.59
CA TRP J 128 -0.74 -67.74 -22.01
C TRP J 128 0.74 -67.87 -22.37
N GLN J 129 1.50 -68.57 -21.53
CA GLN J 129 2.95 -68.69 -21.72
C GLN J 129 3.31 -69.27 -23.09
N GLU J 130 2.64 -70.35 -23.49
CA GLU J 130 2.87 -70.96 -24.78
C GLU J 130 2.70 -69.94 -25.90
N LEU J 131 1.55 -69.27 -25.91
CA LEU J 131 1.21 -68.32 -26.96
C LEU J 131 2.17 -67.14 -27.03
N CYS J 132 2.69 -66.73 -25.87
CA CYS J 132 3.48 -65.52 -25.78
C CYS J 132 4.72 -65.54 -26.67
N ARG J 133 5.05 -66.72 -27.20
CA ARG J 133 6.19 -66.86 -28.10
C ARG J 133 5.79 -67.31 -29.50
N LEU J 134 6.32 -66.63 -30.51
CA LEU J 134 6.17 -67.03 -31.91
C LEU J 134 7.30 -67.98 -32.29
N ALA J 135 6.97 -69.02 -33.04
CA ALA J 135 7.99 -69.91 -33.58
C ALA J 135 8.88 -69.09 -34.51
N ALA J 136 10.13 -69.53 -34.68
CA ALA J 136 11.10 -68.76 -35.47
C ALA J 136 10.69 -68.70 -36.94
N PRO J 137 11.45 -67.95 -37.75
CA PRO J 137 11.13 -67.82 -39.18
C PRO J 137 12.04 -68.70 -40.06
N PRO K 5 23.06 21.57 66.85
CA PRO K 5 21.73 21.30 66.30
C PRO K 5 21.77 21.05 64.79
N ILE K 6 20.72 21.48 64.08
CA ILE K 6 20.66 21.31 62.63
C ILE K 6 21.48 22.36 61.90
N HIS K 7 21.42 23.59 62.43
CA HIS K 7 22.13 24.72 61.85
C HIS K 7 23.65 24.56 61.89
N ALA K 8 24.12 23.72 62.81
CA ALA K 8 25.56 23.55 63.03
C ALA K 8 26.30 23.30 61.72
N ARG K 9 25.62 22.61 60.79
CA ARG K 9 26.19 22.33 59.48
C ARG K 9 26.18 23.58 58.59
N MET K 10 25.15 24.40 58.75
CA MET K 10 25.08 25.65 57.99
C MET K 10 26.33 26.48 58.26
N GLN K 11 26.81 26.42 59.51
CA GLN K 11 28.08 27.04 59.86
C GLN K 11 29.22 26.22 59.25
N GLN K 12 29.00 24.91 59.16
CA GLN K 12 30.00 23.99 58.64
C GLN K 12 30.01 23.99 57.11
N LEU K 13 28.83 24.21 56.52
CA LEU K 13 28.72 24.32 55.07
C LEU K 13 29.55 25.49 54.54
N VAL K 14 29.55 26.59 55.29
CA VAL K 14 30.34 27.77 54.95
C VAL K 14 31.82 27.51 55.11
N SER K 15 32.19 26.87 56.23
CA SER K 15 33.57 26.50 56.47
C SER K 15 34.10 25.58 55.39
N GLU K 16 33.38 24.48 55.17
CA GLU K 16 33.79 23.47 54.19
C GLU K 16 34.01 24.07 52.81
N PHE K 17 33.17 25.03 52.46
CA PHE K 17 33.30 25.72 51.18
C PHE K 17 34.53 26.62 51.21
N GLN K 18 34.70 27.37 52.29
CA GLN K 18 35.84 28.27 52.40
C GLN K 18 37.15 27.49 52.44
N ASN K 19 37.20 26.49 53.33
CA ASN K 19 38.37 25.64 53.45
C ASN K 19 38.67 24.89 52.16
N THR K 20 37.65 24.60 51.37
CA THR K 20 37.84 23.98 50.06
C THR K 20 38.45 25.00 49.10
N LEU K 21 38.05 26.26 49.25
CA LEU K 21 38.54 27.34 48.40
C LEU K 21 39.98 27.70 48.70
N ASP K 22 40.28 27.92 49.98
CA ASP K 22 41.62 28.34 50.38
C ASP K 22 42.66 27.26 50.09
N ALA K 23 42.20 26.03 49.89
CA ALA K 23 43.08 24.94 49.53
C ALA K 23 43.54 25.06 48.06
N LEU K 24 42.75 25.75 47.25
CA LEU K 24 43.10 25.96 45.85
C LEU K 24 44.27 26.92 45.68
N ASP K 25 44.30 27.98 46.48
CA ASP K 25 45.39 28.95 46.40
C ASP K 25 46.73 28.24 46.43
N SER K 26 46.83 27.21 47.26
CA SER K 26 48.07 26.45 47.39
C SER K 26 48.24 25.40 46.28
N VAL K 27 47.40 24.36 46.32
CA VAL K 27 47.62 23.17 45.50
C VAL K 27 47.28 23.27 44.00
N ILE K 28 46.09 23.77 43.68
CA ILE K 28 45.53 23.62 42.34
C ILE K 28 46.39 24.13 41.19
N ALA K 29 47.15 25.20 41.44
CA ALA K 29 47.99 25.78 40.41
C ALA K 29 48.79 24.68 39.73
N SER K 30 49.30 23.75 40.54
CA SER K 30 50.08 22.64 40.05
C SER K 30 49.27 21.66 39.19
N ARG K 31 48.15 21.19 39.74
CA ARG K 31 47.30 20.24 39.02
C ARG K 31 46.92 20.76 37.65
N LEU K 32 46.33 21.96 37.62
CA LEU K 32 45.86 22.54 36.37
C LEU K 32 46.95 22.58 35.30
N MET K 33 48.20 22.66 35.72
CA MET K 33 49.31 22.73 34.78
C MET K 33 49.45 21.45 33.94
N GLN K 34 49.45 20.29 34.61
CA GLN K 34 49.53 19.01 33.90
C GLN K 34 48.45 18.96 32.84
N MET K 35 47.22 19.24 33.26
CA MET K 35 46.08 19.30 32.37
C MET K 35 46.41 20.15 31.15
N ALA K 36 46.95 21.33 31.39
CA ALA K 36 47.35 22.24 30.33
C ALA K 36 48.33 21.55 29.38
N LEU K 37 49.42 21.04 29.94
CA LEU K 37 50.42 20.32 29.17
C LEU K 37 49.82 19.10 28.48
N GLU K 38 49.00 18.36 29.23
CA GLU K 38 48.33 17.19 28.66
C GLU K 38 47.38 17.63 27.54
N ALA K 39 46.68 18.73 27.76
CA ALA K 39 45.83 19.31 26.73
C ALA K 39 46.67 19.75 25.53
N ALA K 40 47.78 20.42 25.82
CA ALA K 40 48.65 20.97 24.79
C ALA K 40 49.20 19.89 23.87
N ARG K 41 49.72 18.82 24.45
CA ARG K 41 50.31 17.75 23.65
C ARG K 41 49.25 17.04 22.80
N GLN K 42 48.13 16.70 23.42
CA GLN K 42 47.06 16.00 22.71
C GLN K 42 46.71 16.70 21.41
N VAL K 43 46.61 18.02 21.47
CA VAL K 43 46.30 18.83 20.30
C VAL K 43 47.49 18.89 19.34
N ILE K 44 48.67 19.23 19.86
CA ILE K 44 49.85 19.35 19.02
C ILE K 44 50.35 17.99 18.52
N GLY K 45 50.34 16.99 19.39
CA GLY K 45 50.83 15.68 19.02
C GLY K 45 52.31 15.51 19.32
N GLN K 46 52.99 16.64 19.51
CA GLN K 46 54.41 16.66 19.87
C GLN K 46 54.57 17.44 21.16
N THR K 47 55.32 16.88 22.11
CA THR K 47 55.46 17.48 23.44
C THR K 47 56.06 18.89 23.39
N PRO K 48 55.44 19.83 24.12
CA PRO K 48 55.84 21.24 24.10
C PRO K 48 57.09 21.49 24.92
N ALA K 49 57.85 22.52 24.60
CA ALA K 49 58.97 22.92 25.45
C ALA K 49 58.90 24.40 25.79
N VAL K 50 58.62 24.69 27.06
CA VAL K 50 58.66 26.05 27.62
C VAL K 50 58.84 25.96 29.15
N ASP K 51 59.22 27.06 29.78
CA ASP K 51 59.44 27.07 31.24
C ASP K 51 58.20 26.59 31.97
N ASN K 52 58.36 25.56 32.79
CA ASN K 52 57.27 25.10 33.65
C ASN K 52 57.07 26.10 34.77
N SER K 53 58.14 26.84 35.06
CA SER K 53 58.08 27.92 36.03
C SER K 53 57.21 29.06 35.52
N ALA K 54 57.54 29.58 34.34
CA ALA K 54 56.79 30.67 33.74
C ALA K 54 55.31 30.29 33.61
N LEU K 55 55.07 29.01 33.39
CA LEU K 55 53.71 28.49 33.19
C LEU K 55 52.82 28.74 34.40
N ILE K 56 53.24 28.23 35.56
CA ILE K 56 52.42 28.31 36.76
C ILE K 56 52.08 29.74 37.20
N LYS K 57 53.09 30.59 37.26
CA LYS K 57 52.87 31.98 37.63
C LYS K 57 51.84 32.60 36.69
N GLN K 58 51.86 32.17 35.44
CA GLN K 58 50.85 32.59 34.46
C GLN K 58 49.48 32.05 34.87
N ILE K 59 49.46 30.78 35.25
CA ILE K 59 48.27 30.10 35.77
C ILE K 59 47.82 30.67 37.10
N GLN K 60 48.75 30.82 38.06
CA GLN K 60 48.39 31.39 39.34
C GLN K 60 47.84 32.81 39.15
N GLN K 61 48.26 33.45 38.07
CA GLN K 61 47.73 34.75 37.73
C GLN K 61 46.28 34.61 37.25
N LEU K 62 46.02 33.56 36.49
CA LEU K 62 44.67 33.25 36.00
C LEU K 62 43.72 32.93 37.16
N LEU K 63 44.18 32.09 38.09
CA LEU K 63 43.40 31.76 39.28
C LEU K 63 43.03 33.02 40.04
N GLN K 64 43.95 33.97 40.08
CA GLN K 64 43.74 35.20 40.83
C GLN K 64 42.75 36.14 40.15
N GLN K 65 42.38 35.81 38.92
CA GLN K 65 41.44 36.64 38.17
C GLN K 65 39.97 36.23 38.31
N GLU K 66 39.69 35.20 39.11
CA GLU K 66 38.30 34.87 39.42
C GLU K 66 37.97 35.32 40.83
N PRO K 67 37.05 36.30 40.95
CA PRO K 67 36.69 36.95 42.21
C PRO K 67 36.35 35.94 43.28
N LEU K 68 35.72 34.85 42.89
CA LEU K 68 35.34 33.83 43.86
C LEU K 68 36.61 33.24 44.46
N PHE K 69 37.64 33.09 43.64
CA PHE K 69 38.92 32.55 44.08
C PHE K 69 39.79 33.57 44.83
N SER K 70 39.89 34.77 44.27
CA SER K 70 40.75 35.80 44.85
C SER K 70 40.13 36.47 46.07
N GLY K 71 38.84 36.76 45.99
CA GLY K 71 38.15 37.46 47.07
C GLY K 71 37.19 36.59 47.86
N LYS K 72 36.21 37.25 48.48
CA LYS K 72 35.19 36.59 49.29
C LYS K 72 33.96 36.19 48.47
N PRO K 73 33.32 35.09 48.87
CA PRO K 73 31.98 34.74 48.33
C PRO K 73 30.89 35.60 48.95
N GLN K 74 29.92 36.03 48.15
CA GLN K 74 28.72 36.70 48.65
C GLN K 74 27.70 35.66 49.10
N LEU K 75 26.82 36.04 50.03
CA LEU K 75 25.65 35.21 50.34
C LEU K 75 24.38 36.03 50.15
N ARG K 76 23.46 35.50 49.35
CA ARG K 76 22.21 36.21 49.10
C ARG K 76 21.01 35.48 49.70
N VAL K 77 20.16 36.23 50.38
CA VAL K 77 18.99 35.67 51.02
C VAL K 77 17.82 36.58 50.70
N HIS K 78 16.61 36.14 51.02
CA HIS K 78 15.46 37.03 50.92
C HIS K 78 15.49 37.98 52.09
N PRO K 79 15.22 39.26 51.83
CA PRO K 79 15.32 40.30 52.87
C PRO K 79 14.64 39.89 54.17
N ASP K 80 13.53 39.16 54.09
CA ASP K 80 12.84 38.74 55.30
C ASP K 80 13.71 37.76 56.07
N ASP K 81 14.20 36.74 55.37
CA ASP K 81 15.03 35.72 55.99
C ASP K 81 16.39 36.25 56.41
N LEU K 82 16.71 37.46 55.97
CA LEU K 82 18.03 38.04 56.20
C LEU K 82 18.40 38.16 57.68
N GLN K 83 17.55 38.84 58.44
CA GLN K 83 17.76 38.99 59.88
C GLN K 83 17.99 37.64 60.54
N ARG K 84 17.09 36.71 60.26
CA ARG K 84 17.17 35.36 60.81
C ARG K 84 18.56 34.77 60.53
N VAL K 85 18.90 34.71 59.25
CA VAL K 85 20.18 34.17 58.82
C VAL K 85 21.35 34.95 59.44
N GLU K 86 21.21 36.27 59.50
CA GLU K 86 22.24 37.12 60.08
C GLU K 86 22.66 36.63 61.47
N GLU K 87 21.67 36.44 62.34
CA GLU K 87 21.93 36.02 63.71
C GLU K 87 22.42 34.58 63.75
N MET K 88 21.91 33.74 62.85
CA MET K 88 22.35 32.35 62.74
C MET K 88 23.82 32.21 62.33
N LEU K 89 24.16 32.73 61.15
CA LEU K 89 25.53 32.68 60.67
C LEU K 89 26.40 33.72 61.36
N GLY K 90 25.95 34.96 61.36
CA GLY K 90 26.57 36.00 62.17
C GLY K 90 28.07 36.12 62.03
N ALA K 91 28.74 36.09 63.17
CA ALA K 91 30.19 36.25 63.22
C ALA K 91 30.92 35.14 62.46
N THR K 92 30.34 33.94 62.44
CA THR K 92 30.96 32.80 61.76
C THR K 92 31.36 33.16 60.33
N LEU K 93 30.49 33.90 59.64
CA LEU K 93 30.81 34.41 58.31
C LEU K 93 32.08 35.25 58.36
N SER K 94 32.09 36.25 59.26
CA SER K 94 33.23 37.16 59.39
C SER K 94 34.54 36.42 59.72
N LEU K 95 34.43 35.27 60.38
CA LEU K 95 35.60 34.44 60.63
C LEU K 95 36.15 33.96 59.30
N HIS K 96 35.24 33.56 58.41
CA HIS K 96 35.62 33.16 57.06
C HIS K 96 35.81 34.34 56.10
N GLY K 97 35.05 35.42 56.33
CA GLY K 97 35.19 36.63 55.55
C GLY K 97 34.14 36.85 54.46
N TRP K 98 33.04 36.12 54.55
CA TRP K 98 31.96 36.25 53.58
C TRP K 98 31.16 37.54 53.77
N ARG K 99 30.44 37.94 52.73
CA ARG K 99 29.60 39.12 52.79
C ARG K 99 28.11 38.74 52.87
N LEU K 100 27.33 39.55 53.58
CA LEU K 100 25.91 39.31 53.68
C LEU K 100 25.11 40.44 53.05
N ARG K 101 24.12 40.05 52.24
CA ARG K 101 23.17 40.97 51.64
C ARG K 101 21.92 40.17 51.35
N GLY K 102 20.94 40.79 50.70
CA GLY K 102 19.79 40.01 50.27
C GLY K 102 19.06 40.54 49.05
N ASP K 103 18.49 39.59 48.32
CA ASP K 103 17.96 39.83 46.99
C ASP K 103 16.47 39.53 46.92
N PRO K 104 15.65 40.56 46.65
CA PRO K 104 14.20 40.40 46.56
C PRO K 104 13.74 39.53 45.38
N THR K 105 14.62 39.28 44.41
CA THR K 105 14.27 38.41 43.29
C THR K 105 14.12 36.97 43.74
N LEU K 106 14.84 36.62 44.81
CA LEU K 106 14.77 35.27 45.37
C LEU K 106 13.42 35.05 46.05
N HIS K 107 12.87 33.85 45.89
CA HIS K 107 11.66 33.46 46.61
C HIS K 107 11.98 33.23 48.10
N HIS K 108 10.95 33.20 48.92
CA HIS K 108 11.13 33.12 50.38
C HIS K 108 11.91 31.88 50.79
N GLY K 109 12.57 31.95 51.93
CA GLY K 109 13.32 30.82 52.46
C GLY K 109 14.29 30.29 51.44
N GLY K 110 15.13 31.17 50.90
CA GLY K 110 16.06 30.78 49.85
C GLY K 110 17.36 31.56 49.88
N CYS K 111 18.34 31.08 49.13
CA CYS K 111 19.66 31.68 49.12
C CYS K 111 20.41 31.42 47.80
N LYS K 112 21.33 32.33 47.49
CA LYS K 112 22.26 32.14 46.37
C LYS K 112 23.64 32.65 46.75
N VAL K 113 24.66 31.86 46.42
CA VAL K 113 26.03 32.27 46.68
C VAL K 113 26.72 32.65 45.38
N SER K 114 27.35 33.83 45.37
CA SER K 114 28.03 34.32 44.17
C SER K 114 29.31 35.06 44.56
N ALA K 115 30.21 35.23 43.59
CA ALA K 115 31.47 35.92 43.85
C ALA K 115 31.20 37.37 44.23
N ASP K 116 32.11 38.00 44.95
CA ASP K 116 31.94 39.40 45.33
C ASP K 116 32.91 40.30 44.58
N GLU K 117 32.36 41.22 43.80
CA GLU K 117 33.14 42.15 42.99
C GLU K 117 33.91 43.13 43.85
N GLY K 118 33.38 43.44 45.04
CA GLY K 118 33.95 44.44 45.90
C GLY K 118 33.62 45.83 45.38
N ASP K 119 34.33 46.85 45.86
CA ASP K 119 34.11 48.21 45.38
C ASP K 119 35.14 48.65 44.35
N LEU K 120 34.69 49.42 43.37
CA LEU K 120 35.52 49.89 42.28
C LEU K 120 36.66 50.80 42.79
N ASP K 121 36.47 51.41 43.95
CA ASP K 121 37.54 52.18 44.59
C ASP K 121 38.75 51.27 44.77
N ALA K 122 38.54 50.17 45.48
CA ALA K 122 39.64 49.28 45.84
C ALA K 122 40.25 48.65 44.62
N SER K 123 39.40 48.15 43.72
CA SER K 123 39.86 47.49 42.51
C SER K 123 40.82 48.39 41.74
N VAL K 124 40.35 49.60 41.42
CA VAL K 124 41.16 50.56 40.68
C VAL K 124 42.44 50.87 41.42
N ALA K 125 42.32 51.13 42.71
CA ALA K 125 43.48 51.37 43.54
C ALA K 125 44.50 50.25 43.37
N THR K 126 44.05 49.01 43.57
CA THR K 126 44.96 47.87 43.52
C THR K 126 45.67 47.73 42.18
N ARG K 127 44.91 47.87 41.09
CA ARG K 127 45.45 47.64 39.74
C ARG K 127 46.60 48.58 39.42
N TRP K 128 46.55 49.80 39.96
CA TRP K 128 47.65 50.72 39.78
C TRP K 128 48.95 50.09 40.22
N GLN K 129 48.87 49.26 41.26
CA GLN K 129 50.07 48.63 41.80
C GLN K 129 50.74 47.70 40.79
N GLU K 130 49.95 46.82 40.19
CA GLU K 130 50.44 45.96 39.13
C GLU K 130 50.94 46.80 37.95
N LEU K 131 50.10 47.73 37.50
CA LEU K 131 50.37 48.49 36.29
C LEU K 131 51.62 49.38 36.35
N CYS K 132 51.90 49.98 37.50
CA CYS K 132 53.04 50.92 37.62
C CYS K 132 54.39 50.23 37.41
N ARG K 133 54.37 48.91 37.29
CA ARG K 133 55.58 48.15 37.03
C ARG K 133 55.46 47.42 35.69
N LEU K 134 56.49 47.56 34.84
CA LEU K 134 56.47 46.86 33.55
C LEU K 134 57.50 45.73 33.50
N ALA K 135 57.20 44.72 32.69
CA ALA K 135 58.02 43.51 32.64
C ALA K 135 59.25 43.66 31.75
N ALA K 136 60.38 43.14 32.23
CA ALA K 136 61.63 43.20 31.49
C ALA K 136 61.45 42.67 30.08
N PRO K 137 62.26 43.16 29.15
CA PRO K 137 62.13 42.78 27.74
C PRO K 137 62.65 41.38 27.45
N PRO L 5 10.21 75.38 33.01
CA PRO L 5 9.13 74.69 32.30
C PRO L 5 9.26 74.81 30.78
N ILE L 6 8.76 75.90 30.23
CA ILE L 6 8.90 76.18 28.80
C ILE L 6 10.27 76.77 28.46
N HIS L 7 10.68 77.79 29.19
CA HIS L 7 11.96 78.43 28.94
C HIS L 7 13.08 77.91 29.83
N ALA L 8 12.75 77.05 30.79
CA ALA L 8 13.77 76.35 31.55
C ALA L 8 14.13 75.08 30.79
N ARG L 9 13.28 74.71 29.84
CA ARG L 9 13.56 73.61 28.92
C ARG L 9 14.44 74.07 27.74
N MET L 10 14.14 75.24 27.19
CA MET L 10 14.87 75.75 26.03
C MET L 10 16.32 76.12 26.37
N GLN L 11 16.59 76.36 27.64
CA GLN L 11 17.95 76.58 28.12
C GLN L 11 18.78 75.31 27.94
N GLN L 12 18.18 74.17 28.30
CA GLN L 12 18.89 72.90 28.31
C GLN L 12 19.13 72.36 26.90
N LEU L 13 18.29 72.79 25.95
CA LEU L 13 18.46 72.43 24.55
C LEU L 13 19.80 72.93 24.02
N VAL L 14 20.11 74.19 24.30
CA VAL L 14 21.40 74.77 23.96
C VAL L 14 22.50 74.12 24.79
N SER L 15 22.25 73.97 26.08
CA SER L 15 23.20 73.33 26.98
C SER L 15 23.60 71.93 26.53
N GLU L 16 22.62 71.12 26.11
CA GLU L 16 22.94 69.77 25.64
C GLU L 16 23.74 69.77 24.34
N PHE L 17 23.22 70.43 23.32
CA PHE L 17 23.86 70.43 22.01
C PHE L 17 25.29 70.94 22.14
N GLN L 18 25.49 71.94 22.97
CA GLN L 18 26.85 72.42 23.23
C GLN L 18 27.67 71.31 23.86
N ASN L 19 27.11 70.67 24.89
CA ASN L 19 27.80 69.58 25.58
C ASN L 19 28.17 68.45 24.64
N THR L 20 27.28 68.13 23.69
CA THR L 20 27.51 67.05 22.73
C THR L 20 28.60 67.39 21.72
N LEU L 21 28.74 68.66 21.38
CA LEU L 21 29.79 69.09 20.47
C LEU L 21 31.13 68.92 21.16
N ASP L 22 31.15 69.27 22.44
CA ASP L 22 32.34 69.12 23.25
C ASP L 22 32.71 67.65 23.32
N ALA L 23 31.71 66.80 23.53
CA ALA L 23 31.96 65.37 23.54
C ALA L 23 32.56 64.96 22.21
N LEU L 24 31.89 65.33 21.12
CA LEU L 24 32.40 65.04 19.79
C LEU L 24 33.85 65.52 19.70
N ASP L 25 34.08 66.77 20.04
CA ASP L 25 35.42 67.37 19.97
C ASP L 25 36.48 66.47 20.62
N SER L 26 36.21 66.03 21.84
CA SER L 26 37.12 65.17 22.58
C SER L 26 37.45 63.86 21.86
N VAL L 27 36.42 63.14 21.44
CA VAL L 27 36.60 61.82 20.83
C VAL L 27 36.66 61.69 19.30
N ILE L 28 36.27 62.72 18.56
CA ILE L 28 36.07 62.51 17.11
C ILE L 28 37.36 62.33 16.30
N ALA L 29 38.34 63.18 16.52
CA ALA L 29 39.54 63.15 15.71
C ALA L 29 40.12 61.75 15.73
N SER L 30 40.24 61.17 16.92
CA SER L 30 40.83 59.86 17.07
C SER L 30 39.96 58.78 16.44
N ARG L 31 38.65 58.99 16.50
CA ARG L 31 37.68 58.05 15.94
C ARG L 31 37.79 58.01 14.41
N LEU L 32 38.06 59.15 13.80
CA LEU L 32 38.14 59.21 12.35
C LEU L 32 39.39 58.51 11.86
N MET L 33 40.46 58.56 12.64
CA MET L 33 41.70 57.95 12.21
C MET L 33 41.56 56.44 12.08
N GLN L 34 41.04 55.80 13.12
CA GLN L 34 40.92 54.35 13.08
C GLN L 34 40.11 53.95 11.84
N MET L 35 39.00 54.63 11.64
CA MET L 35 38.17 54.44 10.45
C MET L 35 39.01 54.57 9.19
N ALA L 36 39.52 55.76 8.96
CA ALA L 36 40.31 56.02 7.77
C ALA L 36 41.35 54.91 7.57
N LEU L 37 42.02 54.51 8.64
CA LEU L 37 43.07 53.51 8.55
C LEU L 37 42.50 52.14 8.21
N GLU L 38 41.42 51.76 8.88
CA GLU L 38 40.74 50.51 8.58
C GLU L 38 40.26 50.50 7.14
N ALA L 39 39.58 51.57 6.74
CA ALA L 39 39.10 51.71 5.37
C ALA L 39 40.24 51.58 4.37
N ALA L 40 41.42 52.10 4.73
CA ALA L 40 42.56 52.06 3.83
C ALA L 40 43.08 50.65 3.64
N ARG L 41 42.91 49.83 4.67
CA ARG L 41 43.29 48.43 4.63
C ARG L 41 42.41 47.68 3.65
N GLN L 42 41.16 48.12 3.54
CA GLN L 42 40.20 47.40 2.71
C GLN L 42 40.58 47.43 1.24
N VAL L 43 40.81 48.63 0.71
CA VAL L 43 41.18 48.76 -0.69
C VAL L 43 42.53 48.12 -1.00
N ILE L 44 43.59 48.57 -0.34
CA ILE L 44 44.93 48.07 -0.67
C ILE L 44 45.54 47.02 0.27
N GLY L 45 44.88 46.72 1.38
CA GLY L 45 45.45 45.82 2.38
C GLY L 45 46.73 46.33 3.04
N GLN L 46 46.68 47.53 3.63
CA GLN L 46 47.85 48.25 4.13
C GLN L 46 48.96 47.38 4.73
N ALA L 49 53.06 49.09 8.24
CA ALA L 49 52.79 50.06 9.30
C ALA L 49 53.47 51.42 9.01
N VAL L 50 52.70 52.49 9.11
CA VAL L 50 53.18 53.84 8.80
C VAL L 50 52.89 54.83 9.95
N ASP L 51 53.54 55.99 9.92
CA ASP L 51 53.30 57.02 10.94
C ASP L 51 52.03 57.82 10.66
N ASN L 52 51.29 58.10 11.73
CA ASN L 52 49.97 58.71 11.65
C ASN L 52 50.00 60.23 11.81
N SER L 53 51.21 60.78 11.90
CA SER L 53 51.40 62.22 12.07
C SER L 53 50.71 63.01 10.96
N ALA L 54 51.18 62.82 9.73
CA ALA L 54 50.64 63.55 8.58
C ALA L 54 49.18 63.20 8.29
N LEU L 55 48.75 62.00 8.67
CA LEU L 55 47.36 61.59 8.50
C LEU L 55 46.42 62.29 9.49
N ILE L 56 46.81 62.30 10.76
CA ILE L 56 45.97 62.88 11.81
C ILE L 56 45.89 64.40 11.67
N LYS L 57 46.96 65.02 11.21
CA LYS L 57 46.94 66.46 10.95
C LYS L 57 46.02 66.76 9.79
N GLN L 58 46.00 65.88 8.80
CA GLN L 58 45.04 66.01 7.71
C GLN L 58 43.65 66.10 8.32
N ILE L 59 43.39 65.22 9.28
CA ILE L 59 42.09 65.12 9.95
C ILE L 59 41.73 66.38 10.73
N GLN L 60 42.67 66.86 11.52
CA GLN L 60 42.44 68.05 12.32
C GLN L 60 42.13 69.26 11.44
N GLN L 61 42.53 69.18 10.18
CA GLN L 61 42.16 70.21 9.21
C GLN L 61 40.71 70.05 8.78
N LEU L 62 40.32 68.84 8.42
CA LEU L 62 38.96 68.59 7.95
C LEU L 62 37.93 69.01 9.00
N LEU L 63 38.19 68.63 10.24
CA LEU L 63 37.32 68.97 11.35
C LEU L 63 37.20 70.47 11.50
N GLN L 64 38.35 71.14 11.54
CA GLN L 64 38.42 72.59 11.71
C GLN L 64 37.69 73.31 10.58
N GLN L 65 37.51 72.62 9.45
CA GLN L 65 36.82 73.20 8.31
C GLN L 65 35.36 73.48 8.59
N GLU L 66 34.82 72.83 9.62
CA GLU L 66 33.43 73.05 9.98
C GLU L 66 33.29 74.13 11.03
N PRO L 67 32.74 75.28 10.63
CA PRO L 67 32.49 76.38 11.57
C PRO L 67 31.47 75.91 12.59
N LEU L 68 30.72 74.87 12.22
CA LEU L 68 29.84 74.18 13.13
C LEU L 68 30.70 73.56 14.25
N PHE L 69 31.81 72.95 13.84
CA PHE L 69 32.81 72.44 14.77
C PHE L 69 33.75 73.55 15.26
N SER L 70 34.24 74.37 14.34
CA SER L 70 35.23 75.42 14.62
C SER L 70 34.67 76.60 15.42
N GLY L 71 33.54 77.12 14.96
CA GLY L 71 32.93 78.28 15.59
C GLY L 71 31.79 77.87 16.53
N LYS L 72 30.77 78.72 16.62
CA LYS L 72 29.59 78.42 17.41
C LYS L 72 28.32 78.61 16.58
N PRO L 73 27.22 77.98 17.00
CA PRO L 73 25.94 78.18 16.30
C PRO L 73 25.36 79.57 16.54
N GLN L 74 24.93 80.24 15.48
CA GLN L 74 24.19 81.49 15.60
C GLN L 74 22.74 81.24 15.23
N LEU L 75 21.87 81.33 16.22
CA LEU L 75 20.45 81.03 16.03
C LEU L 75 19.71 82.22 15.45
N ARG L 76 19.10 82.02 14.28
CA ARG L 76 18.34 83.09 13.64
C ARG L 76 16.85 82.90 13.88
N VAL L 77 16.22 83.92 14.45
CA VAL L 77 14.77 83.91 14.70
C VAL L 77 14.14 85.20 14.18
N HIS L 78 12.83 85.19 14.01
CA HIS L 78 12.13 86.37 13.54
C HIS L 78 12.43 87.58 14.43
N PRO L 79 12.61 88.75 13.80
CA PRO L 79 12.96 90.00 14.48
C PRO L 79 11.99 90.37 15.60
N ASP L 80 10.70 90.09 15.40
CA ASP L 80 9.66 90.41 16.37
C ASP L 80 9.74 89.55 17.63
N ASP L 81 10.25 88.33 17.48
CA ASP L 81 10.37 87.41 18.60
C ASP L 81 11.76 87.48 19.22
N LEU L 82 12.63 88.29 18.62
CA LEU L 82 14.01 88.41 19.09
C LEU L 82 14.07 88.72 20.59
N GLN L 83 13.23 89.66 21.02
CA GLN L 83 13.22 90.10 22.42
C GLN L 83 12.77 88.99 23.37
N ARG L 84 11.68 88.32 23.02
CA ARG L 84 11.20 87.18 23.80
C ARG L 84 12.29 86.13 23.92
N VAL L 85 12.95 85.86 22.79
CA VAL L 85 14.03 84.88 22.75
C VAL L 85 15.19 85.37 23.62
N GLU L 86 15.53 86.65 23.48
CA GLU L 86 16.61 87.24 24.25
C GLU L 86 16.27 87.30 25.74
N GLU L 87 15.02 87.01 26.08
CA GLU L 87 14.60 87.01 27.48
C GLU L 87 15.07 85.76 28.23
N MET L 88 15.22 84.65 27.51
CA MET L 88 15.78 83.44 28.10
C MET L 88 17.06 82.97 27.41
N LEU L 89 16.94 82.60 26.14
CA LEU L 89 18.08 82.13 25.37
C LEU L 89 19.28 83.07 25.46
N GLY L 90 19.04 84.35 25.23
CA GLY L 90 20.10 85.34 25.19
C GLY L 90 21.04 85.26 26.37
N ALA L 91 20.50 84.96 27.54
CA ALA L 91 21.31 84.79 28.74
C ALA L 91 22.17 83.52 28.68
N THR L 92 21.59 82.42 28.17
CA THR L 92 22.33 81.17 28.01
C THR L 92 23.20 81.15 26.75
N LEU L 93 22.77 81.87 25.72
CA LEU L 93 23.55 81.99 24.49
C LEU L 93 24.86 82.75 24.74
N SER L 94 24.94 83.43 25.89
CA SER L 94 26.19 84.05 26.31
C SER L 94 27.18 83.01 26.81
N LEU L 95 26.73 82.15 27.71
CA LEU L 95 27.58 81.14 28.33
C LEU L 95 28.32 80.27 27.31
N HIS L 96 27.58 79.67 26.39
CA HIS L 96 28.15 78.71 25.45
C HIS L 96 28.67 79.39 24.18
N GLY L 97 28.62 80.71 24.18
CA GLY L 97 29.18 81.49 23.08
C GLY L 97 28.36 81.41 21.81
N TRP L 98 27.05 81.54 21.95
CA TRP L 98 26.15 81.48 20.81
C TRP L 98 25.77 82.88 20.32
N ARG L 99 26.11 83.18 19.08
CA ARG L 99 25.72 84.43 18.45
C ARG L 99 24.21 84.42 18.22
N LEU L 100 23.57 85.58 18.24
CA LEU L 100 22.14 85.67 17.99
C LEU L 100 21.81 86.49 16.74
N ARG L 101 20.89 85.97 15.92
CA ARG L 101 20.58 86.52 14.61
C ARG L 101 19.08 86.79 14.50
N GLY L 102 18.72 87.97 14.03
CA GLY L 102 17.38 88.18 13.51
C GLY L 102 17.34 87.75 12.06
N ASP L 103 16.25 87.11 11.64
CA ASP L 103 16.03 86.84 10.23
C ASP L 103 14.56 87.07 9.89
N PRO L 104 14.29 87.75 8.77
CA PRO L 104 12.92 88.00 8.29
C PRO L 104 12.21 86.77 7.74
N THR L 105 12.94 85.91 7.04
CA THR L 105 12.35 84.78 6.33
C THR L 105 11.46 83.93 7.23
N LEU L 106 12.00 83.53 8.38
CA LEU L 106 11.30 82.63 9.27
C LEU L 106 9.89 83.10 9.60
N HIS L 107 8.96 82.15 9.67
CA HIS L 107 7.63 82.42 10.22
C HIS L 107 7.79 82.74 11.70
N HIS L 108 6.88 83.55 12.24
CA HIS L 108 6.99 83.98 13.65
C HIS L 108 7.22 82.79 14.56
N GLY L 109 6.62 81.66 14.20
CA GLY L 109 6.60 80.48 15.04
C GLY L 109 7.78 79.55 14.84
N GLY L 110 8.91 80.07 14.37
CA GLY L 110 10.06 79.21 14.11
C GLY L 110 11.46 79.77 14.28
N CYS L 111 12.40 78.85 14.49
CA CYS L 111 13.81 79.15 14.66
C CYS L 111 14.61 78.08 13.94
N LYS L 112 15.66 78.50 13.25
CA LYS L 112 16.60 77.55 12.67
C LYS L 112 18.02 77.91 13.07
N VAL L 113 18.88 76.89 13.17
CA VAL L 113 20.26 77.12 13.58
C VAL L 113 21.23 76.93 12.42
N SER L 114 22.32 77.69 12.44
CA SER L 114 23.36 77.56 11.44
C SER L 114 24.74 77.82 12.03
N ALA L 115 25.76 77.65 11.18
CA ALA L 115 27.11 78.08 11.49
C ALA L 115 27.49 79.03 10.38
N ASP L 116 27.97 80.21 10.77
CA ASP L 116 28.35 81.23 9.79
C ASP L 116 27.14 82.03 9.32
N ASP L 121 23.62 70.34 4.81
CA ASP L 121 22.82 69.13 4.64
C ASP L 121 22.68 68.76 3.17
N ALA L 122 22.33 69.73 2.34
CA ALA L 122 22.32 69.54 0.89
C ALA L 122 23.75 69.65 0.37
N SER L 123 24.52 70.52 1.01
CA SER L 123 25.95 70.63 0.73
C SER L 123 26.65 69.31 1.03
N VAL L 124 26.19 68.62 2.07
CA VAL L 124 26.69 67.28 2.39
C VAL L 124 26.62 66.35 1.18
N ALA L 125 25.42 66.08 0.70
CA ALA L 125 25.23 65.19 -0.44
C ALA L 125 25.73 65.82 -1.75
N THR L 126 25.99 67.12 -1.72
CA THR L 126 26.58 67.80 -2.88
C THR L 126 28.01 67.30 -3.05
N ARG L 127 28.70 67.13 -1.94
CA ARG L 127 30.06 66.59 -1.94
C ARG L 127 30.04 65.09 -2.11
N TRP L 128 28.98 64.46 -1.63
CA TRP L 128 28.83 63.02 -1.76
C TRP L 128 28.91 62.66 -3.23
N GLN L 129 28.45 63.59 -4.07
CA GLN L 129 28.63 63.51 -5.51
C GLN L 129 30.11 63.41 -5.86
N GLU L 130 30.86 64.47 -5.53
CA GLU L 130 32.28 64.58 -5.87
C GLU L 130 33.16 63.42 -5.39
N LEU L 131 33.11 63.15 -4.08
CA LEU L 131 34.05 62.21 -3.45
C LEU L 131 34.02 60.80 -4.03
N CYS L 132 32.88 60.43 -4.62
CA CYS L 132 32.58 59.02 -4.90
C CYS L 132 33.54 58.27 -5.83
N ARG L 133 34.42 58.99 -6.51
CA ARG L 133 35.44 58.33 -7.33
C ARG L 133 36.86 58.78 -7.00
N LEU L 134 37.84 57.99 -7.45
CA LEU L 134 39.22 58.16 -7.03
C LEU L 134 40.15 58.54 -8.19
N ALA L 135 41.27 59.19 -7.84
CA ALA L 135 42.24 59.64 -8.83
C ALA L 135 42.72 58.52 -9.76
N ALA L 136 42.85 58.85 -11.04
CA ALA L 136 43.29 57.92 -12.08
C ALA L 136 44.75 57.50 -11.87
N PRO L 137 45.31 56.65 -12.77
CA PRO L 137 46.63 56.06 -12.58
C PRO L 137 47.39 56.53 -11.33
PB ADP M . -25.70 -14.81 0.56
O1B ADP M . -25.75 -13.60 1.46
O2B ADP M . -26.29 -14.59 -0.81
O3B ADP M . -24.40 -15.56 0.55
PA ADP M . -28.22 -16.02 0.65
O1A ADP M . -28.78 -14.70 0.18
O2A ADP M . -28.21 -17.18 -0.32
O3A ADP M . -26.75 -15.82 1.27
O5' ADP M . -29.04 -16.42 1.98
C5' ADP M . -29.93 -15.47 2.53
C4' ADP M . -30.60 -16.08 3.76
O4' ADP M . -31.25 -15.05 4.49
C3' ADP M . -31.64 -17.09 3.35
O3' ADP M . -31.34 -18.36 3.95
C2' ADP M . -32.96 -16.55 3.85
O2' ADP M . -33.56 -17.49 4.75
C1' ADP M . -32.66 -15.27 4.58
N9 ADP M . -33.33 -14.12 3.91
C8 ADP M . -32.72 -13.23 3.11
N7 ADP M . -33.61 -12.29 2.67
C5 ADP M . -34.80 -12.58 3.20
C6 ADP M . -36.17 -12.00 3.14
N6 ADP M . -36.42 -10.88 2.40
N1 ADP M . -37.14 -12.60 3.86
C2 ADP M . -36.90 -13.71 4.60
N3 ADP M . -35.69 -14.29 4.69
C4 ADP M . -34.62 -13.79 4.03
PB ADP N . -2.65 -32.83 15.71
O1B ADP N . -3.53 -31.60 15.47
O2B ADP N . -2.92 -33.97 14.77
O3B ADP N . -1.19 -32.53 15.91
PA ADP N . -4.61 -33.21 17.68
O1A ADP N . -4.84 -31.73 17.85
O2A ADP N . -5.54 -34.03 16.83
O3A ADP N . -3.11 -33.40 17.14
O5' ADP N . -4.59 -33.86 19.14
C5' ADP N . -5.75 -33.77 19.96
C4' ADP N . -5.40 -33.95 21.45
O4' ADP N . -6.20 -33.06 22.24
C3' ADP N . -5.66 -35.37 21.92
O3' ADP N . -4.45 -35.97 22.37
C2' ADP N . -6.67 -35.25 23.03
O2' ADP N . -6.11 -35.72 24.26
C1' ADP N . -7.06 -33.78 23.12
N9 ADP N . -8.44 -33.64 22.62
C8 ADP N . -8.75 -33.47 21.32
N7 ADP N . -10.10 -33.39 21.14
C5 ADP N . -10.67 -33.51 22.36
C6 ADP N . -12.06 -33.51 22.87
N6 ADP N . -13.12 -33.35 22.04
N1 ADP N . -12.23 -33.65 24.21
C2 ADP N . -11.17 -33.81 25.05
N3 ADP N . -9.89 -33.82 24.64
C4 ADP N . -9.57 -33.68 23.32
PB ADP O . -6.33 21.33 27.44
O1B ADP O . -6.58 19.96 28.05
O2B ADP O . -4.93 21.86 27.66
O3B ADP O . -6.82 21.51 26.04
PA ADP O . -6.74 23.04 29.64
O1A ADP O . -6.17 22.01 30.59
O2A ADP O . -5.88 24.21 29.18
O3A ADP O . -7.28 22.29 28.33
O5' ADP O . -8.11 23.63 30.26
C5' ADP O . -8.09 24.78 31.10
C4' ADP O . -9.51 25.20 31.47
O4' ADP O . -10.19 24.09 32.07
C3' ADP O . -9.48 26.34 32.47
O3' ADP O . -10.19 27.48 31.97
C2' ADP O . -10.14 25.81 33.73
O2' ADP O . -11.20 26.67 34.14
C1' ADP O . -10.68 24.43 33.38
N9 ADP O . -10.19 23.42 34.36
C8 ADP O . -9.45 22.34 34.07
N7 ADP O . -9.17 21.61 35.20
C5 ADP O . -9.75 22.25 36.23
C6 ADP O . -9.85 22.02 37.70
N6 ADP O . -9.26 20.95 38.29
N1 ADP O . -10.54 22.91 38.43
C2 ADP O . -11.13 23.99 37.86
N3 ADP O . -11.08 24.26 36.54
C4 ADP O . -10.42 23.44 35.69
PB ADP P . -13.73 35.48 -2.21
O1B ADP P . -13.95 34.84 -0.86
O2B ADP P . -12.82 36.68 -2.21
O3B ADP P . -13.48 34.50 -3.34
PA ADP P . -15.57 37.62 -2.21
O1A ADP P . -15.63 37.82 -0.71
O2A ADP P . -14.70 38.53 -3.05
O3A ADP P . -15.19 36.10 -2.54
O5' ADP P . -17.07 37.68 -2.78
C5' ADP P . -18.17 37.25 -2.01
C4' ADP P . -19.44 37.80 -2.63
O4' ADP P . -20.52 37.64 -1.72
C3' ADP P . -19.26 39.29 -2.89
O3' ADP P . -19.21 39.54 -4.29
C2' ADP P . -20.45 39.97 -2.25
O2' ADP P . -21.37 40.41 -3.26
C1' ADP P . -21.12 38.91 -1.40
N9 ADP P . -20.88 39.18 0.04
C8 ADP P . -19.82 38.75 0.73
N7 ADP P . -19.86 39.15 2.03
C5 ADP P . -20.99 39.87 2.18
C6 ADP P . -21.65 40.58 3.30
N6 ADP P . -21.10 40.61 4.53
N1 ADP P . -22.82 41.20 3.05
C2 ADP P . -23.38 41.17 1.83
N3 ADP P . -22.83 40.54 0.76
C4 ADP P . -21.66 39.88 0.88
#